data_9G24
#
_entry.id   9G24
#
_cell.length_a   1.00
_cell.length_b   1.00
_cell.length_c   1.00
_cell.angle_alpha   90.00
_cell.angle_beta   90.00
_cell.angle_gamma   90.00
#
_symmetry.space_group_name_H-M   'P 1'
#
loop_
_entity.id
_entity.type
_entity.pdbx_description
1 polymer 'DNA-directed RNA polymerase I subunit RPA190'
2 polymer 'DNA-directed RNA polymerase I subunit RPA135'
3 polymer 'DNA-directed RNA polymerases I and III subunit RPAC1'
4 polymer 'DNA-directed RNA polymerase I subunit RPA14'
5 polymer 'DNA-directed RNA polymerases I, II, and III subunit RPABC1'
6 polymer 'DNA-directed RNA polymerases I, II, and III subunit RPABC2'
7 polymer 'DNA-directed RNA polymerase I subunit RPA43'
8 polymer 'DNA-directed RNA polymerases I, II, and III subunit RPABC3'
9 polymer 'DNA-directed RNA polymerase I subunit RPA12'
10 polymer 'DNA-directed RNA polymerases I, II, and III subunit RPABC5'
11 polymer 'DNA-directed RNA polymerases I and III subunit RPAC2'
12 polymer 'DNA-directed RNA polymerases I, II, and III subunit RPABC4'
13 polymer 'DNA-directed RNA polymerase I subunit RPA49'
14 polymer 'DNA-directed RNA polymerase I subunit RPA34'
15 polymer RNA
16 polymer 'Non-template DNA'
17 polymer 'Template DNA'
18 non-polymer 'ZINC ION'
19 non-polymer 'DIPHOSPHOMETHYLPHOSPHONIC ACID ADENOSYL ESTER'
20 non-polymer 'MAGNESIUM ION'
#
loop_
_entity_poly.entity_id
_entity_poly.type
_entity_poly.pdbx_seq_one_letter_code
_entity_poly.pdbx_strand_id
1 'polypeptide(L)'
;MDISKPVGSEITSVDFGILTAKEIRNLSAKQITNPTVLDNLGHPVSGGLYDLALGAFLRNLCSTCGLDEKFCPGHQGHIE
LPVPCYNPLFFNQLYIYLRASCLFCHHFRLKSVEVHRYACKLRLLQYGLIDESYKLDEITLGSLNSSMYTDDEAIEDNED
EMDGEGSKQSKDISSTLLNELKSKRSEYVDMAIAKALSDGRTTERGSFTATVNDERKKLVHEFHKKLLSRGKCDNCGMFS
PKFRKDGFTKIFETALNEKQITNNRVKGFIRQDMIKKQKQAKKLDGSNEASANDEESFDVGRNPTTRPKTGSTYILSTEV
KNILDTVFRKEQCVLQYVFHSRPNLSRKLVKADSFFMDVLVVPPTRFRLPSKLGEEVHENSQNQLLSKVLTTSLLIRDLN
DDLSKLQKDKVSLEDRRVIFSRLMNAFVTIQNDVNAFIDSTKAQGRTSGKVPIPGVKQALEKKEGLFRKHMMGKRVNYAA
RSVISPDPNIETNEIGVPPVFAVKLTYPEPVTAYNIAELRQAVINGPDKWPGATQIQNEDGSLVSLIGMSVEQRKALANQ
LLTPSSNVSTHTLNKKVYRHIKNRDVVLMNRQPTLHKASMMGHKVRVLPNEKTLRLHYANTGAYNADFDGDEMNMHFPQN
ENARAEALNLANTDSQYLTPTSGSPVRGLIQDHISAGVWLTSKDSFFTREQYQQYIYGCIRPEDGHTTRSKIVTLPPTIF
KPYPLWTGKQIITTVLLNVTPPDMPGINLISKNKIKNEYWGKGSLENEVLFKDGALLCGILDKSQYGASKYGIVHSLHEV
YGPEVAAKVLSVLGRLFTNYITATAFTCGMDDLRLTAEGNKWRTDILKTSVDTGREAAAEVTNLDKDTPADDPELLKRLQ
EILRDNNKSGILDAVTSSKVNAITSQVVSKCVPDGTMKKFPCNSMQAMALSGAKGSNVNVSQIMCLLGQQALEGRRVPVM
VSGKTLPSFKPYETDAMAGGYVKGRFYSGIKPQEYYFHCMAGREGLIDTAVKTSRSGYLQRCLTKQLEGVHVSYDNSIRD
ADGTLVQFMYGGDAIDITKESHMTQFEFCLDNYYALLKKYNPSALIEHLDVESALKYSKKTLKYRKKHSKEPHYKQSVKY
DPVLAKYNPAKYLGSVSENFQDKLESFLDKNSKLFKSSDGVNEKKFRALMQLKYMRSLINPGEAVGIIASQSVGEPSTQM
TLNTFHFAGHGAANVTLGIPRLREIVMTASAAIKTPQMTLPIWNDVSDEQADTFCKSISKVLLSEVIDKVIVTETTGTSN
TAGGNAARSYVIHMRFFDNNEYSEEYDVSKEELQNVISNQFIHLLEAAIVKEIKKQKRTTGPDIGVAVPRLQTDVANSSS
NSKRLEEDNDEEQSHKKTKQAVSYDEPDEDEIETMREAEKSSDEEGIDSDKESDSDSEDEDVDMNEQINKSIVEANNNMN
KVQRDRQSAIISHHRFITKYNFDDESGKWCEFKLELAADTEKLLMVNIVEEICRKSIIRQIPHIDRCVHPEPENGKRVLV
TEGVNFQAMWDQEAFIDVDGITSNDVAAVLKTYGVEAARNTIVNEINNVFSRYAISVSFRHLDLIADMMTRQGTYLAFNR
QGMETSTSSFMKMSYETTCQFLTKAVLDNEREQLDSPSARIVVGKLNNVGTGSFDVLAKVPNAA
;
A
2 'polypeptide(L)'
;MSKVIKPPGQARTADFRTLERESRFINPPKDKSAFPLLQEAVQPHIGSFNALTEGPDGGLLNLGVKDIGEKVIFDGKPLN
SEDEISNSGYLGNKLSVSVEQVSIAKPMSNDGVSSAVERKVYPSESRQRLTSYRGKLLLKLKWSVNNGEENLFEVRDCGG
LPVMLQSNRCHLNKMSPYELVQHKEESDEIGGYFIVNGIEKLIRMLIVQRRNHPMAIIRPSFANRGASYSHYGIQIRSVR
PDQTSQTNVLHYLNDGQVTFRFSWRKNEYLVPVVMILKALCHTSDREIFDGIIGNDVKDSFLTDRLELLLRGFKKRYPHL
QNRTQVLQYLGDKFRVVFQASPDQSDLEVGQEVLDRIVLVHLGKDGSQDKFRMLLFMIRKLYSLVAGECSPDNPDATQHQ
EVLLGGFLYGMILKEKIDEYLQNIIAQVRMDINRGMAINFKDKRYMSRVLMRVNENIGSKMQYFLSTGNLVSQSGLDLQQ
VSGYTVVAEKINFYRFISHFRMVHRGSFFAQLKTTTVRKLLPESWGFLCPVHTPDGSPCGLLNHFAHKCRISTQQSDVSR
IPSILYSLGVAPASHTFAAGPSLCCVQIDGKIIGWVSHEQGKIIADTLRYWKVEGKTPGLPIDLEIGYVPPSTRGQYPGL
YLFGGHSRMLRPVRYLPLDKEDIVGPFEQVYMNIAVTPQEIQNNVHTHVEFTPTNILSILANLTPFSDFNQSPRNMYQCQ
MGKQTMGTPGVALCHRSDNKLYRLQTGQTPIVKANLYDDYGMDNFPNGFNAVVAVISYTGYDMDDAMIINKSADERGFGY
GTMYKTEKVDLALNRNRGDPITQHFGFGNDEWPKEWLEKLDEDGLPYIGTYVEEGDPICAYFDDTLNKTKIKTYHSSEPA
YIEEVNLIGDESNKFQELQTVSIKYRIRRTPQIGDKFSSRHGQKGVCSRKWPTIDMPFSETGIQPDIIINPHAFPSRMTI
GMFVESLAGKAGALHGIAQDSTPWIFNEDDTPADYFGEQLAKAGYNYHGNEPMYSGATGEELRADIYVGVVYYQRLRHMV
NDKFQVRSTGPVNSLTMQPVKGRKRHGGIRVGEMERDALIGHGTSFLLQDRLLNSSDYTQASVCRECGSILTTQQSVPRI
GSISTVCCRRCSMRFEDAKKLLTKSEDGEKIFIDDSQIWEDGQGNKFVGGNETTTVAIPFVLKYLDSELSAMGIRLRYNV
EPK
;
B
3 'polypeptide(L)'
;MSNIVGIEYNRVTNTTSTDFPGFSKDAENEWNVEKFKKDFEVNISSLDAREANFDLINIDTSIANAFRRIMISEVPSVAA
EYVYFFNNTSVIQDEVLAHRIGLVPLKVDPDMLTWVDSNLPDDEKFTDENTIVLSLNVKCTRNPDAPKGSTDPKELYNNA
HVYARDLKFEPQGRQSTTFADCPVVPADPDILLAKLRPGQEISLKAHCILGIGGDHAKFSPVSTASYRLLPQINILQPIK
GESARRFQKCFPPGVIGIDEGSDEAYVKDARKDTVSREVLRYEEFADKVKLGRVRNHFIFNVESAGAMTPEEIFFKSVRI
LKNKAEYLKNCPITQ
;
C
4 'polypeptide(L)'
;MMKGSRRTGNNTATTLNTPVVIHATQLPQHVSTDEVLQFLESFIDEKENIIDSTTMNTISGNAADADAAAVANTSLNIDT
NLSSSISQLKRIQRDFKGLPPAQDFSAAPIQVSTTEKKETSIGVSATGGKKTTFADE
;
D
5 'polypeptide(L)'
;MDQENERNISRLWRAFRTVKEMVKDRGYFITQEEVELPLEDFKAKYCDSMGRPQRKMMSFQANPTEESISKFPDMGSLWV
EFCDEPSVGVKTMKTFVIHIQEKNFQTGIFVYQNNITPSAMKLVPSIPPATIETFNEAALVVNITHHELVPKHIRLSSDE
KRELLKRYRLKESQLPRIQRADPVALYLGLKRGEVVKIIRKSETSGRYASYRICM
;
E
6 'polypeptide(L)'
;MSDYEEAFNDGNENFEDFDVEHFSDEETYEEKPQFKDGETTDANGKTIVTGGNGPEDFQQHEQIRRKTLKEKAIPKDQRA
TTPYMTKYERARILGTRALQISMNAPVFVDLEGETDPLRIAMKELAEKKIPLVIRRYLPDGSFEDWSVEELIVDL
;
F
7 'polypeptide(L)'
;MSQVKRANENRETARFIKKHKKQVTNPIDEKNGTSNCIVRVPIALYVSLAPMYLENPLQGVMKQHLNPLVMKYNNKVGGV
VLGYEGLKILDADPLSKEDTSEKLIKITPDTPFGFTWCHVNLYVWQPQVGDVLEGYIFIQSASHIGLLIHDAFNASIKKN
NIPVDWTFVHNDVEEDADVINTDENNGNNNNEDNKDSNGGSNSLGKFSFGNRSLGHWVDSNGEPIDGKLRFTVRNVHTTG
RVVSVDGTLISDADEEGNGYNSSRSQAESLPIVSNKKIVFDDEVSIENKESHKELDLPEVKEDNGSEIVYEENTSESNDG
ESSDSD
;
G
8 'polypeptide(L)'
;MSNTLFDDIFQVSEVDPGRYNKVCRIEAASTTQDQCKLTLDINVELFPVAAQDSLTVTIASSLNLEDTPANDSSATRSWR
PPQAGDRSLADDYDYVMYGTAYKFEEVSKDLIAVYYSFGGLLMRLEGNYRNLNNLKQENAYLLIRR
;
H
9 'polypeptide(L)'
;MSVVGSLIFCLDCGDLLENPNAVLGSNVECSQCKAIYPKSQFSNLKVVTTTADDAFPSSLRAKKSVVKTSLKKNELKDGA
TIKEKCPQCGNEEMNYHTLQLRSADEGATVFYTCTSCGYKFRTNN
;
I
10 'polypeptide(L)' MIVPVRCFSCGKVVGDKWESYLNLLQEDELDEGTALSRLGLKRYCCRRMILTHVDLIEKFLRYNPLEKRD J
11 'polypeptide(L)'
;MTEDIEQKKTATEVTPQEPKHIQEEEEQDVDMTGDEEQEEEPDREKIKLLTQATSEDGTSASFQIVEEDHTLGNALRYVI
MKNPDVEFCGYSIPHPSENLLNIRIQTYGETTAVDALQKGLKDLMDLCDVVESKFTEKIKSM
;
K
12 'polypeptide(L)' MSREGFQIPTNLDAAAAGTSQARTATLKYICAECSSKLSLSRTDAVRCKDCGHRILLKARTKRLVQFEAR L
13 'polypeptide(L)'
;MSVKRSVSEIEIESVQDQPSVAVGSFFKGFRAPSDTTFDLYKKKKSEKDEFVLHGENERLEYEGYTDSSSQASNQYVVGL
FNPEKKSIQLYKAPVLVSKVVSKSSKNLRGPKIKSKSDTRPSALRNALGEAFGTKKAKKAIADLERNRIDSDKLTDSAID
IVDSVRTASKDLPTRAQLDEITSNDRPTPLANIDATDVEQIYPIESIIPKKELQFIRVSSILKEADKEKKLELFPYQNNS
KYVAKKLDSLTQPSQMTKLQLLYYLSLLLGVYENRRVNNKTKLLERLNSPPEILVDGILSRFTVIKPGQFGRSKDRSYFI
DPQNEDKILCYILAIIMHLDNFIVEITPLAHELNLKPSKVVSLFRVLGAIVKGATVAQAEAFGIPKSTAASYKIATMKVP
FKLPEMTRRGRGPRR
;
M
14 'polypeptide(L)'
;MSKLSKDYVSDSDSDDEVISNEFSIPDGFKKCKHLKNFPLNGDNKKKAKQQQVWLIKFPSNVDISKLKSLPVDFESSTTM
TIDKHDYKIMDDTDIESSLTQDNLSNMTLLVPSESKESLKIASTAKDNAPLQFDKVFSVSETAKIPAIDYSKVRVPRKDV
PKVEGLKLEHFATGYDAEDFHVAEEVKENKKEPKKRSHHDDEEESSEKKKKKKEKREKREKKDKKDKKKKHRD
;
N
15 'polyribonucleotide' AUAAAUCGAGAG R
16 'polydeoxyribonucleotide'
;(DG)(DA)(DT)(DT)(DT)(DC)(DA)(DT)(DA)(DC)(DG)(DC)(DC)(DA)(DT)(DT)(DC)(DC)(DT)(DT)
(DC)(DT)(DC)(DT)(DC)(DT)(DG)(DC)(DT)(DT)(DA)(DT)(DC)(DG)(DG)(DT)(DA)(DG)
;
S
17 'polydeoxyribonucleotide'
;(DC)(DT)(DA)(DC)(DC)(DG)(DA)(DT)(DA)(DA)(DG)(DC)(DA)(DG)(DA)(DT)(3DR)(DC)(DT)
(DC)(DT)(DC)(DG)(DA)(DT)(DT)(DG)(DC)(DG)(DT)(DA)(DT)(DG)(DA)(DA)(DA)(DT)(DC)
;
T
#
loop_
_chem_comp.id
_chem_comp.type
_chem_comp.name
_chem_comp.formula
3DR DNA linking 1',2'-DIDEOXYRIBOFURANOSE-5'-PHOSPHATE 'C5 H11 O6 P'
A RNA linking ADENOSINE-5'-MONOPHOSPHATE 'C10 H14 N5 O7 P'
APC non-polymer 'DIPHOSPHOMETHYLPHOSPHONIC ACID ADENOSYL ESTER' 'C11 H18 N5 O12 P3'
C RNA linking CYTIDINE-5'-MONOPHOSPHATE 'C9 H14 N3 O8 P'
DA DNA linking 2'-DEOXYADENOSINE-5'-MONOPHOSPHATE 'C10 H14 N5 O6 P'
DC DNA linking 2'-DEOXYCYTIDINE-5'-MONOPHOSPHATE 'C9 H14 N3 O7 P'
DG DNA linking 2'-DEOXYGUANOSINE-5'-MONOPHOSPHATE 'C10 H14 N5 O7 P'
DT DNA linking THYMIDINE-5'-MONOPHOSPHATE 'C10 H15 N2 O8 P'
G RNA linking GUANOSINE-5'-MONOPHOSPHATE 'C10 H14 N5 O8 P'
MG non-polymer 'MAGNESIUM ION' 'Mg 2'
U RNA linking URIDINE-5'-MONOPHOSPHATE 'C9 H13 N2 O9 P'
ZN non-polymer 'ZINC ION' 'Zn 2'
#
# COMPACT_ATOMS: atom_id res chain seq x y z
N MET A 1 15.33 20.90 -21.98
CA MET A 1 15.82 22.25 -21.73
C MET A 1 17.23 22.44 -22.26
N ASP A 2 17.58 23.69 -22.58
CA ASP A 2 18.92 24.04 -23.05
C ASP A 2 19.38 25.28 -22.31
N ILE A 3 20.60 25.23 -21.77
CA ILE A 3 21.14 26.38 -21.07
C ILE A 3 21.47 27.50 -22.05
N SER A 4 21.99 27.17 -23.21
CA SER A 4 22.39 28.17 -24.19
C SER A 4 21.21 28.81 -24.92
N LYS A 5 19.95 28.60 -24.50
CA LYS A 5 18.79 29.19 -25.15
C LYS A 5 17.94 29.89 -24.09
N PRO A 6 18.31 31.11 -23.71
CA PRO A 6 17.53 31.84 -22.71
C PRO A 6 16.27 32.45 -23.33
N VAL A 7 15.36 32.84 -22.44
CA VAL A 7 14.13 33.52 -22.83
C VAL A 7 13.89 34.67 -21.86
N GLY A 8 13.48 35.81 -22.42
CA GLY A 8 13.23 36.98 -21.60
C GLY A 8 11.80 37.08 -21.10
N SER A 9 10.85 36.97 -22.02
CA SER A 9 9.44 37.10 -21.67
C SER A 9 9.00 35.93 -20.81
N GLU A 10 8.20 36.23 -19.79
CA GLU A 10 7.61 35.21 -18.93
C GLU A 10 6.18 35.58 -18.60
N ILE A 11 5.36 34.57 -18.34
CA ILE A 11 3.95 34.78 -18.02
C ILE A 11 3.86 35.27 -16.59
N THR A 12 3.51 36.56 -16.43
CA THR A 12 3.40 37.12 -15.09
C THR A 12 2.14 36.64 -14.39
N SER A 13 1.02 36.60 -15.11
CA SER A 13 -0.25 36.20 -14.51
C SER A 13 -1.17 35.64 -15.59
N VAL A 14 -2.17 34.89 -15.15
CA VAL A 14 -3.15 34.27 -16.03
C VAL A 14 -4.54 34.61 -15.52
N ASP A 15 -5.38 35.15 -16.41
CA ASP A 15 -6.75 35.48 -16.08
C ASP A 15 -7.70 34.69 -16.97
N PHE A 16 -8.71 34.09 -16.35
CA PHE A 16 -9.70 33.30 -17.07
C PHE A 16 -10.67 34.22 -17.81
N GLY A 17 -11.41 33.63 -18.73
CA GLY A 17 -12.38 34.39 -19.50
C GLY A 17 -13.21 33.46 -20.36
N ILE A 18 -14.22 34.05 -20.98
CA ILE A 18 -15.12 33.30 -21.85
C ILE A 18 -14.79 33.65 -23.30
N LEU A 19 -15.14 32.73 -24.19
CA LEU A 19 -14.89 32.88 -25.62
C LEU A 19 -16.14 33.43 -26.30
N THR A 20 -16.02 34.61 -26.91
CA THR A 20 -17.10 35.13 -27.73
C THR A 20 -17.11 34.39 -29.06
N ALA A 21 -18.32 34.10 -29.54
CA ALA A 21 -18.45 33.38 -30.81
C ALA A 21 -17.89 34.17 -31.98
N LYS A 22 -17.75 35.49 -31.84
CA LYS A 22 -17.19 36.29 -32.93
C LYS A 22 -15.70 36.01 -33.10
N GLU A 23 -14.95 36.00 -31.99
CA GLU A 23 -13.49 35.87 -32.11
C GLU A 23 -13.08 34.47 -32.56
N ILE A 24 -13.80 33.43 -32.10
CA ILE A 24 -13.43 32.08 -32.49
C ILE A 24 -13.77 31.86 -33.96
N ARG A 25 -14.86 32.45 -34.45
CA ARG A 25 -15.15 32.44 -35.87
C ARG A 25 -14.19 33.33 -36.64
N ASN A 26 -13.50 34.23 -35.94
CA ASN A 26 -12.49 35.09 -36.53
C ASN A 26 -11.10 34.42 -36.58
N LEU A 27 -10.82 33.54 -35.62
CA LEU A 27 -9.48 32.94 -35.53
C LEU A 27 -9.38 31.57 -36.19
N SER A 28 -10.49 30.86 -36.35
CA SER A 28 -10.43 29.47 -36.80
C SER A 28 -9.88 29.37 -38.21
N ALA A 29 -9.22 28.25 -38.48
CA ALA A 29 -8.66 27.99 -39.81
C ALA A 29 -9.66 27.39 -40.77
N LYS A 30 -10.59 26.57 -40.27
CA LYS A 30 -11.59 25.95 -41.13
C LYS A 30 -12.77 25.53 -40.27
N GLN A 31 -13.91 25.34 -40.92
CA GLN A 31 -15.08 24.78 -40.26
C GLN A 31 -15.04 23.26 -40.35
N ILE A 32 -16.12 22.63 -39.90
CA ILE A 32 -16.28 21.18 -39.95
C ILE A 32 -17.75 20.88 -40.23
N THR A 33 -18.00 20.21 -41.36
CA THR A 33 -19.37 19.96 -41.81
C THR A 33 -19.67 18.46 -41.93
N ASN A 34 -18.88 17.71 -42.69
CA ASN A 34 -19.24 16.33 -43.01
C ASN A 34 -18.88 15.41 -41.86
N PRO A 35 -19.83 14.61 -41.36
CA PRO A 35 -19.58 13.70 -40.24
C PRO A 35 -18.92 12.39 -40.66
N THR A 36 -17.88 12.48 -41.48
CA THR A 36 -17.10 11.33 -41.90
C THR A 36 -15.61 11.63 -41.70
N VAL A 37 -14.89 10.64 -41.17
CA VAL A 37 -13.50 10.84 -40.80
C VAL A 37 -12.58 10.56 -41.99
N LEU A 38 -12.62 9.33 -42.49
CA LEU A 38 -11.74 8.91 -43.58
C LEU A 38 -12.56 8.26 -44.67
N ASP A 39 -12.09 8.42 -45.90
CA ASP A 39 -12.74 7.82 -47.06
C ASP A 39 -12.20 6.41 -47.28
N ASN A 40 -12.52 5.81 -48.43
CA ASN A 40 -12.06 4.46 -48.73
C ASN A 40 -10.54 4.41 -48.89
N LEU A 41 -9.96 5.44 -49.52
CA LEU A 41 -8.52 5.44 -49.78
C LEU A 41 -7.70 5.83 -48.56
N GLY A 42 -8.33 6.38 -47.52
CA GLY A 42 -7.61 6.82 -46.35
C GLY A 42 -7.12 8.25 -46.40
N HIS A 43 -7.28 8.94 -47.52
CA HIS A 43 -6.90 10.33 -47.62
C HIS A 43 -7.80 11.19 -46.73
N PRO A 44 -7.28 12.27 -46.15
CA PRO A 44 -8.12 13.16 -45.33
C PRO A 44 -9.08 13.93 -46.22
N VAL A 45 -10.38 13.72 -45.99
CA VAL A 45 -11.41 14.41 -46.76
C VAL A 45 -11.38 15.89 -46.43
N SER A 46 -11.40 16.73 -47.47
CA SER A 46 -11.41 18.17 -47.27
C SER A 46 -12.66 18.58 -46.50
N GLY A 47 -12.46 19.37 -45.45
CA GLY A 47 -13.55 19.75 -44.57
C GLY A 47 -13.90 18.70 -43.53
N GLY A 48 -13.16 17.59 -43.45
CA GLY A 48 -13.43 16.58 -42.47
C GLY A 48 -12.81 16.88 -41.12
N LEU A 49 -13.07 16.00 -40.16
CA LEU A 49 -12.55 16.21 -38.81
C LEU A 49 -11.03 16.23 -38.79
N TYR A 50 -10.39 15.48 -39.68
CA TYR A 50 -8.94 15.51 -39.87
C TYR A 50 -8.57 16.42 -41.02
N ASP A 51 -9.27 17.54 -41.16
CA ASP A 51 -9.05 18.45 -42.28
C ASP A 51 -7.59 18.82 -42.40
N LEU A 52 -7.13 18.98 -43.64
CA LEU A 52 -5.74 19.23 -43.93
C LEU A 52 -5.27 20.59 -43.43
N ALA A 53 -6.20 21.48 -43.08
CA ALA A 53 -5.85 22.80 -42.53
C ALA A 53 -5.96 22.86 -41.01
N LEU A 54 -6.32 21.75 -40.36
CA LEU A 54 -6.45 21.70 -38.91
C LEU A 54 -5.22 21.08 -38.25
N GLY A 55 -4.11 20.99 -38.97
CA GLY A 55 -2.92 20.35 -38.46
C GLY A 55 -2.48 19.21 -39.36
N ALA A 56 -1.17 18.99 -39.47
CA ALA A 56 -0.65 17.96 -40.34
C ALA A 56 -1.05 16.58 -39.83
N PHE A 57 -1.48 15.72 -40.75
CA PHE A 57 -1.92 14.37 -40.43
C PHE A 57 -1.11 13.38 -41.25
N LEU A 58 -0.32 12.55 -40.56
CA LEU A 58 0.62 11.61 -41.17
C LEU A 58 1.58 12.43 -42.03
N ARG A 59 1.81 12.08 -43.30
CA ARG A 59 2.75 12.80 -44.14
C ARG A 59 2.19 14.12 -44.64
N ASN A 60 0.87 14.26 -44.73
CA ASN A 60 0.26 15.47 -45.29
C ASN A 60 0.71 16.73 -44.56
N LEU A 61 1.48 17.57 -45.24
CA LEU A 61 1.90 18.84 -44.66
C LEU A 61 0.69 19.72 -44.38
N CYS A 62 0.63 20.28 -43.18
CA CYS A 62 -0.52 21.09 -42.79
C CYS A 62 -0.72 22.26 -43.74
N SER A 63 -1.97 22.48 -44.16
CA SER A 63 -2.29 23.52 -45.12
C SER A 63 -2.73 24.83 -44.47
N THR A 64 -2.22 25.12 -43.27
CA THR A 64 -2.39 26.43 -42.65
C THR A 64 -1.05 27.10 -42.40
N CYS A 65 -0.06 26.37 -41.89
CA CYS A 65 1.27 26.90 -41.68
C CYS A 65 2.30 26.34 -42.65
N GLY A 66 1.95 25.30 -43.42
CA GLY A 66 2.88 24.75 -44.38
C GLY A 66 4.11 24.08 -43.77
N LEU A 67 3.92 23.31 -42.71
CA LEU A 67 5.03 22.63 -42.03
C LEU A 67 4.71 21.15 -41.92
N ASP A 68 5.72 20.40 -41.49
CA ASP A 68 5.60 18.94 -41.37
C ASP A 68 4.75 18.59 -40.15
N GLU A 69 4.62 17.29 -39.91
CA GLU A 69 3.81 16.82 -38.78
C GLU A 69 4.40 17.25 -37.45
N LYS A 70 5.71 17.13 -37.29
CA LYS A 70 6.36 17.48 -36.04
C LYS A 70 6.69 18.97 -35.92
N PHE A 71 6.42 19.75 -36.96
CA PHE A 71 6.67 21.18 -36.93
C PHE A 71 5.41 22.02 -36.84
N CYS A 72 4.25 21.47 -37.21
CA CYS A 72 3.00 22.20 -37.13
C CYS A 72 2.50 22.21 -35.69
N PRO A 73 2.32 23.39 -35.08
CA PRO A 73 1.80 23.42 -33.70
C PRO A 73 0.40 22.83 -33.58
N GLY A 74 -0.42 22.93 -34.63
CA GLY A 74 -1.78 22.45 -34.57
C GLY A 74 -2.77 23.56 -34.32
N HIS A 75 -3.46 23.98 -35.36
CA HIS A 75 -4.38 25.11 -35.28
C HIS A 75 -5.78 24.62 -34.92
N GLN A 76 -6.56 25.53 -34.34
CA GLN A 76 -7.90 25.18 -33.87
C GLN A 76 -8.94 25.41 -34.95
N GLY A 77 -10.07 24.71 -34.81
CA GLY A 77 -11.18 24.87 -35.72
C GLY A 77 -12.46 25.21 -35.00
N HIS A 78 -13.58 25.16 -35.71
CA HIS A 78 -14.87 25.51 -35.12
C HIS A 78 -15.98 24.94 -35.98
N ILE A 79 -17.06 24.51 -35.32
CA ILE A 79 -18.26 24.03 -35.98
C ILE A 79 -19.34 25.08 -35.82
N GLU A 80 -19.88 25.55 -36.95
CA GLU A 80 -20.89 26.61 -36.95
C GLU A 80 -22.26 25.98 -36.70
N LEU A 81 -22.54 25.72 -35.43
CA LEU A 81 -23.84 25.18 -35.05
C LEU A 81 -24.93 26.22 -35.33
N PRO A 82 -26.09 25.79 -35.81
CA PRO A 82 -27.18 26.74 -36.10
C PRO A 82 -28.17 26.95 -34.98
N VAL A 83 -27.98 26.32 -33.82
CA VAL A 83 -28.90 26.47 -32.69
C VAL A 83 -28.12 26.58 -31.39
N PRO A 84 -28.34 27.62 -30.59
CA PRO A 84 -27.67 27.71 -29.30
C PRO A 84 -28.14 26.63 -28.34
N CYS A 85 -27.23 26.19 -27.47
CA CYS A 85 -27.51 25.15 -26.50
C CYS A 85 -27.00 25.59 -25.13
N TYR A 86 -27.70 25.15 -24.09
CA TYR A 86 -27.28 25.46 -22.73
C TYR A 86 -25.96 24.76 -22.41
N ASN A 87 -25.05 25.51 -21.79
CA ASN A 87 -23.76 24.95 -21.39
C ASN A 87 -23.90 24.18 -20.10
N PRO A 88 -23.54 22.90 -20.05
CA PRO A 88 -23.59 22.17 -18.77
C PRO A 88 -22.66 22.75 -17.72
N LEU A 89 -21.63 23.49 -18.13
CA LEU A 89 -20.79 24.20 -17.18
C LEU A 89 -21.58 25.27 -16.45
N PHE A 90 -22.41 26.02 -17.17
CA PHE A 90 -23.14 27.15 -16.62
C PHE A 90 -24.64 26.89 -16.52
N PHE A 91 -25.05 25.63 -16.62
CA PHE A 91 -26.48 25.33 -16.59
C PHE A 91 -27.12 25.73 -15.26
N ASN A 92 -26.44 25.42 -14.15
CA ASN A 92 -26.98 25.79 -12.84
C ASN A 92 -27.08 27.30 -12.71
N GLN A 93 -26.06 28.03 -13.16
CA GLN A 93 -26.09 29.49 -13.08
C GLN A 93 -27.23 30.07 -13.90
N LEU A 94 -27.40 29.58 -15.13
CA LEU A 94 -28.50 30.08 -15.96
C LEU A 94 -29.85 29.75 -15.36
N TYR A 95 -30.03 28.52 -14.88
CA TYR A 95 -31.31 28.10 -14.33
C TYR A 95 -31.65 28.93 -13.10
N ILE A 96 -30.65 29.20 -12.25
CA ILE A 96 -30.88 29.99 -11.05
C ILE A 96 -31.18 31.45 -11.41
N TYR A 97 -30.46 31.99 -12.39
CA TYR A 97 -30.65 33.40 -12.74
C TYR A 97 -32.01 33.64 -13.40
N LEU A 98 -32.40 32.76 -14.32
CA LEU A 98 -33.69 32.94 -14.99
C LEU A 98 -34.86 32.42 -14.17
N ARG A 99 -34.60 31.58 -13.16
CA ARG A 99 -35.66 31.19 -12.24
C ARG A 99 -36.19 32.40 -11.48
N ALA A 100 -35.29 33.27 -11.02
CA ALA A 100 -35.66 34.45 -10.25
C ALA A 100 -35.72 35.67 -11.16
N SER A 101 -36.68 35.63 -12.09
CA SER A 101 -36.87 36.72 -13.03
C SER A 101 -38.35 36.87 -13.32
N CYS A 102 -38.73 38.05 -13.78
CA CYS A 102 -40.10 38.35 -14.18
C CYS A 102 -40.17 38.40 -15.69
N LEU A 103 -41.18 37.73 -16.26
CA LEU A 103 -41.30 37.66 -17.72
C LEU A 103 -41.72 39.01 -18.31
N PHE A 104 -42.60 39.73 -17.61
CA PHE A 104 -43.19 40.94 -18.20
C PHE A 104 -42.24 42.13 -18.10
N CYS A 105 -41.91 42.55 -16.87
CA CYS A 105 -41.01 43.69 -16.70
C CYS A 105 -39.56 43.34 -17.00
N HIS A 106 -39.23 42.05 -17.08
CA HIS A 106 -37.88 41.59 -17.42
C HIS A 106 -36.85 42.13 -16.41
N HIS A 107 -37.23 42.14 -15.14
CA HIS A 107 -36.34 42.45 -14.04
C HIS A 107 -36.35 41.29 -13.05
N PHE A 108 -35.47 41.38 -12.06
CA PHE A 108 -35.44 40.38 -11.00
C PHE A 108 -36.73 40.42 -10.19
N ARG A 109 -37.15 39.26 -9.70
CA ARG A 109 -38.36 39.19 -8.88
C ARG A 109 -38.15 39.80 -7.50
N LEU A 110 -36.91 40.14 -7.14
CA LEU A 110 -36.69 40.96 -5.96
C LEU A 110 -36.83 42.44 -6.33
N LYS A 111 -36.86 43.28 -5.30
CA LYS A 111 -37.10 44.70 -5.50
C LYS A 111 -35.94 45.34 -6.26
N SER A 112 -36.23 46.47 -6.90
CA SER A 112 -35.23 47.19 -7.68
C SER A 112 -34.34 48.09 -6.83
N VAL A 113 -34.59 48.20 -5.54
CA VAL A 113 -33.68 48.95 -4.68
C VAL A 113 -32.66 48.04 -4.00
N GLU A 114 -33.03 46.79 -3.69
CA GLU A 114 -32.03 45.82 -3.28
C GLU A 114 -31.04 45.56 -4.40
N VAL A 115 -31.50 45.68 -5.65
CA VAL A 115 -30.62 45.54 -6.80
C VAL A 115 -29.47 46.55 -6.72
N HIS A 116 -29.81 47.83 -6.52
CA HIS A 116 -28.75 48.84 -6.43
C HIS A 116 -27.97 48.73 -5.13
N ARG A 117 -28.62 48.31 -4.05
CA ARG A 117 -27.90 48.08 -2.80
C ARG A 117 -26.77 47.08 -3.01
N TYR A 118 -27.10 45.92 -3.59
CA TYR A 118 -26.09 44.89 -3.80
C TYR A 118 -25.07 45.33 -4.86
N ALA A 119 -25.51 46.06 -5.88
CA ALA A 119 -24.56 46.56 -6.87
C ALA A 119 -23.51 47.46 -6.24
N CYS A 120 -23.96 48.43 -5.43
CA CYS A 120 -23.02 49.34 -4.77
C CYS A 120 -22.16 48.60 -3.76
N LYS A 121 -22.75 47.65 -3.01
CA LYS A 121 -21.98 46.89 -2.04
C LYS A 121 -20.85 46.13 -2.72
N LEU A 122 -21.15 45.43 -3.82
CA LEU A 122 -20.13 44.68 -4.53
C LEU A 122 -19.10 45.60 -5.16
N ARG A 123 -19.53 46.73 -5.74
CA ARG A 123 -18.59 47.67 -6.34
C ARG A 123 -17.62 48.20 -5.31
N LEU A 124 -18.12 48.53 -4.12
CA LEU A 124 -17.24 49.10 -3.09
C LEU A 124 -16.35 48.04 -2.46
N LEU A 125 -16.88 46.84 -2.24
CA LEU A 125 -16.09 45.77 -1.65
C LEU A 125 -15.04 45.21 -2.62
N GLN A 126 -15.26 45.39 -3.92
CA GLN A 126 -14.28 44.95 -4.91
C GLN A 126 -12.93 45.61 -4.69
N TYR A 127 -12.93 46.82 -4.14
CA TYR A 127 -11.71 47.56 -3.85
C TYR A 127 -11.16 47.25 -2.46
N GLY A 128 -11.69 46.24 -1.78
CA GLY A 128 -11.19 45.88 -0.47
C GLY A 128 -11.59 46.80 0.65
N LEU A 129 -12.65 47.60 0.47
CA LEU A 129 -13.17 48.46 1.52
C LEU A 129 -14.29 47.72 2.23
N ILE A 130 -13.90 46.77 3.09
CA ILE A 130 -14.87 45.90 3.74
C ILE A 130 -15.72 46.66 4.74
N ASP A 131 -15.07 47.47 5.58
CA ASP A 131 -15.81 48.20 6.60
C ASP A 131 -16.79 49.18 5.97
N GLU A 132 -16.38 49.83 4.88
CA GLU A 132 -17.29 50.72 4.16
C GLU A 132 -18.47 49.96 3.58
N SER A 133 -18.24 48.72 3.12
CA SER A 133 -19.34 47.94 2.55
C SER A 133 -20.43 47.68 3.58
N TYR A 134 -20.05 47.34 4.81
CA TYR A 134 -21.03 47.13 5.86
C TYR A 134 -21.60 48.45 6.37
N LYS A 135 -20.82 49.53 6.32
CA LYS A 135 -21.32 50.83 6.76
C LYS A 135 -22.29 51.44 5.76
N LEU A 136 -22.27 50.98 4.52
CA LEU A 136 -23.20 51.50 3.52
C LEU A 136 -24.64 51.19 3.89
N ASP A 137 -24.88 50.05 4.53
CA ASP A 137 -26.23 49.66 4.90
C ASP A 137 -26.86 50.64 5.90
N GLU A 138 -26.05 51.47 6.55
CA GLU A 138 -26.57 52.47 7.47
C GLU A 138 -27.24 53.63 6.74
N ILE A 139 -27.12 53.70 5.42
CA ILE A 139 -27.85 54.71 4.64
C ILE A 139 -29.21 54.09 4.31
N THR A 140 -30.12 54.17 5.27
CA THR A 140 -31.43 53.56 5.15
C THR A 140 -32.57 54.57 5.20
N LEU A 141 -32.60 55.43 6.22
CA LEU A 141 -33.63 56.45 6.38
C LEU A 141 -35.04 55.87 6.33
N SER A 175 -42.39 54.94 -3.01
CA SER A 175 -41.93 54.54 -4.34
C SER A 175 -40.97 55.57 -4.92
N THR A 176 -41.44 56.81 -5.05
CA THR A 176 -40.60 57.87 -5.60
C THR A 176 -39.42 58.21 -4.70
N LEU A 177 -39.48 57.86 -3.41
CA LEU A 177 -38.35 58.06 -2.52
C LEU A 177 -37.23 57.05 -2.73
N LEU A 178 -37.51 55.96 -3.46
CA LEU A 178 -36.49 54.93 -3.69
C LEU A 178 -35.40 55.38 -4.64
N ASN A 179 -35.54 56.53 -5.29
CA ASN A 179 -34.49 57.07 -6.13
C ASN A 179 -33.64 58.10 -5.42
N GLU A 180 -34.20 58.83 -4.44
CA GLU A 180 -33.41 59.79 -3.69
C GLU A 180 -32.43 59.11 -2.75
N LEU A 181 -32.78 57.92 -2.25
CA LEU A 181 -31.85 57.16 -1.41
C LEU A 181 -30.63 56.69 -2.21
N LYS A 182 -30.85 56.30 -3.47
CA LYS A 182 -29.76 55.74 -4.27
C LYS A 182 -28.67 56.76 -4.54
N SER A 183 -29.03 58.02 -4.75
CA SER A 183 -28.03 59.04 -5.05
C SER A 183 -27.07 59.25 -3.89
N LYS A 184 -27.54 59.05 -2.66
CA LYS A 184 -26.64 59.13 -1.51
C LYS A 184 -25.63 58.00 -1.51
N ARG A 185 -26.07 56.78 -1.86
CA ARG A 185 -25.18 55.63 -1.85
C ARG A 185 -24.08 55.77 -2.91
N SER A 186 -24.41 56.30 -4.08
CA SER A 186 -23.41 56.48 -5.12
C SER A 186 -22.33 57.46 -4.70
N GLU A 187 -22.71 58.54 -4.04
CA GLU A 187 -21.72 59.51 -3.55
C GLU A 187 -20.83 58.89 -2.48
N TYR A 188 -21.43 58.18 -1.52
CA TYR A 188 -20.65 57.57 -0.44
C TYR A 188 -19.68 56.52 -0.96
N VAL A 189 -20.12 55.74 -1.96
CA VAL A 189 -19.26 54.71 -2.53
C VAL A 189 -18.06 55.35 -3.24
N ASP A 190 -18.33 56.34 -4.09
CA ASP A 190 -17.26 56.93 -4.88
C ASP A 190 -16.28 57.70 -4.00
N MET A 191 -16.78 58.39 -2.97
CA MET A 191 -15.90 59.14 -2.08
C MET A 191 -14.95 58.20 -1.34
N ALA A 192 -15.48 57.08 -0.82
CA ALA A 192 -14.64 56.15 -0.08
C ALA A 192 -13.56 55.53 -0.97
N ILE A 193 -13.93 55.14 -2.20
CA ILE A 193 -12.95 54.53 -3.10
C ILE A 193 -11.86 55.52 -3.48
N ALA A 194 -12.25 56.77 -3.78
CA ALA A 194 -11.26 57.79 -4.07
C ALA A 194 -10.36 58.05 -2.86
N LYS A 195 -10.95 58.08 -1.66
CA LYS A 195 -10.16 58.28 -0.46
C LYS A 195 -9.20 57.12 -0.21
N ALA A 196 -9.68 55.88 -0.37
CA ALA A 196 -8.82 54.72 -0.17
C ALA A 196 -7.71 54.66 -1.21
N LEU A 197 -8.03 54.98 -2.46
CA LEU A 197 -6.99 55.02 -3.49
C LEU A 197 -5.98 56.13 -3.21
N SER A 198 -6.46 57.28 -2.73
CA SER A 198 -5.59 58.44 -2.57
C SER A 198 -4.51 58.18 -1.51
N ASP A 199 -4.87 57.58 -0.38
CA ASP A 199 -3.96 57.41 0.73
C ASP A 199 -3.19 56.08 0.66
N GLY A 200 -3.28 55.37 -0.46
CA GLY A 200 -2.51 54.15 -0.63
C GLY A 200 -3.12 52.91 -0.02
N ARG A 201 -4.34 53.00 0.51
CA ARG A 201 -4.97 51.83 1.11
C ARG A 201 -5.34 50.77 0.09
N THR A 202 -5.51 51.15 -1.18
CA THR A 202 -5.84 50.19 -2.23
C THR A 202 -5.49 50.78 -3.58
N THR A 203 -4.59 50.13 -4.31
CA THR A 203 -4.28 50.53 -5.67
C THR A 203 -5.49 50.30 -6.57
N GLU A 204 -5.59 51.12 -7.63
CA GLU A 204 -6.72 51.07 -8.55
C GLU A 204 -7.05 49.65 -9.01
N ARG A 205 -6.07 48.75 -9.01
CA ARG A 205 -6.32 47.38 -9.44
C ARG A 205 -7.19 46.60 -8.47
N GLY A 206 -7.43 47.13 -7.27
CA GLY A 206 -8.22 46.43 -6.28
C GLY A 206 -7.40 45.42 -5.50
N SER A 207 -7.92 45.07 -4.32
CA SER A 207 -7.25 44.17 -3.40
C SER A 207 -8.09 42.91 -3.25
N PHE A 208 -7.67 41.84 -3.91
CA PHE A 208 -8.35 40.55 -3.82
C PHE A 208 -7.53 39.64 -2.90
N THR A 209 -8.04 39.45 -1.68
CA THR A 209 -7.45 38.57 -0.69
C THR A 209 -8.48 37.54 -0.25
N ALA A 210 -8.06 36.70 0.69
CA ALA A 210 -8.93 35.61 1.14
C ALA A 210 -10.20 36.12 1.78
N THR A 211 -10.10 37.17 2.61
CA THR A 211 -11.30 37.64 3.31
C THR A 211 -12.27 38.34 2.37
N VAL A 212 -11.77 39.10 1.40
CA VAL A 212 -12.70 39.71 0.45
C VAL A 212 -13.32 38.64 -0.43
N ASN A 213 -12.57 37.58 -0.76
CA ASN A 213 -13.17 36.46 -1.49
C ASN A 213 -14.27 35.80 -0.67
N ASP A 214 -14.03 35.62 0.63
CA ASP A 214 -15.05 35.05 1.51
C ASP A 214 -16.30 35.92 1.50
N GLU A 215 -16.13 37.23 1.65
CA GLU A 215 -17.29 38.12 1.71
C GLU A 215 -18.01 38.16 0.36
N ARG A 216 -17.26 38.14 -0.74
CA ARG A 216 -17.88 38.05 -2.06
C ARG A 216 -18.77 36.82 -2.16
N LYS A 217 -18.22 35.66 -1.79
CA LYS A 217 -18.99 34.42 -1.89
C LYS A 217 -20.23 34.48 -1.00
N LYS A 218 -20.08 34.94 0.24
CA LYS A 218 -21.21 34.99 1.15
C LYS A 218 -22.30 35.92 0.63
N LEU A 219 -21.91 37.14 0.24
CA LEU A 219 -22.89 38.12 -0.22
C LEU A 219 -23.57 37.66 -1.50
N VAL A 220 -22.81 37.14 -2.46
CA VAL A 220 -23.40 36.73 -3.72
C VAL A 220 -24.33 35.54 -3.54
N HIS A 221 -23.92 34.54 -2.74
CA HIS A 221 -24.77 33.40 -2.51
C HIS A 221 -26.06 33.80 -1.79
N GLU A 222 -25.95 34.67 -0.77
CA GLU A 222 -27.14 35.12 -0.07
C GLU A 222 -28.06 35.92 -0.99
N PHE A 223 -27.47 36.75 -1.86
CA PHE A 223 -28.25 37.59 -2.76
C PHE A 223 -28.99 36.73 -3.80
N HIS A 224 -28.33 35.70 -4.34
CA HIS A 224 -29.02 34.76 -5.22
C HIS A 224 -30.11 34.01 -4.48
N LYS A 225 -29.85 33.58 -3.24
CA LYS A 225 -30.85 32.86 -2.48
C LYS A 225 -32.07 33.72 -2.21
N LYS A 226 -31.85 35.01 -1.94
CA LYS A 226 -32.97 35.93 -1.77
C LYS A 226 -33.70 36.18 -3.08
N LEU A 227 -32.99 36.16 -4.20
CA LEU A 227 -33.66 36.22 -5.51
C LEU A 227 -34.59 35.04 -5.68
N LEU A 228 -34.12 33.84 -5.33
CA LEU A 228 -34.94 32.64 -5.46
C LEU A 228 -36.00 32.52 -4.37
N SER A 229 -36.04 33.46 -3.41
CA SER A 229 -36.90 33.29 -2.25
C SER A 229 -38.37 33.50 -2.59
N ARG A 230 -38.73 34.70 -3.03
CA ARG A 230 -40.13 35.03 -3.19
C ARG A 230 -40.60 34.80 -4.63
N GLY A 231 -41.90 34.99 -4.85
CA GLY A 231 -42.50 34.65 -6.14
C GLY A 231 -43.23 35.77 -6.82
N LYS A 232 -43.62 36.81 -6.08
CA LYS A 232 -44.33 37.94 -6.65
C LYS A 232 -43.35 39.08 -6.96
N CYS A 233 -43.42 39.60 -8.18
CA CYS A 233 -42.50 40.62 -8.65
C CYS A 233 -42.96 41.98 -8.13
N ASP A 234 -42.21 42.52 -7.18
CA ASP A 234 -42.50 43.86 -6.64
C ASP A 234 -41.72 44.95 -7.38
N ASN A 235 -41.81 44.92 -8.70
CA ASN A 235 -41.32 45.97 -9.57
C ASN A 235 -42.39 46.47 -10.54
N CYS A 236 -43.22 45.55 -11.06
CA CYS A 236 -44.35 45.91 -11.89
C CYS A 236 -45.65 45.26 -11.42
N GLY A 237 -45.59 44.32 -10.48
CA GLY A 237 -46.76 43.61 -9.99
C GLY A 237 -47.13 42.40 -10.83
N MET A 238 -46.86 42.46 -12.12
CA MET A 238 -47.20 41.38 -13.05
C MET A 238 -46.21 40.25 -12.83
N PHE A 239 -46.51 39.38 -11.87
CA PHE A 239 -45.63 38.26 -11.58
C PHE A 239 -45.69 37.23 -12.71
N SER A 240 -44.66 36.39 -12.76
CA SER A 240 -44.47 35.45 -13.85
C SER A 240 -44.24 34.05 -13.30
N PRO A 241 -44.61 33.02 -14.06
CA PRO A 241 -44.42 31.65 -13.57
C PRO A 241 -42.96 31.22 -13.64
N LYS A 242 -42.56 30.43 -12.66
CA LYS A 242 -41.20 29.92 -12.58
C LYS A 242 -40.99 28.81 -13.60
N PHE A 243 -39.78 28.27 -13.63
CA PHE A 243 -39.43 27.18 -14.53
C PHE A 243 -38.95 25.99 -13.71
N ARG A 244 -39.24 24.79 -14.22
CA ARG A 244 -38.82 23.54 -13.59
C ARG A 244 -37.67 22.93 -14.39
N LYS A 245 -37.25 21.75 -13.95
CA LYS A 245 -36.11 21.06 -14.56
C LYS A 245 -36.42 19.58 -14.70
N ASP A 246 -35.76 18.95 -15.67
CA ASP A 246 -35.81 17.50 -15.85
C ASP A 246 -34.42 17.08 -16.33
N GLY A 247 -33.72 16.29 -15.52
CA GLY A 247 -32.33 15.99 -15.83
C GLY A 247 -31.52 17.26 -15.78
N PHE A 248 -30.75 17.50 -16.84
CA PHE A 248 -29.98 18.74 -16.95
C PHE A 248 -30.02 19.30 -18.36
N THR A 249 -31.06 18.96 -19.11
CA THR A 249 -31.26 19.47 -20.46
C THR A 249 -32.67 20.00 -20.68
N LYS A 250 -33.59 19.79 -19.74
CA LYS A 250 -35.00 20.10 -19.93
C LYS A 250 -35.43 21.18 -18.96
N ILE A 251 -36.32 22.06 -19.43
CA ILE A 251 -36.92 23.10 -18.61
C ILE A 251 -38.43 23.06 -18.85
N PHE A 252 -39.19 23.12 -17.76
CA PHE A 252 -40.65 23.02 -17.82
C PHE A 252 -41.28 24.19 -17.07
N GLU A 253 -42.44 24.63 -17.55
CA GLU A 253 -43.20 25.68 -16.88
C GLU A 253 -44.69 25.46 -17.15
N THR A 254 -45.51 26.09 -16.31
CA THR A 254 -46.97 26.09 -16.49
C THR A 254 -47.48 27.49 -16.19
N ALA A 255 -47.87 28.22 -17.24
CA ALA A 255 -48.30 29.59 -17.08
C ALA A 255 -49.69 29.71 -16.47
N LEU A 256 -50.42 28.60 -16.35
CA LEU A 256 -51.79 28.61 -15.86
C LEU A 256 -51.87 27.94 -14.49
N ASN A 257 -52.44 28.65 -13.52
CA ASN A 257 -52.58 28.19 -12.15
C ASN A 257 -54.00 28.45 -11.66
N GLU A 258 -54.23 28.38 -10.36
CA GLU A 258 -55.56 28.67 -9.82
C GLU A 258 -55.69 30.12 -9.36
N LYS A 259 -54.88 30.52 -8.37
CA LYS A 259 -54.93 31.88 -7.84
C LYS A 259 -53.98 32.82 -8.58
N GLN A 260 -52.78 32.33 -8.94
CA GLN A 260 -51.85 33.16 -9.70
C GLN A 260 -52.50 33.64 -10.97
N ILE A 261 -53.51 32.91 -11.45
CA ILE A 261 -54.27 33.40 -12.58
C ILE A 261 -55.10 34.60 -12.14
N THR A 262 -55.81 34.50 -11.02
CA THR A 262 -56.74 35.58 -10.71
C THR A 262 -56.04 36.92 -10.50
N ASN A 263 -54.88 36.91 -9.84
CA ASN A 263 -54.23 38.15 -9.45
C ASN A 263 -53.68 38.91 -10.65
N ASN A 264 -53.11 38.21 -11.62
CA ASN A 264 -52.44 38.91 -12.72
C ASN A 264 -53.43 39.58 -13.67
N ARG A 265 -54.65 39.03 -13.78
CA ARG A 265 -55.73 39.76 -14.45
C ARG A 265 -56.00 41.08 -13.78
N VAL A 266 -56.02 41.08 -12.45
CA VAL A 266 -56.19 42.35 -11.74
C VAL A 266 -54.99 43.25 -12.00
N LYS A 267 -53.80 42.66 -12.11
CA LYS A 267 -52.56 43.39 -12.34
C LYS A 267 -52.29 43.68 -13.81
N GLY A 268 -53.16 43.25 -14.71
CA GLY A 268 -52.98 43.50 -16.12
C GLY A 268 -52.99 44.97 -16.49
N SER A 312 -47.01 22.05 -17.60
CA SER A 312 -45.92 21.19 -18.02
C SER A 312 -45.52 21.47 -19.47
N THR A 313 -45.48 22.75 -19.82
CA THR A 313 -45.12 23.15 -21.17
C THR A 313 -43.61 23.02 -21.38
N TYR A 314 -43.19 23.23 -22.63
CA TYR A 314 -41.79 23.11 -23.01
C TYR A 314 -41.19 24.49 -23.20
N ILE A 315 -39.92 24.64 -22.83
CA ILE A 315 -39.19 25.89 -22.92
C ILE A 315 -38.09 25.74 -23.95
N LEU A 316 -38.09 26.61 -24.96
CA LEU A 316 -37.21 26.49 -26.11
C LEU A 316 -35.96 27.35 -25.92
N SER A 317 -34.85 26.87 -26.49
CA SER A 317 -33.54 27.47 -26.24
C SER A 317 -33.49 28.91 -26.74
N THR A 318 -34.03 29.18 -27.93
CA THR A 318 -33.93 30.54 -28.48
C THR A 318 -34.70 31.53 -27.62
N GLU A 319 -35.90 31.18 -27.17
CA GLU A 319 -36.68 32.12 -26.37
C GLU A 319 -36.16 32.24 -24.94
N VAL A 320 -35.62 31.16 -24.36
CA VAL A 320 -35.00 31.31 -23.05
C VAL A 320 -33.75 32.19 -23.16
N LYS A 321 -33.02 32.08 -24.27
CA LYS A 321 -31.90 32.99 -24.51
C LYS A 321 -32.40 34.42 -24.68
N ASN A 322 -33.56 34.60 -25.33
CA ASN A 322 -34.12 35.93 -25.51
C ASN A 322 -34.45 36.58 -24.17
N ILE A 323 -35.14 35.85 -23.29
CA ILE A 323 -35.48 36.42 -21.99
C ILE A 323 -34.22 36.63 -21.15
N LEU A 324 -33.23 35.74 -21.29
CA LEU A 324 -31.94 35.94 -20.63
C LEU A 324 -31.30 37.27 -21.07
N ASP A 325 -31.22 37.49 -22.37
CA ASP A 325 -30.60 38.70 -22.88
C ASP A 325 -31.37 39.94 -22.46
N THR A 326 -32.70 39.85 -22.45
CA THR A 326 -33.50 40.98 -21.98
C THR A 326 -33.18 41.31 -20.52
N VAL A 327 -33.13 40.28 -19.67
CA VAL A 327 -32.84 40.50 -18.25
C VAL A 327 -31.44 41.10 -18.08
N PHE A 328 -30.46 40.56 -18.81
CA PHE A 328 -29.08 41.05 -18.69
C PHE A 328 -28.97 42.49 -19.19
N ARG A 329 -29.64 42.82 -20.29
CA ARG A 329 -29.64 44.20 -20.77
C ARG A 329 -30.28 45.13 -19.75
N LYS A 330 -31.32 44.66 -19.06
CA LYS A 330 -31.93 45.48 -18.02
C LYS A 330 -30.98 45.71 -16.85
N GLU A 331 -30.28 44.67 -16.41
CA GLU A 331 -29.51 44.72 -15.16
C GLU A 331 -28.00 44.67 -15.36
N GLN A 332 -27.54 45.18 -16.51
CA GLN A 332 -26.12 45.25 -16.83
C GLN A 332 -25.20 45.61 -15.65
N CYS A 333 -25.54 46.65 -14.90
CA CYS A 333 -24.62 47.10 -13.84
C CYS A 333 -24.45 46.04 -12.76
N VAL A 334 -25.56 45.45 -12.31
CA VAL A 334 -25.48 44.43 -11.26
C VAL A 334 -24.83 43.17 -11.80
N LEU A 335 -25.13 42.81 -13.04
CA LEU A 335 -24.47 41.65 -13.64
C LEU A 335 -22.96 41.87 -13.75
N GLN A 336 -22.55 43.11 -14.03
CA GLN A 336 -21.12 43.42 -14.07
C GLN A 336 -20.49 43.30 -12.69
N TYR A 337 -21.10 43.91 -11.68
CA TYR A 337 -20.52 43.90 -10.34
C TYR A 337 -20.68 42.55 -9.64
N VAL A 338 -21.48 41.64 -10.18
CA VAL A 338 -21.58 40.30 -9.63
C VAL A 338 -20.83 39.27 -10.47
N PHE A 339 -20.44 39.62 -11.70
CA PHE A 339 -19.65 38.75 -12.56
C PHE A 339 -18.23 39.27 -12.74
N HIS A 340 -17.68 39.91 -11.71
CA HIS A 340 -16.34 40.44 -11.75
C HIS A 340 -15.83 40.60 -10.32
N SER A 341 -14.57 40.20 -10.11
CA SER A 341 -13.92 40.38 -8.82
C SER A 341 -12.69 41.25 -8.89
N ARG A 342 -12.15 41.52 -10.08
CA ARG A 342 -11.02 42.43 -10.25
C ARG A 342 -11.53 43.73 -10.84
N PRO A 343 -11.55 44.81 -10.07
CA PRO A 343 -12.22 46.06 -10.50
C PRO A 343 -11.32 46.96 -11.33
N ASN A 344 -11.04 46.53 -12.57
CA ASN A 344 -10.24 47.35 -13.47
C ASN A 344 -10.61 47.02 -14.90
N LEU A 345 -11.01 48.06 -15.65
CA LEU A 345 -11.28 47.93 -17.08
C LEU A 345 -12.32 46.85 -17.38
N SER A 346 -13.30 46.73 -16.50
CA SER A 346 -14.41 45.81 -16.72
C SER A 346 -15.48 46.45 -17.61
N ARG A 347 -15.04 46.98 -18.76
CA ARG A 347 -15.95 47.65 -19.67
C ARG A 347 -16.81 46.67 -20.45
N LYS A 348 -16.25 45.51 -20.81
CA LYS A 348 -16.96 44.54 -21.63
C LYS A 348 -18.24 44.09 -20.96
N LEU A 349 -19.37 44.42 -21.56
CA LEU A 349 -20.67 44.07 -20.98
C LEU A 349 -20.83 42.56 -20.91
N VAL A 350 -21.29 42.06 -19.77
CA VAL A 350 -21.58 40.65 -19.60
C VAL A 350 -22.91 40.36 -20.30
N LYS A 351 -22.84 39.77 -21.49
CA LYS A 351 -24.00 39.52 -22.32
C LYS A 351 -24.57 38.13 -22.05
N ALA A 352 -25.61 37.79 -22.81
CA ALA A 352 -26.23 36.47 -22.69
C ALA A 352 -25.49 35.39 -23.46
N ASP A 353 -24.60 35.75 -24.39
CA ASP A 353 -23.85 34.74 -25.13
C ASP A 353 -22.64 34.30 -24.33
N SER A 354 -22.87 33.93 -23.07
CA SER A 354 -21.85 33.36 -22.21
C SER A 354 -22.19 31.97 -21.72
N PHE A 355 -23.44 31.53 -21.88
CA PHE A 355 -23.85 30.18 -21.53
C PHE A 355 -24.36 29.38 -22.72
N PHE A 356 -24.48 29.99 -23.90
CA PHE A 356 -24.87 29.29 -25.12
C PHE A 356 -23.67 29.24 -26.07
N MET A 357 -23.40 28.06 -26.62
CA MET A 357 -22.30 27.87 -27.56
C MET A 357 -22.93 27.70 -28.94
N ASP A 358 -23.15 28.82 -29.64
CA ASP A 358 -23.60 28.74 -31.02
C ASP A 358 -22.49 28.22 -31.94
N VAL A 359 -21.23 28.37 -31.55
CA VAL A 359 -20.10 27.83 -32.29
C VAL A 359 -19.25 27.02 -31.32
N LEU A 360 -19.13 25.73 -31.57
CA LEU A 360 -18.32 24.85 -30.74
C LEU A 360 -16.91 24.74 -31.33
N VAL A 361 -15.97 24.37 -30.48
CA VAL A 361 -14.54 24.37 -30.80
C VAL A 361 -14.05 22.94 -30.90
N VAL A 362 -13.35 22.63 -31.97
CA VAL A 362 -12.74 21.32 -32.18
C VAL A 362 -11.24 21.43 -31.94
N PRO A 363 -10.64 20.57 -31.14
CA PRO A 363 -9.20 20.62 -30.92
C PRO A 363 -8.44 20.26 -32.19
N PRO A 364 -7.18 20.67 -32.30
CA PRO A 364 -6.41 20.36 -33.51
C PRO A 364 -6.20 18.87 -33.71
N THR A 365 -5.95 18.49 -34.96
CA THR A 365 -5.72 17.08 -35.29
C THR A 365 -4.54 16.50 -34.54
N ARG A 366 -3.50 17.31 -34.32
CA ARG A 366 -2.33 16.82 -33.58
C ARG A 366 -2.74 16.36 -32.19
N PHE A 367 -3.71 17.02 -31.58
CA PHE A 367 -4.20 16.62 -30.27
C PHE A 367 -5.32 15.59 -30.34
N ARG A 368 -5.96 15.43 -31.50
CA ARG A 368 -7.04 14.47 -31.67
C ARG A 368 -6.62 13.24 -32.47
N LEU A 369 -5.31 13.00 -32.59
CA LEU A 369 -4.82 11.88 -33.37
C LEU A 369 -5.36 10.57 -32.81
N PRO A 370 -5.65 9.59 -33.66
CA PRO A 370 -6.21 8.31 -33.19
C PRO A 370 -5.11 7.39 -32.66
N SER A 371 -5.55 6.32 -32.01
CA SER A 371 -4.63 5.31 -31.53
C SER A 371 -4.09 4.50 -32.71
N LYS A 372 -3.15 3.60 -32.40
CA LYS A 372 -2.53 2.78 -33.45
C LYS A 372 -2.00 1.50 -32.83
N LEU A 373 -2.68 0.38 -33.09
CA LEU A 373 -2.16 -0.93 -32.78
C LEU A 373 -1.03 -1.27 -33.75
N GLY A 374 -0.46 -2.47 -33.60
CA GLY A 374 0.48 -2.95 -34.60
C GLY A 374 -0.13 -3.00 -35.99
N GLU A 375 -1.38 -3.41 -36.07
CA GLU A 375 -2.13 -3.42 -37.32
C GLU A 375 -3.47 -2.69 -37.21
N GLU A 376 -4.15 -2.80 -36.07
CA GLU A 376 -5.48 -2.21 -35.92
C GLU A 376 -5.39 -0.70 -35.75
N VAL A 377 -6.42 -0.01 -36.24
CA VAL A 377 -6.57 1.43 -36.08
C VAL A 377 -7.90 1.68 -35.40
N HIS A 378 -7.89 2.50 -34.34
CA HIS A 378 -9.07 2.77 -33.54
C HIS A 378 -9.41 4.24 -33.60
N GLU A 379 -10.70 4.54 -33.73
CA GLU A 379 -11.15 5.91 -33.89
C GLU A 379 -10.98 6.70 -32.59
N ASN A 380 -10.59 7.96 -32.74
CA ASN A 380 -10.51 8.87 -31.60
C ASN A 380 -11.90 9.07 -31.00
N SER A 381 -11.99 9.00 -29.67
CA SER A 381 -13.28 9.08 -29.00
C SER A 381 -13.86 10.49 -29.09
N GLN A 382 -13.03 11.51 -28.86
CA GLN A 382 -13.48 12.89 -29.01
C GLN A 382 -13.91 13.16 -30.45
N ASN A 383 -13.15 12.65 -31.42
CA ASN A 383 -13.53 12.80 -32.81
C ASN A 383 -14.86 12.11 -33.11
N GLN A 384 -15.10 10.95 -32.51
CA GLN A 384 -16.37 10.26 -32.70
C GLN A 384 -17.52 11.09 -32.14
N LEU A 385 -17.32 11.69 -30.96
CA LEU A 385 -18.37 12.53 -30.38
C LEU A 385 -18.63 13.75 -31.24
N LEU A 386 -17.57 14.36 -31.78
CA LEU A 386 -17.75 15.50 -32.67
C LEU A 386 -18.47 15.08 -33.96
N SER A 387 -18.18 13.88 -34.46
CA SER A 387 -18.87 13.37 -35.64
C SER A 387 -20.35 13.16 -35.35
N LYS A 388 -20.69 12.67 -34.16
CA LYS A 388 -22.08 12.53 -33.77
C LYS A 388 -22.77 13.91 -33.71
N VAL A 389 -22.09 14.90 -33.14
CA VAL A 389 -22.63 16.26 -33.13
C VAL A 389 -22.87 16.74 -34.55
N LEU A 390 -21.92 16.47 -35.45
CA LEU A 390 -22.09 16.83 -36.86
C LEU A 390 -23.29 16.13 -37.47
N THR A 391 -23.50 14.86 -37.11
CA THR A 391 -24.62 14.10 -37.66
C THR A 391 -25.95 14.72 -37.24
N THR A 392 -26.11 15.02 -35.95
CA THR A 392 -27.35 15.66 -35.52
C THR A 392 -27.53 17.03 -36.15
N SER A 393 -26.43 17.79 -36.25
CA SER A 393 -26.53 19.13 -36.84
C SER A 393 -26.94 19.06 -38.31
N LEU A 394 -26.37 18.11 -39.06
CA LEU A 394 -26.72 17.97 -40.47
C LEU A 394 -28.15 17.48 -40.64
N LEU A 395 -28.59 16.57 -39.76
CA LEU A 395 -29.99 16.14 -39.81
C LEU A 395 -30.93 17.31 -39.55
N ILE A 396 -30.59 18.15 -38.57
CA ILE A 396 -31.42 19.31 -38.27
C ILE A 396 -31.43 20.28 -39.44
N ARG A 397 -30.28 20.51 -40.06
CA ARG A 397 -30.21 21.40 -41.21
C ARG A 397 -31.02 20.87 -42.39
N ASP A 398 -30.97 19.55 -42.61
CA ASP A 398 -31.79 18.96 -43.66
C ASP A 398 -33.27 19.10 -43.35
N LEU A 399 -33.66 18.87 -42.09
CA LEU A 399 -35.07 18.94 -41.73
C LEU A 399 -35.61 20.36 -41.81
N ASN A 400 -34.78 21.35 -41.49
CA ASN A 400 -35.23 22.74 -41.60
C ASN A 400 -35.51 23.12 -43.04
N ASP A 401 -34.75 22.57 -43.99
CA ASP A 401 -35.07 22.78 -45.40
C ASP A 401 -36.40 22.14 -45.75
N ASP A 402 -36.71 20.97 -45.16
CA ASP A 402 -38.04 20.39 -45.30
C ASP A 402 -39.08 21.29 -44.66
N LEU A 403 -38.76 21.89 -43.52
CA LEU A 403 -39.68 22.83 -42.88
C LEU A 403 -39.97 24.02 -43.78
N SER A 404 -38.94 24.55 -44.44
CA SER A 404 -39.12 25.74 -45.27
C SER A 404 -40.00 25.44 -46.49
N LYS A 405 -39.74 24.32 -47.17
CA LYS A 405 -40.53 23.99 -48.35
C LYS A 405 -41.99 23.72 -47.99
N LEU A 406 -42.23 23.02 -46.89
CA LEU A 406 -43.59 22.82 -46.41
C LEU A 406 -44.20 24.08 -45.84
N GLN A 407 -43.39 25.12 -45.59
CA GLN A 407 -43.89 26.42 -45.16
C GLN A 407 -44.39 27.27 -46.31
N LYS A 408 -44.09 26.90 -47.56
CA LYS A 408 -44.57 27.68 -48.70
C LYS A 408 -46.09 27.69 -48.75
N ASP A 409 -46.73 26.55 -48.49
CA ASP A 409 -48.18 26.45 -48.42
C ASP A 409 -48.56 25.72 -47.15
N LYS A 410 -49.67 26.14 -46.54
CA LYS A 410 -50.16 25.49 -45.34
C LYS A 410 -50.46 24.02 -45.63
N VAL A 411 -49.79 23.14 -44.90
CA VAL A 411 -49.86 21.71 -45.15
C VAL A 411 -50.78 21.07 -44.11
N SER A 412 -51.07 19.79 -44.32
CA SER A 412 -51.92 19.06 -43.38
C SER A 412 -51.38 19.15 -41.96
N LEU A 413 -52.30 19.19 -40.99
CA LEU A 413 -51.91 19.33 -39.60
C LEU A 413 -50.95 18.23 -39.17
N GLU A 414 -51.11 17.03 -39.72
CA GLU A 414 -50.23 15.92 -39.36
C GLU A 414 -48.79 16.19 -39.78
N ASP A 415 -48.59 16.71 -41.00
CA ASP A 415 -47.23 16.87 -41.53
C ASP A 415 -46.44 17.92 -40.74
N ARG A 416 -47.03 19.10 -40.54
CA ARG A 416 -46.32 20.13 -39.79
C ARG A 416 -46.10 19.70 -38.35
N ARG A 417 -47.09 19.03 -37.76
CA ARG A 417 -46.93 18.56 -36.39
C ARG A 417 -45.79 17.55 -36.28
N VAL A 418 -45.69 16.61 -37.23
CA VAL A 418 -44.66 15.59 -37.13
C VAL A 418 -43.28 16.19 -37.39
N ILE A 419 -43.17 17.12 -38.35
CA ILE A 419 -41.86 17.71 -38.60
C ILE A 419 -41.42 18.60 -37.44
N PHE A 420 -42.36 19.32 -36.82
CA PHE A 420 -42.00 20.12 -35.66
C PHE A 420 -41.66 19.26 -34.46
N SER A 421 -42.34 18.11 -34.31
CA SER A 421 -41.96 17.18 -33.25
C SER A 421 -40.57 16.61 -33.49
N ARG A 422 -40.24 16.33 -34.75
CA ARG A 422 -38.89 15.87 -35.07
C ARG A 422 -37.86 16.94 -34.77
N LEU A 423 -38.17 18.21 -35.07
CA LEU A 423 -37.27 19.29 -34.67
C LEU A 423 -37.13 19.36 -33.16
N MET A 424 -38.23 19.16 -32.43
CA MET A 424 -38.19 19.22 -30.97
C MET A 424 -37.27 18.15 -30.40
N ASN A 425 -37.48 16.90 -30.80
CA ASN A 425 -36.64 15.84 -30.25
C ASN A 425 -35.23 15.88 -30.83
N ALA A 426 -35.03 16.50 -32.00
CA ALA A 426 -33.68 16.71 -32.50
C ALA A 426 -32.93 17.73 -31.67
N PHE A 427 -33.61 18.80 -31.26
CA PHE A 427 -32.99 19.75 -30.34
C PHE A 427 -32.70 19.10 -28.99
N VAL A 428 -33.62 18.26 -28.51
CA VAL A 428 -33.39 17.55 -27.27
C VAL A 428 -32.17 16.63 -27.39
N THR A 429 -32.06 15.91 -28.51
CA THR A 429 -30.95 14.97 -28.66
C THR A 429 -29.63 15.70 -28.92
N ILE A 430 -29.66 16.88 -29.55
CA ILE A 430 -28.41 17.63 -29.70
C ILE A 430 -27.98 18.22 -28.36
N GLN A 431 -28.93 18.61 -27.52
CA GLN A 431 -28.59 19.01 -26.16
C GLN A 431 -27.96 17.86 -25.39
N ASN A 432 -28.57 16.67 -25.49
CA ASN A 432 -27.98 15.49 -24.85
C ASN A 432 -26.63 15.15 -25.45
N ASP A 433 -26.45 15.41 -26.74
CA ASP A 433 -25.18 15.12 -27.40
C ASP A 433 -24.07 16.03 -26.88
N VAL A 434 -24.35 17.33 -26.77
CA VAL A 434 -23.36 18.24 -26.20
C VAL A 434 -23.10 17.92 -24.73
N ASN A 435 -24.15 17.55 -24.00
CA ASN A 435 -23.98 17.17 -22.60
C ASN A 435 -23.08 15.95 -22.47
N ALA A 436 -23.26 14.95 -23.34
CA ALA A 436 -22.40 13.78 -23.31
C ALA A 436 -20.99 14.11 -23.79
N PHE A 437 -20.87 15.04 -24.74
CA PHE A 437 -19.56 15.45 -25.22
C PHE A 437 -18.75 16.10 -24.12
N ILE A 438 -19.39 16.87 -23.25
CA ILE A 438 -18.69 17.48 -22.13
C ILE A 438 -18.51 16.48 -20.99
N ASP A 439 -19.61 15.98 -20.44
CA ASP A 439 -19.58 15.07 -19.30
C ASP A 439 -20.27 13.76 -19.66
N SER A 440 -19.66 12.65 -19.24
CA SER A 440 -20.20 11.34 -19.58
C SER A 440 -21.41 10.96 -18.74
N THR A 441 -21.45 11.40 -17.47
CA THR A 441 -22.53 10.98 -16.58
C THR A 441 -23.88 11.55 -17.01
N LYS A 442 -23.88 12.79 -17.53
CA LYS A 442 -25.13 13.43 -17.90
C LYS A 442 -25.84 12.74 -19.06
N ALA A 443 -25.17 11.87 -19.79
CA ALA A 443 -25.80 11.16 -20.90
C ALA A 443 -26.94 10.28 -20.38
N GLN A 444 -28.05 10.27 -21.11
CA GLN A 444 -29.24 9.53 -20.73
C GLN A 444 -29.53 8.47 -21.78
N GLY A 445 -29.77 7.23 -21.32
CA GLY A 445 -30.11 6.15 -22.22
C GLY A 445 -29.06 5.08 -22.33
N ARG A 446 -29.28 3.95 -21.65
CA ARG A 446 -28.37 2.82 -21.72
C ARG A 446 -29.08 1.59 -21.19
N THR A 447 -29.21 0.56 -22.03
CA THR A 447 -29.81 -0.71 -21.62
C THR A 447 -28.77 -1.80 -21.43
N SER A 448 -27.98 -2.10 -22.45
CA SER A 448 -26.86 -3.03 -22.33
C SER A 448 -25.53 -2.35 -22.60
N GLY A 449 -25.35 -1.75 -23.77
CA GLY A 449 -24.14 -1.04 -24.13
C GLY A 449 -22.88 -1.89 -24.03
N LYS A 450 -21.76 -1.21 -24.19
CA LYS A 450 -20.45 -1.82 -23.95
C LYS A 450 -19.57 -0.98 -23.04
N VAL A 451 -19.62 0.35 -23.16
CA VAL A 451 -18.80 1.25 -22.36
C VAL A 451 -19.33 2.67 -22.51
N PRO A 452 -19.48 3.42 -21.41
CA PRO A 452 -19.86 4.84 -21.52
C PRO A 452 -18.63 5.68 -21.84
N ILE A 453 -18.65 6.32 -23.01
CA ILE A 453 -17.49 7.09 -23.47
C ILE A 453 -17.28 8.30 -22.57
N PRO A 454 -16.07 8.53 -22.07
CA PRO A 454 -15.83 9.70 -21.21
C PRO A 454 -15.75 10.99 -22.03
N GLY A 455 -16.23 12.07 -21.42
CA GLY A 455 -16.23 13.37 -22.05
C GLY A 455 -15.03 14.22 -21.68
N VAL A 456 -15.06 15.47 -22.14
CA VAL A 456 -13.95 16.39 -21.89
C VAL A 456 -13.79 16.64 -20.39
N LYS A 457 -14.92 16.84 -19.70
CA LYS A 457 -14.88 17.03 -18.25
C LYS A 457 -14.31 15.79 -17.56
N GLN A 458 -14.59 14.60 -18.10
CA GLN A 458 -14.03 13.38 -17.55
C GLN A 458 -12.53 13.26 -17.78
N ALA A 459 -11.97 14.09 -18.67
CA ALA A 459 -10.55 14.05 -18.97
C ALA A 459 -9.73 14.96 -18.04
N LEU A 460 -10.38 15.73 -17.17
CA LEU A 460 -9.65 16.63 -16.28
C LEU A 460 -10.19 16.61 -14.85
N GLU A 461 -10.90 15.56 -14.44
CA GLU A 461 -11.61 15.58 -13.18
C GLU A 461 -11.00 14.65 -12.13
N LYS A 462 -10.87 13.37 -12.43
CA LYS A 462 -10.47 12.39 -11.43
C LYS A 462 -8.95 12.36 -11.30
N LYS A 463 -8.45 11.36 -10.57
CA LYS A 463 -7.00 11.19 -10.45
C LYS A 463 -6.36 10.92 -11.80
N GLU A 464 -7.03 10.14 -12.64
CA GLU A 464 -6.55 9.88 -13.99
C GLU A 464 -6.67 11.11 -14.89
N GLY A 465 -7.26 12.19 -14.40
CA GLY A 465 -7.39 13.40 -15.20
C GLY A 465 -6.05 14.01 -15.55
N LEU A 466 -6.10 14.96 -16.48
CA LEU A 466 -4.87 15.55 -16.98
C LEU A 466 -4.10 16.28 -15.89
N PHE A 467 -4.81 16.90 -14.94
CA PHE A 467 -4.15 17.69 -13.90
C PHE A 467 -3.23 16.83 -13.05
N ARG A 468 -3.80 15.91 -12.26
CA ARG A 468 -3.04 15.14 -11.30
C ARG A 468 -2.09 14.15 -11.96
N LYS A 469 -2.24 13.88 -13.25
CA LYS A 469 -1.43 12.88 -13.93
C LYS A 469 -0.37 13.45 -14.85
N HIS A 470 -0.54 14.68 -15.33
CA HIS A 470 0.39 15.25 -16.28
C HIS A 470 0.81 16.69 -15.97
N MET A 471 0.38 17.24 -14.85
CA MET A 471 0.91 18.56 -14.50
C MET A 471 1.47 18.63 -13.09
N MET A 472 0.86 17.94 -12.14
CA MET A 472 1.46 17.83 -10.81
C MET A 472 2.55 16.77 -10.77
N GLY A 473 2.70 15.99 -11.83
CA GLY A 473 3.79 15.02 -11.92
C GLY A 473 3.89 14.40 -13.29
N LYS A 474 5.08 14.39 -13.88
CA LYS A 474 5.29 13.88 -15.22
C LYS A 474 6.45 12.90 -15.21
N ARG A 475 6.44 12.02 -16.22
CA ARG A 475 7.59 11.16 -16.44
C ARG A 475 8.80 12.00 -16.83
N VAL A 476 9.98 11.54 -16.45
CA VAL A 476 11.18 12.36 -16.56
C VAL A 476 12.23 11.68 -17.42
N ASN A 477 13.03 12.51 -18.08
CA ASN A 477 14.21 12.05 -18.80
C ASN A 477 15.41 12.02 -17.87
N TYR A 478 16.44 11.30 -18.30
CA TYR A 478 17.69 11.16 -17.53
C TYR A 478 17.41 10.67 -16.12
N ALA A 479 16.81 9.48 -16.04
CA ALA A 479 16.47 8.89 -14.76
C ALA A 479 16.35 7.39 -14.93
N ALA A 480 16.77 6.66 -13.89
CA ALA A 480 16.80 5.21 -13.91
C ALA A 480 16.11 4.66 -12.67
N ARG A 481 15.90 3.35 -12.68
CA ARG A 481 15.26 2.66 -11.56
C ARG A 481 15.71 1.21 -11.57
N SER A 482 16.21 0.74 -10.43
CA SER A 482 16.67 -0.63 -10.29
C SER A 482 16.68 -1.00 -8.82
N VAL A 483 17.11 -2.24 -8.55
CA VAL A 483 17.18 -2.74 -7.19
C VAL A 483 18.42 -2.17 -6.50
N ILE A 484 18.34 -2.01 -5.19
CA ILE A 484 19.41 -1.45 -4.38
C ILE A 484 20.03 -2.57 -3.56
N SER A 485 21.35 -2.71 -3.64
CA SER A 485 22.06 -3.68 -2.84
C SER A 485 23.04 -2.97 -1.91
N PRO A 486 23.14 -3.40 -0.65
CA PRO A 486 23.93 -2.65 0.33
C PRO A 486 25.43 -2.79 0.10
N ASP A 487 26.18 -1.80 0.62
CA ASP A 487 27.62 -1.78 0.43
C ASP A 487 28.35 -0.94 1.48
N PRO A 488 28.75 -1.54 2.61
CA PRO A 488 29.59 -0.80 3.57
C PRO A 488 31.00 -0.48 3.06
N ASN A 489 31.10 0.10 1.86
CA ASN A 489 32.40 0.55 1.38
C ASN A 489 32.27 1.88 0.63
N ILE A 490 31.16 2.57 0.81
CA ILE A 490 30.92 3.89 0.24
C ILE A 490 30.62 4.83 1.41
N GLU A 491 31.10 6.06 1.32
CA GLU A 491 31.16 6.92 2.51
C GLU A 491 29.82 7.55 2.86
N THR A 492 28.78 6.73 2.96
CA THR A 492 27.47 7.10 3.53
C THR A 492 26.88 8.36 2.91
N ASN A 493 27.48 8.84 1.82
CA ASN A 493 26.97 9.96 1.09
C ASN A 493 27.12 9.78 -0.42
N GLU A 494 27.61 8.62 -0.87
CA GLU A 494 27.67 8.29 -2.27
C GLU A 494 26.67 7.18 -2.59
N ILE A 495 26.57 6.87 -3.87
CA ILE A 495 25.72 5.79 -4.35
C ILE A 495 26.55 4.93 -5.30
N GLY A 496 26.25 3.64 -5.31
CA GLY A 496 26.96 2.75 -6.20
C GLY A 496 26.26 2.59 -7.53
N VAL A 497 26.72 3.31 -8.54
CA VAL A 497 26.09 3.30 -9.87
C VAL A 497 26.75 2.19 -10.68
N PRO A 498 25.99 1.17 -11.10
CA PRO A 498 26.57 0.14 -11.96
C PRO A 498 26.95 0.72 -13.30
N PRO A 499 27.94 0.13 -13.98
CA PRO A 499 28.38 0.68 -15.27
C PRO A 499 27.31 0.69 -16.34
N VAL A 500 26.29 -0.18 -16.24
CA VAL A 500 25.21 -0.14 -17.21
C VAL A 500 24.41 1.15 -17.08
N PHE A 501 24.26 1.66 -15.86
CA PHE A 501 23.73 3.01 -15.69
C PHE A 501 24.71 4.06 -16.19
N ALA A 502 25.98 3.89 -15.86
CA ALA A 502 27.00 4.91 -16.16
C ALA A 502 27.27 5.05 -17.64
N VAL A 503 26.76 4.15 -18.49
CA VAL A 503 26.92 4.30 -19.93
C VAL A 503 25.69 4.91 -20.59
N LYS A 504 24.60 5.09 -19.87
CA LYS A 504 23.37 5.66 -20.41
C LYS A 504 23.14 7.09 -19.97
N LEU A 505 23.14 7.36 -18.66
CA LEU A 505 22.90 8.71 -18.17
C LEU A 505 24.06 9.62 -18.54
N THR A 506 23.73 10.82 -19.02
CA THR A 506 24.74 11.79 -19.43
C THR A 506 24.43 13.15 -18.82
N TYR A 507 25.44 13.99 -18.79
CA TYR A 507 25.33 15.37 -18.37
C TYR A 507 25.89 16.27 -19.46
N PRO A 508 25.21 17.38 -19.77
CA PRO A 508 25.67 18.25 -20.87
C PRO A 508 26.72 19.26 -20.43
N GLU A 509 27.92 18.77 -20.15
CA GLU A 509 29.02 19.65 -19.75
C GLU A 509 29.46 20.50 -20.95
N PRO A 510 29.48 21.82 -20.82
CA PRO A 510 29.96 22.65 -21.93
C PRO A 510 31.47 22.73 -21.96
N VAL A 511 32.02 22.70 -23.18
CA VAL A 511 33.47 22.77 -23.34
C VAL A 511 33.95 24.18 -23.04
N THR A 512 35.21 24.28 -22.63
CA THR A 512 35.78 25.55 -22.17
C THR A 512 37.30 25.40 -22.12
N ALA A 513 37.97 26.44 -21.59
CA ALA A 513 39.43 26.46 -21.60
C ALA A 513 40.04 25.57 -20.51
N TYR A 514 39.28 25.19 -19.49
CA TYR A 514 39.80 24.30 -18.46
C TYR A 514 39.21 22.89 -18.51
N ASN A 515 38.05 22.71 -19.13
CA ASN A 515 37.46 21.39 -19.27
C ASN A 515 37.86 20.69 -20.55
N ILE A 516 38.73 21.30 -21.36
CA ILE A 516 39.01 20.78 -22.70
C ILE A 516 39.69 19.42 -22.62
N ALA A 517 40.65 19.24 -21.70
CA ALA A 517 41.39 17.98 -21.65
C ALA A 517 40.49 16.83 -21.23
N GLU A 518 39.74 17.00 -20.12
CA GLU A 518 38.88 15.93 -19.64
C GLU A 518 37.78 15.62 -20.64
N LEU A 519 37.16 16.65 -21.22
CA LEU A 519 36.10 16.41 -22.20
C LEU A 519 36.65 15.79 -23.47
N ARG A 520 37.85 16.18 -23.88
CA ARG A 520 38.48 15.53 -25.03
C ARG A 520 38.73 14.06 -24.75
N GLN A 521 39.19 13.74 -23.54
CA GLN A 521 39.40 12.34 -23.17
C GLN A 521 38.08 11.56 -23.19
N ALA A 522 37.01 12.17 -22.67
CA ALA A 522 35.71 11.49 -22.68
C ALA A 522 35.23 11.26 -24.10
N VAL A 523 35.39 12.25 -24.98
CA VAL A 523 34.97 12.10 -26.37
C VAL A 523 35.77 10.99 -27.05
N ILE A 524 37.08 10.96 -26.81
CA ILE A 524 37.92 9.92 -27.40
C ILE A 524 37.50 8.55 -26.89
N ASN A 525 37.17 8.45 -25.60
CA ASN A 525 36.69 7.19 -25.05
C ASN A 525 35.40 6.74 -25.74
N GLY A 526 34.47 7.67 -25.94
CA GLY A 526 33.26 7.36 -26.67
C GLY A 526 32.16 6.80 -25.79
N PRO A 527 31.03 6.46 -26.41
CA PRO A 527 29.84 6.08 -25.63
C PRO A 527 29.93 4.71 -24.97
N ASP A 528 30.93 3.90 -25.30
CA ASP A 528 31.01 2.53 -24.79
C ASP A 528 31.98 2.38 -23.63
N LYS A 529 33.05 3.17 -23.60
CA LYS A 529 34.09 3.05 -22.58
C LYS A 529 33.88 4.14 -21.54
N TRP A 530 33.51 3.75 -20.33
CA TRP A 530 33.36 4.71 -19.25
C TRP A 530 34.73 5.15 -18.73
N PRO A 531 34.93 6.44 -18.48
CA PRO A 531 34.01 7.56 -18.71
C PRO A 531 34.01 7.98 -20.17
N GLY A 532 32.87 8.39 -20.73
CA GLY A 532 32.83 8.69 -22.14
C GLY A 532 31.67 9.60 -22.49
N ALA A 533 31.64 9.99 -23.76
CA ALA A 533 30.66 10.93 -24.27
C ALA A 533 29.76 10.24 -25.29
N THR A 534 28.48 10.63 -25.31
CA THR A 534 27.51 10.08 -26.25
C THR A 534 27.14 11.07 -27.34
N GLN A 535 26.85 12.32 -26.97
CA GLN A 535 26.46 13.34 -27.95
C GLN A 535 27.35 14.57 -27.78
N ILE A 536 27.73 15.16 -28.91
CA ILE A 536 28.46 16.43 -28.91
C ILE A 536 27.54 17.51 -29.46
N GLN A 537 26.83 18.19 -28.57
CA GLN A 537 25.88 19.22 -28.98
C GLN A 537 26.62 20.50 -29.33
N ASN A 538 26.53 20.90 -30.60
CA ASN A 538 27.16 22.14 -31.02
C ASN A 538 26.40 23.34 -30.45
N GLU A 539 26.89 24.53 -30.76
CA GLU A 539 26.24 25.74 -30.28
C GLU A 539 24.83 25.89 -30.85
N ASP A 540 24.67 25.61 -32.15
CA ASP A 540 23.35 25.73 -32.78
C ASP A 540 22.60 24.40 -32.77
N GLY A 541 22.51 23.79 -31.58
CA GLY A 541 21.68 22.62 -31.36
C GLY A 541 21.83 21.45 -32.31
N SER A 542 22.93 21.41 -33.07
CA SER A 542 23.17 20.32 -34.02
C SER A 542 23.82 19.16 -33.27
N LEU A 543 22.98 18.33 -32.66
CA LEU A 543 23.46 17.23 -31.82
C LEU A 543 24.14 16.19 -32.69
N VAL A 544 25.48 16.14 -32.64
CA VAL A 544 26.25 15.14 -33.35
C VAL A 544 26.44 13.95 -32.42
N SER A 545 25.74 12.85 -32.70
CA SER A 545 25.81 11.67 -31.87
C SER A 545 27.05 10.86 -32.19
N LEU A 546 27.64 10.27 -31.14
CA LEU A 546 28.86 9.48 -31.27
C LEU A 546 28.60 7.98 -31.27
N ILE A 547 27.33 7.56 -31.38
CA ILE A 547 27.01 6.15 -31.28
C ILE A 547 27.61 5.38 -32.46
N GLY A 548 27.49 5.92 -33.67
CA GLY A 548 27.89 5.19 -34.85
C GLY A 548 29.14 5.71 -35.54
N MET A 549 30.10 6.21 -34.78
CA MET A 549 31.35 6.69 -35.34
C MET A 549 32.51 5.89 -34.79
N SER A 550 33.61 5.86 -35.53
CA SER A 550 34.78 5.07 -35.17
C SER A 550 35.79 5.92 -34.42
N VAL A 551 36.94 5.30 -34.10
CA VAL A 551 37.92 5.93 -33.22
C VAL A 551 38.54 7.15 -33.89
N GLU A 552 38.89 7.04 -35.18
CA GLU A 552 39.50 8.17 -35.86
C GLU A 552 38.53 9.35 -35.98
N GLN A 553 37.26 9.07 -36.26
CA GLN A 553 36.26 10.13 -36.29
C GLN A 553 36.12 10.79 -34.93
N ARG A 554 36.07 9.99 -33.87
CA ARG A 554 35.97 10.56 -32.52
C ARG A 554 37.18 11.41 -32.19
N LYS A 555 38.37 10.94 -32.58
CA LYS A 555 39.59 11.70 -32.32
C LYS A 555 39.58 13.04 -33.06
N ALA A 556 39.17 13.03 -34.32
CA ALA A 556 39.09 14.28 -35.08
C ALA A 556 38.08 15.24 -34.45
N LEU A 557 36.92 14.71 -34.04
CA LEU A 557 35.91 15.56 -33.42
C LEU A 557 36.42 16.15 -32.11
N ALA A 558 37.12 15.34 -31.31
CA ALA A 558 37.71 15.86 -30.08
C ALA A 558 38.74 16.95 -30.37
N ASN A 559 39.57 16.74 -31.40
CA ASN A 559 40.54 17.76 -31.76
C ASN A 559 39.90 19.01 -32.34
N GLN A 560 38.65 18.91 -32.78
CA GLN A 560 37.90 20.07 -33.25
C GLN A 560 36.87 20.55 -32.23
N LEU A 561 37.08 20.26 -30.95
CA LEU A 561 36.09 20.61 -29.94
C LEU A 561 36.05 22.11 -29.68
N LEU A 562 37.22 22.74 -29.55
CA LEU A 562 37.32 24.15 -29.18
C LEU A 562 37.89 24.92 -30.37
N THR A 563 37.01 25.45 -31.20
CA THR A 563 37.37 26.27 -32.34
C THR A 563 36.45 27.48 -32.40
N PRO A 564 36.93 28.62 -32.90
CA PRO A 564 36.05 29.78 -33.05
C PRO A 564 34.89 29.48 -33.99
N SER A 565 33.74 30.08 -33.68
CA SER A 565 32.52 29.87 -34.44
C SER A 565 32.34 31.00 -35.45
N SER A 566 32.08 30.63 -36.70
CA SER A 566 31.92 31.64 -37.75
C SER A 566 30.69 32.50 -37.51
N ASN A 567 29.58 31.89 -37.10
CA ASN A 567 28.35 32.64 -36.92
C ASN A 567 28.46 33.56 -35.71
N VAL A 568 28.18 34.84 -35.92
CA VAL A 568 28.26 35.82 -34.83
C VAL A 568 27.15 35.57 -33.81
N SER A 569 25.97 35.16 -34.28
CA SER A 569 24.86 34.89 -33.36
C SER A 569 25.19 33.75 -32.40
N THR A 570 26.11 32.86 -32.79
CA THR A 570 26.55 31.77 -31.93
C THR A 570 27.96 31.98 -31.39
N HIS A 571 28.55 33.16 -31.63
CA HIS A 571 29.91 33.42 -31.19
C HIS A 571 30.02 33.59 -29.69
N THR A 572 28.90 33.68 -28.97
CA THR A 572 28.89 33.79 -27.52
C THR A 572 28.67 32.45 -26.83
N LEU A 573 28.70 31.35 -27.57
CA LEU A 573 28.42 30.03 -27.04
C LEU A 573 29.55 29.07 -27.42
N ASN A 574 29.51 27.89 -26.81
CA ASN A 574 30.49 26.84 -27.07
C ASN A 574 29.81 25.49 -26.98
N LYS A 575 30.44 24.50 -27.62
CA LYS A 575 29.84 23.18 -27.73
C LYS A 575 29.69 22.51 -26.37
N LYS A 576 28.66 21.68 -26.25
CA LYS A 576 28.40 20.92 -25.04
C LYS A 576 28.61 19.44 -25.32
N VAL A 577 29.32 18.76 -24.43
CA VAL A 577 29.60 17.34 -24.55
C VAL A 577 28.74 16.61 -23.53
N TYR A 578 27.93 15.66 -24.02
CA TYR A 578 27.05 14.88 -23.14
C TYR A 578 27.83 13.73 -22.50
N ARG A 579 28.82 14.11 -21.70
CA ARG A 579 29.71 13.13 -21.08
C ARG A 579 28.94 12.23 -20.12
N HIS A 580 29.44 11.01 -19.96
CA HIS A 580 28.82 10.06 -19.04
C HIS A 580 28.83 10.61 -17.63
N ILE A 581 28.00 10.02 -16.78
CA ILE A 581 27.93 10.43 -15.38
C ILE A 581 29.25 10.03 -14.72
N LYS A 582 30.09 11.02 -14.44
CA LYS A 582 31.43 10.80 -13.93
C LYS A 582 31.35 10.44 -12.45
N ASN A 583 32.47 10.51 -11.74
CA ASN A 583 32.50 10.25 -10.31
C ASN A 583 32.18 11.48 -9.47
N ARG A 584 32.23 12.68 -10.05
CA ARG A 584 32.07 13.92 -9.32
C ARG A 584 30.64 14.44 -9.33
N ASP A 585 29.73 13.76 -10.02
CA ASP A 585 28.37 14.26 -10.17
C ASP A 585 27.55 13.92 -8.92
N VAL A 586 26.24 14.17 -8.99
CA VAL A 586 25.34 13.94 -7.86
C VAL A 586 23.97 13.59 -8.42
N VAL A 587 23.31 12.63 -7.78
CA VAL A 587 22.00 12.16 -8.21
C VAL A 587 21.03 12.24 -7.05
N LEU A 588 19.75 12.05 -7.36
CA LEU A 588 18.67 12.08 -6.38
C LEU A 588 18.01 10.70 -6.34
N MET A 589 17.77 10.19 -5.14
CA MET A 589 17.19 8.87 -4.94
C MET A 589 15.88 8.98 -4.19
N ASN A 590 14.94 8.09 -4.49
CA ASN A 590 13.60 8.17 -3.92
C ASN A 590 12.99 6.77 -3.86
N ARG A 591 12.40 6.44 -2.71
CA ARG A 591 11.82 5.12 -2.44
C ARG A 591 10.33 5.34 -2.21
N GLN A 592 9.55 5.15 -3.26
CA GLN A 592 8.12 5.46 -3.18
C GLN A 592 7.46 4.56 -2.15
N PRO A 593 6.48 5.06 -1.38
CA PRO A 593 5.95 6.44 -1.41
C PRO A 593 6.88 7.42 -0.72
N THR A 594 7.01 8.63 -1.26
CA THR A 594 7.86 9.66 -0.67
C THR A 594 7.06 10.34 0.44
N LEU A 595 6.92 9.62 1.57
CA LEU A 595 6.05 10.09 2.65
C LEU A 595 6.54 11.40 3.24
N HIS A 596 7.85 11.53 3.45
CA HIS A 596 8.42 12.73 4.03
C HIS A 596 9.70 13.11 3.31
N LYS A 597 10.33 14.18 3.78
CA LYS A 597 11.42 14.81 3.05
C LYS A 597 12.59 13.86 2.83
N ALA A 598 12.96 13.11 3.87
CA ALA A 598 14.15 12.28 3.81
C ALA A 598 14.03 11.17 2.76
N SER A 599 12.82 10.83 2.34
CA SER A 599 12.66 9.83 1.30
C SER A 599 13.12 10.30 -0.07
N MET A 600 13.70 11.50 -0.16
CA MET A 600 14.27 11.98 -1.42
C MET A 600 15.48 12.85 -1.06
N MET A 601 16.66 12.25 -1.05
CA MET A 601 17.91 12.96 -0.81
C MET A 601 18.70 13.12 -2.10
N GLY A 602 19.90 13.64 -1.95
CA GLY A 602 20.87 13.67 -3.03
C GLY A 602 22.17 13.02 -2.61
N HIS A 603 22.50 11.90 -3.22
CA HIS A 603 23.72 11.17 -2.93
C HIS A 603 24.77 11.49 -3.98
N LYS A 604 26.03 11.47 -3.57
CA LYS A 604 27.09 11.55 -4.55
C LYS A 604 27.15 10.24 -5.34
N VAL A 605 27.94 10.27 -6.41
CA VAL A 605 27.99 9.15 -7.34
C VAL A 605 29.34 8.44 -7.20
N ARG A 606 29.28 7.11 -7.14
CA ARG A 606 30.46 6.26 -7.12
C ARG A 606 30.24 5.14 -8.12
N VAL A 607 31.08 5.07 -9.14
CA VAL A 607 30.88 4.14 -10.26
C VAL A 607 31.67 2.87 -9.94
N LEU A 608 30.96 1.82 -9.51
CA LEU A 608 31.58 0.54 -9.24
C LEU A 608 31.50 -0.31 -10.50
N PRO A 609 32.63 -0.64 -11.13
CA PRO A 609 32.56 -1.33 -12.43
C PRO A 609 32.43 -2.84 -12.30
N ASN A 610 31.55 -3.31 -11.41
CA ASN A 610 31.34 -4.74 -11.23
C ASN A 610 29.91 -5.17 -11.47
N GLU A 611 28.95 -4.51 -10.84
CA GLU A 611 27.61 -5.06 -10.68
C GLU A 611 26.63 -4.43 -11.67
N LYS A 612 25.34 -4.77 -11.51
CA LYS A 612 24.28 -4.21 -12.33
C LYS A 612 23.13 -3.67 -11.47
N THR A 613 23.36 -3.44 -10.18
CA THR A 613 22.36 -2.87 -9.29
C THR A 613 22.95 -1.68 -8.55
N LEU A 614 22.06 -0.80 -8.09
CA LEU A 614 22.49 0.36 -7.31
C LEU A 614 23.02 -0.09 -5.95
N ARG A 615 24.10 0.53 -5.50
CA ARG A 615 24.72 0.21 -4.22
C ARG A 615 24.58 1.37 -3.25
N LEU A 616 24.02 1.09 -2.08
CA LEU A 616 23.65 2.10 -1.10
C LEU A 616 24.16 1.72 0.27
N HIS A 617 24.67 2.70 1.02
CA HIS A 617 25.18 2.46 2.36
C HIS A 617 24.03 2.12 3.31
N TYR A 618 24.38 1.62 4.51
CA TYR A 618 23.35 1.19 5.44
C TYR A 618 22.73 2.32 6.25
N ALA A 619 23.40 3.47 6.34
CA ALA A 619 22.85 4.55 7.14
C ALA A 619 21.56 5.11 6.56
N ASN A 620 21.33 4.93 5.26
CA ASN A 620 20.19 5.52 4.57
C ASN A 620 18.92 4.68 4.68
N THR A 621 19.00 3.42 5.12
CA THR A 621 17.80 2.59 5.17
C THR A 621 16.78 3.15 6.14
N GLY A 622 17.23 3.56 7.33
CA GLY A 622 16.29 4.11 8.30
C GLY A 622 15.61 5.37 7.82
N ALA A 623 16.36 6.24 7.12
CA ALA A 623 15.78 7.48 6.61
C ALA A 623 14.80 7.20 5.47
N TYR A 624 15.20 6.38 4.50
CA TYR A 624 14.32 6.05 3.40
C TYR A 624 13.14 5.18 3.82
N ASN A 625 13.17 4.62 5.03
CA ASN A 625 12.25 3.55 5.43
C ASN A 625 12.30 2.42 4.42
N ALA A 626 13.43 2.30 3.74
CA ALA A 626 13.62 1.30 2.70
C ALA A 626 14.02 -0.01 3.34
N ASP A 627 14.36 -0.99 2.52
CA ASP A 627 14.70 -2.30 3.03
C ASP A 627 15.90 -2.75 2.19
N PHE A 628 16.15 -4.04 2.17
CA PHE A 628 16.74 -4.67 1.00
C PHE A 628 15.88 -5.86 0.59
N ASP A 629 14.57 -5.66 0.68
CA ASP A 629 13.56 -6.63 0.32
C ASP A 629 13.34 -6.61 -1.19
N GLY A 630 14.42 -6.64 -1.95
CA GLY A 630 14.30 -6.38 -3.37
C GLY A 630 13.73 -5.03 -3.72
N ASP A 631 13.86 -4.05 -2.82
CA ASP A 631 13.32 -2.72 -3.10
C ASP A 631 13.97 -2.15 -4.34
N GLU A 632 13.19 -1.44 -5.13
CA GLU A 632 13.69 -0.70 -6.27
C GLU A 632 13.38 0.77 -6.05
N MET A 633 14.41 1.61 -6.15
CA MET A 633 14.23 3.04 -5.97
C MET A 633 14.80 3.77 -7.17
N ASN A 634 14.22 4.94 -7.45
CA ASN A 634 14.58 5.70 -8.62
C ASN A 634 15.93 6.38 -8.44
N MET A 635 16.41 6.99 -9.53
CA MET A 635 17.67 7.73 -9.48
C MET A 635 17.60 8.82 -10.55
N HIS A 636 17.29 10.04 -10.13
CA HIS A 636 17.23 11.17 -11.04
C HIS A 636 18.61 11.80 -11.17
N PHE A 637 18.93 12.24 -12.38
CA PHE A 637 20.22 12.88 -12.67
C PHE A 637 19.98 14.32 -13.12
N PRO A 638 20.12 15.30 -12.23
CA PRO A 638 19.92 16.69 -12.64
C PRO A 638 20.96 17.12 -13.67
N GLN A 639 20.54 18.04 -14.55
CA GLN A 639 21.31 18.36 -15.75
C GLN A 639 21.84 19.78 -15.82
N ASN A 640 21.43 20.68 -14.92
CA ASN A 640 21.93 22.04 -14.92
C ASN A 640 22.63 22.33 -13.60
N GLU A 641 23.61 23.24 -13.66
CA GLU A 641 24.44 23.52 -12.49
C GLU A 641 23.61 24.05 -11.32
N ASN A 642 22.52 24.76 -11.60
CA ASN A 642 21.62 25.16 -10.53
C ASN A 642 21.13 23.94 -9.75
N ALA A 643 20.60 22.95 -10.45
CA ALA A 643 20.10 21.76 -9.77
C ALA A 643 21.22 20.98 -9.11
N ARG A 644 22.39 20.92 -9.76
CA ARG A 644 23.52 20.22 -9.16
C ARG A 644 23.90 20.83 -7.82
N ALA A 645 24.11 22.14 -7.78
CA ALA A 645 24.47 22.81 -6.54
C ALA A 645 23.34 22.76 -5.52
N GLU A 646 22.09 22.80 -6.00
CA GLU A 646 20.96 22.81 -5.08
C GLU A 646 20.78 21.46 -4.40
N ALA A 647 21.04 20.37 -5.12
CA ALA A 647 21.01 19.04 -4.51
C ALA A 647 22.23 18.76 -3.67
N LEU A 648 23.39 19.30 -4.06
CA LEU A 648 24.62 19.04 -3.33
C LEU A 648 24.67 19.72 -1.97
N ASN A 649 23.91 20.80 -1.78
CA ASN A 649 23.97 21.59 -0.56
C ASN A 649 22.69 21.51 0.26
N LEU A 650 21.52 21.70 -0.37
CA LEU A 650 20.27 21.68 0.36
C LEU A 650 19.72 20.27 0.55
N ALA A 651 19.73 19.46 -0.50
CA ALA A 651 19.11 18.14 -0.47
C ALA A 651 20.09 17.02 -0.18
N ASN A 652 21.36 17.33 0.08
CA ASN A 652 22.33 16.28 0.32
C ASN A 652 22.03 15.53 1.61
N THR A 653 22.54 14.31 1.70
CA THR A 653 22.15 13.41 2.78
C THR A 653 22.69 13.86 4.13
N ASP A 654 23.89 14.45 4.16
CA ASP A 654 24.48 14.86 5.43
C ASP A 654 23.63 15.92 6.12
N SER A 655 23.14 16.90 5.36
CA SER A 655 22.32 17.95 5.93
C SER A 655 20.97 17.45 6.45
N GLN A 656 20.57 16.24 6.05
CA GLN A 656 19.31 15.64 6.49
C GLN A 656 19.50 14.71 7.68
N TYR A 657 20.44 15.03 8.57
CA TYR A 657 20.74 14.15 9.68
C TYR A 657 19.56 14.01 10.64
N LEU A 658 18.87 15.11 10.91
CA LEU A 658 17.78 15.12 11.88
C LEU A 658 16.47 15.39 11.16
N THR A 659 15.49 14.52 11.39
CA THR A 659 14.19 14.72 10.78
C THR A 659 13.50 15.94 11.39
N PRO A 660 12.84 16.76 10.57
CA PRO A 660 12.13 17.92 11.12
C PRO A 660 10.87 17.58 11.90
N THR A 661 10.50 16.30 11.98
CA THR A 661 9.28 15.93 12.70
C THR A 661 9.42 16.23 14.20
N SER A 662 10.50 15.76 14.81
CA SER A 662 10.73 15.98 16.23
C SER A 662 12.16 16.30 16.59
N GLY A 663 13.06 16.43 15.62
CA GLY A 663 14.45 16.72 15.89
C GLY A 663 15.30 15.51 16.23
N SER A 664 14.75 14.31 16.20
CA SER A 664 15.55 13.12 16.46
C SER A 664 16.41 12.79 15.23
N PRO A 665 17.57 12.18 15.43
CA PRO A 665 18.38 11.75 14.28
C PRO A 665 17.72 10.61 13.54
N VAL A 666 18.10 10.46 12.26
CA VAL A 666 17.45 9.47 11.40
C VAL A 666 18.50 8.61 10.70
N ARG A 667 19.76 8.91 10.92
CA ARG A 667 20.86 8.16 10.31
C ARG A 667 21.58 7.34 11.37
N GLY A 668 22.60 6.60 10.93
CA GLY A 668 23.38 5.78 11.83
C GLY A 668 23.35 4.30 11.46
N LEU A 669 24.38 3.57 11.88
CA LEU A 669 24.48 2.15 11.59
C LEU A 669 23.42 1.38 12.37
N ILE A 670 23.14 0.15 11.94
CA ILE A 670 21.90 -0.49 12.39
C ILE A 670 22.09 -1.83 13.10
N GLN A 671 22.59 -2.85 12.41
CA GLN A 671 22.36 -4.23 12.85
C GLN A 671 23.61 -4.96 13.32
N ASP A 672 24.62 -5.12 12.46
CA ASP A 672 25.81 -5.85 12.88
C ASP A 672 26.91 -4.94 13.37
N HIS A 673 26.98 -3.70 12.87
CA HIS A 673 27.96 -2.75 13.37
C HIS A 673 27.72 -2.44 14.84
N ILE A 674 26.47 -2.51 15.28
CA ILE A 674 26.16 -2.23 16.69
C ILE A 674 26.74 -3.32 17.59
N SER A 675 26.54 -4.59 17.21
CA SER A 675 27.12 -5.68 17.97
C SER A 675 28.64 -5.69 17.86
N ALA A 676 29.17 -5.31 16.69
CA ALA A 676 30.62 -5.19 16.54
C ALA A 676 31.17 -4.14 17.50
N GLY A 677 30.48 -3.01 17.63
CA GLY A 677 30.91 -2.01 18.60
C GLY A 677 30.82 -2.50 20.02
N VAL A 678 29.75 -3.22 20.36
CA VAL A 678 29.61 -3.75 21.71
C VAL A 678 30.75 -4.71 22.03
N TRP A 679 31.16 -5.51 21.05
CA TRP A 679 32.26 -6.45 21.28
C TRP A 679 33.60 -5.74 21.32
N LEU A 680 33.81 -4.75 20.43
CA LEU A 680 35.12 -4.12 20.31
C LEU A 680 35.41 -3.15 21.45
N THR A 681 34.39 -2.50 21.99
CA THR A 681 34.60 -1.51 23.04
C THR A 681 34.58 -2.13 24.44
N SER A 682 34.45 -3.45 24.55
CA SER A 682 34.51 -4.09 25.84
C SER A 682 35.95 -4.12 26.35
N LYS A 683 36.11 -4.53 27.61
CA LYS A 683 37.43 -4.51 28.23
C LYS A 683 38.33 -5.63 27.70
N ASP A 684 37.74 -6.74 27.26
CA ASP A 684 38.56 -7.88 26.83
C ASP A 684 39.33 -7.59 25.55
N SER A 685 38.93 -6.55 24.82
CA SER A 685 39.48 -6.30 23.49
C SER A 685 40.83 -5.63 23.64
N PHE A 686 41.89 -6.42 23.50
CA PHE A 686 43.26 -5.91 23.46
C PHE A 686 43.86 -6.23 22.11
N PHE A 687 44.49 -5.24 21.49
CA PHE A 687 45.10 -5.40 20.20
C PHE A 687 46.59 -5.11 20.29
N THR A 688 47.39 -5.95 19.63
CA THR A 688 48.81 -5.65 19.52
C THR A 688 49.01 -4.48 18.57
N ARG A 689 50.27 -4.14 18.34
CA ARG A 689 50.59 -3.05 17.42
C ARG A 689 50.06 -3.36 16.02
N GLU A 690 50.19 -4.62 15.60
CA GLU A 690 49.74 -5.02 14.27
C GLU A 690 48.24 -4.78 14.12
N GLN A 691 47.46 -5.31 15.05
CA GLN A 691 46.01 -5.21 14.95
C GLN A 691 45.55 -3.76 15.09
N TYR A 692 46.16 -3.01 16.02
CA TYR A 692 45.78 -1.62 16.20
C TYR A 692 46.02 -0.81 14.93
N GLN A 693 47.23 -0.89 14.38
CA GLN A 693 47.56 -0.11 13.19
C GLN A 693 46.72 -0.55 11.99
N GLN A 694 46.51 -1.85 11.83
CA GLN A 694 45.71 -2.33 10.71
C GLN A 694 44.27 -1.85 10.82
N TYR A 695 43.68 -1.93 12.01
CA TYR A 695 42.31 -1.46 12.19
C TYR A 695 42.20 0.02 11.91
N ILE A 696 43.22 0.79 12.32
CA ILE A 696 43.15 2.24 12.12
C ILE A 696 43.25 2.57 10.63
N TYR A 697 44.23 2.00 9.94
CA TYR A 697 44.37 2.33 8.53
C TYR A 697 43.28 1.73 7.67
N GLY A 698 42.57 0.71 8.16
CA GLY A 698 41.45 0.19 7.40
C GLY A 698 40.28 1.14 7.27
N CYS A 699 40.25 2.21 8.06
CA CYS A 699 39.15 3.15 8.04
C CYS A 699 39.56 4.62 8.02
N ILE A 700 40.84 4.94 8.18
CA ILE A 700 41.26 6.34 8.17
C ILE A 700 42.15 6.60 6.96
N ARG A 701 41.84 5.94 5.85
CA ARG A 701 42.53 6.13 4.58
C ARG A 701 42.70 7.61 4.26
N PRO A 702 43.92 8.14 4.30
CA PRO A 702 44.10 9.58 4.08
C PRO A 702 44.19 9.96 2.60
N GLU A 703 44.49 9.02 1.72
CA GLU A 703 44.59 9.34 0.29
C GLU A 703 43.27 9.80 -0.28
N ASP A 704 42.15 9.39 0.31
CA ASP A 704 40.83 9.85 -0.07
C ASP A 704 40.36 11.05 0.74
N GLY A 705 41.21 11.56 1.64
CA GLY A 705 40.86 12.72 2.42
C GLY A 705 40.01 12.45 3.64
N HIS A 706 40.03 11.22 4.16
CA HIS A 706 39.26 10.91 5.36
C HIS A 706 39.76 11.70 6.56
N THR A 707 41.08 11.80 6.69
CA THR A 707 41.69 12.56 7.77
C THR A 707 42.32 13.83 7.23
N THR A 708 42.51 14.81 8.12
CA THR A 708 43.04 16.10 7.72
C THR A 708 44.55 16.08 7.59
N ARG A 709 45.23 15.71 8.66
CA ARG A 709 46.70 15.71 8.69
C ARG A 709 47.25 14.69 7.70
N SER A 710 48.40 15.02 7.13
CA SER A 710 49.02 14.17 6.12
C SER A 710 49.58 12.88 6.68
N LYS A 711 49.64 12.74 8.01
CA LYS A 711 50.22 11.56 8.65
C LYS A 711 49.26 11.06 9.72
N ILE A 712 48.94 9.76 9.67
CA ILE A 712 48.09 9.17 10.70
C ILE A 712 48.85 9.18 12.01
N VAL A 713 48.26 9.77 13.02
CA VAL A 713 48.88 9.84 14.34
C VAL A 713 48.24 8.80 15.24
N THR A 714 49.07 8.16 16.06
CA THR A 714 48.65 7.04 16.88
C THR A 714 48.71 7.43 18.36
N LEU A 715 48.45 6.47 19.22
CA LEU A 715 48.43 6.68 20.66
C LEU A 715 49.36 5.68 21.35
N PRO A 716 49.94 6.08 22.47
CA PRO A 716 50.75 5.13 23.25
C PRO A 716 49.88 3.98 23.74
N PRO A 717 50.43 2.77 23.78
CA PRO A 717 49.65 1.61 24.22
C PRO A 717 49.27 1.74 25.69
N THR A 718 48.09 1.21 26.03
CA THR A 718 47.65 1.23 27.41
C THR A 718 48.46 0.30 28.30
N ILE A 719 49.27 -0.58 27.72
CA ILE A 719 50.16 -1.46 28.48
C ILE A 719 51.51 -1.48 27.78
N PHE A 720 52.59 -1.32 28.55
CA PHE A 720 53.94 -1.25 28.00
C PHE A 720 54.72 -2.54 28.15
N LYS A 721 54.56 -3.24 29.26
CA LYS A 721 55.24 -4.50 29.54
C LYS A 721 54.21 -5.50 30.04
N PRO A 722 54.36 -6.80 29.70
CA PRO A 722 55.47 -7.46 28.97
C PRO A 722 55.59 -7.06 27.50
N TYR A 723 54.48 -6.85 26.80
CA TYR A 723 54.50 -6.39 25.42
C TYR A 723 53.38 -5.40 25.20
N PRO A 724 53.54 -4.48 24.25
CA PRO A 724 52.53 -3.43 24.06
C PRO A 724 51.15 -4.01 23.74
N LEU A 725 50.12 -3.41 24.32
CA LEU A 725 48.74 -3.85 24.13
C LEU A 725 47.84 -2.62 24.14
N TRP A 726 47.14 -2.40 23.03
CA TRP A 726 46.16 -1.32 22.95
C TRP A 726 44.81 -1.80 23.47
N THR A 727 43.76 -1.03 23.23
CA THR A 727 42.41 -1.41 23.60
C THR A 727 41.45 -0.93 22.53
N GLY A 728 40.27 -1.53 22.47
CA GLY A 728 39.27 -1.11 21.51
C GLY A 728 38.82 0.33 21.72
N LYS A 729 38.64 0.72 22.98
CA LYS A 729 38.33 2.11 23.28
C LYS A 729 39.44 3.03 22.78
N GLN A 730 40.69 2.57 22.83
CA GLN A 730 41.77 3.33 22.23
C GLN A 730 41.61 3.43 20.72
N ILE A 731 41.12 2.36 20.08
CA ILE A 731 40.86 2.42 18.64
C ILE A 731 39.82 3.50 18.34
N ILE A 732 38.73 3.52 19.11
CA ILE A 732 37.70 4.53 18.92
C ILE A 732 38.28 5.92 19.14
N THR A 733 39.09 6.07 20.19
CA THR A 733 39.65 7.38 20.53
C THR A 733 40.55 7.90 19.42
N THR A 734 41.42 7.06 18.87
CA THR A 734 42.31 7.54 17.82
C THR A 734 41.55 7.75 16.51
N VAL A 735 40.51 6.95 16.24
CA VAL A 735 39.67 7.22 15.08
C VAL A 735 39.06 8.60 15.17
N LEU A 736 38.44 8.91 16.32
CA LEU A 736 37.87 10.23 16.53
C LEU A 736 38.92 11.32 16.41
N LEU A 737 40.06 11.13 17.08
CA LEU A 737 41.12 12.11 17.10
C LEU A 737 41.75 12.32 15.72
N ASN A 738 41.60 11.36 14.82
CA ASN A 738 42.12 11.52 13.46
C ASN A 738 41.09 12.07 12.50
N VAL A 739 39.80 11.88 12.76
CA VAL A 739 38.79 12.49 11.88
C VAL A 739 38.38 13.87 12.38
N THR A 740 38.44 14.11 13.69
CA THR A 740 38.13 15.42 14.23
C THR A 740 39.14 16.43 13.70
N PRO A 741 38.71 17.60 13.24
CA PRO A 741 39.65 18.56 12.68
C PRO A 741 40.65 19.00 13.73
N PRO A 742 41.89 19.29 13.32
CA PRO A 742 42.89 19.77 14.29
C PRO A 742 42.59 21.20 14.69
N ASP A 743 43.41 21.76 15.58
CA ASP A 743 43.22 23.12 16.09
C ASP A 743 41.83 23.27 16.70
N MET A 744 41.37 22.23 17.39
CA MET A 744 40.06 22.24 18.04
C MET A 744 40.01 21.17 19.11
N PRO A 745 39.54 21.50 20.32
CA PRO A 745 39.48 20.49 21.39
C PRO A 745 38.50 19.38 21.07
N GLY A 746 38.75 18.23 21.68
CA GLY A 746 37.90 17.08 21.49
C GLY A 746 36.58 17.19 22.23
N ILE A 747 35.71 16.22 21.97
CA ILE A 747 34.38 16.19 22.57
C ILE A 747 34.49 15.90 24.06
N ASN A 748 33.73 16.63 24.86
CA ASN A 748 33.53 16.32 26.28
C ASN A 748 32.08 15.89 26.42
N LEU A 749 31.87 14.57 26.47
CA LEU A 749 30.53 14.00 26.47
C LEU A 749 30.39 13.00 27.61
N ILE A 750 29.23 13.01 28.26
CA ILE A 750 28.87 12.03 29.26
C ILE A 750 27.46 11.55 28.95
N SER A 751 27.29 10.25 28.76
CA SER A 751 26.01 9.69 28.32
C SER A 751 25.86 8.30 28.94
N LYS A 752 24.90 7.53 28.40
CA LYS A 752 24.63 6.19 28.87
C LYS A 752 24.40 5.29 27.65
N ASN A 753 24.18 4.00 27.92
CA ASN A 753 23.85 3.04 26.88
C ASN A 753 22.85 2.04 27.45
N LYS A 754 22.23 1.28 26.55
CA LYS A 754 21.12 0.41 26.94
C LYS A 754 21.53 -0.76 27.82
N ILE A 755 22.83 -1.07 27.91
CA ILE A 755 23.30 -2.23 28.64
C ILE A 755 23.52 -1.86 30.09
N LYS A 756 22.85 -2.55 31.00
CA LYS A 756 22.94 -2.25 32.42
C LYS A 756 24.29 -2.65 32.98
N ASN A 757 24.63 -2.07 34.13
CA ASN A 757 25.91 -2.37 34.77
C ASN A 757 25.97 -3.81 35.25
N GLU A 758 24.87 -4.33 35.78
CA GLU A 758 24.88 -5.66 36.40
C GLU A 758 25.10 -6.78 35.39
N TYR A 759 25.04 -6.51 34.10
CA TYR A 759 25.29 -7.51 33.07
C TYR A 759 26.76 -7.59 32.67
N TRP A 760 27.63 -6.81 33.32
CA TRP A 760 29.06 -6.81 33.02
C TRP A 760 29.88 -7.30 34.20
N GLY A 761 29.24 -7.80 35.25
CA GLY A 761 29.94 -8.23 36.45
C GLY A 761 29.45 -7.46 37.68
N LYS A 762 30.35 -7.30 38.63
CA LYS A 762 30.07 -6.53 39.85
C LYS A 762 30.97 -5.31 39.88
N GLY A 763 30.41 -4.19 40.34
CA GLY A 763 31.17 -2.96 40.43
C GLY A 763 31.56 -2.34 39.12
N SER A 764 31.07 -2.86 38.00
CA SER A 764 31.43 -2.34 36.69
C SER A 764 30.71 -1.02 36.43
N LEU A 765 31.31 -0.19 35.57
CA LEU A 765 30.74 1.09 35.20
C LEU A 765 30.62 1.23 33.69
N GLU A 766 30.35 0.12 33.00
CA GLU A 766 30.23 0.15 31.55
C GLU A 766 28.89 0.71 31.09
N ASN A 767 27.90 0.84 31.98
CA ASN A 767 26.62 1.41 31.59
C ASN A 767 26.73 2.89 31.25
N GLU A 768 27.77 3.57 31.74
CA GLU A 768 27.94 5.00 31.53
C GLU A 768 29.05 5.21 30.50
N VAL A 769 28.76 6.03 29.49
CA VAL A 769 29.73 6.39 28.46
C VAL A 769 30.33 7.74 28.83
N LEU A 770 31.65 7.83 28.75
CA LEU A 770 32.36 9.05 29.15
C LEU A 770 33.39 9.40 28.09
N PHE A 771 33.51 10.69 27.82
CA PHE A 771 34.54 11.22 26.93
C PHE A 771 35.29 12.32 27.66
N LYS A 772 36.52 12.58 27.20
CA LYS A 772 37.32 13.66 27.78
C LYS A 772 38.35 14.08 26.75
N ASP A 773 38.14 15.26 26.15
CA ASP A 773 39.06 15.82 25.17
C ASP A 773 39.32 14.85 24.02
N GLY A 774 38.23 14.34 23.45
CA GLY A 774 38.32 13.43 22.33
C GLY A 774 38.94 12.09 22.65
N ALA A 775 38.58 11.51 23.79
CA ALA A 775 39.08 10.20 24.20
C ALA A 775 38.00 9.45 24.93
N LEU A 776 37.80 8.18 24.55
CA LEU A 776 36.79 7.33 25.18
C LEU A 776 37.40 6.67 26.41
N LEU A 777 36.77 6.85 27.56
CA LEU A 777 37.30 6.36 28.82
C LEU A 777 36.38 5.41 29.57
N CYS A 778 35.11 5.28 29.16
CA CYS A 778 34.20 4.41 29.88
C CYS A 778 33.02 4.07 28.97
N GLY A 779 32.44 2.90 29.19
CA GLY A 779 31.23 2.50 28.51
C GLY A 779 31.47 1.97 27.11
N ILE A 780 30.40 1.43 26.53
CA ILE A 780 30.44 0.81 25.21
C ILE A 780 29.50 1.55 24.28
N LEU A 781 29.74 1.40 22.98
CA LEU A 781 28.98 2.12 21.96
C LEU A 781 27.92 1.19 21.36
N ASP A 782 26.79 1.09 22.04
CA ASP A 782 25.66 0.32 21.55
C ASP A 782 24.84 1.18 20.60
N LYS A 783 23.60 0.78 20.32
CA LYS A 783 22.71 1.56 19.47
C LYS A 783 22.53 2.99 19.98
N SER A 784 22.53 3.19 21.30
CA SER A 784 22.33 4.53 21.86
C SER A 784 23.48 5.48 21.59
N GLN A 785 24.51 5.05 20.84
CA GLN A 785 25.62 5.92 20.49
C GLN A 785 25.65 6.27 19.00
N TYR A 786 25.35 5.31 18.13
CA TYR A 786 25.16 5.59 16.71
C TYR A 786 23.88 4.92 16.24
N GLY A 787 23.13 5.62 15.40
CA GLY A 787 21.84 5.19 14.94
C GLY A 787 20.80 6.23 15.22
N ALA A 788 19.53 5.82 15.18
CA ALA A 788 18.44 6.74 15.46
C ALA A 788 18.24 6.91 16.96
N SER A 789 19.30 7.30 17.66
CA SER A 789 19.23 7.54 19.10
C SER A 789 19.77 8.93 19.39
N LYS A 790 18.99 9.73 20.11
CA LYS A 790 19.34 11.09 20.41
C LYS A 790 20.45 11.16 21.47
N TYR A 791 21.19 12.26 21.46
CA TYR A 791 22.23 12.55 22.45
C TYR A 791 23.29 11.44 22.47
N GLY A 792 23.68 10.97 21.29
CA GLY A 792 24.76 10.03 21.15
C GLY A 792 26.07 10.71 20.80
N ILE A 793 27.12 9.90 20.69
CA ILE A 793 28.43 10.44 20.35
C ILE A 793 28.42 11.05 18.96
N VAL A 794 27.79 10.37 18.00
CA VAL A 794 27.74 10.91 16.65
C VAL A 794 26.87 12.15 16.59
N HIS A 795 25.79 12.18 17.38
CA HIS A 795 24.94 13.37 17.44
C HIS A 795 25.72 14.56 17.97
N SER A 796 26.48 14.35 19.05
CA SER A 796 27.28 15.44 19.62
C SER A 796 28.39 15.87 18.67
N LEU A 797 29.00 14.91 17.98
CA LEU A 797 30.00 15.25 16.97
C LEU A 797 29.38 16.10 15.88
N HIS A 798 28.16 15.76 15.46
CA HIS A 798 27.45 16.59 14.50
C HIS A 798 27.29 18.02 15.03
N GLU A 799 26.71 18.16 16.22
CA GLU A 799 26.42 19.48 16.73
C GLU A 799 27.69 20.30 16.98
N VAL A 800 28.83 19.66 17.20
CA VAL A 800 30.05 20.40 17.47
C VAL A 800 30.81 20.73 16.20
N TYR A 801 31.00 19.78 15.28
CA TYR A 801 31.85 20.00 14.12
C TYR A 801 31.08 20.08 12.81
N GLY A 802 29.79 20.37 12.84
CA GLY A 802 29.04 20.49 11.61
C GLY A 802 28.55 19.12 11.14
N PRO A 803 27.85 19.09 10.02
CA PRO A 803 27.29 17.82 9.55
C PRO A 803 28.26 16.99 8.73
N GLU A 804 29.21 17.64 8.06
CA GLU A 804 30.15 16.90 7.22
C GLU A 804 31.06 16.01 8.09
N VAL A 805 31.49 16.52 9.24
CA VAL A 805 32.33 15.72 10.12
C VAL A 805 31.53 14.56 10.70
N ALA A 806 30.24 14.78 11.01
CA ALA A 806 29.41 13.68 11.48
C ALA A 806 29.25 12.61 10.42
N ALA A 807 29.05 13.02 9.16
CA ALA A 807 28.94 12.04 8.09
C ALA A 807 30.23 11.27 7.91
N LYS A 808 31.37 11.95 7.96
CA LYS A 808 32.65 11.27 7.84
C LYS A 808 32.88 10.31 9.01
N VAL A 809 32.49 10.71 10.22
CA VAL A 809 32.62 9.84 11.38
C VAL A 809 31.75 8.61 11.22
N LEU A 810 30.52 8.78 10.75
CA LEU A 810 29.64 7.64 10.53
C LEU A 810 30.20 6.68 9.50
N SER A 811 30.71 7.22 8.38
CA SER A 811 31.30 6.37 7.36
C SER A 811 32.53 5.63 7.89
N VAL A 812 33.37 6.33 8.64
CA VAL A 812 34.59 5.72 9.16
C VAL A 812 34.26 4.64 10.18
N LEU A 813 33.29 4.89 11.06
CA LEU A 813 32.90 3.88 12.04
C LEU A 813 32.28 2.66 11.35
N GLY A 814 31.47 2.89 10.31
CA GLY A 814 30.93 1.78 9.57
C GLY A 814 32.01 0.95 8.90
N ARG A 815 33.01 1.61 8.32
CA ARG A 815 34.12 0.88 7.72
C ARG A 815 34.93 0.12 8.75
N LEU A 816 35.18 0.74 9.92
CA LEU A 816 35.96 0.08 10.96
C LEU A 816 35.24 -1.14 11.49
N PHE A 817 33.95 -1.01 11.81
CA PHE A 817 33.20 -2.15 12.32
C PHE A 817 32.98 -3.22 11.26
N THR A 818 33.23 -2.92 9.99
CA THR A 818 33.16 -3.95 8.96
C THR A 818 34.47 -4.73 8.87
N ASN A 819 35.61 -4.01 8.86
CA ASN A 819 36.90 -4.69 8.82
C ASN A 819 37.13 -5.49 10.10
N TYR A 820 36.70 -4.97 11.24
CA TYR A 820 36.88 -5.70 12.49
C TYR A 820 35.99 -6.93 12.54
N ILE A 821 34.83 -6.90 11.86
CA ILE A 821 33.93 -8.05 11.92
C ILE A 821 34.40 -9.20 11.03
N THR A 822 35.27 -8.93 10.06
CA THR A 822 35.84 -10.04 9.28
C THR A 822 36.94 -10.76 10.05
N ALA A 823 37.70 -10.04 10.88
CA ALA A 823 38.76 -10.67 11.64
C ALA A 823 38.20 -11.57 12.74
N THR A 824 37.22 -11.07 13.49
CA THR A 824 36.55 -11.82 14.54
C THR A 824 35.05 -11.71 14.29
N ALA A 825 34.49 -12.66 13.55
CA ALA A 825 33.09 -12.58 13.16
C ALA A 825 32.18 -12.82 14.34
N PHE A 826 30.97 -12.27 14.24
CA PHE A 826 29.93 -12.42 15.24
C PHE A 826 28.90 -13.42 14.72
N THR A 827 28.54 -14.40 15.54
CA THR A 827 27.63 -15.45 15.12
C THR A 827 26.69 -15.83 16.26
N CYS A 828 25.60 -16.47 15.88
CA CYS A 828 24.62 -17.01 16.82
C CYS A 828 24.39 -18.47 16.51
N GLY A 829 23.92 -19.21 17.52
CA GLY A 829 23.72 -20.63 17.37
C GLY A 829 22.65 -21.19 18.26
N MET A 830 22.52 -22.53 18.27
CA MET A 830 21.51 -23.16 19.10
C MET A 830 21.88 -23.12 20.57
N ASP A 831 23.17 -23.10 20.89
CA ASP A 831 23.60 -23.07 22.29
C ASP A 831 23.12 -21.82 23.01
N ASP A 832 22.97 -20.71 22.28
CA ASP A 832 22.46 -19.48 22.88
C ASP A 832 21.03 -19.68 23.38
N LEU A 833 20.21 -20.39 22.60
CA LEU A 833 18.79 -20.53 22.92
C LEU A 833 18.55 -21.42 24.14
N ARG A 834 19.54 -22.21 24.54
CA ARG A 834 19.33 -23.20 25.58
C ARG A 834 19.22 -22.53 26.95
N LEU A 835 18.97 -23.35 27.95
CA LEU A 835 18.89 -22.93 29.34
C LEU A 835 19.64 -23.94 30.20
N THR A 836 20.07 -23.48 31.37
CA THR A 836 20.66 -24.40 32.33
C THR A 836 19.58 -25.33 32.88
N ALA A 837 20.02 -26.44 33.47
CA ALA A 837 19.07 -27.34 34.10
C ALA A 837 18.32 -26.66 35.23
N GLU A 838 19.03 -25.84 36.02
CA GLU A 838 18.38 -25.09 37.08
C GLU A 838 17.36 -24.10 36.52
N GLY A 839 17.72 -23.43 35.42
CA GLY A 839 16.78 -22.49 34.81
C GLY A 839 15.53 -23.17 34.28
N ASN A 840 15.70 -24.31 33.62
CA ASN A 840 14.55 -25.06 33.15
C ASN A 840 13.71 -25.55 34.32
N LYS A 841 14.35 -25.95 35.42
CA LYS A 841 13.60 -26.35 36.60
C LYS A 841 12.78 -25.19 37.16
N TRP A 842 13.38 -23.99 37.21
CA TRP A 842 12.64 -22.82 37.66
C TRP A 842 11.45 -22.54 36.76
N ARG A 843 11.68 -22.58 35.44
CA ARG A 843 10.60 -22.28 34.50
C ARG A 843 9.46 -23.27 34.65
N THR A 844 9.78 -24.57 34.73
CA THR A 844 8.74 -25.57 34.89
C THR A 844 8.02 -25.42 36.22
N ASP A 845 8.75 -25.09 37.29
CA ASP A 845 8.12 -24.91 38.60
C ASP A 845 7.14 -23.76 38.58
N ILE A 846 7.50 -22.65 37.92
CA ILE A 846 6.59 -21.52 37.86
C ILE A 846 5.41 -21.83 36.95
N LEU A 847 5.64 -22.51 35.83
CA LEU A 847 4.54 -22.86 34.94
C LEU A 847 3.56 -23.81 35.61
N LYS A 848 4.04 -24.65 36.53
CA LYS A 848 3.15 -25.54 37.25
C LYS A 848 2.13 -24.80 38.11
N THR A 849 2.41 -23.55 38.45
CA THR A 849 1.46 -22.73 39.20
C THR A 849 0.42 -22.07 38.30
N SER A 850 0.57 -22.18 36.99
CA SER A 850 -0.38 -21.60 36.04
C SER A 850 -1.53 -22.55 35.72
N VAL A 851 -1.57 -23.73 36.33
CA VAL A 851 -2.62 -24.68 36.04
C VAL A 851 -3.99 -24.13 36.45
N ASP A 852 -4.06 -23.53 37.63
CA ASP A 852 -5.33 -23.06 38.18
C ASP A 852 -5.59 -21.58 37.93
N THR A 853 -4.73 -20.90 37.16
CA THR A 853 -4.93 -19.48 36.91
C THR A 853 -6.23 -19.23 36.17
N GLY A 854 -6.51 -20.03 35.14
CA GLY A 854 -7.75 -19.85 34.40
C GLY A 854 -8.98 -20.11 35.24
N ARG A 855 -8.96 -21.18 36.05
CA ARG A 855 -10.10 -21.47 36.89
C ARG A 855 -10.32 -20.40 37.94
N GLU A 856 -9.24 -19.89 38.55
CA GLU A 856 -9.38 -18.83 39.53
C GLU A 856 -9.91 -17.55 38.89
N ALA A 857 -9.42 -17.20 37.69
CA ALA A 857 -9.92 -16.01 37.01
C ALA A 857 -11.40 -16.17 36.67
N ALA A 858 -11.80 -17.36 36.21
CA ALA A 858 -13.21 -17.60 35.92
C ALA A 858 -14.06 -17.50 37.16
N ALA A 859 -13.58 -18.06 38.28
CA ALA A 859 -14.35 -18.00 39.53
C ALA A 859 -14.50 -16.55 40.01
N GLU A 860 -13.43 -15.75 39.88
CA GLU A 860 -13.53 -14.35 40.26
C GLU A 860 -14.51 -13.60 39.35
N VAL A 861 -14.44 -13.83 38.04
CA VAL A 861 -15.31 -13.12 37.11
C VAL A 861 -16.76 -13.49 37.35
N THR A 862 -17.05 -14.77 37.52
CA THR A 862 -18.43 -15.20 37.73
C THR A 862 -18.93 -14.90 39.12
N ASN A 863 -18.21 -14.14 39.94
CA ASN A 863 -18.60 -13.75 41.29
C ASN A 863 -18.79 -14.95 42.21
N LEU A 864 -18.39 -16.14 41.78
CA LEU A 864 -18.47 -17.32 42.62
C LEU A 864 -17.32 -17.34 43.62
N ASP A 865 -17.57 -17.99 44.75
CA ASP A 865 -16.50 -18.21 45.71
C ASP A 865 -15.46 -19.15 45.11
N LYS A 866 -14.21 -18.99 45.55
CA LYS A 866 -13.14 -19.85 45.10
C LYS A 866 -13.34 -21.27 45.62
N ASP A 867 -12.39 -22.15 45.30
CA ASP A 867 -12.37 -23.54 45.75
C ASP A 867 -13.43 -24.31 44.95
N THR A 868 -14.21 -23.60 44.15
CA THR A 868 -15.25 -24.25 43.35
C THR A 868 -14.60 -25.20 42.34
N PRO A 869 -14.97 -26.47 42.34
CA PRO A 869 -14.43 -27.39 41.32
C PRO A 869 -14.85 -26.94 39.92
N ALA A 870 -13.99 -27.23 38.95
CA ALA A 870 -14.15 -26.68 37.61
C ALA A 870 -15.42 -27.14 36.91
N ASP A 871 -16.07 -28.19 37.42
CA ASP A 871 -17.25 -28.75 36.77
C ASP A 871 -18.54 -28.41 37.52
N ASP A 872 -18.55 -27.30 38.25
CA ASP A 872 -19.76 -26.88 38.95
C ASP A 872 -20.83 -26.45 37.94
N PRO A 873 -22.05 -26.98 38.04
CA PRO A 873 -23.09 -26.59 37.08
C PRO A 873 -23.40 -25.11 37.09
N GLU A 874 -23.38 -24.47 38.26
CA GLU A 874 -23.62 -23.02 38.31
C GLU A 874 -22.52 -22.27 37.58
N LEU A 875 -21.26 -22.69 37.76
CA LEU A 875 -20.16 -22.06 37.04
C LEU A 875 -20.31 -22.28 35.54
N LEU A 876 -20.76 -23.47 35.14
CA LEU A 876 -20.98 -23.74 33.72
C LEU A 876 -22.06 -22.83 33.14
N LYS A 877 -23.16 -22.64 33.87
CA LYS A 877 -24.24 -21.77 33.40
C LYS A 877 -23.75 -20.32 33.30
N ARG A 878 -22.99 -19.86 34.29
CA ARG A 878 -22.50 -18.49 34.25
C ARG A 878 -21.50 -18.29 33.13
N LEU A 879 -20.63 -19.28 32.89
CA LEU A 879 -19.74 -19.19 31.73
C LEU A 879 -20.53 -19.21 30.43
N GLN A 880 -21.64 -19.95 30.40
CA GLN A 880 -22.49 -19.96 29.21
C GLN A 880 -23.06 -18.57 28.93
N GLU A 881 -23.58 -17.91 29.97
CA GLU A 881 -24.13 -16.57 29.77
C GLU A 881 -23.05 -15.57 29.41
N ILE A 882 -21.85 -15.74 29.99
CA ILE A 882 -20.73 -14.87 29.65
C ILE A 882 -20.35 -15.02 28.19
N LEU A 883 -20.33 -16.26 27.70
CA LEU A 883 -20.05 -16.49 26.28
C LEU A 883 -21.16 -15.89 25.42
N ARG A 884 -22.42 -16.04 25.84
CA ARG A 884 -23.54 -15.58 25.03
C ARG A 884 -23.50 -14.07 24.85
N ASP A 885 -23.30 -13.33 25.94
CA ASP A 885 -23.19 -11.88 25.79
C ASP A 885 -21.75 -11.51 25.39
N ASN A 886 -21.60 -10.28 24.89
CA ASN A 886 -20.33 -9.86 24.32
C ASN A 886 -19.48 -9.00 25.25
N ASN A 887 -20.06 -8.44 26.31
CA ASN A 887 -19.29 -7.60 27.23
C ASN A 887 -18.70 -8.39 28.39
N LYS A 888 -19.48 -9.30 28.97
CA LYS A 888 -18.94 -10.15 30.03
C LYS A 888 -17.84 -11.05 29.51
N SER A 889 -17.94 -11.47 28.25
CA SER A 889 -16.85 -12.23 27.64
C SER A 889 -15.58 -11.40 27.59
N GLY A 890 -15.69 -10.13 27.21
CA GLY A 890 -14.52 -9.26 27.21
C GLY A 890 -13.94 -9.06 28.59
N ILE A 891 -14.82 -8.89 29.59
CA ILE A 891 -14.36 -8.69 30.96
C ILE A 891 -13.60 -9.93 31.45
N LEU A 892 -14.16 -11.12 31.22
CA LEU A 892 -13.52 -12.35 31.64
C LEU A 892 -12.19 -12.55 30.92
N ASP A 893 -12.17 -12.26 29.62
CA ASP A 893 -10.93 -12.41 28.86
C ASP A 893 -9.86 -11.46 29.38
N ALA A 894 -10.24 -10.22 29.70
CA ALA A 894 -9.27 -9.27 30.23
C ALA A 894 -8.71 -9.73 31.58
N VAL A 895 -9.58 -10.24 32.45
CA VAL A 895 -9.10 -10.69 33.76
C VAL A 895 -8.15 -11.87 33.62
N THR A 896 -8.53 -12.87 32.82
CA THR A 896 -7.67 -14.03 32.64
C THR A 896 -6.37 -13.65 31.95
N SER A 897 -6.43 -12.72 30.99
CA SER A 897 -5.22 -12.25 30.32
C SER A 897 -4.30 -11.57 31.31
N SER A 898 -4.84 -10.76 32.22
CA SER A 898 -4.01 -10.13 33.24
C SER A 898 -3.33 -11.15 34.13
N LYS A 899 -4.08 -12.17 34.56
CA LYS A 899 -3.49 -13.19 35.43
C LYS A 899 -2.37 -13.94 34.73
N VAL A 900 -2.63 -14.42 33.50
CA VAL A 900 -1.61 -15.19 32.79
C VAL A 900 -0.44 -14.30 32.40
N ASN A 901 -0.68 -13.00 32.19
CA ASN A 901 0.42 -12.09 31.89
C ASN A 901 1.29 -11.89 33.12
N ALA A 902 0.68 -11.85 34.31
CA ALA A 902 1.48 -11.83 35.53
C ALA A 902 2.34 -13.07 35.63
N ILE A 903 1.77 -14.23 35.30
CA ILE A 903 2.53 -15.49 35.37
C ILE A 903 3.70 -15.46 34.39
N THR A 904 3.45 -15.02 33.15
CA THR A 904 4.53 -15.00 32.17
C THR A 904 5.58 -13.96 32.51
N SER A 905 5.19 -12.84 33.12
CA SER A 905 6.18 -11.87 33.57
C SER A 905 7.06 -12.47 34.66
N GLN A 906 6.45 -13.24 35.58
CA GLN A 906 7.24 -13.95 36.58
C GLN A 906 8.28 -14.86 35.91
N VAL A 907 7.83 -15.65 34.94
CA VAL A 907 8.75 -16.58 34.27
C VAL A 907 9.88 -15.82 33.57
N VAL A 908 9.53 -14.73 32.87
CA VAL A 908 10.54 -13.95 32.16
C VAL A 908 11.57 -13.41 33.13
N SER A 909 11.11 -12.76 34.20
CA SER A 909 12.03 -12.15 35.16
C SER A 909 12.92 -13.19 35.81
N LYS A 910 12.37 -14.38 36.09
CA LYS A 910 13.16 -15.41 36.76
C LYS A 910 14.16 -16.07 35.82
N CYS A 911 13.85 -16.19 34.53
CA CYS A 911 14.64 -17.04 33.65
C CYS A 911 15.54 -16.32 32.67
N VAL A 912 15.07 -15.25 32.01
CA VAL A 912 15.85 -14.68 30.90
C VAL A 912 17.23 -14.18 31.30
N PRO A 913 17.40 -13.36 32.35
CA PRO A 913 18.72 -12.78 32.59
C PRO A 913 19.74 -13.76 33.15
N ASP A 914 19.33 -14.62 34.07
CA ASP A 914 20.24 -15.48 34.82
C ASP A 914 19.76 -16.92 34.80
N GLY A 915 19.39 -17.42 33.63
CA GLY A 915 18.99 -18.80 33.49
C GLY A 915 19.54 -19.47 32.25
N THR A 916 20.23 -18.70 31.42
CA THR A 916 20.71 -19.21 30.15
C THR A 916 22.02 -19.97 30.32
N MET A 917 22.20 -21.00 29.49
CA MET A 917 23.43 -21.77 29.52
C MET A 917 24.63 -20.90 29.15
N LYS A 918 24.48 -20.06 28.14
CA LYS A 918 25.51 -19.10 27.75
C LYS A 918 25.06 -17.70 28.17
N LYS A 919 25.95 -16.97 28.83
CA LYS A 919 25.62 -15.67 29.37
C LYS A 919 26.19 -14.56 28.51
N PHE A 920 25.69 -13.35 28.75
CA PHE A 920 26.18 -12.18 28.04
C PHE A 920 27.63 -11.92 28.43
N PRO A 921 28.50 -11.52 27.48
CA PRO A 921 28.23 -11.25 26.06
C PRO A 921 28.40 -12.46 25.16
N CYS A 922 28.66 -13.64 25.72
CA CYS A 922 28.77 -14.84 24.89
C CYS A 922 27.43 -15.18 24.24
N ASN A 923 26.33 -14.97 24.97
CA ASN A 923 25.00 -15.22 24.43
C ASN A 923 24.70 -14.20 23.34
N SER A 924 24.78 -14.64 22.08
CA SER A 924 24.63 -13.71 20.96
C SER A 924 23.21 -13.16 20.88
N MET A 925 22.20 -14.00 21.14
CA MET A 925 20.83 -13.50 21.13
C MET A 925 20.63 -12.43 22.19
N GLN A 926 21.13 -12.67 23.41
CA GLN A 926 21.03 -11.67 24.45
C GLN A 926 21.78 -10.41 24.07
N ALA A 927 22.92 -10.56 23.38
CA ALA A 927 23.67 -9.39 22.95
C ALA A 927 22.87 -8.55 21.96
N MET A 928 22.25 -9.19 20.97
CA MET A 928 21.49 -8.42 20.00
C MET A 928 20.20 -7.85 20.60
N ALA A 929 19.66 -8.51 21.63
CA ALA A 929 18.48 -7.95 22.29
C ALA A 929 18.85 -6.73 23.12
N LEU A 930 19.92 -6.83 23.92
CA LEU A 930 20.33 -5.73 24.77
C LEU A 930 20.79 -4.54 23.95
N SER A 931 21.70 -4.77 23.00
CA SER A 931 22.30 -3.70 22.23
C SER A 931 21.36 -3.08 21.22
N GLY A 932 20.12 -3.56 21.11
CA GLY A 932 19.15 -2.98 20.21
C GLY A 932 19.54 -3.13 18.75
N ALA A 933 20.50 -4.00 18.48
CA ALA A 933 20.91 -4.25 17.11
C ALA A 933 19.77 -4.83 16.29
N LYS A 934 19.01 -5.76 16.87
CA LYS A 934 17.86 -6.37 16.24
C LYS A 934 17.08 -7.13 17.31
N GLY A 935 15.78 -7.27 17.10
CA GLY A 935 14.96 -7.96 18.05
C GLY A 935 14.79 -7.16 19.32
N SER A 936 14.31 -7.85 20.36
CA SER A 936 14.10 -7.22 21.66
C SER A 936 13.96 -8.28 22.73
N ASN A 937 13.76 -7.82 23.97
CA ASN A 937 13.67 -8.74 25.10
C ASN A 937 12.45 -9.63 25.00
N VAL A 938 11.33 -9.10 24.51
CA VAL A 938 10.14 -9.94 24.37
C VAL A 938 10.38 -11.02 23.32
N ASN A 939 11.11 -10.69 22.25
CA ASN A 939 11.46 -11.68 21.24
C ASN A 939 12.33 -12.78 21.84
N VAL A 940 13.37 -12.39 22.58
CA VAL A 940 14.25 -13.38 23.18
C VAL A 940 13.49 -14.26 24.17
N SER A 941 12.58 -13.65 24.94
CA SER A 941 11.81 -14.42 25.91
C SER A 941 10.85 -15.37 25.20
N GLN A 942 10.27 -14.94 24.08
CA GLN A 942 9.44 -15.85 23.30
C GLN A 942 10.25 -17.02 22.79
N ILE A 943 11.48 -16.76 22.34
CA ILE A 943 12.32 -17.83 21.82
C ILE A 943 12.72 -18.81 22.92
N MET A 944 13.10 -18.31 24.09
CA MET A 944 13.78 -19.12 25.08
C MET A 944 12.93 -19.57 26.27
N CYS A 945 11.99 -18.74 26.74
CA CYS A 945 11.29 -19.03 27.98
C CYS A 945 9.80 -19.30 27.77
N LEU A 946 9.07 -18.36 27.18
CA LEU A 946 7.63 -18.53 27.05
C LEU A 946 7.11 -17.70 25.90
N LEU A 947 6.14 -18.23 25.17
CA LEU A 947 5.48 -17.53 24.09
C LEU A 947 4.31 -16.68 24.56
N GLY A 948 4.00 -16.71 25.85
CA GLY A 948 2.99 -15.83 26.41
C GLY A 948 1.57 -16.22 26.02
N GLN A 949 0.67 -15.27 26.21
CA GLN A 949 -0.74 -15.43 25.92
C GLN A 949 -1.07 -14.74 24.60
N GLN A 950 -1.82 -15.44 23.74
CA GLN A 950 -2.17 -14.91 22.45
C GLN A 950 -3.32 -13.91 22.57
N ALA A 951 -3.23 -12.82 21.82
CA ALA A 951 -4.24 -11.77 21.82
C ALA A 951 -4.44 -11.30 20.38
N LEU A 952 -5.61 -11.56 19.81
CA LEU A 952 -5.88 -11.18 18.43
C LEU A 952 -6.16 -9.69 18.33
N GLU A 953 -7.25 -9.23 18.95
CA GLU A 953 -7.54 -7.80 19.08
C GLU A 953 -8.00 -7.56 20.51
N GLY A 954 -7.05 -7.37 21.42
CA GLY A 954 -7.34 -7.05 22.80
C GLY A 954 -8.26 -8.03 23.50
N ARG A 955 -8.23 -9.29 23.09
CA ARG A 955 -9.14 -10.28 23.64
C ARG A 955 -8.59 -11.68 23.42
N ARG A 956 -9.16 -12.63 24.15
CA ARG A 956 -8.77 -14.02 24.02
C ARG A 956 -9.33 -14.60 22.72
N VAL A 957 -9.10 -15.89 22.52
CA VAL A 957 -9.40 -16.57 21.27
C VAL A 957 -10.91 -16.69 21.08
N PRO A 958 -11.41 -16.66 19.84
CA PRO A 958 -12.85 -16.84 19.62
C PRO A 958 -13.32 -18.22 20.05
N VAL A 959 -14.59 -18.29 20.42
CA VAL A 959 -15.20 -19.50 20.93
C VAL A 959 -16.27 -19.98 19.96
N MET A 960 -16.46 -21.30 19.91
CA MET A 960 -17.53 -21.86 19.11
C MET A 960 -18.88 -21.55 19.75
N VAL A 961 -19.95 -21.91 19.03
CA VAL A 961 -21.29 -21.66 19.54
C VAL A 961 -21.57 -22.52 20.77
N SER A 962 -20.87 -23.64 20.91
CA SER A 962 -21.10 -24.58 22.00
C SER A 962 -20.27 -24.26 23.25
N GLY A 963 -19.41 -23.26 23.20
CA GLY A 963 -18.53 -22.98 24.32
C GLY A 963 -17.18 -23.64 24.25
N LYS A 964 -16.80 -24.19 23.11
CA LYS A 964 -15.50 -24.82 22.90
C LYS A 964 -14.63 -23.87 22.09
N THR A 965 -13.45 -23.53 22.61
CA THR A 965 -12.54 -22.71 21.83
C THR A 965 -11.85 -23.52 20.74
N LEU A 966 -11.88 -24.85 20.83
CA LEU A 966 -11.29 -25.74 19.85
C LEU A 966 -11.94 -27.10 19.99
N PRO A 967 -11.93 -27.92 18.93
CA PRO A 967 -12.51 -29.27 19.05
C PRO A 967 -11.85 -30.13 20.11
N SER A 968 -10.61 -29.85 20.48
CA SER A 968 -9.86 -30.68 21.41
C SER A 968 -10.23 -30.41 22.87
N PHE A 969 -11.06 -29.42 23.16
CA PHE A 969 -11.27 -28.96 24.53
C PHE A 969 -12.71 -29.19 24.97
N LYS A 970 -12.87 -29.41 26.26
CA LYS A 970 -14.19 -29.64 26.84
C LYS A 970 -15.04 -28.38 26.70
N PRO A 971 -16.35 -28.50 26.49
CA PRO A 971 -17.21 -27.32 26.46
C PRO A 971 -17.15 -26.57 27.78
N TYR A 972 -17.15 -25.24 27.68
CA TYR A 972 -17.06 -24.34 28.83
C TYR A 972 -15.85 -24.70 29.70
N GLU A 973 -14.70 -24.83 29.04
CA GLU A 973 -13.47 -25.19 29.72
C GLU A 973 -13.01 -24.07 30.64
N THR A 974 -12.40 -24.46 31.75
CA THR A 974 -11.80 -23.53 32.71
C THR A 974 -10.31 -23.86 32.74
N ASP A 975 -9.56 -23.26 31.82
CA ASP A 975 -8.14 -23.57 31.69
C ASP A 975 -7.46 -22.45 30.93
N ALA A 976 -6.33 -21.99 31.46
CA ALA A 976 -5.55 -20.97 30.75
C ALA A 976 -5.01 -21.52 29.43
N MET A 977 -4.61 -22.80 29.42
CA MET A 977 -4.08 -23.39 28.20
C MET A 977 -5.12 -23.38 27.08
N ALA A 978 -6.36 -23.71 27.41
CA ALA A 978 -7.44 -23.67 26.42
C ALA A 978 -8.12 -22.31 26.40
N GLY A 979 -7.31 -21.26 26.32
CA GLY A 979 -7.83 -19.91 26.22
C GLY A 979 -6.94 -19.04 25.36
N GLY A 980 -5.97 -19.65 24.71
CA GLY A 980 -4.97 -18.95 23.93
C GLY A 980 -3.64 -18.78 24.63
N TYR A 981 -3.58 -19.02 25.94
CA TYR A 981 -2.33 -18.94 26.68
C TYR A 981 -1.49 -20.18 26.40
N VAL A 982 -0.33 -19.99 25.80
CA VAL A 982 0.52 -21.09 25.35
C VAL A 982 1.76 -21.13 26.23
N LYS A 983 2.11 -22.33 26.70
CA LYS A 983 3.26 -22.52 27.56
C LYS A 983 4.51 -22.93 26.79
N GLY A 984 4.41 -23.12 25.49
CA GLY A 984 5.55 -23.54 24.71
C GLY A 984 6.49 -22.40 24.38
N ARG A 985 7.66 -22.76 23.88
CA ARG A 985 8.65 -21.82 23.43
C ARG A 985 9.16 -22.24 22.06
N PHE A 986 9.60 -21.26 21.27
CA PHE A 986 10.01 -21.55 19.91
C PHE A 986 11.26 -22.42 19.85
N TYR A 987 11.98 -22.57 20.96
CA TYR A 987 13.11 -23.48 20.98
C TYR A 987 12.68 -24.94 21.13
N SER A 988 11.62 -25.20 21.88
CA SER A 988 11.19 -26.57 22.17
C SER A 988 9.83 -26.90 21.57
N GLY A 989 9.29 -26.06 20.69
CA GLY A 989 8.08 -26.39 19.97
C GLY A 989 6.81 -26.12 20.76
N ILE A 990 5.69 -26.20 20.05
CA ILE A 990 4.38 -25.89 20.61
C ILE A 990 3.40 -26.97 20.21
N LYS A 991 2.50 -27.31 21.12
CA LYS A 991 1.47 -28.31 20.87
C LYS A 991 0.49 -27.81 19.81
N PRO A 992 -0.23 -28.71 19.14
CA PRO A 992 -1.04 -28.29 17.99
C PRO A 992 -2.08 -27.22 18.29
N GLN A 993 -2.73 -27.26 19.46
CA GLN A 993 -3.69 -26.21 19.80
C GLN A 993 -3.01 -24.86 19.91
N GLU A 994 -1.84 -24.82 20.56
CA GLU A 994 -1.07 -23.59 20.63
C GLU A 994 -0.63 -23.13 19.25
N TYR A 995 -0.32 -24.08 18.37
CA TYR A 995 0.04 -23.74 16.99
C TYR A 995 -1.14 -23.10 16.28
N TYR A 996 -2.34 -23.63 16.50
CA TYR A 996 -3.54 -23.03 15.92
C TYR A 996 -3.74 -21.60 16.41
N PHE A 997 -3.59 -21.39 17.72
CA PHE A 997 -3.77 -20.04 18.26
C PHE A 997 -2.72 -19.08 17.71
N HIS A 998 -1.47 -19.54 17.61
CA HIS A 998 -0.41 -18.70 17.07
C HIS A 998 -0.67 -18.34 15.61
N CYS A 999 -1.17 -19.30 14.83
CA CYS A 999 -1.53 -19.01 13.44
C CYS A 999 -2.64 -17.97 13.38
N MET A 1000 -3.61 -18.06 14.29
CA MET A 1000 -4.69 -17.09 14.33
C MET A 1000 -4.16 -15.68 14.59
N ALA A 1001 -3.27 -15.56 15.57
CA ALA A 1001 -2.69 -14.25 15.87
C ALA A 1001 -1.88 -13.72 14.68
N GLY A 1002 -1.12 -14.60 14.03
CA GLY A 1002 -0.38 -14.19 12.85
C GLY A 1002 -1.28 -13.69 11.75
N ARG A 1003 -2.43 -14.34 11.55
CA ARG A 1003 -3.39 -13.89 10.55
C ARG A 1003 -3.92 -12.51 10.89
N GLU A 1004 -4.24 -12.27 12.17
CA GLU A 1004 -4.68 -10.94 12.57
C GLU A 1004 -3.63 -9.89 12.22
N GLY A 1005 -2.37 -10.18 12.54
CA GLY A 1005 -1.31 -9.24 12.21
C GLY A 1005 -1.19 -9.00 10.72
N LEU A 1006 -1.34 -10.05 9.92
CA LEU A 1006 -1.20 -9.91 8.47
C LEU A 1006 -2.29 -9.03 7.89
N ILE A 1007 -3.52 -9.15 8.40
CA ILE A 1007 -4.59 -8.26 7.94
C ILE A 1007 -4.32 -6.81 8.36
N ASP A 1008 -3.93 -6.62 9.62
CA ASP A 1008 -3.71 -5.26 10.11
C ASP A 1008 -2.59 -4.57 9.35
N THR A 1009 -1.60 -5.34 8.88
CA THR A 1009 -0.52 -4.74 8.09
C THR A 1009 -1.07 -4.10 6.82
N ALA A 1010 -1.94 -4.81 6.11
CA ALA A 1010 -2.53 -4.24 4.89
C ALA A 1010 -3.36 -3.00 5.20
N VAL A 1011 -4.16 -3.06 6.27
CA VAL A 1011 -4.99 -1.90 6.61
C VAL A 1011 -4.12 -0.68 6.91
N LYS A 1012 -3.06 -0.88 7.72
CA LYS A 1012 -2.19 0.22 8.10
C LYS A 1012 -1.41 0.75 6.90
N THR A 1013 -1.09 -0.10 5.92
CA THR A 1013 -0.46 0.41 4.71
C THR A 1013 -1.45 1.23 3.88
N SER A 1014 -2.74 0.89 3.96
CA SER A 1014 -3.72 1.60 3.12
C SER A 1014 -4.22 2.91 3.72
N ARG A 1015 -4.04 3.15 5.02
CA ARG A 1015 -4.83 4.19 5.70
C ARG A 1015 -4.12 5.53 5.93
N SER A 1016 -3.37 6.12 4.99
CA SER A 1016 -2.83 7.47 5.25
C SER A 1016 -2.83 8.47 4.08
N GLY A 1017 -3.04 8.02 2.84
CA GLY A 1017 -2.69 8.85 1.68
C GLY A 1017 -3.53 10.10 1.54
N TYR A 1018 -4.84 9.99 1.75
CA TYR A 1018 -5.72 11.13 1.55
C TYR A 1018 -5.41 12.25 2.53
N LEU A 1019 -5.20 11.91 3.79
CA LEU A 1019 -4.84 12.92 4.79
C LEU A 1019 -3.53 13.60 4.40
N GLN A 1020 -2.51 12.81 4.06
CA GLN A 1020 -1.25 13.42 3.67
C GLN A 1020 -1.43 14.37 2.50
N ARG A 1021 -2.15 13.92 1.46
CA ARG A 1021 -2.28 14.69 0.24
C ARG A 1021 -3.05 15.98 0.48
N CYS A 1022 -4.15 15.92 1.22
CA CYS A 1022 -4.94 17.13 1.46
C CYS A 1022 -4.15 18.14 2.28
N LEU A 1023 -3.43 17.68 3.32
CA LEU A 1023 -2.64 18.62 4.11
C LEU A 1023 -1.57 19.30 3.27
N THR A 1024 -0.83 18.53 2.48
CA THR A 1024 0.25 19.18 1.72
C THR A 1024 -0.30 20.06 0.62
N LYS A 1025 -1.45 19.69 0.04
CA LYS A 1025 -2.06 20.56 -0.97
C LYS A 1025 -2.47 21.88 -0.36
N GLN A 1026 -3.03 21.86 0.85
CA GLN A 1026 -3.42 23.11 1.49
C GLN A 1026 -2.21 23.95 1.89
N LEU A 1027 -1.16 23.31 2.40
CA LEU A 1027 -0.04 24.03 2.98
C LEU A 1027 1.16 24.14 2.05
N GLU A 1028 0.99 23.86 0.76
CA GLU A 1028 2.13 23.86 -0.15
C GLU A 1028 2.79 25.23 -0.29
N GLY A 1029 2.09 26.31 0.06
CA GLY A 1029 2.60 27.64 -0.22
C GLY A 1029 3.15 28.38 0.98
N VAL A 1030 2.54 28.17 2.16
CA VAL A 1030 2.92 28.94 3.33
C VAL A 1030 4.38 28.68 3.68
N HIS A 1031 5.15 29.76 3.73
CA HIS A 1031 6.59 29.69 3.96
C HIS A 1031 7.02 30.92 4.75
N VAL A 1032 8.13 30.80 5.46
CA VAL A 1032 8.63 31.90 6.26
C VAL A 1032 9.24 32.96 5.33
N SER A 1033 8.87 34.22 5.57
CA SER A 1033 9.29 35.33 4.72
C SER A 1033 10.60 35.91 5.25
N TYR A 1034 11.04 37.02 4.67
CA TYR A 1034 12.27 37.67 5.11
C TYR A 1034 12.07 38.48 6.38
N ASP A 1035 10.84 38.61 6.87
CA ASP A 1035 10.56 39.23 8.15
C ASP A 1035 10.41 38.21 9.26
N ASN A 1036 10.79 36.96 9.02
CA ASN A 1036 10.64 35.87 9.98
C ASN A 1036 9.18 35.64 10.35
N SER A 1037 8.27 35.99 9.44
CA SER A 1037 6.85 35.74 9.60
C SER A 1037 6.40 34.79 8.51
N ILE A 1038 5.77 33.69 8.90
CA ILE A 1038 5.29 32.71 7.93
C ILE A 1038 3.96 33.18 7.38
N ARG A 1039 3.81 33.08 6.06
CA ARG A 1039 2.59 33.52 5.40
C ARG A 1039 2.47 32.82 4.07
N ASP A 1040 1.23 32.59 3.65
CA ASP A 1040 0.96 31.92 2.39
C ASP A 1040 1.58 32.69 1.23
N ALA A 1041 1.71 32.00 0.09
CA ALA A 1041 2.28 32.62 -1.11
C ALA A 1041 1.45 33.81 -1.56
N ASP A 1042 0.15 33.81 -1.26
CA ASP A 1042 -0.68 34.98 -1.49
C ASP A 1042 -0.15 36.17 -0.70
N GLY A 1043 0.15 35.94 0.58
CA GLY A 1043 0.58 37.00 1.46
C GLY A 1043 -0.18 36.99 2.77
N THR A 1044 -1.25 36.20 2.82
CA THR A 1044 -2.06 36.10 4.02
C THR A 1044 -1.25 35.50 5.15
N LEU A 1045 -1.13 36.24 6.25
CA LEU A 1045 -0.34 35.77 7.37
C LEU A 1045 -1.01 34.60 8.08
N VAL A 1046 -0.20 33.71 8.62
CA VAL A 1046 -0.66 32.62 9.45
C VAL A 1046 -0.20 32.80 10.90
N GLN A 1047 1.10 33.02 11.10
CA GLN A 1047 1.63 33.47 12.38
C GLN A 1047 2.71 34.50 12.12
N PHE A 1048 2.89 35.41 13.08
CA PHE A 1048 3.94 36.41 12.98
C PHE A 1048 5.30 35.81 13.28
N MET A 1049 5.36 34.86 14.23
CA MET A 1049 6.58 34.19 14.60
C MET A 1049 6.40 32.69 14.42
N TYR A 1050 7.42 32.02 13.91
CA TYR A 1050 7.34 30.58 13.69
C TYR A 1050 7.36 29.89 15.04
N GLY A 1051 6.18 29.61 15.58
CA GLY A 1051 6.08 29.02 16.91
C GLY A 1051 6.34 29.97 18.05
N GLY A 1052 6.44 31.27 17.77
CA GLY A 1052 6.77 32.25 18.77
C GLY A 1052 8.25 32.46 19.01
N ASP A 1053 9.10 31.68 18.36
CA ASP A 1053 10.54 31.70 18.59
C ASP A 1053 11.38 31.79 17.32
N ALA A 1054 10.93 31.13 16.26
CA ALA A 1054 11.62 31.12 14.96
C ALA A 1054 13.01 30.48 15.04
N ILE A 1055 13.15 29.39 15.82
CA ILE A 1055 14.37 28.59 15.79
C ILE A 1055 14.08 27.34 14.99
N ASP A 1056 15.02 26.99 14.11
CA ASP A 1056 14.86 25.77 13.31
C ASP A 1056 14.77 24.55 14.20
N ILE A 1057 13.83 23.66 13.87
CA ILE A 1057 13.66 22.44 14.65
C ILE A 1057 14.87 21.53 14.51
N THR A 1058 15.45 21.47 13.32
CA THR A 1058 16.64 20.65 13.10
C THR A 1058 17.84 21.14 13.89
N LYS A 1059 17.81 22.38 14.38
CA LYS A 1059 18.90 22.93 15.18
C LYS A 1059 18.52 23.17 16.63
N GLU A 1060 17.27 22.93 17.00
CA GLU A 1060 16.79 23.03 18.37
C GLU A 1060 17.33 21.88 19.29
N SER A 1061 18.17 20.99 18.74
CA SER A 1061 18.56 19.78 19.47
C SER A 1061 19.36 20.12 20.73
N HIS A 1062 20.40 20.94 20.60
CA HIS A 1062 21.32 21.20 21.71
C HIS A 1062 21.34 22.66 22.10
N MET A 1063 20.16 23.27 22.20
CA MET A 1063 20.04 24.58 22.83
C MET A 1063 19.49 24.49 24.25
N THR A 1064 19.21 23.28 24.72
CA THR A 1064 18.83 23.04 26.11
C THR A 1064 19.90 22.25 26.86
N GLN A 1065 20.87 21.66 26.17
CA GLN A 1065 21.94 20.91 26.81
C GLN A 1065 22.98 21.90 27.31
N PHE A 1066 22.65 22.54 28.44
CA PHE A 1066 23.54 23.54 29.03
C PHE A 1066 24.87 22.92 29.44
N GLU A 1067 24.84 21.74 30.06
CA GLU A 1067 26.07 21.10 30.50
C GLU A 1067 26.97 20.76 29.30
N PHE A 1068 26.38 20.20 28.24
CA PHE A 1068 27.17 19.87 27.06
C PHE A 1068 27.77 21.11 26.43
N CYS A 1069 26.98 22.18 26.31
CA CYS A 1069 27.48 23.41 25.72
C CYS A 1069 28.62 23.99 26.56
N LEU A 1070 28.45 24.00 27.89
CA LEU A 1070 29.51 24.51 28.75
C LEU A 1070 30.78 23.68 28.63
N ASP A 1071 30.63 22.35 28.56
CA ASP A 1071 31.80 21.48 28.45
C ASP A 1071 32.55 21.71 27.14
N ASN A 1072 31.81 21.87 26.04
CA ASN A 1072 32.43 22.05 24.72
C ASN A 1072 32.61 23.51 24.33
N TYR A 1073 32.45 24.42 25.30
CA TYR A 1073 32.59 25.85 25.07
C TYR A 1073 33.67 26.23 24.07
N TYR A 1074 34.89 25.72 24.22
CA TYR A 1074 35.97 26.20 23.37
C TYR A 1074 35.76 25.79 21.91
N ALA A 1075 35.39 24.53 21.66
CA ALA A 1075 35.12 24.10 20.31
C ALA A 1075 33.92 24.84 19.73
N LEU A 1076 32.87 25.03 20.53
CA LEU A 1076 31.69 25.75 20.06
C LEU A 1076 32.05 27.17 19.66
N LEU A 1077 32.86 27.84 20.47
CA LEU A 1077 33.28 29.20 20.16
C LEU A 1077 34.13 29.26 18.91
N LYS A 1078 35.04 28.28 18.74
CA LYS A 1078 35.87 28.26 17.54
C LYS A 1078 35.01 28.04 16.31
N LYS A 1079 33.94 27.25 16.43
CA LYS A 1079 33.02 27.05 15.31
C LYS A 1079 32.24 28.32 15.01
N TYR A 1080 31.75 28.99 16.04
CA TYR A 1080 30.88 30.15 15.83
C TYR A 1080 31.65 31.37 15.33
N ASN A 1081 32.89 31.55 15.79
CA ASN A 1081 33.72 32.71 15.45
C ASN A 1081 33.00 34.00 15.83
N PRO A 1082 32.84 34.29 17.12
CA PRO A 1082 32.17 35.53 17.52
C PRO A 1082 32.90 36.79 17.09
N SER A 1083 34.20 36.70 16.77
CA SER A 1083 34.96 37.88 16.40
C SER A 1083 34.44 38.50 15.11
N ALA A 1084 34.06 37.67 14.14
CA ALA A 1084 33.58 38.15 12.85
C ALA A 1084 32.11 38.50 12.84
N LEU A 1085 31.42 38.37 13.98
CA LEU A 1085 29.98 38.57 14.07
C LEU A 1085 29.65 39.77 14.96
N ILE A 1086 30.40 40.86 14.80
CA ILE A 1086 30.19 42.08 15.57
C ILE A 1086 29.87 43.27 14.67
N GLU A 1087 30.60 43.42 13.57
CA GLU A 1087 30.40 44.57 12.69
C GLU A 1087 29.05 44.54 11.98
N HIS A 1088 28.38 43.40 11.98
CA HIS A 1088 27.05 43.25 11.39
C HIS A 1088 26.04 42.82 12.45
N LEU A 1089 26.11 43.42 13.63
CA LEU A 1089 25.27 42.97 14.73
C LEU A 1089 25.17 44.09 15.76
N ASP A 1090 24.05 44.08 16.50
CA ASP A 1090 23.82 44.99 17.61
C ASP A 1090 23.41 44.18 18.82
N VAL A 1091 23.99 44.51 19.98
CA VAL A 1091 23.83 43.70 21.19
C VAL A 1091 23.17 44.47 22.32
N GLU A 1092 23.51 45.74 22.50
CA GLU A 1092 23.19 46.45 23.74
C GLU A 1092 21.70 46.72 23.86
N SER A 1093 21.08 47.20 22.78
CA SER A 1093 19.66 47.56 22.85
C SER A 1093 18.80 46.34 23.16
N ALA A 1094 19.00 45.26 22.42
CA ALA A 1094 18.22 44.05 22.64
C ALA A 1094 18.50 43.47 24.02
N LEU A 1095 19.76 43.48 24.46
CA LEU A 1095 20.08 42.96 25.78
C LEU A 1095 19.39 43.76 26.87
N LYS A 1096 19.42 45.09 26.78
CA LYS A 1096 18.77 45.93 27.78
C LYS A 1096 17.27 45.73 27.79
N TYR A 1097 16.66 45.66 26.61
CA TYR A 1097 15.21 45.46 26.55
C TYR A 1097 14.83 44.09 27.12
N SER A 1098 15.61 43.06 26.81
CA SER A 1098 15.32 41.73 27.34
C SER A 1098 15.47 41.70 28.85
N LYS A 1099 16.50 42.37 29.38
CA LYS A 1099 16.66 42.42 30.83
C LYS A 1099 15.50 43.14 31.50
N LYS A 1100 15.05 44.27 30.91
CA LYS A 1100 13.92 44.99 31.46
C LYS A 1100 12.66 44.13 31.45
N THR A 1101 12.42 43.45 30.33
CA THR A 1101 11.25 42.57 30.25
C THR A 1101 11.35 41.43 31.26
N LEU A 1102 12.54 40.86 31.41
CA LEU A 1102 12.72 39.74 32.32
C LEU A 1102 12.43 40.16 33.75
N LYS A 1103 12.97 41.31 34.17
CA LYS A 1103 12.69 41.77 35.53
C LYS A 1103 11.22 42.15 35.69
N TYR A 1104 10.60 42.66 34.62
CA TYR A 1104 9.17 42.96 34.70
C TYR A 1104 8.36 41.71 34.97
N ARG A 1105 8.57 40.65 34.18
CA ARG A 1105 7.82 39.42 34.43
C ARG A 1105 8.20 38.77 35.75
N LYS A 1106 9.45 38.95 36.21
CA LYS A 1106 9.81 38.46 37.53
C LYS A 1106 8.97 39.14 38.60
N LYS A 1107 8.78 40.46 38.47
CA LYS A 1107 7.87 41.17 39.37
C LYS A 1107 6.42 40.73 39.15
N HIS A 1108 6.10 40.27 37.95
CA HIS A 1108 4.71 39.98 37.58
C HIS A 1108 4.52 38.52 37.19
N SER A 1109 5.02 37.61 38.02
CA SER A 1109 4.91 36.18 37.74
C SER A 1109 3.66 35.55 38.34
N LYS A 1110 3.39 35.81 39.63
CA LYS A 1110 2.31 35.14 40.37
C LYS A 1110 1.10 36.04 40.42
N GLU A 1111 0.17 35.82 39.48
CA GLU A 1111 -1.10 36.53 39.42
C GLU A 1111 -1.94 35.89 38.32
N PRO A 1112 -3.27 36.11 38.34
CA PRO A 1112 -4.10 35.57 37.27
C PRO A 1112 -3.69 36.09 35.90
N HIS A 1113 -3.85 35.24 34.89
CA HIS A 1113 -3.36 35.56 33.55
C HIS A 1113 -4.13 36.72 32.92
N TYR A 1114 -5.44 36.79 33.15
CA TYR A 1114 -6.24 37.85 32.55
C TYR A 1114 -5.90 39.23 33.11
N LYS A 1115 -5.23 39.29 34.25
CA LYS A 1115 -4.82 40.56 34.85
C LYS A 1115 -3.49 41.07 34.32
N GLN A 1116 -2.75 40.26 33.57
CA GLN A 1116 -1.40 40.62 33.13
C GLN A 1116 -1.49 41.66 32.01
N SER A 1117 -1.63 42.92 32.41
CA SER A 1117 -1.63 44.02 31.46
C SER A 1117 -0.22 44.22 30.94
N VAL A 1118 0.05 43.79 29.71
CA VAL A 1118 1.40 43.84 29.17
C VAL A 1118 1.79 45.28 28.88
N LYS A 1119 2.89 45.72 29.48
CA LYS A 1119 3.49 47.01 29.17
C LYS A 1119 4.67 46.89 28.22
N TYR A 1120 5.48 45.85 28.38
CA TYR A 1120 6.55 45.51 27.46
C TYR A 1120 6.23 44.15 26.85
N ASP A 1121 5.97 44.12 25.55
CA ASP A 1121 5.75 42.86 24.87
C ASP A 1121 7.07 42.08 24.76
N PRO A 1122 7.01 40.78 24.50
CA PRO A 1122 8.25 40.00 24.41
C PRO A 1122 9.18 40.55 23.34
N VAL A 1123 10.48 40.37 23.59
CA VAL A 1123 11.52 41.03 22.79
C VAL A 1123 11.44 40.63 21.33
N LEU A 1124 10.91 39.44 21.03
CA LEU A 1124 10.75 39.02 19.65
C LEU A 1124 9.85 39.95 18.85
N ALA A 1125 8.98 40.71 19.53
CA ALA A 1125 7.99 41.52 18.83
C ALA A 1125 8.64 42.60 17.98
N LYS A 1126 9.56 43.37 18.57
CA LYS A 1126 10.19 44.49 17.87
C LYS A 1126 11.54 44.12 17.26
N TYR A 1127 12.47 43.65 18.10
CA TYR A 1127 13.82 43.38 17.62
C TYR A 1127 13.86 42.11 16.80
N ASN A 1128 14.48 42.18 15.65
CA ASN A 1128 14.62 41.00 14.79
C ASN A 1128 15.61 40.03 15.43
N PRO A 1129 15.19 38.79 15.74
CA PRO A 1129 16.11 37.88 16.44
C PRO A 1129 17.35 37.53 15.65
N ALA A 1130 17.34 37.70 14.33
CA ALA A 1130 18.53 37.45 13.52
C ALA A 1130 19.37 38.71 13.31
N LYS A 1131 18.98 39.84 13.89
CA LYS A 1131 19.71 41.09 13.74
C LYS A 1131 20.14 41.70 15.06
N TYR A 1132 19.50 41.36 16.18
CA TYR A 1132 19.82 41.93 17.47
C TYR A 1132 20.18 40.80 18.43
N LEU A 1133 21.45 40.77 18.86
CA LEU A 1133 21.90 39.75 19.79
C LEU A 1133 21.20 39.93 21.14
N GLY A 1134 20.79 38.80 21.72
CA GLY A 1134 20.07 38.80 22.99
C GLY A 1134 18.57 38.67 22.86
N SER A 1135 18.02 38.82 21.65
CA SER A 1135 16.59 38.68 21.43
C SER A 1135 16.25 37.21 21.36
N VAL A 1136 15.76 36.66 22.48
CA VAL A 1136 15.46 35.24 22.61
C VAL A 1136 14.08 35.08 23.22
N SER A 1137 13.56 33.86 23.15
CA SER A 1137 12.24 33.56 23.69
C SER A 1137 12.25 33.69 25.22
N GLU A 1138 11.04 33.82 25.78
CA GLU A 1138 10.92 33.91 27.22
C GLU A 1138 11.19 32.57 27.89
N ASN A 1139 10.87 31.46 27.22
CA ASN A 1139 11.17 30.14 27.78
C ASN A 1139 12.67 29.87 27.79
N PHE A 1140 13.34 30.13 26.66
CA PHE A 1140 14.77 29.89 26.57
C PHE A 1140 15.54 30.78 27.56
N GLN A 1141 15.15 32.05 27.65
CA GLN A 1141 15.81 32.96 28.59
C GLN A 1141 15.61 32.51 30.02
N ASP A 1142 14.38 32.09 30.37
CA ASP A 1142 14.13 31.61 31.72
C ASP A 1142 14.96 30.38 32.04
N LYS A 1143 15.02 29.42 31.11
CA LYS A 1143 15.80 28.22 31.35
C LYS A 1143 17.29 28.53 31.48
N LEU A 1144 17.81 29.43 30.64
CA LEU A 1144 19.21 29.81 30.72
C LEU A 1144 19.52 30.48 32.06
N GLU A 1145 18.64 31.38 32.50
CA GLU A 1145 18.87 32.04 33.79
C GLU A 1145 18.79 31.04 34.94
N SER A 1146 17.83 30.11 34.89
CA SER A 1146 17.74 29.11 35.94
C SER A 1146 18.98 28.23 35.99
N PHE A 1147 19.51 27.84 34.84
CA PHE A 1147 20.72 27.04 34.81
C PHE A 1147 21.91 27.81 35.36
N LEU A 1148 22.08 29.06 34.90
CA LEU A 1148 23.19 29.88 35.39
C LEU A 1148 23.06 30.19 36.87
N ASP A 1149 21.86 30.15 37.42
CA ASP A 1149 21.68 30.35 38.85
C ASP A 1149 22.00 29.08 39.64
N LYS A 1150 21.48 27.94 39.18
CA LYS A 1150 21.64 26.70 39.94
C LYS A 1150 23.08 26.19 39.87
N ASN A 1151 23.69 26.21 38.70
CA ASN A 1151 24.98 25.58 38.47
C ASN A 1151 26.09 26.62 38.44
N SER A 1152 27.03 26.52 39.37
CA SER A 1152 28.18 27.42 39.45
C SER A 1152 29.39 26.72 38.83
N LYS A 1153 29.41 26.68 37.51
CA LYS A 1153 30.49 26.07 36.73
C LYS A 1153 30.76 24.62 37.14
N GLY A 1160 38.84 27.87 32.86
CA GLY A 1160 38.15 28.88 33.63
C GLY A 1160 37.36 29.85 32.76
N VAL A 1161 36.05 29.68 32.72
CA VAL A 1161 35.16 30.50 31.91
C VAL A 1161 34.09 31.11 32.80
N ASN A 1162 33.72 32.34 32.52
CA ASN A 1162 32.76 33.09 33.32
C ASN A 1162 31.36 32.95 32.74
N GLU A 1163 30.36 33.34 33.54
CA GLU A 1163 28.98 33.26 33.09
C GLU A 1163 28.69 34.23 31.96
N LYS A 1164 29.39 35.35 31.90
CA LYS A 1164 29.11 36.36 30.88
C LYS A 1164 29.47 35.85 29.49
N LYS A 1165 30.67 35.27 29.34
CA LYS A 1165 31.06 34.75 28.03
C LYS A 1165 30.18 33.57 27.62
N PHE A 1166 29.79 32.73 28.58
CA PHE A 1166 28.88 31.64 28.28
C PHE A 1166 27.52 32.15 27.82
N ARG A 1167 27.00 33.19 28.47
CA ARG A 1167 25.73 33.77 28.05
C ARG A 1167 25.84 34.36 26.65
N ALA A 1168 26.95 35.04 26.36
CA ALA A 1168 27.15 35.60 25.03
C ALA A 1168 27.17 34.50 23.97
N LEU A 1169 27.89 33.40 24.25
CA LEU A 1169 27.92 32.30 23.31
C LEU A 1169 26.55 31.65 23.14
N MET A 1170 25.79 31.52 24.23
CA MET A 1170 24.47 30.92 24.11
C MET A 1170 23.52 31.80 23.30
N GLN A 1171 23.59 33.11 23.49
CA GLN A 1171 22.79 34.01 22.66
C GLN A 1171 23.22 33.93 21.20
N LEU A 1172 24.52 33.83 20.94
CA LEU A 1172 24.96 33.66 19.56
C LEU A 1172 24.47 32.33 18.99
N LYS A 1173 24.42 31.29 19.82
CA LYS A 1173 23.89 30.00 19.38
C LYS A 1173 22.42 30.11 19.01
N TYR A 1174 21.64 30.81 19.85
CA TYR A 1174 20.23 31.02 19.55
C TYR A 1174 20.06 31.80 18.25
N MET A 1175 20.89 32.83 18.04
CA MET A 1175 20.82 33.58 16.79
C MET A 1175 21.16 32.71 15.59
N ARG A 1176 22.20 31.88 15.71
CA ARG A 1176 22.64 31.06 14.59
C ARG A 1176 21.65 29.95 14.29
N SER A 1177 20.93 29.48 15.29
CA SER A 1177 19.94 28.41 15.10
C SER A 1177 18.55 28.97 14.81
N LEU A 1178 18.46 29.87 13.84
CA LEU A 1178 17.20 30.47 13.43
C LEU A 1178 16.78 29.89 12.08
N ILE A 1179 15.48 29.66 11.93
CA ILE A 1179 14.96 29.07 10.70
C ILE A 1179 15.12 30.08 9.56
N ASN A 1180 15.81 29.66 8.50
CA ASN A 1180 16.18 30.59 7.44
C ASN A 1180 14.93 31.07 6.70
N PRO A 1181 14.91 32.32 6.25
CA PRO A 1181 13.80 32.80 5.40
C PRO A 1181 13.74 32.07 4.07
N GLY A 1182 12.71 31.27 3.86
CA GLY A 1182 12.57 30.49 2.65
C GLY A 1182 12.20 29.06 2.92
N GLU A 1183 12.32 28.63 4.18
CA GLU A 1183 11.95 27.28 4.56
C GLU A 1183 10.51 26.97 4.15
N ALA A 1184 10.31 25.81 3.53
CA ALA A 1184 8.97 25.38 3.12
C ALA A 1184 8.22 24.84 4.34
N VAL A 1185 7.99 25.76 5.30
CA VAL A 1185 7.45 25.37 6.60
C VAL A 1185 6.10 24.69 6.45
N GLY A 1186 5.30 25.09 5.46
CA GLY A 1186 4.02 24.45 5.25
C GLY A 1186 4.16 22.98 4.88
N ILE A 1187 5.06 22.69 3.94
CA ILE A 1187 5.30 21.29 3.57
C ILE A 1187 5.89 20.53 4.73
N ILE A 1188 6.77 21.17 5.50
CA ILE A 1188 7.36 20.51 6.66
C ILE A 1188 6.28 20.10 7.66
N ALA A 1189 5.36 21.03 7.96
CA ALA A 1189 4.28 20.73 8.89
C ALA A 1189 3.35 19.65 8.34
N SER A 1190 3.00 19.74 7.05
CA SER A 1190 2.11 18.74 6.48
C SER A 1190 2.73 17.35 6.55
N GLN A 1191 4.01 17.23 6.20
CA GLN A 1191 4.68 15.94 6.27
C GLN A 1191 4.78 15.46 7.72
N SER A 1192 5.18 16.33 8.65
CA SER A 1192 5.32 15.91 10.03
C SER A 1192 3.99 15.51 10.65
N VAL A 1193 2.87 15.97 10.09
CA VAL A 1193 1.57 15.53 10.61
C VAL A 1193 1.06 14.29 9.90
N GLY A 1194 1.33 14.14 8.60
CA GLY A 1194 0.78 13.03 7.85
C GLY A 1194 1.63 11.78 7.80
N GLU A 1195 2.94 11.93 7.63
CA GLU A 1195 3.82 10.77 7.58
C GLU A 1195 3.75 9.91 8.84
N PRO A 1196 3.79 10.47 10.06
CA PRO A 1196 3.54 9.63 11.24
C PRO A 1196 2.15 9.02 11.26
N SER A 1197 1.18 9.61 10.56
CA SER A 1197 -0.15 9.02 10.51
C SER A 1197 -0.16 7.69 9.76
N THR A 1198 0.85 7.45 8.92
CA THR A 1198 0.97 6.16 8.24
C THR A 1198 1.25 5.03 9.22
N GLN A 1199 1.75 5.33 10.42
CA GLN A 1199 2.16 4.32 11.37
C GLN A 1199 1.13 4.12 12.49
N MET A 1200 -0.14 4.38 12.22
CA MET A 1200 -1.20 4.16 13.19
C MET A 1200 -2.31 3.32 12.59
N THR A 1201 -2.79 2.36 13.36
CA THR A 1201 -3.83 1.43 12.92
C THR A 1201 -4.52 0.87 14.17
N LEU A 1202 -5.24 -0.23 14.00
CA LEU A 1202 -5.92 -0.90 15.11
C LEU A 1202 -4.84 -1.55 15.98
N ASN A 1203 -4.20 -0.73 16.81
CA ASN A 1203 -3.09 -1.15 17.64
C ASN A 1203 -3.62 -1.89 18.87
N THR A 1204 -2.74 -2.11 19.85
CA THR A 1204 -3.13 -2.78 21.08
C THR A 1204 -4.10 -1.96 21.93
N PHE A 1205 -4.30 -0.68 21.60
CA PHE A 1205 -5.16 0.19 22.40
C PHE A 1205 -6.63 -0.18 22.12
N HIS A 1206 -7.06 -1.26 22.77
CA HIS A 1206 -8.46 -1.71 22.76
C HIS A 1206 -8.74 -2.21 24.17
N PHE A 1207 -9.27 -1.34 25.01
CA PHE A 1207 -9.41 -1.59 26.44
C PHE A 1207 -10.84 -1.99 26.76
N ALA A 1208 -10.99 -3.14 27.43
CA ALA A 1208 -12.28 -3.62 27.90
C ALA A 1208 -12.16 -4.21 29.29
N GLY A 1209 -11.42 -3.53 30.18
CA GLY A 1209 -11.20 -4.05 31.51
C GLY A 1209 -12.47 -4.18 32.33
N HIS A 1210 -13.05 -3.05 32.73
CA HIS A 1210 -14.40 -3.05 33.30
C HIS A 1210 -15.29 -1.94 32.79
N GLY A 1211 -14.74 -0.84 32.25
CA GLY A 1211 -15.55 0.25 31.73
C GLY A 1211 -14.76 1.53 31.56
N ALA A 1212 -15.00 2.26 30.48
CA ALA A 1212 -14.28 3.49 30.18
C ALA A 1212 -15.09 4.31 29.19
N ALA A 1213 -14.56 5.50 28.85
CA ALA A 1213 -15.22 6.37 27.90
C ALA A 1213 -14.97 5.95 26.46
N ASN A 1214 -13.72 5.55 26.15
CA ASN A 1214 -13.34 5.04 24.84
C ASN A 1214 -13.64 6.06 23.73
N VAL A 1215 -12.95 7.20 23.81
CA VAL A 1215 -13.07 8.20 22.76
C VAL A 1215 -12.39 7.70 21.49
N THR A 1216 -12.68 8.38 20.38
CA THR A 1216 -12.03 8.06 19.13
C THR A 1216 -10.56 8.45 19.16
N LEU A 1217 -9.77 7.81 18.31
CA LEU A 1217 -8.34 8.06 18.26
C LEU A 1217 -7.81 7.65 16.89
N GLY A 1218 -6.51 7.82 16.69
CA GLY A 1218 -5.89 7.41 15.45
C GLY A 1218 -6.31 8.30 14.29
N ILE A 1219 -6.10 7.78 13.09
CA ILE A 1219 -6.39 8.53 11.87
C ILE A 1219 -7.88 8.80 11.70
N PRO A 1220 -8.82 7.99 12.22
CA PRO A 1220 -10.22 8.46 12.21
C PRO A 1220 -10.40 9.77 12.96
N ARG A 1221 -9.83 9.87 14.17
CA ARG A 1221 -9.91 11.11 14.92
C ARG A 1221 -9.19 12.25 14.22
N LEU A 1222 -8.03 11.95 13.61
CA LEU A 1222 -7.30 13.00 12.90
C LEU A 1222 -8.09 13.51 11.70
N ARG A 1223 -8.74 12.61 10.96
CA ARG A 1223 -9.59 13.02 9.85
C ARG A 1223 -10.76 13.86 10.34
N GLU A 1224 -11.36 13.47 11.47
CA GLU A 1224 -12.44 14.26 12.04
C GLU A 1224 -11.96 15.65 12.43
N ILE A 1225 -10.78 15.74 13.03
CA ILE A 1225 -10.29 17.01 13.54
C ILE A 1225 -9.91 17.94 12.39
N VAL A 1226 -9.22 17.41 11.37
CA VAL A 1226 -8.64 18.25 10.34
C VAL A 1226 -9.48 18.21 9.06
N MET A 1227 -9.72 17.00 8.54
CA MET A 1227 -10.29 16.88 7.20
C MET A 1227 -11.74 17.35 7.15
N THR A 1228 -12.57 16.91 8.09
CA THR A 1228 -14.00 17.18 8.02
C THR A 1228 -14.45 18.33 8.90
N ALA A 1229 -13.72 18.64 9.97
CA ALA A 1229 -14.13 19.65 10.95
C ALA A 1229 -15.54 19.36 11.46
N SER A 1230 -15.76 18.10 11.83
CA SER A 1230 -17.09 17.66 12.25
C SER A 1230 -17.50 18.34 13.53
N ALA A 1231 -18.67 18.97 13.52
CA ALA A 1231 -19.27 19.57 14.70
C ALA A 1231 -20.11 18.57 15.49
N ALA A 1232 -20.22 17.34 15.01
CA ALA A 1232 -21.00 16.27 15.63
C ALA A 1232 -20.14 15.04 15.84
N ILE A 1233 -18.97 15.25 16.47
CA ILE A 1233 -17.99 14.17 16.60
C ILE A 1233 -18.59 12.98 17.34
N LYS A 1234 -17.96 11.82 17.13
CA LYS A 1234 -18.53 10.56 17.62
C LYS A 1234 -18.63 10.54 19.15
N THR A 1235 -17.58 11.00 19.84
CA THR A 1235 -17.53 10.97 21.29
C THR A 1235 -17.14 12.34 21.83
N PRO A 1236 -18.08 13.28 21.89
CA PRO A 1236 -17.77 14.58 22.49
C PRO A 1236 -17.82 14.50 24.01
N GLN A 1237 -16.83 15.13 24.64
CA GLN A 1237 -16.76 15.17 26.10
C GLN A 1237 -15.93 16.36 26.50
N MET A 1238 -16.02 16.72 27.78
CA MET A 1238 -15.30 17.86 28.32
C MET A 1238 -14.66 17.50 29.65
N THR A 1239 -13.67 18.29 30.03
CA THR A 1239 -12.94 18.10 31.29
C THR A 1239 -13.42 19.11 32.31
N LEU A 1240 -13.79 18.61 33.49
CA LEU A 1240 -14.32 19.45 34.58
C LEU A 1240 -13.37 19.40 35.76
N PRO A 1241 -12.52 20.40 35.96
CA PRO A 1241 -11.69 20.42 37.18
C PRO A 1241 -12.56 20.62 38.41
N ILE A 1242 -12.11 20.02 39.51
CA ILE A 1242 -12.85 20.03 40.77
C ILE A 1242 -12.03 20.77 41.81
N TRP A 1243 -12.72 21.48 42.70
CA TRP A 1243 -12.04 22.16 43.80
C TRP A 1243 -11.37 21.14 44.71
N ASN A 1244 -10.25 21.56 45.31
CA ASN A 1244 -9.47 20.65 46.13
C ASN A 1244 -10.16 20.27 47.44
N ASP A 1245 -11.25 20.94 47.80
CA ASP A 1245 -11.99 20.61 49.01
C ASP A 1245 -13.15 19.65 48.77
N VAL A 1246 -13.30 19.14 47.55
CA VAL A 1246 -14.37 18.21 47.22
C VAL A 1246 -13.76 16.81 47.15
N SER A 1247 -14.14 15.95 48.07
CA SER A 1247 -13.57 14.61 48.19
C SER A 1247 -14.28 13.67 47.22
N ASP A 1248 -14.00 12.36 47.34
CA ASP A 1248 -14.70 11.39 46.52
C ASP A 1248 -16.20 11.39 46.83
N GLU A 1249 -16.54 11.41 48.12
CA GLU A 1249 -17.91 11.69 48.51
C GLU A 1249 -18.22 13.16 48.25
N GLN A 1250 -19.52 13.47 48.17
CA GLN A 1250 -20.05 14.79 47.80
C GLN A 1250 -19.62 15.17 46.39
N ALA A 1251 -18.94 14.26 45.70
CA ALA A 1251 -18.65 14.35 44.27
C ALA A 1251 -19.22 13.18 43.48
N ASP A 1252 -19.20 11.98 44.06
CA ASP A 1252 -19.86 10.85 43.44
C ASP A 1252 -21.36 11.09 43.33
N THR A 1253 -21.97 11.64 44.39
CA THR A 1253 -23.39 11.96 44.33
C THR A 1253 -23.68 13.05 43.31
N PHE A 1254 -22.77 14.02 43.17
CA PHE A 1254 -22.93 15.01 42.11
C PHE A 1254 -22.88 14.35 40.74
N CYS A 1255 -21.96 13.40 40.56
CA CYS A 1255 -21.86 12.68 39.28
C CYS A 1255 -23.16 11.95 38.98
N LYS A 1256 -23.71 11.26 39.99
CA LYS A 1256 -24.95 10.52 39.79
C LYS A 1256 -26.12 11.46 39.49
N SER A 1257 -26.17 12.61 40.17
CA SER A 1257 -27.25 13.56 39.95
C SER A 1257 -27.15 14.21 38.57
N ILE A 1258 -25.92 14.49 38.10
CA ILE A 1258 -25.75 15.13 36.81
C ILE A 1258 -25.86 14.13 35.66
N SER A 1259 -25.69 12.84 35.92
CA SER A 1259 -25.81 11.85 34.88
C SER A 1259 -27.25 11.75 34.38
N LYS A 1260 -27.40 11.36 33.11
CA LYS A 1260 -28.72 11.17 32.53
C LYS A 1260 -29.30 9.82 32.95
N VAL A 1261 -30.59 9.81 33.29
CA VAL A 1261 -31.32 8.60 33.61
C VAL A 1261 -32.54 8.52 32.70
N LEU A 1262 -32.68 7.41 31.99
CA LEU A 1262 -33.82 7.17 31.12
C LEU A 1262 -34.89 6.40 31.86
N LEU A 1263 -36.11 6.44 31.31
CA LEU A 1263 -37.23 5.76 31.95
C LEU A 1263 -37.01 4.26 32.00
N SER A 1264 -36.37 3.71 30.97
CA SER A 1264 -36.13 2.26 30.92
C SER A 1264 -35.18 1.79 32.02
N GLU A 1265 -34.38 2.68 32.60
CA GLU A 1265 -33.36 2.26 33.55
C GLU A 1265 -33.90 2.02 34.95
N VAL A 1266 -35.16 2.33 35.21
CA VAL A 1266 -35.77 2.05 36.51
C VAL A 1266 -36.91 1.05 36.42
N ILE A 1267 -37.41 0.74 35.23
CA ILE A 1267 -38.49 -0.22 35.07
C ILE A 1267 -37.91 -1.62 35.06
N ASP A 1268 -38.31 -2.45 36.02
CA ASP A 1268 -37.88 -3.84 36.01
C ASP A 1268 -38.44 -4.60 34.81
N LYS A 1269 -39.75 -4.49 34.60
CA LYS A 1269 -40.43 -5.14 33.49
C LYS A 1269 -41.84 -4.54 33.40
N VAL A 1270 -42.61 -5.00 32.42
CA VAL A 1270 -44.00 -4.58 32.26
C VAL A 1270 -44.85 -5.82 32.05
N ILE A 1271 -46.07 -5.80 32.59
CA ILE A 1271 -47.00 -6.92 32.49
C ILE A 1271 -48.23 -6.39 31.77
N VAL A 1272 -48.25 -6.54 30.45
CA VAL A 1272 -49.35 -6.02 29.63
C VAL A 1272 -50.49 -7.04 29.62
N THR A 1273 -51.63 -6.65 30.17
CA THR A 1273 -52.82 -7.50 30.19
C THR A 1273 -53.85 -6.89 29.24
N GLU A 1274 -54.27 -7.67 28.24
CA GLU A 1274 -55.18 -7.20 27.21
C GLU A 1274 -56.50 -7.95 27.33
N THR A 1275 -57.60 -7.22 27.24
CA THR A 1275 -58.94 -7.80 27.30
C THR A 1275 -59.80 -7.21 26.20
N THR A 1276 -60.71 -8.03 25.67
CA THR A 1276 -61.62 -7.63 24.60
C THR A 1276 -63.07 -7.82 24.99
N GLY A 1277 -63.37 -7.68 26.28
CA GLY A 1277 -64.73 -7.84 26.77
C GLY A 1277 -65.66 -6.74 26.30
N ALA A 1287 -63.58 -1.41 22.93
CA ALA A 1287 -63.71 -2.12 24.19
C ALA A 1287 -62.43 -2.88 24.52
N ARG A 1288 -61.44 -2.74 23.65
CA ARG A 1288 -60.15 -3.40 23.82
C ARG A 1288 -59.38 -2.73 24.96
N SER A 1289 -59.43 -3.34 26.14
CA SER A 1289 -58.72 -2.81 27.29
C SER A 1289 -57.23 -3.11 27.19
N TYR A 1290 -56.44 -2.40 28.02
CA TYR A 1290 -55.00 -2.60 28.04
C TYR A 1290 -54.50 -2.18 29.42
N VAL A 1291 -54.20 -3.17 30.26
CA VAL A 1291 -53.69 -2.91 31.61
C VAL A 1291 -52.18 -3.06 31.58
N ILE A 1292 -51.47 -1.97 31.85
CA ILE A 1292 -50.02 -1.95 31.83
C ILE A 1292 -49.53 -1.77 33.27
N HIS A 1293 -48.77 -2.75 33.75
CA HIS A 1293 -48.23 -2.75 35.10
C HIS A 1293 -46.71 -2.88 34.99
N MET A 1294 -45.99 -1.80 35.28
CA MET A 1294 -44.54 -1.79 35.20
C MET A 1294 -43.96 -1.97 36.59
N ARG A 1295 -43.40 -3.16 36.84
CA ARG A 1295 -42.67 -3.40 38.08
C ARG A 1295 -41.43 -2.52 38.13
N PHE A 1296 -41.20 -1.90 39.27
CA PHE A 1296 -40.08 -0.98 39.46
C PHE A 1296 -39.01 -1.59 40.34
N PHE A 1297 -37.79 -1.08 40.18
CA PHE A 1297 -36.70 -1.50 41.04
C PHE A 1297 -36.98 -1.10 42.48
N ASP A 1298 -36.35 -1.83 43.41
CA ASP A 1298 -36.55 -1.54 44.82
C ASP A 1298 -36.07 -0.13 45.15
N ASN A 1299 -36.84 0.55 46.01
CA ASN A 1299 -36.58 1.96 46.28
C ASN A 1299 -35.21 2.18 46.89
N ASN A 1300 -34.91 1.44 47.96
CA ASN A 1300 -33.67 1.65 48.70
C ASN A 1300 -32.44 1.56 47.80
N GLU A 1301 -32.49 0.73 46.76
CA GLU A 1301 -31.34 0.61 45.88
C GLU A 1301 -31.39 1.56 44.69
N TYR A 1302 -32.54 1.71 44.03
CA TYR A 1302 -32.54 2.53 42.83
C TYR A 1302 -32.46 4.03 43.15
N SER A 1303 -33.16 4.47 44.21
CA SER A 1303 -33.05 5.88 44.60
C SER A 1303 -31.65 6.24 45.07
N GLU A 1304 -30.92 5.30 45.66
CA GLU A 1304 -29.53 5.55 46.04
C GLU A 1304 -28.60 5.49 44.85
N GLU A 1305 -28.87 4.61 43.88
CA GLU A 1305 -27.97 4.44 42.75
C GLU A 1305 -28.09 5.61 41.77
N TYR A 1306 -29.31 6.04 41.47
CA TYR A 1306 -29.52 7.07 40.46
C TYR A 1306 -29.96 8.41 41.03
N ASP A 1307 -30.10 8.53 42.35
CA ASP A 1307 -30.50 9.79 43.00
C ASP A 1307 -31.81 10.31 42.42
N VAL A 1308 -32.77 9.41 42.22
CA VAL A 1308 -34.08 9.74 41.69
C VAL A 1308 -35.13 9.40 42.74
N SER A 1309 -36.03 10.34 43.01
CA SER A 1309 -37.05 10.15 44.02
C SER A 1309 -38.34 9.62 43.41
N LYS A 1310 -39.17 9.01 44.27
CA LYS A 1310 -40.44 8.46 43.79
C LYS A 1310 -41.39 9.54 43.32
N GLU A 1311 -41.39 10.69 43.99
CA GLU A 1311 -42.20 11.82 43.53
C GLU A 1311 -41.74 12.29 42.16
N GLU A 1312 -40.42 12.37 41.96
CA GLU A 1312 -39.89 12.73 40.65
C GLU A 1312 -40.31 11.73 39.59
N LEU A 1313 -40.24 10.43 39.91
CA LEU A 1313 -40.65 9.41 38.96
C LEU A 1313 -42.12 9.54 38.61
N GLN A 1314 -42.98 9.76 39.60
CA GLN A 1314 -44.40 9.95 39.32
C GLN A 1314 -44.62 11.15 38.41
N ASN A 1315 -43.93 12.26 38.69
CA ASN A 1315 -44.08 13.44 37.87
C ASN A 1315 -43.67 13.17 36.42
N VAL A 1316 -42.51 12.54 36.23
CA VAL A 1316 -42.00 12.37 34.86
C VAL A 1316 -42.87 11.38 34.10
N ILE A 1317 -43.30 10.29 34.76
CA ILE A 1317 -44.14 9.34 34.04
C ILE A 1317 -45.46 10.01 33.64
N SER A 1318 -46.09 10.72 34.58
CA SER A 1318 -47.37 11.35 34.29
C SER A 1318 -47.26 12.37 33.16
N ASN A 1319 -46.17 13.14 33.12
CA ASN A 1319 -46.08 14.18 32.11
C ASN A 1319 -45.54 13.69 30.76
N GLN A 1320 -44.79 12.59 30.74
CA GLN A 1320 -44.12 12.18 29.50
C GLN A 1320 -44.53 10.81 29.00
N PHE A 1321 -44.55 9.80 29.87
CA PHE A 1321 -44.67 8.42 29.40
C PHE A 1321 -46.03 8.18 28.76
N ILE A 1322 -47.10 8.60 29.43
CA ILE A 1322 -48.44 8.35 28.92
C ILE A 1322 -48.66 9.10 27.61
N HIS A 1323 -48.18 10.35 27.54
CA HIS A 1323 -48.33 11.13 26.31
C HIS A 1323 -47.59 10.48 25.15
N LEU A 1324 -46.35 10.03 25.39
CA LEU A 1324 -45.57 9.42 24.30
C LEU A 1324 -46.20 8.10 23.86
N LEU A 1325 -46.67 7.30 24.82
CA LEU A 1325 -47.35 6.05 24.47
C LEU A 1325 -48.62 6.32 23.69
N GLU A 1326 -49.36 7.35 24.07
CA GLU A 1326 -50.57 7.74 23.35
C GLU A 1326 -50.26 8.12 21.91
N ALA A 1327 -49.22 8.93 21.71
CA ALA A 1327 -48.84 9.34 20.37
C ALA A 1327 -48.41 8.15 19.53
N ALA A 1328 -47.62 7.24 20.12
CA ALA A 1328 -47.20 6.06 19.39
C ALA A 1328 -48.38 5.18 19.01
N ILE A 1329 -49.33 5.01 19.94
CA ILE A 1329 -50.48 4.15 19.67
C ILE A 1329 -51.35 4.74 18.58
N VAL A 1330 -51.62 6.04 18.62
CA VAL A 1330 -52.47 6.64 17.60
C VAL A 1330 -51.77 6.62 16.24
N LYS A 1331 -50.45 6.83 16.23
CA LYS A 1331 -49.71 6.73 14.96
C LYS A 1331 -49.80 5.32 14.40
N GLU A 1332 -49.63 4.30 15.25
CA GLU A 1332 -49.70 2.93 14.78
C GLU A 1332 -51.09 2.59 14.26
N ILE A 1333 -52.14 3.03 14.97
CA ILE A 1333 -53.50 2.75 14.52
C ILE A 1333 -53.78 3.42 13.20
N LYS A 1334 -53.36 4.68 13.05
CA LYS A 1334 -53.58 5.39 11.79
C LYS A 1334 -52.83 4.73 10.64
N LYS A 1335 -51.60 4.26 10.90
CA LYS A 1335 -50.86 3.54 9.88
C LYS A 1335 -51.56 2.24 9.51
N GLN A 1336 -52.13 1.55 10.51
CA GLN A 1336 -52.85 0.31 10.25
C GLN A 1336 -54.06 0.53 9.36
N LYS A 1337 -54.71 1.69 9.47
CA LYS A 1337 -55.88 1.99 8.64
C LYS A 1337 -55.51 2.07 7.17
N ARG A 1338 -54.39 2.71 6.86
CA ARG A 1338 -53.95 2.85 5.46
C ARG A 1338 -53.46 1.51 4.92
N VAL A 1433 -49.84 -3.37 42.59
CA VAL A 1433 -50.62 -4.60 42.67
C VAL A 1433 -51.90 -4.36 43.44
N GLU A 1434 -51.82 -4.54 44.77
CA GLU A 1434 -52.98 -4.38 45.64
C GLU A 1434 -53.19 -2.89 45.93
N ALA A 1435 -54.06 -2.59 46.88
CA ALA A 1435 -54.38 -1.23 47.31
C ALA A 1435 -54.94 -0.36 46.18
N ASN A 1436 -55.51 -0.99 45.15
CA ASN A 1436 -56.14 -0.25 44.06
C ASN A 1436 -57.60 0.09 44.35
N ASN A 1437 -58.14 -0.37 45.47
CA ASN A 1437 -59.49 -0.02 45.88
C ASN A 1437 -59.52 0.97 47.04
N ASN A 1438 -58.37 1.25 47.66
CA ASN A 1438 -58.29 2.12 48.82
C ASN A 1438 -57.60 3.45 48.52
N MET A 1439 -57.60 3.86 47.24
CA MET A 1439 -57.00 5.14 46.88
C MET A 1439 -57.75 6.29 47.54
N ASN A 1440 -57.00 7.24 48.08
CA ASN A 1440 -57.57 8.33 48.84
C ASN A 1440 -57.95 9.49 47.90
N LYS A 1441 -58.38 10.61 48.48
CA LYS A 1441 -58.90 11.72 47.69
C LYS A 1441 -57.85 12.30 46.76
N VAL A 1442 -56.61 12.43 47.24
CA VAL A 1442 -55.54 12.97 46.41
C VAL A 1442 -55.28 12.05 45.21
N GLN A 1443 -55.26 10.74 45.45
CA GLN A 1443 -55.06 9.78 44.37
C GLN A 1443 -56.19 9.85 43.36
N ARG A 1444 -57.43 9.94 43.83
CA ARG A 1444 -58.57 10.05 42.92
C ARG A 1444 -58.49 11.33 42.10
N ASP A 1445 -58.09 12.43 42.74
CA ASP A 1445 -57.97 13.70 42.01
C ASP A 1445 -56.89 13.61 40.95
N ARG A 1446 -55.74 13.01 41.29
CA ARG A 1446 -54.68 12.86 40.30
C ARG A 1446 -55.14 11.98 39.14
N GLN A 1447 -55.86 10.89 39.45
CA GLN A 1447 -56.37 10.01 38.41
C GLN A 1447 -57.33 10.74 37.48
N SER A 1448 -58.28 11.48 38.06
CA SER A 1448 -59.24 12.22 37.24
C SER A 1448 -58.54 13.28 36.39
N ALA A 1449 -57.58 13.98 36.98
CA ALA A 1449 -56.84 14.98 36.21
C ALA A 1449 -56.08 14.33 35.06
N ILE A 1450 -55.41 13.19 35.30
CA ILE A 1450 -54.65 12.56 34.25
C ILE A 1450 -55.57 12.03 33.15
N ILE A 1451 -56.77 11.56 33.53
CA ILE A 1451 -57.75 11.14 32.53
C ILE A 1451 -58.16 12.32 31.67
N SER A 1452 -58.41 13.47 32.30
CA SER A 1452 -58.79 14.65 31.54
C SER A 1452 -57.68 15.10 30.60
N HIS A 1453 -56.43 15.08 31.08
CA HIS A 1453 -55.31 15.50 30.25
C HIS A 1453 -55.12 14.56 29.06
N HIS A 1454 -55.25 13.26 29.27
CA HIS A 1454 -54.93 12.28 28.24
C HIS A 1454 -56.19 11.83 27.50
N ARG A 1455 -55.99 11.06 26.43
CA ARG A 1455 -57.08 10.76 25.52
C ARG A 1455 -57.97 9.62 26.03
N PHE A 1456 -57.42 8.42 26.15
CA PHE A 1456 -58.23 7.26 26.53
C PHE A 1456 -57.53 6.42 27.61
N ILE A 1457 -57.09 7.09 28.69
CA ILE A 1457 -56.62 6.40 29.88
C ILE A 1457 -57.76 6.40 30.90
N THR A 1458 -58.08 5.22 31.43
CA THR A 1458 -59.24 5.05 32.29
C THR A 1458 -58.89 4.97 33.77
N LYS A 1459 -57.86 4.21 34.13
CA LYS A 1459 -57.46 4.04 35.51
C LYS A 1459 -56.02 4.53 35.70
N TYR A 1460 -55.65 4.77 36.96
CA TYR A 1460 -54.30 5.19 37.27
C TYR A 1460 -54.06 5.04 38.77
N ASN A 1461 -52.84 4.64 39.12
CA ASN A 1461 -52.41 4.56 40.51
C ASN A 1461 -50.90 4.48 40.54
N PHE A 1462 -50.30 5.03 41.59
CA PHE A 1462 -48.86 5.01 41.79
C PHE A 1462 -48.56 4.75 43.24
N ASP A 1463 -47.70 3.77 43.52
CA ASP A 1463 -47.35 3.39 44.89
C ASP A 1463 -46.39 4.43 45.44
N ASP A 1464 -46.94 5.59 45.80
CA ASP A 1464 -46.13 6.64 46.40
C ASP A 1464 -45.56 6.21 47.75
N GLU A 1465 -46.13 5.18 48.37
CA GLU A 1465 -45.59 4.68 49.62
C GLU A 1465 -44.19 4.10 49.46
N SER A 1466 -43.96 3.37 48.37
CA SER A 1466 -42.68 2.71 48.15
C SER A 1466 -42.11 2.86 46.75
N GLY A 1467 -42.85 3.43 45.81
CA GLY A 1467 -42.35 3.59 44.45
C GLY A 1467 -42.06 2.28 43.76
N LYS A 1468 -42.99 1.33 43.86
CA LYS A 1468 -42.78 -0.02 43.34
C LYS A 1468 -43.53 -0.34 42.07
N TRP A 1469 -44.68 0.31 41.82
CA TRP A 1469 -45.51 -0.06 40.68
C TRP A 1469 -46.37 1.12 40.27
N CYS A 1470 -46.97 1.00 39.09
CA CYS A 1470 -47.88 2.02 38.57
C CYS A 1470 -48.71 1.40 37.46
N GLU A 1471 -50.03 1.37 37.64
CA GLU A 1471 -50.94 0.76 36.67
C GLU A 1471 -51.81 1.83 36.04
N PHE A 1472 -52.08 1.67 34.74
CA PHE A 1472 -52.98 2.60 34.05
C PHE A 1472 -53.63 1.88 32.88
N LYS A 1473 -54.95 1.71 32.96
CA LYS A 1473 -55.68 1.08 31.87
C LYS A 1473 -55.71 2.00 30.65
N LEU A 1474 -55.86 1.38 29.48
CA LEU A 1474 -55.75 2.07 28.20
C LEU A 1474 -56.89 1.68 27.28
N GLU A 1475 -58.12 1.79 27.79
CA GLU A 1475 -59.34 1.50 27.03
C GLU A 1475 -59.24 2.05 25.61
N LEU A 1476 -59.42 1.17 24.63
CA LEU A 1476 -59.25 1.51 23.23
C LEU A 1476 -60.49 1.10 22.45
N ALA A 1477 -60.68 1.75 21.30
CA ALA A 1477 -61.83 1.48 20.46
C ALA A 1477 -61.80 0.05 19.94
N ALA A 1478 -62.97 -0.57 19.83
CA ALA A 1478 -63.07 -1.95 19.38
C ALA A 1478 -62.84 -2.11 17.88
N ASP A 1479 -62.98 -1.04 17.10
CA ASP A 1479 -62.81 -1.14 15.66
C ASP A 1479 -61.37 -1.42 15.27
N THR A 1480 -60.41 -0.87 16.02
CA THR A 1480 -59.00 -1.07 15.70
C THR A 1480 -58.60 -2.53 15.91
N GLU A 1481 -57.69 -3.00 15.06
CA GLU A 1481 -57.22 -4.37 15.12
C GLU A 1481 -56.23 -4.54 16.27
N LYS A 1482 -55.72 -5.76 16.42
CA LYS A 1482 -54.83 -6.07 17.53
C LYS A 1482 -53.46 -5.43 17.33
N LEU A 1483 -52.87 -5.00 18.43
CA LEU A 1483 -51.55 -4.36 18.44
C LEU A 1483 -50.64 -5.10 19.40
N LEU A 1484 -49.34 -4.86 19.25
CA LEU A 1484 -48.35 -5.52 20.10
C LEU A 1484 -48.49 -5.10 21.55
N MET A 1485 -48.49 -3.79 21.81
CA MET A 1485 -48.41 -3.22 23.16
C MET A 1485 -47.23 -3.75 23.95
N VAL A 1486 -46.20 -4.24 23.26
CA VAL A 1486 -44.97 -4.67 23.91
C VAL A 1486 -43.80 -3.96 23.24
N ASN A 1487 -43.73 -4.03 21.91
CA ASN A 1487 -42.65 -3.36 21.18
C ASN A 1487 -42.76 -1.85 21.33
N ILE A 1488 -43.97 -1.30 21.24
CA ILE A 1488 -44.13 0.15 21.35
C ILE A 1488 -43.85 0.62 22.77
N VAL A 1489 -44.31 -0.13 23.77
CA VAL A 1489 -43.98 0.21 25.15
C VAL A 1489 -42.48 0.15 25.38
N GLU A 1490 -41.82 -0.87 24.80
CA GLU A 1490 -40.37 -0.97 24.90
C GLU A 1490 -39.69 0.25 24.30
N GLU A 1491 -40.10 0.64 23.10
CA GLU A 1491 -39.46 1.77 22.43
C GLU A 1491 -39.70 3.06 23.19
N ILE A 1492 -40.91 3.26 23.71
CA ILE A 1492 -41.21 4.48 24.45
C ILE A 1492 -40.41 4.54 25.74
N CYS A 1493 -40.31 3.41 26.46
CA CYS A 1493 -39.51 3.39 27.68
C CYS A 1493 -38.04 3.65 27.37
N ARG A 1494 -37.56 3.17 26.22
CA ARG A 1494 -36.15 3.39 25.87
C ARG A 1494 -35.90 4.83 25.47
N LYS A 1495 -36.86 5.48 24.81
CA LYS A 1495 -36.67 6.83 24.31
C LYS A 1495 -37.16 7.91 25.26
N SER A 1496 -37.74 7.54 26.40
CA SER A 1496 -38.17 8.54 27.36
C SER A 1496 -36.99 9.03 28.20
N ILE A 1497 -37.19 10.17 28.84
CA ILE A 1497 -36.16 10.84 29.62
C ILE A 1497 -36.72 11.15 31.00
N ILE A 1498 -35.96 10.81 32.05
CA ILE A 1498 -36.37 11.12 33.41
C ILE A 1498 -35.81 12.48 33.80
N ARG A 1499 -34.48 12.59 33.82
CA ARG A 1499 -33.81 13.83 34.23
C ARG A 1499 -32.49 13.91 33.47
N GLN A 1500 -32.50 14.60 32.34
CA GLN A 1500 -31.31 14.72 31.50
C GLN A 1500 -31.14 16.16 31.07
N ILE A 1501 -30.04 16.77 31.47
CA ILE A 1501 -29.65 18.08 30.92
C ILE A 1501 -29.14 17.88 29.49
N PRO A 1502 -29.56 18.72 28.54
CA PRO A 1502 -29.31 18.41 27.13
C PRO A 1502 -27.84 18.21 26.80
N HIS A 1503 -27.59 17.28 25.87
CA HIS A 1503 -26.25 16.99 25.36
C HIS A 1503 -25.31 16.49 26.45
N ILE A 1504 -25.85 15.82 27.45
CA ILE A 1504 -25.07 15.15 28.48
C ILE A 1504 -25.63 13.75 28.66
N ASP A 1505 -24.74 12.75 28.65
CA ASP A 1505 -25.14 11.36 28.80
C ASP A 1505 -24.71 10.80 30.14
N ARG A 1506 -23.44 10.87 30.48
CA ARG A 1506 -22.95 10.42 31.77
C ARG A 1506 -21.76 11.27 32.17
N CYS A 1507 -21.47 11.29 33.47
CA CYS A 1507 -20.34 12.01 34.03
C CYS A 1507 -19.52 11.01 34.83
N VAL A 1508 -18.60 10.34 34.17
CA VAL A 1508 -17.72 9.36 34.81
C VAL A 1508 -16.53 10.09 35.42
N HIS A 1509 -16.24 9.78 36.69
CA HIS A 1509 -15.11 10.38 37.37
C HIS A 1509 -13.90 9.45 37.24
N PRO A 1510 -12.98 9.72 36.33
CA PRO A 1510 -11.83 8.82 36.16
C PRO A 1510 -10.79 9.07 37.24
N GLU A 1511 -9.82 8.16 37.30
CA GLU A 1511 -8.71 8.34 38.22
C GLU A 1511 -7.92 9.58 37.84
N PRO A 1512 -7.46 10.36 38.81
CA PRO A 1512 -6.67 11.55 38.48
C PRO A 1512 -5.39 11.18 37.75
N GLU A 1513 -5.02 11.99 36.76
CA GLU A 1513 -3.79 11.72 36.03
C GLU A 1513 -2.57 12.00 36.90
N ASN A 1514 -2.42 13.25 37.33
CA ASN A 1514 -1.35 13.62 38.28
C ASN A 1514 -1.90 14.76 39.15
N GLY A 1515 -2.49 14.38 40.28
CA GLY A 1515 -3.08 15.38 41.16
C GLY A 1515 -4.16 16.23 40.52
N LYS A 1516 -4.78 15.75 39.44
CA LYS A 1516 -5.79 16.50 38.71
C LYS A 1516 -7.15 15.85 39.00
N ARG A 1517 -7.82 16.35 40.04
CA ARG A 1517 -9.15 15.87 40.39
C ARG A 1517 -10.12 16.38 39.32
N VAL A 1518 -10.45 15.52 38.37
CA VAL A 1518 -11.15 15.91 37.15
C VAL A 1518 -12.36 15.01 36.95
N LEU A 1519 -13.46 15.60 36.52
CA LEU A 1519 -14.65 14.87 36.09
C LEU A 1519 -14.82 15.06 34.58
N VAL A 1520 -15.13 13.98 33.88
CA VAL A 1520 -15.31 14.01 32.43
C VAL A 1520 -16.71 13.52 32.11
N THR A 1521 -17.40 14.25 31.24
CA THR A 1521 -18.77 13.94 30.85
C THR A 1521 -18.77 13.07 29.59
N GLU A 1522 -19.96 12.89 29.01
CA GLU A 1522 -20.10 12.15 27.76
C GLU A 1522 -20.73 12.99 26.66
N GLY A 1523 -20.84 14.31 26.86
CA GLY A 1523 -21.37 15.20 25.85
C GLY A 1523 -20.99 16.62 26.18
N VAL A 1524 -21.06 17.49 25.17
CA VAL A 1524 -20.59 18.86 25.29
C VAL A 1524 -21.80 19.79 25.45
N ASN A 1525 -21.85 20.48 26.59
CA ASN A 1525 -22.78 21.58 26.79
C ASN A 1525 -22.20 22.43 27.93
N PHE A 1526 -21.55 23.54 27.56
CA PHE A 1526 -20.83 24.34 28.55
C PHE A 1526 -21.77 24.95 29.59
N GLN A 1527 -22.94 25.42 29.15
CA GLN A 1527 -23.83 26.15 30.03
C GLN A 1527 -24.46 25.29 31.12
N ALA A 1528 -24.35 23.96 31.03
CA ALA A 1528 -24.98 23.10 32.02
C ALA A 1528 -24.30 23.22 33.38
N MET A 1529 -22.98 23.13 33.40
CA MET A 1529 -22.22 23.18 34.65
C MET A 1529 -21.84 24.60 35.07
N TRP A 1530 -22.13 25.60 34.24
CA TRP A 1530 -21.85 26.98 34.63
C TRP A 1530 -22.66 27.37 35.86
N ASP A 1531 -23.83 26.77 36.04
CA ASP A 1531 -24.63 27.03 37.24
C ASP A 1531 -24.00 26.41 38.47
N GLN A 1532 -23.45 25.20 38.34
CA GLN A 1532 -22.91 24.48 39.49
C GLN A 1532 -21.48 24.95 39.74
N GLU A 1533 -21.36 26.15 40.31
CA GLU A 1533 -20.01 26.65 40.62
C GLU A 1533 -19.37 25.91 41.79
N ALA A 1534 -20.18 25.35 42.69
CA ALA A 1534 -19.66 24.78 43.92
C ALA A 1534 -18.74 23.59 43.64
N PHE A 1535 -19.12 22.72 42.71
CA PHE A 1535 -18.38 21.47 42.51
C PHE A 1535 -17.35 21.54 41.40
N ILE A 1536 -17.51 22.45 40.44
CA ILE A 1536 -16.63 22.55 39.28
C ILE A 1536 -15.99 23.93 39.23
N ASP A 1537 -14.67 23.95 39.04
CA ASP A 1537 -13.95 25.19 38.78
C ASP A 1537 -14.08 25.48 37.29
N VAL A 1538 -15.06 26.32 36.94
CA VAL A 1538 -15.39 26.57 35.53
C VAL A 1538 -14.26 27.24 34.76
N ASP A 1539 -13.17 27.63 35.43
CA ASP A 1539 -12.06 28.27 34.76
C ASP A 1539 -11.24 27.30 33.91
N GLY A 1540 -11.45 25.99 34.05
CA GLY A 1540 -10.66 25.03 33.33
C GLY A 1540 -11.46 23.98 32.59
N ILE A 1541 -12.62 24.38 32.06
CA ILE A 1541 -13.49 23.46 31.31
C ILE A 1541 -12.94 23.37 29.89
N THR A 1542 -12.20 22.30 29.61
CA THR A 1542 -11.69 22.00 28.29
C THR A 1542 -12.46 20.80 27.72
N SER A 1543 -12.84 20.88 26.45
CA SER A 1543 -13.71 19.89 25.85
C SER A 1543 -13.04 19.23 24.65
N ASN A 1544 -13.48 18.00 24.36
CA ASN A 1544 -13.04 17.27 23.18
C ASN A 1544 -13.58 17.85 21.88
N ASP A 1545 -14.55 18.76 21.96
CA ASP A 1545 -15.12 19.39 20.78
C ASP A 1545 -14.29 20.58 20.36
N VAL A 1546 -14.47 21.00 19.10
CA VAL A 1546 -13.81 22.16 18.54
C VAL A 1546 -14.79 23.21 18.08
N ALA A 1547 -15.86 22.81 17.39
CA ALA A 1547 -16.85 23.78 16.93
C ALA A 1547 -17.56 24.44 18.11
N ALA A 1548 -17.89 23.68 19.14
CA ALA A 1548 -18.51 24.26 20.33
C ALA A 1548 -17.54 25.23 21.01
N VAL A 1549 -16.26 24.86 21.09
CA VAL A 1549 -15.27 25.73 21.69
C VAL A 1549 -15.14 27.02 20.88
N LEU A 1550 -15.16 26.90 19.55
CA LEU A 1550 -15.08 28.10 18.72
C LEU A 1550 -16.29 28.99 18.91
N LYS A 1551 -17.48 28.40 19.01
CA LYS A 1551 -18.70 29.19 19.09
C LYS A 1551 -18.92 29.81 20.47
N THR A 1552 -18.39 29.20 21.52
CA THR A 1552 -18.63 29.70 22.87
C THR A 1552 -17.38 30.29 23.53
N TYR A 1553 -16.23 30.26 22.86
CA TYR A 1553 -15.01 30.76 23.47
C TYR A 1553 -14.09 31.50 22.50
N GLY A 1554 -14.56 31.81 21.29
CA GLY A 1554 -13.75 32.58 20.37
C GLY A 1554 -12.76 31.73 19.59
N VAL A 1555 -12.03 32.43 18.71
CA VAL A 1555 -11.12 31.75 17.79
C VAL A 1555 -9.94 31.15 18.55
N GLU A 1556 -9.37 31.89 19.49
CA GLU A 1556 -8.09 31.48 20.08
C GLU A 1556 -8.25 30.25 20.97
N ALA A 1557 -9.35 30.16 21.70
CA ALA A 1557 -9.61 28.94 22.47
C ALA A 1557 -9.79 27.75 21.52
N ALA A 1558 -10.41 27.97 20.36
CA ALA A 1558 -10.52 26.92 19.37
C ALA A 1558 -9.15 26.50 18.86
N ARG A 1559 -8.24 27.45 18.63
CA ARG A 1559 -6.90 27.11 18.20
C ARG A 1559 -6.16 26.31 19.26
N ASN A 1560 -6.29 26.71 20.52
CA ASN A 1560 -5.65 25.98 21.62
C ASN A 1560 -6.20 24.56 21.72
N THR A 1561 -7.52 24.40 21.61
CA THR A 1561 -8.09 23.06 21.69
C THR A 1561 -7.76 22.23 20.45
N ILE A 1562 -7.58 22.87 19.30
CA ILE A 1562 -7.15 22.15 18.10
C ILE A 1562 -5.75 21.58 18.32
N VAL A 1563 -4.84 22.42 18.82
CA VAL A 1563 -3.48 21.94 19.10
C VAL A 1563 -3.51 20.83 20.13
N ASN A 1564 -4.31 21.01 21.19
CA ASN A 1564 -4.37 20.00 22.24
C ASN A 1564 -4.90 18.67 21.73
N GLU A 1565 -5.94 18.71 20.89
CA GLU A 1565 -6.56 17.48 20.41
C GLU A 1565 -5.81 16.85 19.24
N ILE A 1566 -4.92 17.59 18.58
CA ILE A 1566 -4.05 16.96 17.60
C ILE A 1566 -2.75 16.49 18.24
N ASN A 1567 -2.42 16.99 19.43
CA ASN A 1567 -1.26 16.51 20.14
C ASN A 1567 -1.56 15.28 20.99
N ASN A 1568 -2.71 15.25 21.67
CA ASN A 1568 -3.03 14.10 22.50
C ASN A 1568 -3.30 12.86 21.67
N VAL A 1569 -3.57 13.00 20.38
CA VAL A 1569 -3.69 11.84 19.51
C VAL A 1569 -2.32 11.28 19.17
N PHE A 1570 -1.26 12.06 19.39
CA PHE A 1570 0.10 11.58 19.23
C PHE A 1570 0.72 11.16 20.56
N SER A 1571 0.02 11.33 21.67
CA SER A 1571 0.50 10.78 22.94
C SER A 1571 0.26 9.28 23.00
N ARG A 1572 -1.02 8.87 22.97
CA ARG A 1572 -1.32 7.51 22.58
C ARG A 1572 -0.86 7.31 21.15
N TYR A 1573 -0.29 6.14 20.86
CA TYR A 1573 0.47 5.94 19.63
C TYR A 1573 1.61 6.96 19.58
N ALA A 1574 2.55 6.78 20.51
CA ALA A 1574 3.50 7.83 20.83
C ALA A 1574 4.51 8.08 19.71
N ILE A 1575 4.20 9.02 18.83
CA ILE A 1575 5.21 9.67 17.98
C ILE A 1575 5.19 11.13 18.39
N SER A 1576 6.14 11.53 19.22
CA SER A 1576 6.23 12.92 19.65
C SER A 1576 6.53 13.81 18.45
N VAL A 1577 5.83 14.94 18.37
CA VAL A 1577 5.99 15.89 17.28
C VAL A 1577 6.15 17.28 17.87
N SER A 1578 7.00 18.09 17.26
CA SER A 1578 7.23 19.45 17.75
C SER A 1578 5.98 20.29 17.57
N PHE A 1579 5.72 21.17 18.53
CA PHE A 1579 4.50 21.97 18.52
C PHE A 1579 4.49 23.03 17.43
N ARG A 1580 5.63 23.31 16.80
CA ARG A 1580 5.65 24.31 15.72
C ARG A 1580 4.75 23.88 14.57
N HIS A 1581 4.83 22.61 14.18
CA HIS A 1581 3.97 22.10 13.13
C HIS A 1581 2.51 22.14 13.55
N LEU A 1582 2.22 21.73 14.79
CA LEU A 1582 0.84 21.76 15.26
C LEU A 1582 0.32 23.19 15.36
N ASP A 1583 1.16 24.12 15.80
CA ASP A 1583 0.74 25.52 15.86
C ASP A 1583 0.46 26.07 14.48
N LEU A 1584 1.31 25.75 13.50
CA LEU A 1584 1.04 26.20 12.12
C LEU A 1584 -0.25 25.58 11.59
N ILE A 1585 -0.48 24.30 11.89
CA ILE A 1585 -1.70 23.64 11.45
C ILE A 1585 -2.92 24.32 12.04
N ALA A 1586 -2.89 24.60 13.34
CA ALA A 1586 -4.03 25.23 14.00
C ALA A 1586 -4.27 26.64 13.47
N ASP A 1587 -3.20 27.41 13.27
CA ASP A 1587 -3.37 28.77 12.80
C ASP A 1587 -3.81 28.82 11.34
N MET A 1588 -3.52 27.77 10.57
CA MET A 1588 -4.09 27.67 9.23
C MET A 1588 -5.55 27.22 9.28
N MET A 1589 -5.90 26.35 10.23
CA MET A 1589 -7.28 25.91 10.37
C MET A 1589 -8.19 27.04 10.82
N THR A 1590 -7.67 27.99 11.59
CA THR A 1590 -8.44 29.12 12.09
C THR A 1590 -7.89 30.43 11.56
N ARG A 1591 -7.54 30.47 10.27
CA ARG A 1591 -7.01 31.69 9.68
C ARG A 1591 -8.08 32.69 9.29
N GLN A 1592 -9.35 32.29 9.27
CA GLN A 1592 -10.45 33.18 8.92
C GLN A 1592 -11.40 33.41 10.09
N GLY A 1593 -10.98 33.09 11.31
CA GLY A 1593 -11.83 33.27 12.46
C GLY A 1593 -12.89 32.22 12.64
N THR A 1594 -12.87 31.16 11.85
CA THR A 1594 -13.85 30.09 11.96
C THR A 1594 -13.15 28.75 11.78
N TYR A 1595 -13.82 27.70 12.25
CA TYR A 1595 -13.25 26.35 12.22
C TYR A 1595 -13.28 25.84 10.79
N LEU A 1596 -12.28 26.25 10.01
CA LEU A 1596 -12.17 25.82 8.63
C LEU A 1596 -11.76 24.34 8.59
N ALA A 1597 -11.57 23.83 7.38
CA ALA A 1597 -11.20 22.43 7.20
C ALA A 1597 -10.30 22.30 5.99
N PHE A 1598 -9.58 21.19 5.95
CA PHE A 1598 -8.64 20.90 4.85
C PHE A 1598 -9.29 20.06 3.76
N ASN A 1599 -10.45 20.50 3.28
CA ASN A 1599 -11.16 19.80 2.21
C ASN A 1599 -11.75 20.82 1.26
N ARG A 1600 -12.49 20.33 0.26
CA ARG A 1600 -13.07 21.21 -0.75
C ARG A 1600 -14.10 22.15 -0.14
N GLN A 1601 -14.70 21.78 1.00
CA GLN A 1601 -15.69 22.64 1.61
C GLN A 1601 -15.07 23.85 2.29
N GLY A 1602 -13.78 23.78 2.62
CA GLY A 1602 -13.09 24.90 3.22
C GLY A 1602 -11.89 25.32 2.41
N MET A 1603 -12.04 25.33 1.09
CA MET A 1603 -10.90 25.55 0.20
C MET A 1603 -11.14 26.71 -0.75
N GLU A 1604 -12.40 26.96 -1.10
CA GLU A 1604 -12.73 27.97 -2.10
C GLU A 1604 -12.25 29.36 -1.71
N THR A 1605 -12.08 29.61 -0.41
CA THR A 1605 -11.63 30.92 0.05
C THR A 1605 -10.14 31.10 -0.21
N SER A 1606 -9.76 31.15 -1.48
CA SER A 1606 -8.36 31.31 -1.86
C SER A 1606 -8.27 32.18 -3.10
N THR A 1607 -7.15 32.89 -3.22
CA THR A 1607 -6.96 33.78 -4.37
C THR A 1607 -6.70 33.00 -5.64
N SER A 1608 -5.84 31.99 -5.57
CA SER A 1608 -5.46 31.20 -6.73
C SER A 1608 -6.32 29.95 -6.79
N SER A 1609 -7.09 29.81 -7.87
CA SER A 1609 -7.95 28.65 -8.08
C SER A 1609 -7.25 27.50 -8.78
N PHE A 1610 -6.04 27.72 -9.30
CA PHE A 1610 -5.29 26.64 -9.92
C PHE A 1610 -5.06 25.51 -8.92
N MET A 1611 -4.64 25.88 -7.70
CA MET A 1611 -4.41 24.87 -6.66
C MET A 1611 -5.71 24.19 -6.27
N LYS A 1612 -6.83 24.90 -6.24
CA LYS A 1612 -8.10 24.28 -5.89
C LYS A 1612 -8.51 23.24 -6.93
N MET A 1613 -8.45 23.61 -8.21
CA MET A 1613 -8.86 22.67 -9.25
C MET A 1613 -7.86 21.54 -9.40
N SER A 1614 -6.60 21.76 -9.04
CA SER A 1614 -5.65 20.65 -8.95
C SER A 1614 -6.00 19.73 -7.79
N TYR A 1615 -6.47 20.30 -6.68
CA TYR A 1615 -6.87 19.53 -5.52
C TYR A 1615 -8.02 18.59 -5.89
N GLU A 1616 -9.18 19.14 -6.24
CA GLU A 1616 -10.30 18.31 -6.67
C GLU A 1616 -11.42 19.20 -7.17
N THR A 1617 -12.45 18.55 -7.72
CA THR A 1617 -13.60 19.20 -8.33
C THR A 1617 -13.16 20.28 -9.31
N THR A 1618 -12.44 19.83 -10.36
CA THR A 1618 -11.94 20.76 -11.35
C THR A 1618 -13.07 21.50 -12.05
N CYS A 1619 -14.16 20.79 -12.37
CA CYS A 1619 -15.31 21.44 -12.99
C CYS A 1619 -15.93 22.49 -12.07
N GLN A 1620 -16.08 22.15 -10.79
CA GLN A 1620 -16.73 23.06 -9.85
C GLN A 1620 -15.96 24.37 -9.71
N PHE A 1621 -14.64 24.27 -9.50
CA PHE A 1621 -13.84 25.46 -9.26
C PHE A 1621 -13.56 26.25 -10.54
N LEU A 1622 -13.44 25.57 -11.67
CA LEU A 1622 -13.22 26.29 -12.92
C LEU A 1622 -14.43 27.14 -13.28
N THR A 1623 -15.64 26.62 -13.05
CA THR A 1623 -16.85 27.38 -13.33
C THR A 1623 -16.87 28.69 -12.55
N LYS A 1624 -16.64 28.61 -11.24
CA LYS A 1624 -16.60 29.83 -10.43
C LYS A 1624 -15.45 30.73 -10.84
N ALA A 1625 -14.30 30.13 -11.18
CA ALA A 1625 -13.13 30.94 -11.53
C ALA A 1625 -13.37 31.77 -12.78
N VAL A 1626 -14.01 31.19 -13.79
CA VAL A 1626 -14.24 31.93 -15.03
C VAL A 1626 -15.50 32.78 -14.96
N LEU A 1627 -16.49 32.40 -14.15
CA LEU A 1627 -17.73 33.14 -14.11
C LEU A 1627 -17.54 34.55 -13.57
N ASP A 1628 -16.69 34.70 -12.54
CA ASP A 1628 -16.41 36.00 -11.96
C ASP A 1628 -15.14 36.62 -12.51
N ASN A 1629 -14.57 36.05 -13.57
CA ASN A 1629 -13.34 36.55 -14.19
C ASN A 1629 -12.23 36.67 -13.15
N GLU A 1630 -12.01 35.59 -12.41
CA GLU A 1630 -10.97 35.54 -11.39
C GLU A 1630 -9.61 35.41 -12.06
N ARG A 1631 -8.70 36.32 -11.73
CA ARG A 1631 -7.37 36.36 -12.34
C ARG A 1631 -6.34 35.83 -11.36
N GLU A 1632 -5.57 34.84 -11.79
CA GLU A 1632 -4.53 34.24 -10.96
C GLU A 1632 -3.23 35.00 -11.15
N GLN A 1633 -2.64 35.44 -10.04
CA GLN A 1633 -1.42 36.23 -10.06
C GLN A 1633 -0.16 35.37 -10.03
N LEU A 1634 -0.31 34.05 -10.10
CA LEU A 1634 0.82 33.12 -10.09
C LEU A 1634 1.63 33.26 -8.81
N ASP A 1635 0.98 32.97 -7.69
CA ASP A 1635 1.62 32.99 -6.38
C ASP A 1635 1.83 31.59 -5.80
N SER A 1636 0.78 30.77 -5.81
CA SER A 1636 0.88 29.43 -5.24
C SER A 1636 1.86 28.58 -6.05
N PRO A 1637 2.58 27.66 -5.40
CA PRO A 1637 3.51 26.80 -6.15
C PRO A 1637 2.84 25.98 -7.23
N SER A 1638 1.61 25.50 -6.99
CA SER A 1638 0.93 24.68 -7.98
C SER A 1638 0.67 25.48 -9.26
N ALA A 1639 0.23 26.73 -9.12
CA ALA A 1639 0.00 27.56 -10.30
C ALA A 1639 1.30 27.81 -11.06
N ARG A 1640 2.40 28.05 -10.34
CA ARG A 1640 3.68 28.23 -11.00
C ARG A 1640 4.11 26.96 -11.71
N ILE A 1641 3.84 25.80 -11.12
CA ILE A 1641 4.17 24.53 -11.76
C ILE A 1641 3.34 24.35 -13.03
N VAL A 1642 2.04 24.67 -12.96
CA VAL A 1642 1.18 24.51 -14.13
C VAL A 1642 1.63 25.42 -15.26
N VAL A 1643 1.93 26.68 -14.94
CA VAL A 1643 2.44 27.59 -15.95
C VAL A 1643 3.85 27.21 -16.35
N GLY A 1644 4.67 26.78 -15.40
CA GLY A 1644 6.04 26.43 -15.69
C GLY A 1644 7.01 27.55 -15.36
N LYS A 1645 6.85 28.13 -14.17
CA LYS A 1645 7.70 29.20 -13.71
C LYS A 1645 8.44 28.76 -12.45
N LEU A 1646 9.60 29.38 -12.21
CA LEU A 1646 10.39 29.03 -11.04
C LEU A 1646 9.59 29.28 -9.77
N ASN A 1647 9.65 28.33 -8.84
CA ASN A 1647 8.82 28.40 -7.65
C ASN A 1647 9.22 29.58 -6.77
N ASN A 1648 8.38 29.85 -5.77
CA ASN A 1648 8.54 31.02 -4.91
C ASN A 1648 8.99 30.67 -3.50
N VAL A 1649 9.11 29.40 -3.16
CA VAL A 1649 9.50 28.97 -1.83
C VAL A 1649 10.96 28.53 -1.88
N GLY A 1650 11.74 28.97 -0.88
CA GLY A 1650 13.12 28.55 -0.77
C GLY A 1650 14.05 29.26 -1.73
N THR A 1651 14.72 28.49 -2.57
CA THR A 1651 15.72 29.05 -3.48
C THR A 1651 15.10 30.05 -4.46
N GLY A 1652 13.81 29.90 -4.76
CA GLY A 1652 13.14 30.83 -5.65
C GLY A 1652 12.40 31.94 -4.93
N SER A 1653 12.74 32.17 -3.66
CA SER A 1653 12.10 33.22 -2.87
C SER A 1653 12.79 34.57 -3.02
N PHE A 1654 13.80 34.66 -3.90
CA PHE A 1654 14.50 35.92 -4.13
C PHE A 1654 14.98 35.93 -5.57
N ASP A 1655 15.77 36.96 -5.90
CA ASP A 1655 16.34 37.10 -7.24
C ASP A 1655 17.81 37.43 -7.10
N VAL A 1656 18.56 37.15 -8.18
CA VAL A 1656 20.00 37.31 -8.21
C VAL A 1656 20.35 38.32 -9.30
N LEU A 1657 21.16 39.31 -8.96
CA LEU A 1657 21.57 40.37 -9.87
C LEU A 1657 23.07 40.30 -10.09
N ALA A 1658 23.49 40.52 -11.34
CA ALA A 1658 24.90 40.53 -11.70
C ALA A 1658 25.41 41.96 -11.72
N LYS A 1659 26.51 42.20 -11.01
CA LYS A 1659 27.11 43.52 -10.92
C LYS A 1659 28.19 43.66 -11.98
N VAL A 1660 28.02 44.60 -12.90
CA VAL A 1660 28.89 44.78 -14.05
C VAL A 1660 29.55 46.14 -13.96
N PRO A 1661 30.87 46.23 -14.09
CA PRO A 1661 31.59 47.53 -14.05
C PRO A 1661 31.75 48.19 -15.43
N ASN A 1662 30.65 48.77 -15.93
CA ASN A 1662 30.67 49.44 -17.22
C ASN A 1662 31.33 50.81 -17.08
N ALA A 1663 31.28 51.60 -18.15
CA ALA A 1663 31.84 52.95 -18.13
C ALA A 1663 30.76 53.98 -18.41
N ALA B 11 16.96 -48.15 12.98
CA ALA B 11 15.61 -47.71 12.67
C ALA B 11 15.61 -46.25 12.20
N ARG B 12 15.84 -46.05 10.91
CA ARG B 12 15.86 -44.71 10.35
C ARG B 12 14.49 -44.07 10.43
N THR B 13 14.45 -42.81 10.85
CA THR B 13 13.19 -42.08 10.93
C THR B 13 12.55 -41.93 9.55
N ALA B 14 13.36 -41.59 8.55
CA ALA B 14 12.90 -41.48 7.17
C ALA B 14 13.99 -42.00 6.25
N ASP B 15 13.57 -42.44 5.06
CA ASP B 15 14.46 -43.04 4.09
C ASP B 15 14.44 -42.25 2.79
N PHE B 16 15.60 -42.15 2.14
CA PHE B 16 15.68 -41.49 0.85
C PHE B 16 15.01 -42.30 -0.25
N ARG B 17 14.89 -43.62 -0.08
CA ARG B 17 14.32 -44.50 -1.10
C ARG B 17 15.03 -44.32 -2.44
N THR B 18 16.36 -44.25 -2.39
CA THR B 18 17.13 -43.99 -3.59
C THR B 18 16.93 -45.07 -4.63
N LEU B 19 17.06 -46.34 -4.22
CA LEU B 19 16.96 -47.44 -5.17
C LEU B 19 15.55 -47.53 -5.77
N GLU B 20 14.52 -47.40 -4.94
CA GLU B 20 13.15 -47.49 -5.43
C GLU B 20 12.84 -46.34 -6.39
N ARG B 21 13.26 -45.12 -6.04
CA ARG B 21 13.02 -43.98 -6.92
C ARG B 21 13.77 -44.14 -8.24
N GLU B 22 15.00 -44.63 -8.18
CA GLU B 22 15.75 -44.82 -9.41
C GLU B 22 15.14 -45.92 -10.28
N SER B 23 14.59 -46.96 -9.65
CA SER B 23 13.88 -47.99 -10.42
C SER B 23 12.64 -47.40 -11.09
N ARG B 24 11.90 -46.55 -10.37
CA ARG B 24 10.72 -45.93 -10.96
C ARG B 24 11.10 -45.05 -12.14
N PHE B 25 12.22 -44.34 -12.03
CA PHE B 25 12.69 -43.56 -13.17
C PHE B 25 13.18 -44.45 -14.30
N ILE B 26 13.73 -45.62 -13.96
CA ILE B 26 14.12 -46.61 -14.96
C ILE B 26 12.91 -47.03 -15.79
N ASN B 27 11.82 -47.39 -15.11
CA ASN B 27 10.61 -47.75 -15.83
C ASN B 27 9.40 -47.33 -15.00
N PRO B 28 8.42 -46.67 -15.61
CA PRO B 28 7.22 -46.27 -14.89
C PRO B 28 6.38 -47.49 -14.53
N PRO B 29 5.51 -47.38 -13.53
CA PRO B 29 4.62 -48.50 -13.20
C PRO B 29 3.70 -48.82 -14.37
N LYS B 30 3.34 -50.10 -14.47
CA LYS B 30 2.55 -50.60 -15.58
C LYS B 30 1.08 -50.83 -15.23
N ASP B 31 0.71 -50.76 -13.95
CA ASP B 31 -0.66 -51.01 -13.54
C ASP B 31 -1.34 -49.80 -12.95
N LYS B 32 -0.77 -49.20 -11.91
CA LYS B 32 -1.40 -48.10 -11.21
C LYS B 32 -0.36 -47.08 -10.80
N SER B 33 -0.83 -45.85 -10.54
CA SER B 33 0.07 -44.78 -10.11
C SER B 33 0.70 -45.14 -8.77
N ALA B 34 1.98 -44.77 -8.63
CA ALA B 34 2.72 -45.13 -7.43
C ALA B 34 2.23 -44.40 -6.19
N PHE B 35 1.65 -43.21 -6.34
CA PHE B 35 1.25 -42.39 -5.22
C PHE B 35 -0.27 -42.29 -5.15
N PRO B 36 -0.93 -43.03 -4.27
CA PRO B 36 -2.40 -42.92 -4.18
C PRO B 36 -2.87 -41.55 -3.75
N LEU B 37 -2.11 -40.84 -2.93
CA LEU B 37 -2.57 -39.56 -2.39
C LEU B 37 -2.34 -38.40 -3.35
N LEU B 38 -1.53 -38.59 -4.40
CA LEU B 38 -1.32 -37.51 -5.35
C LEU B 38 -2.55 -37.26 -6.19
N GLN B 39 -3.25 -38.31 -6.59
CA GLN B 39 -4.46 -38.17 -7.38
C GLN B 39 -5.71 -38.02 -6.53
N GLU B 40 -5.60 -38.18 -5.21
CA GLU B 40 -6.72 -37.90 -4.32
C GLU B 40 -6.83 -36.43 -3.98
N ALA B 41 -5.80 -35.63 -4.28
CA ALA B 41 -5.90 -34.19 -4.09
C ALA B 41 -6.80 -33.55 -5.15
N VAL B 42 -6.80 -34.09 -6.37
CA VAL B 42 -7.64 -33.59 -7.44
C VAL B 42 -8.96 -34.37 -7.52
N GLN B 43 -9.29 -35.12 -6.47
CA GLN B 43 -10.56 -35.85 -6.46
C GLN B 43 -11.79 -34.95 -6.62
N PRO B 44 -11.86 -33.73 -6.03
CA PRO B 44 -13.07 -32.91 -6.22
C PRO B 44 -13.46 -32.70 -7.68
N HIS B 45 -12.55 -32.17 -8.48
CA HIS B 45 -12.88 -31.80 -9.86
C HIS B 45 -13.20 -33.03 -10.68
N ILE B 46 -12.36 -34.07 -10.58
CA ILE B 46 -12.58 -35.28 -11.37
C ILE B 46 -13.90 -35.95 -10.98
N GLY B 47 -14.16 -36.03 -9.68
CA GLY B 47 -15.41 -36.62 -9.22
C GLY B 47 -16.63 -35.85 -9.69
N SER B 48 -16.58 -34.52 -9.57
CA SER B 48 -17.71 -33.72 -10.04
C SER B 48 -17.93 -33.89 -11.54
N PHE B 49 -16.87 -33.85 -12.32
CA PHE B 49 -17.03 -33.95 -13.77
C PHE B 49 -17.54 -35.32 -14.18
N ASN B 50 -17.01 -36.39 -13.58
CA ASN B 50 -17.50 -37.71 -13.93
C ASN B 50 -18.87 -38.00 -13.34
N ALA B 51 -19.32 -37.21 -12.37
CA ALA B 51 -20.69 -37.33 -11.89
C ALA B 51 -21.68 -36.53 -12.71
N LEU B 52 -21.22 -35.47 -13.40
CA LEU B 52 -22.15 -34.70 -14.23
C LEU B 52 -22.53 -35.43 -15.52
N THR B 53 -21.84 -36.52 -15.86
CA THR B 53 -22.18 -37.30 -17.04
C THR B 53 -22.58 -38.72 -16.71
N GLU B 54 -21.79 -39.42 -15.89
CA GLU B 54 -22.07 -40.80 -15.53
C GLU B 54 -22.69 -40.86 -14.14
N GLY B 55 -23.10 -42.06 -13.74
CA GLY B 55 -23.69 -42.28 -12.45
C GLY B 55 -25.15 -42.63 -12.53
N PRO B 56 -25.88 -42.39 -11.45
CA PRO B 56 -27.31 -42.70 -11.43
C PRO B 56 -28.11 -41.75 -12.31
N ASP B 57 -29.23 -42.26 -12.81
CA ASP B 57 -30.24 -41.48 -13.54
C ASP B 57 -29.67 -40.82 -14.79
N GLY B 58 -28.56 -41.33 -15.32
CA GLY B 58 -27.93 -40.72 -16.47
C GLY B 58 -27.07 -39.52 -16.16
N GLY B 59 -26.98 -39.11 -14.91
CA GLY B 59 -26.11 -38.02 -14.51
C GLY B 59 -26.85 -36.73 -14.27
N LEU B 60 -26.09 -35.75 -13.76
CA LEU B 60 -26.65 -34.44 -13.48
C LEU B 60 -27.08 -33.73 -14.76
N LEU B 61 -26.37 -33.96 -15.86
CA LEU B 61 -26.77 -33.37 -17.13
C LEU B 61 -28.14 -33.87 -17.56
N ASN B 62 -28.35 -35.18 -17.47
CA ASN B 62 -29.65 -35.75 -17.83
C ASN B 62 -30.74 -35.25 -16.89
N LEU B 63 -30.45 -35.18 -15.58
CA LEU B 63 -31.43 -34.65 -14.66
C LEU B 63 -31.77 -33.19 -14.98
N GLY B 64 -30.77 -32.40 -15.35
CA GLY B 64 -31.02 -31.01 -15.69
C GLY B 64 -31.85 -30.85 -16.95
N VAL B 65 -31.53 -31.61 -17.99
CA VAL B 65 -32.32 -31.51 -19.22
C VAL B 65 -33.72 -32.09 -19.02
N LYS B 66 -33.89 -32.97 -18.04
CA LYS B 66 -35.23 -33.44 -17.70
C LYS B 66 -36.03 -32.38 -16.97
N ASP B 67 -35.39 -31.69 -16.03
CA ASP B 67 -36.07 -30.65 -15.25
C ASP B 67 -36.25 -29.35 -16.02
N ILE B 68 -35.53 -29.18 -17.14
CA ILE B 68 -35.68 -27.96 -17.93
C ILE B 68 -37.11 -27.80 -18.43
N GLY B 69 -37.69 -28.88 -18.93
CA GLY B 69 -39.05 -28.83 -19.44
C GLY B 69 -39.14 -28.50 -20.91
N GLU B 70 -40.25 -27.90 -21.32
CA GLU B 70 -40.51 -27.61 -22.72
C GLU B 70 -40.96 -26.17 -22.89
N LYS B 71 -40.77 -25.63 -24.09
CA LYS B 71 -41.24 -24.32 -24.46
C LYS B 71 -42.27 -24.44 -25.57
N VAL B 72 -43.28 -23.56 -25.54
CA VAL B 72 -44.45 -23.69 -26.40
C VAL B 72 -44.61 -22.41 -27.22
N ILE B 73 -44.96 -22.58 -28.49
CA ILE B 73 -45.31 -21.48 -29.39
C ILE B 73 -46.48 -21.94 -30.25
N PHE B 74 -47.02 -21.01 -31.04
CA PHE B 74 -48.26 -21.23 -31.78
C PHE B 74 -48.13 -20.73 -33.22
N ASP B 75 -48.99 -21.27 -34.08
CA ASP B 75 -48.99 -21.00 -35.51
C ASP B 75 -50.32 -20.34 -35.91
N GLY B 76 -50.53 -20.21 -37.21
CA GLY B 76 -51.70 -19.53 -37.73
C GLY B 76 -52.81 -20.44 -38.22
N LYS B 77 -53.11 -21.49 -37.46
CA LYS B 77 -54.17 -22.44 -37.83
C LYS B 77 -55.35 -22.33 -36.88
N PRO B 78 -56.45 -21.68 -37.28
CA PRO B 78 -57.65 -21.56 -36.45
C PRO B 78 -58.38 -22.90 -36.27
N SER B 88 -57.52 -25.50 -33.57
CA SER B 88 -57.94 -25.50 -32.17
C SER B 88 -58.50 -24.13 -31.78
N GLY B 89 -59.04 -24.06 -30.56
CA GLY B 89 -59.53 -22.78 -30.06
C GLY B 89 -58.43 -21.74 -29.93
N TYR B 90 -57.21 -22.18 -29.65
CA TYR B 90 -56.05 -21.29 -29.62
C TYR B 90 -55.58 -21.04 -31.04
N LEU B 91 -54.38 -20.48 -31.18
CA LEU B 91 -53.81 -20.27 -32.50
C LEU B 91 -53.48 -21.58 -33.21
N GLY B 92 -53.47 -22.71 -32.51
CA GLY B 92 -53.29 -24.00 -33.12
C GLY B 92 -51.83 -24.36 -33.34
N ASN B 93 -51.62 -25.60 -33.75
CA ASN B 93 -50.28 -26.15 -34.02
C ASN B 93 -49.39 -26.00 -32.79
N LYS B 94 -49.78 -26.70 -31.72
CA LYS B 94 -49.11 -26.58 -30.42
C LYS B 94 -47.74 -27.20 -30.51
N LEU B 95 -46.71 -26.36 -30.67
CA LEU B 95 -45.34 -26.84 -30.68
C LEU B 95 -44.88 -27.12 -29.26
N SER B 96 -44.24 -28.26 -29.06
CA SER B 96 -43.65 -28.65 -27.78
C SER B 96 -42.20 -29.06 -28.04
N VAL B 97 -41.31 -28.08 -28.04
CA VAL B 97 -39.89 -28.31 -28.29
C VAL B 97 -39.18 -28.46 -26.95
N SER B 98 -38.37 -29.51 -26.83
CA SER B 98 -37.62 -29.77 -25.61
C SER B 98 -36.45 -30.68 -25.93
N VAL B 99 -35.45 -30.65 -25.06
CA VAL B 99 -34.27 -31.50 -25.20
C VAL B 99 -34.42 -32.68 -24.26
N GLU B 100 -34.34 -33.89 -24.81
CA GLU B 100 -34.59 -35.06 -24.00
C GLU B 100 -33.30 -35.58 -23.36
N GLN B 101 -32.27 -35.81 -24.17
CA GLN B 101 -31.02 -36.36 -23.66
C GLN B 101 -29.86 -35.51 -24.15
N VAL B 102 -28.82 -35.45 -23.33
CA VAL B 102 -27.58 -34.76 -23.67
C VAL B 102 -26.45 -35.77 -23.53
N SER B 103 -25.67 -35.92 -24.59
CA SER B 103 -24.57 -36.89 -24.62
C SER B 103 -23.30 -36.18 -25.04
N ILE B 104 -22.24 -36.40 -24.28
CA ILE B 104 -20.92 -35.85 -24.59
C ILE B 104 -19.98 -37.01 -24.89
N ALA B 105 -19.26 -36.90 -26.01
CA ALA B 105 -18.35 -37.94 -26.46
C ALA B 105 -16.92 -37.45 -26.36
N LYS B 106 -16.00 -38.39 -26.23
CA LYS B 106 -14.59 -38.05 -26.17
C LYS B 106 -14.16 -37.39 -27.47
N PRO B 107 -13.18 -36.47 -27.42
CA PRO B 107 -12.86 -35.69 -28.62
C PRO B 107 -12.22 -36.54 -29.69
N MET B 108 -12.77 -36.46 -30.91
CA MET B 108 -12.17 -37.03 -32.09
C MET B 108 -11.68 -35.91 -33.01
N SER B 109 -11.01 -36.31 -34.10
CA SER B 109 -10.50 -35.37 -35.08
C SER B 109 -11.00 -35.76 -36.46
N ASN B 110 -11.53 -34.78 -37.20
CA ASN B 110 -12.01 -35.02 -38.54
C ASN B 110 -10.88 -35.16 -39.56
N ASP B 111 -9.71 -34.59 -39.27
CA ASP B 111 -8.56 -34.60 -40.18
C ASP B 111 -8.93 -33.97 -41.53
N GLY B 112 -9.70 -32.90 -41.48
CA GLY B 112 -10.13 -32.22 -42.70
C GLY B 112 -11.49 -32.68 -43.18
N VAL B 113 -11.53 -33.39 -44.30
CA VAL B 113 -12.76 -33.95 -44.82
C VAL B 113 -12.55 -35.42 -45.14
N SER B 114 -11.44 -35.99 -44.66
CA SER B 114 -11.17 -37.40 -44.88
C SER B 114 -12.24 -38.28 -44.23
N SER B 115 -12.65 -37.93 -43.01
CA SER B 115 -13.68 -38.65 -42.27
C SER B 115 -13.33 -40.12 -42.15
N ALA B 116 -14.24 -40.99 -42.61
CA ALA B 116 -14.11 -42.45 -42.49
C ALA B 116 -13.98 -42.76 -41.00
N VAL B 117 -12.95 -43.48 -40.55
CA VAL B 117 -12.76 -43.70 -39.12
C VAL B 117 -12.40 -42.38 -38.46
N GLU B 118 -12.77 -42.25 -37.18
CA GLU B 118 -12.51 -41.04 -36.41
C GLU B 118 -11.35 -41.30 -35.47
N ARG B 119 -10.21 -40.68 -35.77
CA ARG B 119 -9.02 -40.84 -34.95
C ARG B 119 -9.20 -40.18 -33.59
N LYS B 120 -8.46 -40.67 -32.60
CA LYS B 120 -8.47 -40.08 -31.28
C LYS B 120 -7.50 -38.92 -31.21
N VAL B 121 -7.88 -37.88 -30.49
CA VAL B 121 -7.02 -36.72 -30.27
C VAL B 121 -6.54 -36.76 -28.83
N TYR B 122 -5.37 -36.16 -28.59
CA TYR B 122 -4.74 -36.24 -27.29
C TYR B 122 -4.29 -34.88 -26.80
N PRO B 123 -4.20 -34.70 -25.49
CA PRO B 123 -3.77 -33.39 -24.96
C PRO B 123 -2.38 -32.98 -25.40
N SER B 124 -1.52 -33.93 -25.79
CA SER B 124 -0.21 -33.56 -26.31
C SER B 124 -0.33 -32.64 -27.52
N GLU B 125 -0.96 -33.12 -28.59
CA GLU B 125 -1.16 -32.27 -29.76
C GLU B 125 -2.18 -31.18 -29.52
N SER B 126 -3.05 -31.33 -28.51
CA SER B 126 -3.92 -30.22 -28.15
C SER B 126 -3.11 -29.02 -27.66
N ARG B 127 -2.16 -29.27 -26.76
CA ARG B 127 -1.27 -28.20 -26.28
C ARG B 127 -0.35 -27.71 -27.38
N GLN B 128 0.20 -28.63 -28.18
CA GLN B 128 1.12 -28.22 -29.23
C GLN B 128 0.42 -27.35 -30.28
N ARG B 129 -0.84 -27.67 -30.59
CA ARG B 129 -1.64 -26.90 -31.53
C ARG B 129 -1.98 -25.51 -31.04
N LEU B 130 -1.78 -25.23 -29.75
CA LEU B 130 -2.21 -23.98 -29.13
C LEU B 130 -3.72 -23.79 -29.31
N THR B 131 -4.46 -24.88 -29.22
CA THR B 131 -5.91 -24.89 -29.37
C THR B 131 -6.55 -25.62 -28.20
N SER B 132 -7.86 -25.49 -28.10
CA SER B 132 -8.58 -26.11 -27.00
C SER B 132 -8.68 -27.62 -27.18
N TYR B 133 -9.00 -28.30 -26.08
CA TYR B 133 -9.19 -29.75 -26.05
C TYR B 133 -10.68 -29.98 -25.81
N ARG B 134 -11.44 -30.01 -26.90
CA ARG B 134 -12.89 -30.06 -26.84
C ARG B 134 -13.41 -31.27 -27.59
N GLY B 135 -14.45 -31.89 -27.04
CA GLY B 135 -15.17 -32.98 -27.70
C GLY B 135 -16.55 -32.50 -28.10
N LYS B 136 -17.02 -32.95 -29.25
CA LYS B 136 -18.31 -32.50 -29.75
C LYS B 136 -19.45 -32.99 -28.87
N LEU B 137 -20.48 -32.16 -28.74
CA LEU B 137 -21.59 -32.42 -27.83
C LEU B 137 -22.85 -32.70 -28.65
N LEU B 138 -23.54 -33.78 -28.31
CA LEU B 138 -24.73 -34.22 -29.02
C LEU B 138 -25.97 -33.90 -28.20
N LEU B 139 -26.92 -33.20 -28.81
CA LEU B 139 -28.20 -32.89 -28.20
C LEU B 139 -29.32 -33.38 -29.09
N LYS B 140 -30.29 -34.07 -28.51
CA LYS B 140 -31.47 -34.53 -29.24
C LYS B 140 -32.69 -33.76 -28.75
N LEU B 141 -33.40 -33.13 -29.68
CA LEU B 141 -34.61 -32.39 -29.36
C LEU B 141 -35.82 -33.29 -29.52
N LYS B 142 -36.90 -32.90 -28.85
CA LYS B 142 -38.22 -33.49 -29.04
C LYS B 142 -39.10 -32.39 -29.60
N TRP B 143 -39.19 -32.33 -30.93
CA TRP B 143 -40.00 -31.32 -31.61
C TRP B 143 -41.39 -31.91 -31.81
N SER B 144 -42.25 -31.68 -30.83
CA SER B 144 -43.61 -32.22 -30.84
C SER B 144 -44.60 -31.13 -31.22
N VAL B 145 -45.51 -31.48 -32.13
CA VAL B 145 -46.56 -30.56 -32.59
C VAL B 145 -47.89 -31.08 -32.10
N ASN B 146 -48.75 -30.16 -31.64
CA ASN B 146 -50.09 -30.47 -31.14
C ASN B 146 -50.06 -31.40 -29.94
N ASN B 147 -48.93 -31.43 -29.22
CA ASN B 147 -48.77 -32.18 -27.97
C ASN B 147 -49.06 -33.67 -28.19
N GLY B 148 -48.23 -34.31 -29.01
CA GLY B 148 -48.32 -35.73 -29.24
C GLY B 148 -48.68 -36.17 -30.64
N GLU B 149 -48.82 -35.25 -31.59
CA GLU B 149 -49.20 -35.63 -32.94
C GLU B 149 -47.98 -35.97 -33.80
N GLU B 150 -46.98 -35.08 -33.83
CA GLU B 150 -45.85 -35.21 -34.74
C GLU B 150 -44.56 -34.98 -33.95
N ASN B 151 -43.81 -36.05 -33.74
CA ASN B 151 -42.50 -35.98 -33.09
C ASN B 151 -41.43 -36.09 -34.15
N LEU B 152 -40.53 -35.11 -34.19
CA LEU B 152 -39.47 -35.04 -35.21
C LEU B 152 -38.13 -34.89 -34.50
N PHE B 153 -37.54 -36.02 -34.12
CA PHE B 153 -36.23 -36.00 -33.47
C PHE B 153 -35.15 -35.71 -34.50
N GLU B 154 -34.17 -34.90 -34.09
CA GLU B 154 -33.05 -34.56 -34.97
C GLU B 154 -31.91 -34.09 -34.07
N VAL B 155 -30.81 -34.82 -34.05
CA VAL B 155 -29.73 -34.58 -33.10
C VAL B 155 -28.75 -33.59 -33.70
N ARG B 156 -28.51 -32.49 -32.99
CA ARG B 156 -27.59 -31.45 -33.44
C ARG B 156 -26.31 -31.48 -32.62
N ASP B 157 -25.20 -31.18 -33.28
CA ASP B 157 -23.94 -30.92 -32.59
C ASP B 157 -23.77 -29.41 -32.48
N CYS B 158 -23.77 -28.89 -31.25
CA CYS B 158 -23.74 -27.46 -31.01
C CYS B 158 -22.34 -26.96 -30.70
N GLY B 159 -21.34 -27.55 -31.32
CA GLY B 159 -19.95 -27.18 -31.09
C GLY B 159 -19.22 -28.23 -30.27
N GLY B 160 -17.99 -27.87 -29.89
CA GLY B 160 -17.17 -28.74 -29.09
C GLY B 160 -17.10 -28.32 -27.63
N LEU B 161 -17.76 -29.08 -26.77
CA LEU B 161 -17.73 -28.79 -25.34
C LEU B 161 -16.35 -29.13 -24.79
N PRO B 162 -15.68 -28.19 -24.12
CA PRO B 162 -14.38 -28.51 -23.53
C PRO B 162 -14.53 -29.46 -22.36
N VAL B 163 -13.69 -30.49 -22.34
CA VAL B 163 -13.72 -31.53 -21.31
C VAL B 163 -12.40 -31.50 -20.55
N MET B 164 -12.46 -31.85 -19.27
CA MET B 164 -11.28 -31.83 -18.43
C MET B 164 -10.51 -33.13 -18.53
N LEU B 165 -9.22 -33.05 -18.25
CA LEU B 165 -8.35 -34.21 -18.34
C LEU B 165 -8.62 -35.19 -17.20
N GLN B 166 -8.25 -36.45 -17.43
CA GLN B 166 -8.38 -37.53 -16.46
C GLN B 166 -9.81 -37.74 -16.00
N SER B 167 -10.78 -37.34 -16.81
CA SER B 167 -12.19 -37.49 -16.48
C SER B 167 -12.78 -38.64 -17.29
N ASN B 168 -14.09 -38.84 -17.11
CA ASN B 168 -14.77 -39.92 -17.82
C ASN B 168 -14.74 -39.70 -19.33
N ARG B 169 -14.79 -38.45 -19.78
CA ARG B 169 -14.83 -38.14 -21.19
C ARG B 169 -13.48 -37.63 -21.71
N CYS B 170 -12.38 -38.13 -21.14
CA CYS B 170 -11.05 -37.81 -21.61
C CYS B 170 -10.31 -39.10 -21.94
N HIS B 171 -9.47 -39.04 -22.98
CA HIS B 171 -8.77 -40.22 -23.44
C HIS B 171 -7.73 -40.73 -22.46
N LEU B 172 -7.34 -39.90 -21.47
CA LEU B 172 -6.42 -40.31 -20.43
C LEU B 172 -7.15 -40.81 -19.18
N ASN B 173 -8.35 -41.37 -19.35
CA ASN B 173 -9.24 -41.61 -18.22
C ASN B 173 -8.64 -42.61 -17.22
N LYS B 174 -8.21 -43.77 -17.71
CA LYS B 174 -7.74 -44.83 -16.82
C LYS B 174 -6.39 -45.38 -17.24
N MET B 175 -5.62 -44.63 -18.03
CA MET B 175 -4.35 -45.13 -18.50
C MET B 175 -3.34 -45.19 -17.36
N SER B 176 -2.60 -46.30 -17.29
CA SER B 176 -1.57 -46.47 -16.30
C SER B 176 -0.39 -45.55 -16.61
N PRO B 177 0.49 -45.29 -15.64
CA PRO B 177 1.62 -44.39 -15.90
C PRO B 177 2.48 -44.80 -17.07
N TYR B 178 2.60 -46.10 -17.36
CA TYR B 178 3.40 -46.55 -18.50
C TYR B 178 2.84 -46.00 -19.81
N GLU B 179 1.56 -46.21 -20.07
CA GLU B 179 0.97 -45.64 -21.28
C GLU B 179 0.85 -44.13 -21.20
N LEU B 180 0.76 -43.57 -19.98
CA LEU B 180 0.71 -42.11 -19.84
C LEU B 180 2.00 -41.48 -20.35
N VAL B 181 3.15 -42.05 -19.99
CA VAL B 181 4.40 -41.56 -20.54
C VAL B 181 4.57 -42.01 -21.99
N GLN B 182 3.89 -43.09 -22.39
CA GLN B 182 3.93 -43.49 -23.80
C GLN B 182 3.18 -42.51 -24.69
N HIS B 183 2.21 -41.77 -24.13
CA HIS B 183 1.42 -40.81 -24.88
C HIS B 183 1.92 -39.38 -24.69
N LYS B 184 3.19 -39.21 -24.30
CA LYS B 184 3.85 -37.91 -24.24
C LYS B 184 3.13 -36.94 -23.31
N GLU B 185 2.42 -37.45 -22.30
CA GLU B 185 1.64 -36.55 -21.44
C GLU B 185 2.44 -36.10 -20.22
N GLU B 186 2.76 -37.05 -19.33
CA GLU B 186 3.50 -36.79 -18.10
C GLU B 186 3.67 -38.12 -17.38
N SER B 187 4.61 -38.16 -16.43
CA SER B 187 4.85 -39.38 -15.68
C SER B 187 3.65 -39.75 -14.81
N ASP B 188 3.13 -38.78 -14.07
CA ASP B 188 2.02 -39.02 -13.15
C ASP B 188 1.01 -37.88 -13.26
N GLU B 189 0.62 -37.55 -14.49
CA GLU B 189 -0.34 -36.47 -14.71
C GLU B 189 -1.65 -36.75 -13.98
N ILE B 190 -2.15 -35.74 -13.28
CA ILE B 190 -3.38 -35.87 -12.51
C ILE B 190 -4.30 -34.70 -12.80
N GLY B 191 -4.03 -34.00 -13.90
CA GLY B 191 -4.70 -32.74 -14.18
C GLY B 191 -6.21 -32.80 -14.23
N GLY B 192 -6.86 -31.92 -13.48
CA GLY B 192 -8.29 -31.76 -13.54
C GLY B 192 -8.68 -30.46 -14.20
N TYR B 193 -7.72 -29.87 -14.92
CA TYR B 193 -7.91 -28.58 -15.56
C TYR B 193 -8.52 -28.76 -16.95
N PHE B 194 -8.76 -27.64 -17.62
CA PHE B 194 -9.22 -27.62 -19.00
C PHE B 194 -8.16 -26.94 -19.87
N ILE B 195 -8.08 -27.36 -21.12
CA ILE B 195 -7.19 -26.76 -22.09
C ILE B 195 -8.02 -25.96 -23.07
N VAL B 196 -7.81 -24.64 -23.10
CA VAL B 196 -8.55 -23.75 -23.98
C VAL B 196 -7.55 -22.80 -24.63
N ASN B 197 -7.59 -22.74 -25.97
CA ASN B 197 -6.70 -21.89 -26.76
C ASN B 197 -5.23 -22.17 -26.43
N GLY B 198 -4.91 -23.44 -26.19
CA GLY B 198 -3.56 -23.81 -25.82
C GLY B 198 -3.11 -23.31 -24.47
N ILE B 199 -4.03 -22.88 -23.62
CA ILE B 199 -3.72 -22.39 -22.29
C ILE B 199 -4.54 -23.18 -21.29
N GLU B 200 -3.87 -23.72 -20.28
CA GLU B 200 -4.57 -24.51 -19.27
C GLU B 200 -5.39 -23.61 -18.36
N LYS B 201 -6.62 -24.00 -18.10
CA LYS B 201 -7.53 -23.25 -17.24
C LYS B 201 -8.25 -24.22 -16.30
N LEU B 202 -8.55 -23.75 -15.10
CA LEU B 202 -9.17 -24.56 -14.07
C LEU B 202 -10.33 -23.80 -13.45
N ILE B 203 -11.46 -24.49 -13.29
CA ILE B 203 -12.64 -23.90 -12.66
C ILE B 203 -12.36 -23.84 -11.16
N ARG B 204 -12.06 -22.64 -10.68
CA ARG B 204 -11.67 -22.47 -9.28
C ARG B 204 -12.82 -22.83 -8.35
N MET B 205 -12.48 -23.47 -7.24
CA MET B 205 -13.50 -23.89 -6.29
C MET B 205 -14.13 -22.67 -5.61
N LEU B 206 -15.31 -22.89 -5.02
CA LEU B 206 -16.05 -21.81 -4.39
C LEU B 206 -16.80 -22.37 -3.19
N ILE B 207 -16.98 -21.53 -2.18
CA ILE B 207 -17.63 -21.91 -0.93
C ILE B 207 -18.86 -21.04 -0.74
N VAL B 208 -20.00 -21.68 -0.47
CA VAL B 208 -21.28 -21.00 -0.36
C VAL B 208 -22.02 -21.52 0.87
N GLN B 209 -23.25 -21.05 1.03
CA GLN B 209 -24.11 -21.46 2.15
C GLN B 209 -24.35 -22.96 2.12
N ARG B 210 -24.44 -23.56 3.30
CA ARG B 210 -24.77 -24.97 3.42
C ARG B 210 -26.13 -25.26 2.78
N ARG B 211 -26.20 -26.32 2.00
CA ARG B 211 -27.42 -26.66 1.28
C ARG B 211 -28.48 -27.22 2.22
N ASN B 212 -29.74 -26.93 1.90
CA ASN B 212 -30.90 -27.54 2.55
C ASN B 212 -30.86 -27.35 4.06
N HIS B 213 -30.44 -26.18 4.52
CA HIS B 213 -30.42 -25.92 5.94
C HIS B 213 -30.91 -24.51 6.24
N PRO B 214 -32.06 -24.37 6.89
CA PRO B 214 -32.55 -23.03 7.27
C PRO B 214 -31.84 -22.53 8.52
N MET B 215 -30.92 -21.58 8.34
CA MET B 215 -30.16 -21.04 9.44
C MET B 215 -30.59 -19.60 9.72
N ALA B 216 -30.81 -19.30 11.00
CA ALA B 216 -31.18 -17.95 11.40
C ALA B 216 -30.10 -16.97 11.00
N ILE B 217 -30.51 -15.82 10.49
CA ILE B 217 -29.61 -14.79 9.99
C ILE B 217 -30.02 -13.45 10.59
N ILE B 218 -29.03 -12.72 11.10
CA ILE B 218 -29.24 -11.34 11.55
C ILE B 218 -28.34 -10.45 10.71
N ARG B 219 -28.95 -9.55 9.95
CA ARG B 219 -28.17 -8.72 9.03
C ARG B 219 -28.82 -7.36 8.85
N PRO B 220 -28.12 -6.28 9.22
CA PRO B 220 -28.71 -4.93 9.07
C PRO B 220 -29.02 -4.56 7.64
N SER B 221 -28.30 -5.13 6.66
CA SER B 221 -28.51 -4.75 5.27
C SER B 221 -29.88 -5.15 4.75
N PHE B 222 -30.61 -6.00 5.48
CA PHE B 222 -32.00 -6.28 5.12
C PHE B 222 -32.82 -5.00 5.24
N ALA B 223 -32.97 -4.50 6.47
CA ALA B 223 -33.75 -3.28 6.67
C ALA B 223 -33.12 -2.10 5.96
N ASN B 224 -31.79 -1.97 6.06
CA ASN B 224 -31.10 -0.88 5.37
C ASN B 224 -31.20 -1.10 3.87
N ARG B 225 -32.03 -0.28 3.20
CA ARG B 225 -32.29 -0.40 1.78
C ARG B 225 -32.88 -1.77 1.43
N GLY B 226 -33.73 -2.28 2.30
CA GLY B 226 -34.58 -3.41 1.97
C GLY B 226 -36.04 -3.02 2.15
N ALA B 227 -36.88 -3.49 1.23
CA ALA B 227 -38.31 -3.21 1.33
C ALA B 227 -38.89 -3.78 2.62
N SER B 228 -38.52 -5.00 2.95
CA SER B 228 -38.88 -5.57 4.25
C SER B 228 -38.13 -4.84 5.35
N TYR B 229 -38.80 -4.59 6.46
CA TYR B 229 -38.29 -3.73 7.52
C TYR B 229 -37.95 -4.56 8.76
N SER B 230 -36.74 -5.10 8.78
CA SER B 230 -36.15 -5.73 9.96
C SER B 230 -34.74 -6.17 9.57
N HIS B 231 -33.95 -6.54 10.59
CA HIS B 231 -32.64 -7.13 10.37
C HIS B 231 -32.59 -8.58 10.82
N TYR B 232 -33.74 -9.22 10.96
CA TYR B 232 -33.83 -10.64 11.25
C TYR B 232 -34.15 -11.39 9.95
N GLY B 233 -34.39 -12.68 10.06
CA GLY B 233 -34.76 -13.47 8.91
C GLY B 233 -34.27 -14.90 9.05
N ILE B 234 -34.70 -15.73 8.10
CA ILE B 234 -34.29 -17.12 8.01
C ILE B 234 -33.98 -17.39 6.54
N GLN B 235 -32.70 -17.54 6.23
CA GLN B 235 -32.26 -17.74 4.85
C GLN B 235 -31.95 -19.21 4.62
N ILE B 236 -32.30 -19.71 3.43
CA ILE B 236 -31.96 -21.05 3.01
C ILE B 236 -31.45 -20.98 1.57
N ARG B 237 -30.69 -22.01 1.20
CA ARG B 237 -30.18 -22.16 -0.17
C ARG B 237 -30.45 -23.60 -0.58
N SER B 238 -31.64 -23.85 -1.11
CA SER B 238 -32.01 -25.18 -1.55
C SER B 238 -31.50 -25.44 -2.95
N VAL B 239 -31.02 -26.66 -3.19
CA VAL B 239 -30.41 -27.05 -4.45
C VAL B 239 -31.25 -28.14 -5.08
N ARG B 240 -31.53 -27.99 -6.38
CA ARG B 240 -32.27 -29.00 -7.11
C ARG B 240 -31.41 -30.25 -7.27
N PRO B 241 -32.03 -31.41 -7.53
CA PRO B 241 -31.25 -32.64 -7.70
C PRO B 241 -30.26 -32.56 -8.84
N ASP B 242 -30.43 -31.65 -9.79
CA ASP B 242 -29.43 -31.39 -10.83
C ASP B 242 -28.35 -30.42 -10.40
N GLN B 243 -28.27 -30.12 -9.11
CA GLN B 243 -27.28 -29.18 -8.54
C GLN B 243 -27.46 -27.77 -9.09
N THR B 244 -28.65 -27.20 -8.83
CA THR B 244 -28.91 -25.79 -9.07
C THR B 244 -29.67 -25.24 -7.88
N SER B 245 -29.28 -24.04 -7.44
CA SER B 245 -29.73 -23.48 -6.17
C SER B 245 -30.74 -22.36 -6.37
N GLN B 246 -31.59 -22.16 -5.37
CA GLN B 246 -32.54 -21.05 -5.36
C GLN B 246 -32.78 -20.66 -3.91
N THR B 247 -32.35 -19.45 -3.54
CA THR B 247 -32.49 -18.98 -2.17
C THR B 247 -33.95 -18.68 -1.85
N ASN B 248 -34.35 -18.95 -0.62
CA ASN B 248 -35.70 -18.65 -0.12
C ASN B 248 -35.55 -17.92 1.21
N VAL B 249 -35.40 -16.60 1.15
CA VAL B 249 -35.20 -15.78 2.33
C VAL B 249 -36.56 -15.51 2.97
N LEU B 250 -36.67 -15.81 4.26
CA LEU B 250 -37.92 -15.60 5.00
C LEU B 250 -37.74 -14.37 5.87
N HIS B 251 -38.04 -13.21 5.30
CA HIS B 251 -37.80 -11.94 5.97
C HIS B 251 -38.74 -11.79 7.18
N TYR B 252 -38.58 -10.67 7.87
CA TYR B 252 -39.43 -10.32 9.00
C TYR B 252 -39.88 -8.87 8.87
N LEU B 253 -41.13 -8.62 9.25
CA LEU B 253 -41.68 -7.27 9.26
C LEU B 253 -42.02 -6.88 10.69
N ASN B 254 -41.62 -5.67 11.08
CA ASN B 254 -41.66 -5.25 12.48
C ASN B 254 -43.08 -5.21 13.03
N ASP B 255 -44.10 -5.06 12.17
CA ASP B 255 -45.47 -4.89 12.65
C ASP B 255 -46.13 -6.21 13.04
N GLY B 256 -45.51 -7.35 12.78
CA GLY B 256 -46.06 -8.62 13.20
C GLY B 256 -46.39 -9.58 12.09
N GLN B 257 -45.71 -9.45 10.96
CA GLN B 257 -45.91 -10.36 9.84
C GLN B 257 -44.56 -10.65 9.20
N VAL B 258 -44.53 -11.69 8.37
CA VAL B 258 -43.31 -12.09 7.67
C VAL B 258 -43.62 -12.17 6.19
N THR B 259 -42.57 -12.04 5.37
CA THR B 259 -42.74 -12.02 3.92
C THR B 259 -41.71 -12.94 3.27
N PHE B 260 -42.21 -13.87 2.46
CA PHE B 260 -41.36 -14.73 1.66
C PHE B 260 -40.65 -13.92 0.59
N ARG B 261 -39.42 -14.31 0.26
CA ARG B 261 -38.67 -13.64 -0.78
C ARG B 261 -37.93 -14.67 -1.63
N PHE B 262 -37.77 -14.36 -2.91
CA PHE B 262 -36.99 -15.17 -3.82
C PHE B 262 -36.71 -14.35 -5.07
N SER B 263 -35.75 -14.81 -5.86
CA SER B 263 -35.39 -14.16 -7.12
C SER B 263 -35.44 -15.19 -8.23
N TRP B 264 -36.23 -14.90 -9.27
CA TRP B 264 -36.28 -15.75 -10.46
C TRP B 264 -35.33 -15.24 -11.54
N ARG B 265 -35.52 -14.01 -11.99
CA ARG B 265 -34.58 -13.33 -12.85
C ARG B 265 -33.70 -12.43 -11.98
N LYS B 266 -32.97 -11.51 -12.63
CA LYS B 266 -32.10 -10.59 -11.91
C LYS B 266 -32.87 -9.65 -11.00
N ASN B 267 -34.19 -9.79 -10.94
CA ASN B 267 -35.04 -9.05 -10.03
C ASN B 267 -35.65 -9.98 -8.99
N GLU B 268 -35.98 -9.43 -7.83
CA GLU B 268 -36.42 -10.18 -6.67
C GLU B 268 -37.88 -9.91 -6.36
N TYR B 269 -38.58 -10.93 -5.87
CA TYR B 269 -40.00 -10.88 -5.63
C TYR B 269 -40.32 -11.15 -4.17
N LEU B 270 -41.40 -10.53 -3.69
CA LEU B 270 -41.82 -10.64 -2.31
C LEU B 270 -43.28 -11.07 -2.26
N VAL B 271 -43.58 -12.08 -1.45
CA VAL B 271 -44.96 -12.53 -1.26
C VAL B 271 -45.18 -12.86 0.20
N PRO B 272 -46.39 -12.63 0.69
CA PRO B 272 -46.72 -13.02 2.07
C PRO B 272 -46.59 -14.53 2.24
N VAL B 273 -46.16 -14.94 3.43
CA VAL B 273 -45.86 -16.35 3.64
C VAL B 273 -47.14 -17.19 3.64
N VAL B 274 -48.27 -16.62 4.08
CA VAL B 274 -49.47 -17.43 4.22
C VAL B 274 -50.03 -17.79 2.84
N MET B 275 -49.86 -16.91 1.86
CA MET B 275 -50.34 -17.23 0.51
C MET B 275 -49.65 -18.47 -0.03
N ILE B 276 -48.32 -18.50 0.03
CA ILE B 276 -47.58 -19.69 -0.42
C ILE B 276 -47.91 -20.88 0.48
N LEU B 277 -47.99 -20.65 1.79
CA LEU B 277 -48.23 -21.74 2.72
C LEU B 277 -49.57 -22.42 2.45
N LYS B 278 -50.55 -21.66 1.95
CA LYS B 278 -51.84 -22.25 1.61
C LYS B 278 -51.83 -22.84 0.21
N ALA B 279 -51.26 -22.13 -0.77
CA ALA B 279 -51.27 -22.59 -2.15
C ALA B 279 -50.43 -23.84 -2.35
N LEU B 280 -49.42 -24.04 -1.50
CA LEU B 280 -48.48 -25.14 -1.72
C LEU B 280 -49.09 -26.47 -1.32
N CYS B 281 -49.91 -26.49 -0.28
CA CYS B 281 -50.62 -27.70 0.12
C CYS B 281 -51.93 -27.29 0.78
N HIS B 282 -52.99 -28.05 0.53
CA HIS B 282 -54.27 -27.73 1.13
C HIS B 282 -54.18 -27.85 2.65
N THR B 283 -54.70 -26.84 3.34
CA THR B 283 -54.67 -26.79 4.79
C THR B 283 -55.59 -25.68 5.27
N SER B 284 -56.08 -25.83 6.48
CA SER B 284 -56.88 -24.78 7.12
C SER B 284 -55.95 -23.80 7.83
N ASP B 285 -56.54 -22.79 8.46
CA ASP B 285 -55.76 -21.86 9.26
C ASP B 285 -55.51 -22.39 10.67
N ARG B 286 -56.21 -23.44 11.09
CA ARG B 286 -55.93 -24.04 12.38
C ARG B 286 -54.63 -24.86 12.35
N GLU B 287 -54.43 -25.62 11.27
CA GLU B 287 -53.23 -26.44 11.18
C GLU B 287 -51.97 -25.59 11.23
N ILE B 288 -52.03 -24.35 10.71
CA ILE B 288 -50.88 -23.45 10.82
C ILE B 288 -50.58 -23.16 12.29
N PHE B 289 -51.62 -22.86 13.07
CA PHE B 289 -51.41 -22.61 14.49
C PHE B 289 -50.86 -23.83 15.20
N ASP B 290 -51.42 -25.01 14.91
CA ASP B 290 -50.95 -26.24 15.56
C ASP B 290 -49.49 -26.51 15.23
N GLY B 291 -49.11 -26.31 13.96
CA GLY B 291 -47.74 -26.58 13.56
C GLY B 291 -46.75 -25.57 14.12
N ILE B 292 -47.08 -24.28 14.05
CA ILE B 292 -46.15 -23.26 14.53
C ILE B 292 -46.00 -23.34 16.04
N ILE B 293 -47.10 -23.53 16.75
CA ILE B 293 -47.12 -23.55 18.21
C ILE B 293 -47.33 -24.99 18.63
N GLY B 294 -46.24 -25.72 18.87
CA GLY B 294 -46.37 -27.09 19.34
C GLY B 294 -46.48 -27.17 20.85
N ASN B 295 -47.70 -27.24 21.35
CA ASN B 295 -48.00 -27.34 22.78
C ASN B 295 -47.51 -26.13 23.57
N ASP B 296 -46.97 -25.13 22.88
CA ASP B 296 -46.53 -23.89 23.54
C ASP B 296 -47.62 -22.83 23.51
N VAL B 297 -48.84 -23.22 23.91
CA VAL B 297 -49.98 -22.30 23.83
C VAL B 297 -49.91 -21.20 24.86
N LYS B 298 -49.06 -21.32 25.87
CA LYS B 298 -48.87 -20.28 26.86
C LYS B 298 -47.83 -19.25 26.43
N ASP B 299 -47.23 -19.41 25.26
CA ASP B 299 -46.16 -18.52 24.81
C ASP B 299 -46.83 -17.32 24.14
N SER B 300 -46.99 -16.26 24.94
CA SER B 300 -47.77 -15.10 24.51
C SER B 300 -47.15 -14.42 23.29
N PHE B 301 -45.82 -14.37 23.24
CA PHE B 301 -45.16 -13.73 22.10
C PHE B 301 -45.51 -14.43 20.79
N LEU B 302 -45.35 -15.76 20.77
CA LEU B 302 -45.69 -16.52 19.56
C LEU B 302 -47.16 -16.41 19.22
N THR B 303 -48.05 -16.51 20.23
CA THR B 303 -49.47 -16.42 19.94
C THR B 303 -49.82 -15.07 19.33
N ASP B 304 -49.28 -13.99 19.89
CA ASP B 304 -49.58 -12.66 19.36
C ASP B 304 -49.05 -12.48 17.95
N ARG B 305 -47.81 -12.91 17.70
CA ARG B 305 -47.25 -12.76 16.35
C ARG B 305 -48.04 -13.57 15.33
N LEU B 306 -48.45 -14.78 15.70
CA LEU B 306 -49.24 -15.61 14.80
C LEU B 306 -50.61 -15.00 14.53
N GLU B 307 -51.25 -14.46 15.58
CA GLU B 307 -52.51 -13.75 15.38
C GLU B 307 -52.34 -12.62 14.37
N LEU B 308 -51.30 -11.81 14.55
CA LEU B 308 -51.06 -10.69 13.65
C LEU B 308 -50.88 -11.17 12.22
N LEU B 309 -50.07 -12.21 12.03
CA LEU B 309 -49.80 -12.70 10.68
C LEU B 309 -51.07 -13.23 10.01
N LEU B 310 -51.83 -14.09 10.72
CA LEU B 310 -53.02 -14.69 10.12
C LEU B 310 -54.07 -13.64 9.81
N ARG B 311 -54.34 -12.73 10.76
CA ARG B 311 -55.35 -11.70 10.52
C ARG B 311 -54.90 -10.76 9.42
N GLY B 312 -53.60 -10.45 9.34
CA GLY B 312 -53.13 -9.60 8.26
C GLY B 312 -53.33 -10.24 6.90
N PHE B 313 -53.02 -11.53 6.78
CA PHE B 313 -53.26 -12.20 5.51
C PHE B 313 -54.74 -12.22 5.17
N LYS B 314 -55.59 -12.51 6.15
CA LYS B 314 -57.03 -12.57 5.89
C LYS B 314 -57.56 -11.22 5.45
N LYS B 315 -57.08 -10.14 6.07
CA LYS B 315 -57.51 -8.80 5.66
C LYS B 315 -57.01 -8.46 4.26
N ARG B 316 -55.73 -8.75 3.99
CA ARG B 316 -55.16 -8.34 2.71
C ARG B 316 -55.79 -9.10 1.54
N TYR B 317 -56.05 -10.40 1.72
CA TYR B 317 -56.60 -11.23 0.66
C TYR B 317 -57.81 -11.99 1.19
N PRO B 318 -58.97 -11.32 1.28
CA PRO B 318 -60.17 -12.01 1.80
C PRO B 318 -60.88 -12.88 0.80
N HIS B 319 -60.62 -12.71 -0.49
CA HIS B 319 -61.29 -13.50 -1.53
C HIS B 319 -60.51 -14.74 -1.91
N LEU B 320 -59.38 -15.01 -1.26
CA LEU B 320 -58.57 -16.19 -1.55
C LEU B 320 -58.89 -17.27 -0.50
N GLN B 321 -60.09 -17.83 -0.63
CA GLN B 321 -60.62 -18.73 0.38
C GLN B 321 -60.29 -20.19 0.16
N ASN B 322 -59.66 -20.54 -0.96
CA ASN B 322 -59.39 -21.94 -1.29
C ASN B 322 -57.97 -22.09 -1.82
N ARG B 323 -57.46 -23.32 -1.72
CA ARG B 323 -56.13 -23.61 -2.26
C ARG B 323 -56.08 -23.37 -3.76
N THR B 324 -57.11 -23.80 -4.48
CA THR B 324 -57.18 -23.51 -5.91
C THR B 324 -57.23 -22.02 -6.17
N GLN B 325 -57.86 -21.26 -5.27
CA GLN B 325 -57.98 -19.82 -5.48
C GLN B 325 -56.64 -19.11 -5.25
N VAL B 326 -55.89 -19.50 -4.21
CA VAL B 326 -54.58 -18.89 -4.01
C VAL B 326 -53.63 -19.30 -5.14
N LEU B 327 -53.73 -20.55 -5.61
CA LEU B 327 -52.94 -20.95 -6.76
C LEU B 327 -53.29 -20.14 -8.00
N GLN B 328 -54.59 -19.88 -8.20
CA GLN B 328 -55.03 -19.05 -9.32
C GLN B 328 -54.46 -17.64 -9.22
N TYR B 329 -54.49 -17.06 -8.01
CA TYR B 329 -53.95 -15.72 -7.84
C TYR B 329 -52.45 -15.71 -8.11
N LEU B 330 -51.72 -16.73 -7.65
CA LEU B 330 -50.29 -16.79 -7.90
C LEU B 330 -50.00 -16.90 -9.39
N GLY B 331 -50.74 -17.76 -10.09
CA GLY B 331 -50.55 -17.90 -11.52
C GLY B 331 -50.86 -16.62 -12.28
N ASP B 332 -51.93 -15.93 -11.88
CA ASP B 332 -52.25 -14.65 -12.50
C ASP B 332 -51.15 -13.63 -12.24
N LYS B 333 -50.63 -13.59 -11.01
CA LYS B 333 -49.59 -12.62 -10.67
C LYS B 333 -48.32 -12.87 -11.46
N PHE B 334 -47.93 -14.14 -11.61
CA PHE B 334 -46.70 -14.50 -12.31
C PHE B 334 -47.06 -15.08 -13.67
N ARG B 335 -47.15 -14.22 -14.68
CA ARG B 335 -47.48 -14.65 -16.03
C ARG B 335 -46.36 -14.34 -17.02
N VAL B 336 -45.92 -13.08 -17.11
CA VAL B 336 -44.88 -12.74 -18.08
C VAL B 336 -43.50 -13.13 -17.56
N VAL B 337 -43.26 -12.99 -16.26
CA VAL B 337 -41.94 -13.28 -15.69
C VAL B 337 -41.56 -14.73 -15.93
N PHE B 338 -42.51 -15.65 -15.81
CA PHE B 338 -42.24 -17.07 -15.98
C PHE B 338 -42.56 -17.57 -17.38
N GLN B 339 -42.72 -16.67 -18.35
CA GLN B 339 -42.92 -17.01 -19.75
C GLN B 339 -44.08 -17.98 -19.92
N ALA B 340 -45.19 -17.64 -19.28
CA ALA B 340 -46.39 -18.48 -19.29
C ALA B 340 -47.10 -18.30 -20.63
N SER B 341 -47.04 -19.32 -21.47
CA SER B 341 -47.74 -19.29 -22.75
C SER B 341 -49.25 -19.36 -22.52
N PRO B 342 -50.05 -18.91 -23.49
CA PRO B 342 -51.50 -18.94 -23.30
C PRO B 342 -52.09 -20.32 -23.12
N ASP B 343 -51.39 -21.38 -23.54
CA ASP B 343 -51.95 -22.72 -23.45
C ASP B 343 -52.18 -23.15 -22.01
N GLN B 344 -51.23 -22.88 -21.13
CA GLN B 344 -51.32 -23.31 -19.74
C GLN B 344 -52.22 -22.38 -18.94
N SER B 345 -53.07 -22.97 -18.11
CA SER B 345 -54.04 -22.22 -17.33
C SER B 345 -53.36 -21.52 -16.15
N ASP B 346 -54.14 -20.66 -15.47
CA ASP B 346 -53.59 -19.92 -14.33
C ASP B 346 -53.24 -20.84 -13.18
N LEU B 347 -54.09 -21.83 -12.89
CA LEU B 347 -53.78 -22.78 -11.83
C LEU B 347 -52.53 -23.59 -12.17
N GLU B 348 -52.39 -24.00 -13.43
CA GLU B 348 -51.18 -24.71 -13.85
C GLU B 348 -49.95 -23.83 -13.71
N VAL B 349 -50.08 -22.55 -14.07
CA VAL B 349 -48.95 -21.62 -13.93
C VAL B 349 -48.59 -21.45 -12.45
N GLY B 350 -49.59 -21.33 -11.59
CA GLY B 350 -49.31 -21.20 -10.16
C GLY B 350 -48.61 -22.42 -9.60
N GLN B 351 -49.06 -23.62 -9.98
CA GLN B 351 -48.37 -24.83 -9.56
C GLN B 351 -46.95 -24.87 -10.10
N GLU B 352 -46.76 -24.42 -11.35
CA GLU B 352 -45.44 -24.42 -11.95
C GLU B 352 -44.49 -23.50 -11.19
N VAL B 353 -44.91 -22.27 -10.92
CA VAL B 353 -44.03 -21.33 -10.23
C VAL B 353 -43.76 -21.80 -8.80
N LEU B 354 -44.79 -22.35 -8.13
CA LEU B 354 -44.57 -22.86 -6.79
C LEU B 354 -43.54 -23.98 -6.78
N ASP B 355 -43.72 -24.99 -7.64
CA ASP B 355 -42.78 -26.10 -7.66
C ASP B 355 -41.42 -25.70 -8.20
N ARG B 356 -41.33 -24.60 -8.94
CA ARG B 356 -40.06 -24.13 -9.47
C ARG B 356 -39.37 -23.11 -8.56
N ILE B 357 -40.01 -22.67 -7.49
CA ILE B 357 -39.40 -21.63 -6.66
C ILE B 357 -39.21 -22.09 -5.22
N VAL B 358 -40.31 -22.41 -4.53
CA VAL B 358 -40.22 -22.61 -3.09
C VAL B 358 -39.71 -24.01 -2.78
N LEU B 359 -38.59 -24.09 -2.08
CA LEU B 359 -38.04 -25.35 -1.57
C LEU B 359 -37.81 -26.36 -2.69
N VAL B 360 -36.99 -25.94 -3.66
CA VAL B 360 -36.72 -26.79 -4.81
C VAL B 360 -36.04 -28.08 -4.40
N HIS B 361 -35.27 -28.06 -3.30
CA HIS B 361 -34.53 -29.24 -2.89
C HIS B 361 -35.43 -30.38 -2.42
N LEU B 362 -36.69 -30.08 -2.11
CA LEU B 362 -37.63 -31.13 -1.73
C LEU B 362 -38.32 -31.75 -2.94
N GLY B 363 -38.05 -31.25 -4.14
CA GLY B 363 -38.58 -31.85 -5.35
C GLY B 363 -40.07 -31.63 -5.54
N LYS B 364 -40.54 -31.76 -6.77
CA LYS B 364 -41.97 -31.68 -7.04
C LYS B 364 -42.68 -32.89 -6.45
N ASP B 365 -43.99 -32.76 -6.28
CA ASP B 365 -44.81 -33.77 -5.62
C ASP B 365 -44.36 -34.02 -4.18
N GLY B 366 -43.79 -32.99 -3.56
CA GLY B 366 -43.40 -33.03 -2.17
C GLY B 366 -44.07 -31.92 -1.38
N SER B 367 -45.35 -31.68 -1.68
CA SER B 367 -46.04 -30.51 -1.14
C SER B 367 -46.15 -30.55 0.37
N GLN B 368 -46.52 -31.71 0.94
CA GLN B 368 -46.65 -31.80 2.38
C GLN B 368 -45.31 -31.59 3.08
N ASP B 369 -44.24 -32.13 2.50
CA ASP B 369 -42.91 -31.93 3.06
C ASP B 369 -42.50 -30.47 3.00
N LYS B 370 -42.80 -29.80 1.89
CA LYS B 370 -42.50 -28.37 1.78
C LYS B 370 -43.30 -27.57 2.80
N PHE B 371 -44.56 -27.96 3.01
CA PHE B 371 -45.39 -27.30 4.01
C PHE B 371 -44.76 -27.42 5.39
N ARG B 372 -44.35 -28.63 5.77
CA ARG B 372 -43.75 -28.84 7.07
C ARG B 372 -42.44 -28.06 7.21
N MET B 373 -41.63 -28.04 6.14
CA MET B 373 -40.37 -27.30 6.19
C MET B 373 -40.60 -25.82 6.36
N LEU B 374 -41.55 -25.23 5.63
CA LEU B 374 -41.82 -23.81 5.77
C LEU B 374 -42.40 -23.49 7.14
N LEU B 375 -43.21 -24.39 7.68
CA LEU B 375 -43.75 -24.19 9.02
C LEU B 375 -42.63 -24.20 10.07
N PHE B 376 -41.70 -25.14 9.95
CA PHE B 376 -40.54 -25.17 10.84
C PHE B 376 -39.71 -23.90 10.68
N MET B 377 -39.57 -23.42 9.44
CA MET B 377 -38.85 -22.18 9.19
C MET B 377 -39.50 -21.01 9.92
N ILE B 378 -40.83 -20.92 9.84
CA ILE B 378 -41.54 -19.82 10.50
C ILE B 378 -41.35 -19.90 12.01
N ARG B 379 -41.46 -21.08 12.59
CA ARG B 379 -41.25 -21.21 14.02
C ARG B 379 -39.83 -20.83 14.41
N LYS B 380 -38.85 -21.22 13.61
CA LYS B 380 -37.47 -20.86 13.89
C LYS B 380 -37.27 -19.35 13.81
N LEU B 381 -37.91 -18.70 12.84
CA LEU B 381 -37.80 -17.24 12.73
C LEU B 381 -38.39 -16.56 13.96
N TYR B 382 -39.56 -17.01 14.40
CA TYR B 382 -40.16 -16.40 15.59
C TYR B 382 -39.30 -16.65 16.81
N SER B 383 -38.72 -17.83 16.94
CA SER B 383 -37.82 -18.10 18.06
C SER B 383 -36.59 -17.22 18.00
N LEU B 384 -36.05 -16.98 16.81
CA LEU B 384 -34.88 -16.11 16.67
C LEU B 384 -35.20 -14.68 17.10
N VAL B 385 -36.33 -14.15 16.62
CA VAL B 385 -36.68 -12.78 17.00
C VAL B 385 -37.12 -12.70 18.45
N ALA B 386 -37.48 -13.82 19.07
CA ALA B 386 -37.78 -13.84 20.49
C ALA B 386 -36.54 -13.95 21.37
N GLY B 387 -35.37 -14.12 20.77
CA GLY B 387 -34.14 -14.24 21.51
C GLY B 387 -33.81 -15.62 22.03
N GLU B 388 -34.61 -16.63 21.69
CA GLU B 388 -34.36 -17.99 22.15
C GLU B 388 -33.32 -18.71 21.32
N CYS B 389 -32.82 -18.10 20.26
CA CYS B 389 -31.81 -18.71 19.40
C CYS B 389 -30.79 -17.65 19.02
N SER B 390 -29.63 -18.12 18.59
CA SER B 390 -28.58 -17.19 18.22
C SER B 390 -28.37 -17.18 16.71
N PRO B 391 -28.01 -16.04 16.13
CA PRO B 391 -27.77 -15.99 14.68
C PRO B 391 -26.64 -16.92 14.28
N ASP B 392 -26.79 -17.53 13.11
CA ASP B 392 -25.78 -18.45 12.58
C ASP B 392 -24.83 -17.68 11.67
N ASN B 393 -23.54 -17.81 11.94
CA ASN B 393 -22.54 -17.07 11.17
C ASN B 393 -22.48 -17.61 9.75
N PRO B 394 -22.69 -16.79 8.73
CA PRO B 394 -22.54 -17.27 7.34
C PRO B 394 -21.09 -17.44 6.93
N ASP B 395 -20.14 -16.95 7.70
CA ASP B 395 -18.73 -17.05 7.36
C ASP B 395 -18.03 -18.22 8.04
N ALA B 396 -18.54 -18.67 9.19
CA ALA B 396 -17.95 -19.82 9.85
C ALA B 396 -18.16 -21.07 9.02
N THR B 397 -17.14 -21.95 9.01
CA THR B 397 -17.22 -23.18 8.24
C THR B 397 -18.32 -24.11 8.75
N GLN B 398 -18.82 -23.87 9.96
CA GLN B 398 -19.87 -24.72 10.52
C GLN B 398 -21.13 -24.71 9.66
N HIS B 399 -21.34 -23.65 8.89
CA HIS B 399 -22.53 -23.48 8.08
C HIS B 399 -22.14 -23.17 6.63
N GLN B 400 -21.23 -23.98 6.08
CA GLN B 400 -20.73 -23.72 4.74
C GLN B 400 -20.50 -25.03 4.01
N GLU B 401 -20.44 -24.92 2.68
CA GLU B 401 -20.12 -26.03 1.80
C GLU B 401 -19.44 -25.45 0.56
N VAL B 402 -18.83 -26.33 -0.23
CA VAL B 402 -17.96 -25.93 -1.32
C VAL B 402 -18.55 -26.40 -2.65
N LEU B 403 -18.60 -25.50 -3.62
CA LEU B 403 -18.97 -25.85 -4.99
C LEU B 403 -17.78 -26.45 -5.72
N LEU B 404 -18.00 -27.59 -6.36
CA LEU B 404 -16.90 -28.40 -6.89
C LEU B 404 -16.36 -27.89 -8.21
N GLY B 405 -17.05 -26.97 -8.87
CA GLY B 405 -16.59 -26.51 -10.16
C GLY B 405 -17.20 -27.30 -11.31
N GLY B 406 -17.16 -28.62 -11.22
CA GLY B 406 -17.88 -29.43 -12.19
C GLY B 406 -19.38 -29.23 -12.10
N PHE B 407 -19.90 -29.08 -10.88
CA PHE B 407 -21.30 -28.74 -10.71
C PHE B 407 -21.60 -27.38 -11.33
N LEU B 408 -20.65 -26.45 -11.28
CA LEU B 408 -20.79 -25.20 -12.00
C LEU B 408 -20.89 -25.44 -13.50
N TYR B 409 -20.09 -26.39 -14.00
CA TYR B 409 -20.17 -26.76 -15.42
C TYR B 409 -21.56 -27.27 -15.77
N GLY B 410 -22.12 -28.12 -14.91
CA GLY B 410 -23.47 -28.61 -15.15
C GLY B 410 -24.51 -27.50 -15.11
N MET B 411 -24.36 -26.57 -14.17
CA MET B 411 -25.26 -25.42 -14.10
C MET B 411 -25.21 -24.61 -15.40
N ILE B 412 -23.99 -24.32 -15.87
CA ILE B 412 -23.84 -23.53 -17.09
C ILE B 412 -24.42 -24.28 -18.28
N LEU B 413 -24.25 -25.61 -18.31
CA LEU B 413 -24.79 -26.37 -19.43
C LEU B 413 -26.31 -26.38 -19.43
N LYS B 414 -26.93 -26.52 -18.25
CA LYS B 414 -28.39 -26.44 -18.18
C LYS B 414 -28.87 -25.07 -18.61
N GLU B 415 -28.21 -24.00 -18.15
CA GLU B 415 -28.61 -22.66 -18.54
C GLU B 415 -28.45 -22.45 -20.04
N LYS B 416 -27.38 -23.00 -20.62
CA LYS B 416 -27.14 -22.82 -22.04
C LYS B 416 -28.17 -23.59 -22.88
N ILE B 417 -28.59 -24.77 -22.40
CA ILE B 417 -29.64 -25.50 -23.11
C ILE B 417 -30.97 -24.75 -23.02
N ASP B 418 -31.26 -24.16 -21.85
CA ASP B 418 -32.43 -23.31 -21.72
C ASP B 418 -32.38 -22.15 -22.71
N GLU B 419 -31.22 -21.51 -22.82
CA GLU B 419 -31.05 -20.41 -23.76
C GLU B 419 -31.21 -20.89 -25.20
N TYR B 420 -30.75 -22.10 -25.50
CA TYR B 420 -30.89 -22.67 -26.84
C TYR B 420 -32.36 -22.83 -27.20
N LEU B 421 -33.14 -23.40 -26.28
CA LEU B 421 -34.59 -23.52 -26.51
C LEU B 421 -35.22 -22.15 -26.65
N GLN B 422 -34.76 -21.17 -25.86
CA GLN B 422 -35.26 -19.81 -25.98
C GLN B 422 -34.99 -19.24 -27.36
N ASN B 423 -33.79 -19.46 -27.89
CA ASN B 423 -33.47 -18.97 -29.23
C ASN B 423 -34.34 -19.65 -30.28
N ILE B 424 -34.59 -20.95 -30.13
CA ILE B 424 -35.45 -21.64 -31.09
C ILE B 424 -36.85 -21.01 -31.09
N ILE B 425 -37.42 -20.82 -29.89
CA ILE B 425 -38.76 -20.25 -29.79
C ILE B 425 -38.77 -18.82 -30.33
N ALA B 426 -37.72 -18.06 -30.06
CA ALA B 426 -37.65 -16.67 -30.53
C ALA B 426 -37.55 -16.62 -32.04
N GLN B 427 -36.78 -17.53 -32.64
CA GLN B 427 -36.72 -17.58 -34.10
C GLN B 427 -38.08 -17.92 -34.70
N VAL B 428 -38.79 -18.87 -34.09
CA VAL B 428 -40.14 -19.20 -34.56
C VAL B 428 -41.05 -17.99 -34.43
N ARG B 429 -40.94 -17.26 -33.32
CA ARG B 429 -41.79 -16.08 -33.10
C ARG B 429 -41.50 -14.99 -34.11
N MET B 430 -40.21 -14.74 -34.41
CA MET B 430 -39.87 -13.75 -35.42
C MET B 430 -40.37 -14.18 -36.80
N ASP B 431 -40.28 -15.49 -37.09
CA ASP B 431 -40.81 -16.00 -38.34
C ASP B 431 -42.32 -15.77 -38.44
N ILE B 432 -43.04 -15.97 -37.33
CA ILE B 432 -44.47 -15.68 -37.32
C ILE B 432 -44.72 -14.19 -37.51
N ASN B 433 -43.90 -13.35 -36.87
CA ASN B 433 -44.06 -11.91 -37.00
C ASN B 433 -43.89 -11.46 -38.44
N ARG B 434 -42.88 -11.98 -39.14
CA ARG B 434 -42.74 -11.68 -40.55
C ARG B 434 -43.68 -12.57 -41.36
N GLY B 435 -43.83 -12.24 -42.65
CA GLY B 435 -44.73 -13.00 -43.49
C GLY B 435 -44.06 -14.15 -44.20
N MET B 436 -44.17 -15.35 -43.65
CA MET B 436 -43.54 -16.54 -44.21
C MET B 436 -44.51 -17.70 -44.28
N ALA B 437 -44.01 -18.88 -44.68
CA ALA B 437 -44.88 -20.05 -44.84
C ALA B 437 -45.46 -20.52 -43.51
N ILE B 438 -44.71 -20.34 -42.41
CA ILE B 438 -45.10 -20.67 -41.04
C ILE B 438 -45.86 -21.99 -40.95
N ASN B 439 -45.26 -23.06 -41.46
CA ASN B 439 -45.82 -24.41 -41.36
C ASN B 439 -44.99 -25.24 -40.39
N PHE B 440 -45.67 -25.91 -39.46
CA PHE B 440 -45.01 -26.60 -38.35
C PHE B 440 -44.77 -28.08 -38.62
N LYS B 441 -45.00 -28.55 -39.85
CA LYS B 441 -44.71 -29.93 -40.21
C LYS B 441 -43.72 -30.00 -41.38
N ASP B 442 -42.97 -28.93 -41.61
CA ASP B 442 -42.06 -28.84 -42.75
C ASP B 442 -40.63 -29.06 -42.29
N LYS B 443 -39.95 -30.03 -42.90
CA LYS B 443 -38.55 -30.29 -42.55
C LYS B 443 -37.62 -29.24 -43.16
N ARG B 444 -37.98 -28.69 -44.33
CA ARG B 444 -37.19 -27.59 -44.89
C ARG B 444 -37.26 -26.38 -43.98
N TYR B 445 -38.45 -26.04 -43.49
CA TYR B 445 -38.58 -24.96 -42.52
C TYR B 445 -37.88 -25.30 -41.21
N MET B 446 -37.93 -26.57 -40.81
CA MET B 446 -37.16 -27.03 -39.65
C MET B 446 -35.69 -26.68 -39.80
N SER B 447 -35.09 -27.06 -40.94
CA SER B 447 -33.68 -26.78 -41.17
C SER B 447 -33.42 -25.28 -41.22
N ARG B 448 -34.31 -24.53 -41.87
CA ARG B 448 -34.09 -23.09 -42.02
C ARG B 448 -34.11 -22.39 -40.66
N VAL B 449 -35.09 -22.72 -39.82
CA VAL B 449 -35.18 -22.08 -38.52
C VAL B 449 -34.08 -22.56 -37.59
N LEU B 450 -33.69 -23.84 -37.69
CA LEU B 450 -32.65 -24.36 -36.82
C LEU B 450 -31.27 -23.85 -37.21
N MET B 451 -31.00 -23.76 -38.52
CA MET B 451 -29.70 -23.32 -38.98
C MET B 451 -29.51 -21.81 -38.86
N ARG B 452 -30.60 -21.04 -38.78
CA ARG B 452 -30.47 -19.59 -38.75
C ARG B 452 -29.90 -19.11 -37.41
N VAL B 453 -30.32 -19.73 -36.30
CA VAL B 453 -29.86 -19.26 -35.00
C VAL B 453 -28.40 -19.64 -34.78
N ASN B 454 -27.74 -18.89 -33.91
CA ASN B 454 -26.36 -19.18 -33.51
C ASN B 454 -26.41 -20.23 -32.41
N GLU B 455 -25.94 -21.44 -32.73
CA GLU B 455 -26.07 -22.56 -31.81
C GLU B 455 -24.70 -23.13 -31.45
N ASN B 456 -23.75 -22.26 -31.13
CA ASN B 456 -22.41 -22.71 -30.74
C ASN B 456 -22.29 -22.75 -29.22
N ILE B 457 -22.90 -23.78 -28.64
CA ILE B 457 -22.83 -23.97 -27.20
C ILE B 457 -21.39 -24.26 -26.78
N GLY B 458 -20.64 -24.99 -27.62
CA GLY B 458 -19.25 -25.24 -27.32
C GLY B 458 -18.42 -23.98 -27.35
N SER B 459 -18.69 -23.08 -28.30
CA SER B 459 -17.99 -21.80 -28.33
C SER B 459 -18.37 -20.95 -27.14
N LYS B 460 -19.63 -21.02 -26.69
CA LYS B 460 -20.02 -20.29 -25.48
C LYS B 460 -19.27 -20.80 -24.27
N MET B 461 -19.15 -22.12 -24.12
CA MET B 461 -18.38 -22.67 -23.01
C MET B 461 -16.91 -22.33 -23.11
N GLN B 462 -16.36 -22.35 -24.32
CA GLN B 462 -14.97 -21.96 -24.50
C GLN B 462 -14.75 -20.52 -24.09
N TYR B 463 -15.68 -19.63 -24.46
CA TYR B 463 -15.59 -18.24 -24.02
C TYR B 463 -15.67 -18.14 -22.50
N PHE B 464 -16.60 -18.88 -21.89
CA PHE B 464 -16.74 -18.85 -20.44
C PHE B 464 -15.44 -19.23 -19.75
N LEU B 465 -14.85 -20.35 -20.17
CA LEU B 465 -13.60 -20.80 -19.56
C LEU B 465 -12.45 -19.84 -19.87
N SER B 466 -12.43 -19.26 -21.07
CA SER B 466 -11.30 -18.44 -21.47
C SER B 466 -11.29 -17.10 -20.76
N THR B 467 -12.46 -16.49 -20.57
CA THR B 467 -12.52 -15.14 -20.02
C THR B 467 -12.96 -15.08 -18.57
N GLY B 468 -13.52 -16.16 -18.02
CA GLY B 468 -13.94 -16.15 -16.64
C GLY B 468 -15.30 -15.52 -16.41
N ASN B 469 -15.64 -14.52 -17.22
CA ASN B 469 -16.91 -13.83 -17.05
C ASN B 469 -18.08 -14.76 -17.32
N LEU B 470 -19.07 -14.70 -16.45
CA LEU B 470 -20.28 -15.51 -16.58
C LEU B 470 -21.38 -14.68 -17.20
N VAL B 471 -22.03 -15.23 -18.22
CA VAL B 471 -23.21 -14.63 -18.83
C VAL B 471 -24.37 -15.61 -18.69
N SER B 472 -25.45 -15.18 -18.07
CA SER B 472 -26.62 -16.02 -17.85
C SER B 472 -27.82 -15.14 -17.60
N GLN B 473 -29.00 -15.72 -17.83
CA GLN B 473 -30.26 -15.01 -17.64
C GLN B 473 -31.01 -15.48 -16.41
N SER B 474 -30.37 -16.25 -15.52
CA SER B 474 -31.01 -16.72 -14.30
C SER B 474 -30.25 -16.36 -13.04
N GLY B 475 -29.05 -15.80 -13.14
CA GLY B 475 -28.28 -15.41 -11.97
C GLY B 475 -27.53 -16.56 -11.34
N LEU B 476 -28.07 -17.77 -11.45
CA LEU B 476 -27.50 -19.00 -10.91
C LEU B 476 -27.36 -18.97 -9.39
N ASP B 477 -28.03 -18.04 -8.72
CA ASP B 477 -27.95 -17.89 -7.27
C ASP B 477 -26.51 -17.68 -6.80
N LEU B 478 -25.75 -16.91 -7.59
CA LEU B 478 -24.36 -16.60 -7.29
C LEU B 478 -24.17 -15.09 -7.25
N GLN B 479 -23.43 -14.61 -6.24
CA GLN B 479 -23.28 -13.18 -6.06
C GLN B 479 -22.40 -12.55 -7.15
N GLN B 480 -21.28 -13.18 -7.46
CA GLN B 480 -20.32 -12.61 -8.39
C GLN B 480 -20.72 -12.94 -9.83
N VAL B 481 -20.04 -12.26 -10.76
CA VAL B 481 -20.23 -12.48 -12.19
C VAL B 481 -18.96 -12.99 -12.86
N SER B 482 -17.79 -12.51 -12.45
CA SER B 482 -16.54 -12.80 -13.12
C SER B 482 -15.60 -13.55 -12.18
N GLY B 483 -14.41 -13.85 -12.70
CA GLY B 483 -13.37 -14.50 -11.92
C GLY B 483 -13.73 -15.90 -11.46
N TYR B 484 -14.27 -16.72 -12.36
CA TYR B 484 -14.65 -18.08 -12.01
C TYR B 484 -13.64 -19.13 -12.46
N THR B 485 -12.70 -18.79 -13.34
CA THR B 485 -11.64 -19.69 -13.75
C THR B 485 -10.31 -18.99 -13.61
N VAL B 486 -9.28 -19.76 -13.27
CA VAL B 486 -7.93 -19.26 -13.10
C VAL B 486 -6.99 -20.07 -13.98
N VAL B 487 -6.02 -19.39 -14.57
CA VAL B 487 -4.99 -20.07 -15.36
C VAL B 487 -4.09 -20.86 -14.43
N ALA B 488 -4.07 -22.18 -14.61
CA ALA B 488 -3.27 -23.05 -13.76
C ALA B 488 -1.81 -22.87 -14.16
N GLU B 489 -1.13 -21.97 -13.45
CA GLU B 489 0.26 -21.65 -13.76
C GLU B 489 1.14 -22.88 -13.55
N LYS B 490 2.02 -23.14 -14.52
CA LYS B 490 3.00 -24.21 -14.43
C LYS B 490 4.37 -23.70 -14.00
N ILE B 491 4.37 -22.69 -13.12
CA ILE B 491 5.63 -22.11 -12.66
C ILE B 491 6.40 -23.14 -11.83
N ASN B 492 5.69 -23.92 -11.02
CA ASN B 492 6.32 -24.90 -10.15
C ASN B 492 5.25 -25.90 -9.75
N PHE B 493 5.68 -27.15 -9.51
CA PHE B 493 4.72 -28.18 -9.14
C PHE B 493 4.00 -27.85 -7.84
N TYR B 494 4.66 -27.13 -6.93
CA TYR B 494 3.99 -26.68 -5.72
C TYR B 494 2.81 -25.79 -6.06
N ARG B 495 3.03 -24.82 -6.95
CA ARG B 495 1.95 -23.95 -7.40
C ARG B 495 0.85 -24.76 -8.07
N PHE B 496 1.24 -25.71 -8.92
CA PHE B 496 0.25 -26.50 -9.66
C PHE B 496 -0.63 -27.31 -8.72
N ILE B 497 -0.03 -27.98 -7.73
CA ILE B 497 -0.85 -28.78 -6.81
C ILE B 497 -1.67 -27.86 -5.92
N SER B 498 -1.12 -26.70 -5.54
CA SER B 498 -1.90 -25.75 -4.75
C SER B 498 -3.07 -25.18 -5.53
N HIS B 499 -3.02 -25.21 -6.85
CA HIS B 499 -4.14 -24.71 -7.65
C HIS B 499 -5.41 -25.51 -7.39
N PHE B 500 -5.28 -26.82 -7.27
CA PHE B 500 -6.44 -27.70 -7.15
C PHE B 500 -6.94 -27.84 -5.74
N ARG B 501 -6.63 -26.89 -4.85
CA ARG B 501 -7.06 -27.03 -3.46
C ARG B 501 -7.63 -25.76 -2.83
N MET B 502 -7.45 -24.57 -3.40
CA MET B 502 -7.95 -23.43 -2.67
C MET B 502 -9.46 -23.32 -2.80
N VAL B 503 -10.07 -22.60 -1.86
CA VAL B 503 -11.47 -22.20 -1.93
C VAL B 503 -11.53 -20.69 -1.78
N HIS B 504 -12.27 -20.04 -2.66
CA HIS B 504 -12.46 -18.60 -2.63
C HIS B 504 -13.81 -18.30 -2.03
N ARG B 505 -13.85 -17.38 -1.07
CA ARG B 505 -15.12 -16.97 -0.49
C ARG B 505 -16.00 -16.25 -1.50
N GLY B 506 -15.41 -15.67 -2.54
CA GLY B 506 -16.15 -14.96 -3.56
C GLY B 506 -15.52 -13.61 -3.83
N SER B 507 -15.59 -13.18 -5.08
CA SER B 507 -15.01 -11.88 -5.45
C SER B 507 -15.77 -10.72 -4.83
N PHE B 508 -16.96 -10.97 -4.26
CA PHE B 508 -17.68 -9.90 -3.57
C PHE B 508 -17.06 -9.59 -2.21
N PHE B 509 -16.35 -10.53 -1.61
CA PHE B 509 -15.76 -10.34 -0.29
C PHE B 509 -14.40 -9.67 -0.34
N ALA B 510 -13.88 -9.37 -1.52
CA ALA B 510 -12.57 -8.77 -1.66
C ALA B 510 -12.58 -7.25 -1.58
N GLN B 511 -13.75 -6.63 -1.40
CA GLN B 511 -13.86 -5.18 -1.36
C GLN B 511 -14.41 -4.62 -0.05
N LEU B 512 -15.32 -5.33 0.60
CA LEU B 512 -15.95 -4.78 1.81
C LEU B 512 -14.90 -4.53 2.89
N LYS B 513 -15.06 -3.43 3.61
CA LYS B 513 -14.02 -2.95 4.51
C LYS B 513 -13.95 -3.73 5.81
N THR B 514 -14.98 -4.48 6.17
CA THR B 514 -14.93 -5.24 7.41
C THR B 514 -13.91 -6.36 7.30
N THR B 515 -13.35 -6.74 8.45
CA THR B 515 -12.30 -7.76 8.51
C THR B 515 -12.64 -8.85 9.50
N THR B 516 -13.94 -9.09 9.72
CA THR B 516 -14.38 -10.21 10.54
C THR B 516 -14.62 -11.47 9.71
N VAL B 517 -14.53 -11.37 8.38
CA VAL B 517 -14.68 -12.54 7.53
C VAL B 517 -13.32 -13.18 7.20
N ARG B 518 -12.23 -12.45 7.36
CA ARG B 518 -10.90 -12.99 7.09
C ARG B 518 -10.28 -13.65 8.32
N LYS B 519 -10.81 -13.41 9.50
CA LYS B 519 -10.22 -13.97 10.70
C LYS B 519 -10.39 -15.49 10.73
N LEU B 520 -9.42 -16.16 11.33
CA LEU B 520 -9.37 -17.61 11.34
C LEU B 520 -10.25 -18.14 12.45
N LEU B 521 -11.49 -18.47 12.10
CA LEU B 521 -12.41 -19.05 13.08
C LEU B 521 -11.91 -20.45 13.47
N PRO B 522 -12.15 -20.86 14.72
CA PRO B 522 -11.75 -22.21 15.13
C PRO B 522 -12.59 -23.32 14.51
N GLU B 523 -13.72 -23.00 13.88
CA GLU B 523 -14.57 -24.03 13.31
C GLU B 523 -13.90 -24.73 12.13
N SER B 524 -12.89 -24.13 11.53
CA SER B 524 -12.18 -24.70 10.40
C SER B 524 -11.01 -25.57 10.82
N TRP B 525 -11.01 -26.07 12.05
CA TRP B 525 -9.96 -26.96 12.52
C TRP B 525 -10.02 -28.27 11.75
N GLY B 526 -9.02 -28.52 10.90
CA GLY B 526 -8.93 -29.75 10.15
C GLY B 526 -9.46 -29.69 8.73
N PHE B 527 -10.17 -28.63 8.36
CA PHE B 527 -10.68 -28.50 7.00
C PHE B 527 -9.89 -27.48 6.19
N LEU B 528 -9.80 -26.25 6.68
CA LEU B 528 -8.98 -25.22 6.07
C LEU B 528 -7.67 -25.14 6.83
N CYS B 529 -6.57 -25.22 6.11
CA CYS B 529 -5.26 -25.23 6.75
C CYS B 529 -4.98 -23.86 7.36
N PRO B 530 -4.76 -23.78 8.68
CA PRO B 530 -4.48 -22.46 9.28
C PRO B 530 -3.26 -21.78 8.70
N VAL B 531 -2.23 -22.56 8.37
CA VAL B 531 -0.98 -21.96 7.91
C VAL B 531 -1.14 -21.40 6.50
N HIS B 532 -1.81 -22.13 5.62
CA HIS B 532 -1.83 -21.78 4.21
C HIS B 532 -2.85 -20.69 3.95
N THR B 533 -2.36 -19.51 3.59
CA THR B 533 -3.14 -18.39 3.09
C THR B 533 -2.18 -17.34 2.54
N PRO B 534 -2.48 -16.74 1.39
CA PRO B 534 -1.53 -15.81 0.78
C PRO B 534 -1.56 -14.45 1.47
N ASP B 535 -0.38 -13.94 1.82
CA ASP B 535 -0.29 -12.61 2.39
C ASP B 535 -0.63 -11.56 1.33
N GLY B 536 -1.35 -10.54 1.75
CA GLY B 536 -1.77 -9.48 0.84
C GLY B 536 -3.26 -9.25 0.88
N SER B 537 -3.83 -8.80 -0.23
CA SER B 537 -5.27 -8.57 -0.29
C SER B 537 -6.10 -9.82 0.02
N PRO B 538 -5.83 -11.00 -0.56
CA PRO B 538 -6.67 -12.16 -0.28
C PRO B 538 -6.38 -12.85 1.05
N CYS B 539 -5.63 -12.22 1.95
CA CYS B 539 -5.28 -12.86 3.22
C CYS B 539 -6.53 -13.21 4.01
N GLY B 540 -6.69 -14.50 4.29
CA GLY B 540 -7.86 -14.99 5.00
C GLY B 540 -9.03 -15.34 4.10
N LEU B 541 -9.02 -14.88 2.85
CA LEU B 541 -10.09 -15.16 1.89
C LEU B 541 -9.77 -16.38 1.04
N LEU B 542 -8.65 -16.33 0.30
CA LEU B 542 -8.25 -17.40 -0.60
C LEU B 542 -7.46 -18.46 0.18
N ASN B 543 -8.15 -19.09 1.12
CA ASN B 543 -7.51 -20.10 1.95
C ASN B 543 -7.41 -21.42 1.18
N HIS B 544 -6.93 -22.47 1.86
CA HIS B 544 -6.68 -23.75 1.21
C HIS B 544 -7.20 -24.88 2.07
N PHE B 545 -7.51 -26.00 1.40
CA PHE B 545 -8.03 -27.18 2.08
C PHE B 545 -6.92 -27.93 2.81
N ALA B 546 -7.31 -28.61 3.89
CA ALA B 546 -6.40 -29.53 4.54
C ALA B 546 -6.10 -30.72 3.62
N HIS B 547 -4.91 -31.29 3.79
CA HIS B 547 -4.48 -32.35 2.87
C HIS B 547 -5.30 -33.62 3.02
N LYS B 548 -5.95 -33.82 4.16
CA LYS B 548 -6.77 -35.01 4.38
C LYS B 548 -8.26 -34.73 4.23
N CYS B 549 -8.63 -33.56 3.74
CA CYS B 549 -10.03 -33.21 3.61
C CYS B 549 -10.54 -33.59 2.23
N ARG B 550 -11.65 -34.32 2.18
CA ARG B 550 -12.26 -34.78 0.94
C ARG B 550 -13.67 -34.25 0.84
N ILE B 551 -14.05 -33.81 -0.35
CA ILE B 551 -15.38 -33.29 -0.61
C ILE B 551 -16.20 -34.39 -1.27
N SER B 552 -17.29 -34.79 -0.61
CA SER B 552 -18.15 -35.85 -1.14
C SER B 552 -18.82 -35.35 -2.42
N THR B 553 -18.37 -35.87 -3.56
CA THR B 553 -18.87 -35.45 -4.85
C THR B 553 -20.03 -36.29 -5.37
N GLN B 554 -20.46 -37.30 -4.61
CA GLN B 554 -21.58 -38.14 -5.00
C GLN B 554 -22.54 -38.29 -3.83
N GLN B 555 -23.83 -38.31 -4.14
CA GLN B 555 -24.86 -38.40 -3.12
C GLN B 555 -24.93 -39.83 -2.59
N SER B 556 -24.65 -39.99 -1.29
CA SER B 556 -24.83 -41.28 -0.66
C SER B 556 -26.31 -41.63 -0.61
N ASP B 557 -26.59 -42.94 -0.63
CA ASP B 557 -27.97 -43.42 -0.63
C ASP B 557 -28.59 -43.19 0.74
N VAL B 558 -29.37 -42.13 0.87
CA VAL B 558 -30.07 -41.80 2.11
C VAL B 558 -31.48 -42.39 2.12
N SER B 559 -31.78 -43.29 1.20
CA SER B 559 -33.15 -43.78 1.05
C SER B 559 -33.62 -44.54 2.29
N ARG B 560 -32.78 -45.43 2.82
CA ARG B 560 -33.20 -46.30 3.92
C ARG B 560 -32.95 -45.70 5.29
N ILE B 561 -32.28 -44.54 5.38
CA ILE B 561 -31.99 -43.94 6.67
C ILE B 561 -33.25 -43.60 7.45
N PRO B 562 -34.29 -42.99 6.84
CA PRO B 562 -35.52 -42.76 7.63
C PRO B 562 -36.10 -44.04 8.19
N SER B 563 -36.08 -45.12 7.41
CA SER B 563 -36.65 -46.39 7.87
C SER B 563 -35.97 -46.84 9.16
N ILE B 564 -34.66 -46.64 9.27
CA ILE B 564 -33.96 -46.90 10.53
C ILE B 564 -34.37 -45.88 11.58
N LEU B 565 -34.60 -44.63 11.16
CA LEU B 565 -34.89 -43.56 12.12
C LEU B 565 -36.17 -43.82 12.89
N TYR B 566 -37.25 -44.19 12.18
CA TYR B 566 -38.50 -44.47 12.88
C TYR B 566 -38.36 -45.67 13.80
N SER B 567 -37.57 -46.66 13.39
CA SER B 567 -37.32 -47.83 14.23
C SER B 567 -36.60 -47.48 15.52
N LEU B 568 -35.87 -46.37 15.55
CA LEU B 568 -35.08 -45.99 16.72
C LEU B 568 -35.89 -45.23 17.76
N GLY B 569 -37.16 -44.94 17.50
CA GLY B 569 -37.99 -44.25 18.47
C GLY B 569 -38.28 -42.81 18.12
N VAL B 570 -38.49 -42.55 16.83
CA VAL B 570 -38.76 -41.20 16.33
C VAL B 570 -40.20 -41.16 15.85
N ALA B 571 -40.98 -40.25 16.42
CA ALA B 571 -42.36 -40.08 15.99
C ALA B 571 -42.40 -39.38 14.62
N PRO B 572 -43.18 -39.90 13.67
CA PRO B 572 -43.14 -39.36 12.31
C PRO B 572 -43.65 -37.93 12.23
N ALA B 573 -43.19 -37.21 11.21
CA ALA B 573 -43.60 -35.84 10.97
C ALA B 573 -45.02 -35.72 10.45
N SER B 574 -45.62 -36.82 9.98
CA SER B 574 -46.98 -36.75 9.46
C SER B 574 -47.99 -36.41 10.55
N HIS B 575 -47.85 -37.03 11.73
CA HIS B 575 -48.75 -36.83 12.86
C HIS B 575 -47.88 -36.59 14.09
N THR B 576 -47.47 -35.35 14.30
CA THR B 576 -46.55 -35.13 15.41
C THR B 576 -46.98 -34.06 16.38
N PHE B 577 -47.53 -32.95 15.90
CA PHE B 577 -47.81 -31.77 16.72
C PHE B 577 -46.60 -31.39 17.58
N ALA B 578 -45.53 -30.99 16.91
CA ALA B 578 -44.30 -30.60 17.59
C ALA B 578 -43.61 -29.50 16.81
N ALA B 579 -43.03 -28.55 17.54
CA ALA B 579 -42.27 -27.46 16.93
C ALA B 579 -41.44 -26.78 18.01
N GLY B 580 -40.56 -25.90 17.55
CA GLY B 580 -39.80 -25.07 18.45
C GLY B 580 -38.57 -25.75 19.01
N PRO B 581 -37.77 -25.01 19.76
CA PRO B 581 -36.58 -25.60 20.40
C PRO B 581 -36.90 -26.51 21.57
N SER B 582 -38.18 -26.72 21.90
CA SER B 582 -38.51 -27.58 23.03
C SER B 582 -38.37 -29.06 22.70
N LEU B 583 -38.31 -29.41 21.42
CA LEU B 583 -38.17 -30.79 20.99
C LEU B 583 -37.12 -30.89 19.90
N CYS B 584 -36.49 -32.06 19.79
CA CYS B 584 -35.44 -32.27 18.81
C CYS B 584 -36.04 -32.57 17.45
N CYS B 585 -35.71 -31.76 16.46
CA CYS B 585 -36.19 -31.92 15.10
C CYS B 585 -35.16 -32.71 14.29
N VAL B 586 -35.61 -33.82 13.69
CA VAL B 586 -34.74 -34.72 12.96
C VAL B 586 -34.89 -34.44 11.47
N GLN B 587 -33.88 -33.79 10.90
CA GLN B 587 -33.87 -33.47 9.47
C GLN B 587 -33.03 -34.47 8.70
N ILE B 588 -33.32 -34.58 7.41
CA ILE B 588 -32.52 -35.42 6.51
C ILE B 588 -32.39 -34.69 5.18
N ASP B 589 -31.20 -34.13 4.91
CA ASP B 589 -30.91 -33.41 3.67
C ASP B 589 -31.93 -32.29 3.43
N GLY B 590 -32.38 -31.68 4.52
CA GLY B 590 -33.33 -30.59 4.40
C GLY B 590 -34.78 -31.00 4.31
N LYS B 591 -35.14 -32.15 4.86
CA LYS B 591 -36.54 -32.56 4.94
C LYS B 591 -36.82 -33.06 6.36
N ILE B 592 -38.01 -32.73 6.86
CA ILE B 592 -38.39 -33.14 8.20
C ILE B 592 -38.74 -34.62 8.19
N ILE B 593 -38.19 -35.37 9.14
CA ILE B 593 -38.45 -36.79 9.27
C ILE B 593 -39.30 -37.09 10.50
N GLY B 594 -38.96 -36.49 11.64
CA GLY B 594 -39.72 -36.77 12.84
C GLY B 594 -39.41 -35.79 13.95
N TRP B 595 -39.91 -36.11 15.14
CA TRP B 595 -39.76 -35.26 16.30
C TRP B 595 -39.52 -36.14 17.52
N VAL B 596 -38.43 -35.87 18.24
CA VAL B 596 -38.00 -36.70 19.35
C VAL B 596 -37.56 -35.79 20.50
N SER B 597 -37.56 -36.33 21.71
CA SER B 597 -37.13 -35.59 22.89
C SER B 597 -35.64 -35.24 22.77
N HIS B 598 -35.13 -34.49 23.75
CA HIS B 598 -33.77 -33.96 23.64
C HIS B 598 -32.72 -34.99 24.04
N GLU B 599 -32.83 -35.54 25.25
CA GLU B 599 -31.92 -36.60 25.66
C GLU B 599 -32.08 -37.81 24.77
N GLN B 600 -33.33 -38.10 24.41
CA GLN B 600 -33.54 -39.17 23.43
C GLN B 600 -32.79 -38.85 22.15
N GLY B 601 -32.96 -37.64 21.61
CA GLY B 601 -32.27 -37.29 20.38
C GLY B 601 -30.76 -37.46 20.48
N LYS B 602 -30.19 -37.10 21.64
CA LYS B 602 -28.77 -37.34 21.85
C LYS B 602 -28.44 -38.83 21.77
N ILE B 603 -29.27 -39.67 22.38
CA ILE B 603 -29.02 -41.11 22.36
C ILE B 603 -29.10 -41.64 20.94
N ILE B 604 -30.12 -41.22 20.19
CA ILE B 604 -30.24 -41.63 18.79
C ILE B 604 -29.06 -41.15 17.96
N ALA B 605 -28.59 -39.93 18.18
CA ALA B 605 -27.43 -39.45 17.43
C ALA B 605 -26.20 -40.31 17.72
N ASP B 606 -25.98 -40.64 18.99
CA ASP B 606 -24.82 -41.45 19.35
C ASP B 606 -24.94 -42.85 18.76
N THR B 607 -26.14 -43.45 18.83
CA THR B 607 -26.33 -44.79 18.28
C THR B 607 -26.14 -44.79 16.76
N LEU B 608 -26.65 -43.77 16.09
CA LEU B 608 -26.46 -43.67 14.64
C LEU B 608 -25.00 -43.53 14.28
N ARG B 609 -24.25 -42.73 15.05
CA ARG B 609 -22.82 -42.61 14.79
C ARG B 609 -22.13 -43.96 14.95
N TYR B 610 -22.47 -44.70 16.01
CA TYR B 610 -21.88 -46.01 16.23
C TYR B 610 -22.19 -46.97 15.08
N TRP B 611 -23.45 -47.02 14.66
CA TRP B 611 -23.86 -47.91 13.58
C TRP B 611 -23.17 -47.54 12.27
N LYS B 612 -23.03 -46.24 12.01
CA LYS B 612 -22.34 -45.81 10.79
C LYS B 612 -20.87 -46.19 10.83
N VAL B 613 -20.22 -45.99 11.97
CA VAL B 613 -18.79 -46.25 12.03
C VAL B 613 -18.50 -47.75 11.95
N GLU B 614 -19.43 -48.59 12.41
CA GLU B 614 -19.25 -50.02 12.23
C GLU B 614 -19.88 -50.46 10.91
N GLY B 615 -19.34 -51.54 10.36
CA GLY B 615 -19.81 -52.04 9.08
C GLY B 615 -20.86 -53.13 9.17
N LYS B 616 -22.04 -52.82 9.70
CA LYS B 616 -23.07 -53.84 9.85
C LYS B 616 -24.37 -53.50 9.14
N THR B 617 -24.82 -52.24 9.20
CA THR B 617 -26.06 -51.86 8.53
C THR B 617 -25.75 -51.38 7.12
N PRO B 618 -26.34 -51.97 6.08
CA PRO B 618 -26.13 -51.44 4.72
C PRO B 618 -26.71 -50.05 4.52
N GLY B 619 -27.63 -49.62 5.37
CA GLY B 619 -28.27 -48.32 5.22
C GLY B 619 -27.35 -47.14 5.37
N LEU B 620 -26.84 -46.92 6.59
CA LEU B 620 -26.03 -45.74 6.86
C LEU B 620 -24.66 -45.87 6.20
N PRO B 621 -24.27 -44.96 5.32
CA PRO B 621 -22.89 -44.95 4.82
C PRO B 621 -21.97 -44.24 5.80
N ILE B 622 -20.67 -44.43 5.57
CA ILE B 622 -19.67 -43.77 6.40
C ILE B 622 -19.74 -42.26 6.21
N ASP B 623 -19.94 -41.80 4.97
CA ASP B 623 -19.89 -40.38 4.66
C ASP B 623 -21.06 -39.60 5.22
N LEU B 624 -22.07 -40.27 5.77
CA LEU B 624 -23.22 -39.56 6.33
C LEU B 624 -22.81 -38.76 7.55
N GLU B 625 -22.88 -37.43 7.43
CA GLU B 625 -22.55 -36.53 8.52
C GLU B 625 -23.80 -36.31 9.37
N ILE B 626 -23.67 -36.56 10.67
CA ILE B 626 -24.78 -36.48 11.61
C ILE B 626 -24.43 -35.40 12.63
N GLY B 627 -25.03 -34.22 12.47
CA GLY B 627 -24.77 -33.11 13.37
C GLY B 627 -25.86 -32.89 14.38
N TYR B 628 -25.63 -33.30 15.62
CA TYR B 628 -26.60 -33.12 16.70
C TYR B 628 -26.20 -31.91 17.53
N VAL B 629 -27.11 -30.95 17.64
CA VAL B 629 -26.90 -29.74 18.42
C VAL B 629 -27.76 -29.83 19.68
N PRO B 630 -27.15 -29.97 20.86
CA PRO B 630 -27.94 -30.18 22.09
C PRO B 630 -28.64 -28.90 22.51
N PRO B 631 -29.64 -28.99 23.38
CA PRO B 631 -30.30 -27.79 23.88
C PRO B 631 -29.36 -26.98 24.76
N SER B 632 -29.58 -25.67 24.76
CA SER B 632 -28.72 -24.75 25.51
C SER B 632 -29.57 -23.58 25.97
N THR B 633 -28.91 -22.52 26.42
CA THR B 633 -29.55 -21.28 26.83
C THR B 633 -29.15 -20.19 25.83
N ARG B 634 -30.09 -19.84 24.94
CA ARG B 634 -29.86 -18.85 23.89
C ARG B 634 -28.69 -19.25 22.99
N GLY B 635 -28.47 -20.55 22.82
CA GLY B 635 -27.44 -21.06 21.95
C GLY B 635 -27.94 -21.23 20.53
N GLN B 636 -27.31 -22.15 19.81
CA GLN B 636 -27.77 -22.48 18.47
C GLN B 636 -29.10 -23.23 18.55
N TYR B 637 -29.85 -23.19 17.46
CA TYR B 637 -31.16 -23.81 17.43
C TYR B 637 -31.02 -25.32 17.52
N PRO B 638 -31.64 -25.98 18.50
CA PRO B 638 -31.46 -27.42 18.67
C PRO B 638 -32.11 -28.20 17.54
N GLY B 639 -31.63 -29.44 17.39
CA GLY B 639 -32.14 -30.31 16.34
C GLY B 639 -31.24 -31.52 16.19
N LEU B 640 -31.47 -32.24 15.10
CA LEU B 640 -30.65 -33.40 14.76
C LEU B 640 -30.62 -33.47 13.23
N TYR B 641 -29.58 -32.91 12.64
CA TYR B 641 -29.52 -32.68 11.21
C TYR B 641 -28.62 -33.73 10.57
N LEU B 642 -29.17 -34.49 9.62
CA LEU B 642 -28.44 -35.51 8.88
C LEU B 642 -28.20 -35.00 7.46
N PHE B 643 -26.99 -35.24 6.96
CA PHE B 643 -26.63 -34.80 5.62
C PHE B 643 -25.97 -35.94 4.86
N GLY B 644 -26.30 -36.05 3.58
CA GLY B 644 -25.68 -37.04 2.73
C GLY B 644 -25.43 -36.52 1.33
N GLY B 645 -25.78 -35.26 1.09
CA GLY B 645 -25.71 -34.69 -0.24
C GLY B 645 -24.30 -34.40 -0.69
N HIS B 646 -24.21 -33.91 -1.92
CA HIS B 646 -22.91 -33.54 -2.49
C HIS B 646 -22.38 -32.30 -1.81
N SER B 647 -21.20 -31.86 -2.25
CA SER B 647 -20.55 -30.61 -1.83
C SER B 647 -20.25 -30.56 -0.34
N ARG B 648 -20.38 -31.68 0.36
CA ARG B 648 -20.10 -31.69 1.79
C ARG B 648 -18.60 -31.72 2.05
N MET B 649 -18.23 -31.33 3.27
CA MET B 649 -16.84 -31.31 3.70
C MET B 649 -16.63 -32.50 4.65
N LEU B 650 -15.65 -33.35 4.33
CA LEU B 650 -15.41 -34.55 5.11
C LEU B 650 -13.95 -34.63 5.53
N ARG B 651 -13.72 -35.05 6.78
CA ARG B 651 -12.38 -35.25 7.30
C ARG B 651 -12.37 -36.56 8.07
N PRO B 652 -11.36 -37.41 7.86
CA PRO B 652 -11.30 -38.70 8.56
C PRO B 652 -10.67 -38.56 9.94
N VAL B 653 -11.40 -39.02 10.95
CA VAL B 653 -10.90 -39.08 12.32
C VAL B 653 -11.17 -40.48 12.85
N ARG B 654 -10.46 -40.83 13.92
CA ARG B 654 -10.55 -42.17 14.50
C ARG B 654 -11.60 -42.19 15.60
N TYR B 655 -12.63 -43.00 15.42
CA TYR B 655 -13.62 -43.18 16.47
C TYR B 655 -13.01 -43.98 17.61
N LEU B 656 -13.10 -43.45 18.83
CA LEU B 656 -12.40 -44.08 19.96
C LEU B 656 -12.91 -45.48 20.25
N PRO B 657 -14.21 -45.73 20.38
CA PRO B 657 -14.67 -47.12 20.39
C PRO B 657 -14.43 -47.78 19.05
N LEU B 658 -14.15 -49.08 19.08
CA LEU B 658 -13.94 -49.89 17.88
C LEU B 658 -12.67 -49.49 17.13
N ASP B 659 -12.02 -48.41 17.56
CA ASP B 659 -10.76 -47.94 16.99
C ASP B 659 -10.81 -47.85 15.46
N LYS B 660 -12.01 -47.62 14.91
CA LYS B 660 -12.20 -47.61 13.47
C LYS B 660 -12.25 -46.17 12.96
N GLU B 661 -11.86 -46.00 11.70
CA GLU B 661 -11.86 -44.68 11.09
C GLU B 661 -13.28 -44.18 10.89
N ASP B 662 -13.51 -42.93 11.29
CA ASP B 662 -14.80 -42.27 11.15
C ASP B 662 -14.65 -41.10 10.19
N ILE B 663 -15.78 -40.50 9.83
CA ILE B 663 -15.82 -39.33 8.96
C ILE B 663 -16.71 -38.29 9.61
N VAL B 664 -16.20 -37.06 9.74
CA VAL B 664 -16.93 -35.97 10.35
C VAL B 664 -16.87 -34.75 9.45
N GLY B 665 -17.86 -33.88 9.58
CA GLY B 665 -17.92 -32.66 8.83
C GLY B 665 -17.89 -31.44 9.73
N PRO B 666 -17.79 -30.25 9.13
CA PRO B 666 -17.73 -29.04 9.97
C PRO B 666 -18.95 -28.85 10.85
N PHE B 667 -20.13 -29.17 10.33
CA PHE B 667 -21.35 -28.96 11.12
C PHE B 667 -21.38 -29.85 12.34
N GLU B 668 -20.99 -31.12 12.18
CA GLU B 668 -21.02 -32.08 13.28
C GLU B 668 -19.84 -31.93 14.22
N GLN B 669 -18.73 -31.35 13.75
CA GLN B 669 -17.50 -31.33 14.52
C GLN B 669 -17.55 -30.34 15.67
N VAL B 670 -18.15 -29.17 15.46
CA VAL B 670 -18.06 -28.08 16.42
C VAL B 670 -18.85 -28.38 17.69
N TYR B 671 -19.50 -29.55 17.73
CA TYR B 671 -20.20 -30.00 18.93
C TYR B 671 -19.63 -31.32 19.44
N MET B 672 -18.38 -31.64 19.08
CA MET B 672 -17.77 -32.92 19.39
C MET B 672 -16.41 -32.69 20.05
N ASN B 673 -15.97 -33.70 20.80
CA ASN B 673 -14.69 -33.67 21.50
C ASN B 673 -13.73 -34.59 20.76
N ILE B 674 -12.70 -33.99 20.14
CA ILE B 674 -11.74 -34.71 19.33
C ILE B 674 -10.36 -34.43 19.90
N ALA B 675 -9.80 -35.40 20.61
CA ALA B 675 -8.43 -35.26 21.11
C ALA B 675 -7.46 -35.17 19.94
N VAL B 676 -6.42 -34.36 20.11
CA VAL B 676 -5.47 -34.16 19.02
C VAL B 676 -4.43 -35.28 18.97
N THR B 677 -4.08 -35.86 20.11
CA THR B 677 -3.18 -36.99 20.19
C THR B 677 -3.73 -37.99 21.20
N PRO B 678 -3.40 -39.27 21.04
CA PRO B 678 -3.98 -40.29 21.94
C PRO B 678 -3.64 -40.11 23.40
N GLN B 679 -2.55 -39.39 23.72
CA GLN B 679 -2.19 -39.18 25.12
C GLN B 679 -3.12 -38.21 25.83
N GLU B 680 -3.81 -37.33 25.09
CA GLU B 680 -4.67 -36.32 25.67
C GLU B 680 -6.10 -36.80 25.90
N ILE B 681 -6.39 -38.07 25.61
CA ILE B 681 -7.75 -38.57 25.74
C ILE B 681 -8.17 -38.55 27.21
N GLN B 682 -9.31 -37.93 27.48
CA GLN B 682 -9.84 -37.82 28.84
C GLN B 682 -11.04 -38.74 28.99
N ASN B 683 -11.24 -39.23 30.22
CA ASN B 683 -12.34 -40.15 30.47
C ASN B 683 -13.69 -39.47 30.35
N ASN B 684 -14.64 -40.18 29.74
CA ASN B 684 -16.03 -39.74 29.62
C ASN B 684 -16.16 -38.36 28.98
N VAL B 685 -15.14 -37.92 28.24
CA VAL B 685 -15.13 -36.61 27.61
C VAL B 685 -14.87 -36.71 26.11
N HIS B 686 -13.80 -37.40 25.73
CA HIS B 686 -13.40 -37.45 24.33
C HIS B 686 -13.95 -38.70 23.66
N THR B 687 -14.53 -38.51 22.48
CA THR B 687 -15.13 -39.59 21.71
C THR B 687 -14.34 -39.94 20.46
N HIS B 688 -13.55 -39.01 19.93
CA HIS B 688 -12.75 -39.24 18.74
C HIS B 688 -11.32 -38.80 19.00
N VAL B 689 -10.47 -39.04 18.02
CA VAL B 689 -9.06 -38.63 18.09
C VAL B 689 -8.52 -38.53 16.67
N GLU B 690 -7.80 -37.45 16.40
CA GLU B 690 -7.19 -37.29 15.09
C GLU B 690 -6.19 -38.41 14.84
N PHE B 691 -6.11 -38.85 13.58
CA PHE B 691 -5.11 -39.84 13.21
C PHE B 691 -3.70 -39.33 13.52
N THR B 692 -3.39 -38.13 13.05
CA THR B 692 -2.16 -37.42 13.38
C THR B 692 -2.48 -35.94 13.34
N PRO B 693 -1.87 -35.14 14.20
CA PRO B 693 -2.07 -33.68 14.12
C PRO B 693 -1.58 -33.09 12.81
N THR B 694 -0.73 -33.80 12.07
CA THR B 694 -0.19 -33.28 10.83
C THR B 694 -1.21 -33.24 9.70
N ASN B 695 -2.40 -33.81 9.88
CA ASN B 695 -3.40 -33.83 8.83
C ASN B 695 -4.35 -32.64 8.88
N ILE B 696 -4.12 -31.69 9.79
CA ILE B 696 -4.92 -30.47 9.85
C ILE B 696 -4.21 -29.38 9.05
N LEU B 697 -3.13 -29.76 8.38
CA LEU B 697 -2.35 -28.84 7.56
C LEU B 697 -2.37 -29.29 6.10
N SER B 698 -2.34 -28.33 5.20
CA SER B 698 -2.34 -28.63 3.78
C SER B 698 -0.97 -29.12 3.32
N ILE B 699 -0.87 -29.44 2.03
CA ILE B 699 0.43 -29.64 1.44
C ILE B 699 1.11 -28.29 1.27
N LEU B 700 2.44 -28.30 1.19
CA LEU B 700 3.28 -27.10 1.18
C LEU B 700 3.22 -26.41 2.53
N ALA B 701 2.38 -26.92 3.43
CA ALA B 701 2.40 -26.56 4.84
C ALA B 701 2.81 -27.71 5.73
N ASN B 702 2.63 -28.94 5.25
CA ASN B 702 3.18 -30.12 5.90
C ASN B 702 4.60 -30.41 5.45
N LEU B 703 5.09 -29.74 4.41
CA LEU B 703 6.44 -29.94 3.91
C LEU B 703 7.44 -29.00 4.56
N THR B 704 6.99 -28.07 5.39
CA THR B 704 7.91 -27.19 6.10
C THR B 704 8.54 -27.94 7.27
N PRO B 705 9.86 -28.06 7.32
CA PRO B 705 10.48 -28.85 8.38
C PRO B 705 10.38 -28.15 9.74
N PHE B 706 9.99 -28.92 10.75
CA PHE B 706 9.90 -28.44 12.13
C PHE B 706 9.06 -27.18 12.22
N SER B 707 7.83 -27.28 11.70
CA SER B 707 6.94 -26.13 11.66
C SER B 707 6.55 -25.63 13.04
N ASP B 708 6.62 -26.49 14.05
CA ASP B 708 6.27 -26.08 15.41
C ASP B 708 7.36 -25.23 16.06
N PHE B 709 8.46 -24.96 15.36
CA PHE B 709 9.55 -24.14 15.87
C PHE B 709 9.70 -22.87 15.04
N ASN B 710 8.59 -22.26 14.62
CA ASN B 710 8.62 -21.07 13.78
C ASN B 710 7.51 -20.12 14.20
N GLN B 711 7.69 -18.86 13.85
CA GLN B 711 6.63 -17.87 14.00
C GLN B 711 5.63 -18.01 12.86
N SER B 712 4.34 -17.89 13.20
CA SER B 712 3.30 -18.13 12.21
C SER B 712 3.39 -17.24 10.98
N PRO B 713 3.67 -15.93 11.06
CA PRO B 713 3.87 -15.16 9.82
C PRO B 713 4.97 -15.74 8.95
N ARG B 714 6.02 -16.31 9.54
CA ARG B 714 7.07 -16.92 8.74
C ARG B 714 6.59 -18.19 8.06
N ASN B 715 5.73 -18.96 8.73
CA ASN B 715 5.12 -20.12 8.08
C ASN B 715 4.26 -19.69 6.90
N MET B 716 3.47 -18.63 7.08
CA MET B 716 2.66 -18.11 5.98
C MET B 716 3.53 -17.65 4.82
N TYR B 717 4.63 -16.96 5.12
CA TYR B 717 5.52 -16.50 4.08
C TYR B 717 6.13 -17.68 3.33
N GLN B 718 6.53 -18.72 4.06
CA GLN B 718 7.10 -19.89 3.40
C GLN B 718 6.08 -20.57 2.51
N CYS B 719 4.83 -20.68 2.97
CA CYS B 719 3.79 -21.27 2.14
C CYS B 719 3.59 -20.46 0.86
N GLN B 720 3.50 -19.13 1.01
CA GLN B 720 3.31 -18.27 -0.16
C GLN B 720 4.52 -18.31 -1.08
N MET B 721 5.69 -18.64 -0.56
CA MET B 721 6.91 -18.62 -1.36
C MET B 721 7.23 -19.96 -2.00
N GLY B 722 6.72 -21.06 -1.43
CA GLY B 722 6.88 -22.35 -2.07
C GLY B 722 6.20 -22.40 -3.43
N LYS B 723 5.07 -21.73 -3.56
CA LYS B 723 4.40 -21.65 -4.85
C LYS B 723 5.18 -20.81 -5.85
N GLN B 724 6.10 -19.97 -5.39
CA GLN B 724 6.91 -19.16 -6.27
C GLN B 724 8.32 -19.71 -6.47
N THR B 725 8.62 -20.88 -5.93
CA THR B 725 9.95 -21.45 -6.08
C THR B 725 10.22 -21.77 -7.55
N MET B 726 11.45 -21.55 -7.98
CA MET B 726 11.87 -21.87 -9.34
C MET B 726 12.40 -23.30 -9.32
N GLY B 727 11.59 -24.23 -9.83
CA GLY B 727 11.96 -25.62 -9.84
C GLY B 727 11.57 -26.32 -11.13
N THR B 728 11.49 -27.64 -11.10
CA THR B 728 11.07 -28.38 -12.28
C THR B 728 9.55 -28.35 -12.38
N PRO B 729 8.98 -27.77 -13.44
CA PRO B 729 7.53 -27.80 -13.58
C PRO B 729 6.99 -29.16 -13.97
N GLY B 730 7.66 -29.83 -14.89
CA GLY B 730 7.30 -31.17 -15.29
C GLY B 730 8.49 -31.88 -15.86
N VAL B 731 8.22 -32.89 -16.68
CA VAL B 731 9.29 -33.64 -17.33
C VAL B 731 8.97 -33.76 -18.82
N ALA B 732 7.74 -33.44 -19.20
CA ALA B 732 7.29 -33.48 -20.58
C ALA B 732 7.42 -32.13 -21.27
N LEU B 733 8.40 -31.33 -20.85
CA LEU B 733 8.52 -29.95 -21.34
C LEU B 733 8.88 -29.87 -22.81
N CYS B 734 9.28 -30.98 -23.44
CA CYS B 734 9.51 -30.99 -24.88
C CYS B 734 8.23 -31.18 -25.67
N HIS B 735 7.11 -31.46 -25.00
CA HIS B 735 5.81 -31.66 -25.64
C HIS B 735 4.80 -30.64 -25.14
N ARG B 736 5.25 -29.40 -24.95
CA ARG B 736 4.38 -28.33 -24.47
C ARG B 736 4.83 -27.02 -25.10
N SER B 737 3.95 -26.03 -25.04
CA SER B 737 4.24 -24.71 -25.59
C SER B 737 3.74 -23.61 -24.65
N ASP B 738 3.97 -23.79 -23.35
CA ASP B 738 3.58 -22.77 -22.39
C ASP B 738 4.46 -21.53 -22.56
N ASN B 739 3.82 -20.36 -22.49
CA ASN B 739 4.48 -19.12 -22.89
C ASN B 739 5.71 -18.83 -22.03
N LYS B 740 5.65 -19.11 -20.74
CA LYS B 740 6.79 -18.89 -19.86
C LYS B 740 6.93 -20.04 -18.89
N LEU B 741 8.13 -20.60 -18.82
CA LEU B 741 8.42 -21.69 -17.90
C LEU B 741 9.74 -21.42 -17.20
N TYR B 742 9.78 -21.73 -15.90
CA TYR B 742 10.98 -21.62 -15.10
C TYR B 742 11.44 -23.02 -14.71
N ARG B 743 12.71 -23.32 -14.96
CA ARG B 743 13.25 -24.65 -14.73
C ARG B 743 14.55 -24.55 -13.93
N LEU B 744 14.64 -25.32 -12.85
CA LEU B 744 15.85 -25.43 -12.07
C LEU B 744 16.66 -26.63 -12.57
N GLN B 745 17.87 -26.37 -13.05
CA GLN B 745 18.63 -27.40 -13.76
C GLN B 745 19.00 -28.56 -12.83
N THR B 746 19.53 -28.25 -11.65
CA THR B 746 20.04 -29.28 -10.74
C THR B 746 19.30 -29.16 -9.41
N GLY B 747 18.31 -30.02 -9.21
CA GLY B 747 17.56 -30.07 -7.97
C GLY B 747 17.93 -31.32 -7.20
N GLN B 748 17.86 -31.23 -5.87
CA GLN B 748 18.19 -32.33 -4.99
C GLN B 748 17.10 -32.51 -3.94
N THR B 749 16.87 -33.75 -3.54
CA THR B 749 15.94 -34.03 -2.47
C THR B 749 16.49 -33.52 -1.15
N PRO B 750 15.65 -33.00 -0.26
CA PRO B 750 16.16 -32.50 1.02
C PRO B 750 16.66 -33.64 1.90
N ILE B 751 17.74 -33.36 2.62
CA ILE B 751 18.23 -34.32 3.62
C ILE B 751 17.24 -34.44 4.77
N VAL B 752 16.58 -33.33 5.11
CA VAL B 752 15.56 -33.30 6.16
C VAL B 752 14.23 -32.97 5.51
N LYS B 753 13.23 -33.82 5.71
CA LYS B 753 11.96 -33.66 5.04
C LYS B 753 10.89 -34.40 5.84
N ALA B 754 9.64 -33.96 5.67
CA ALA B 754 8.54 -34.59 6.36
C ALA B 754 8.25 -35.96 5.75
N ASN B 755 7.51 -36.78 6.50
CA ASN B 755 7.10 -38.09 6.01
C ASN B 755 6.23 -37.99 4.77
N LEU B 756 5.59 -36.84 4.56
CA LEU B 756 4.68 -36.65 3.43
C LEU B 756 5.38 -36.15 2.18
N TYR B 757 6.70 -35.89 2.25
CA TYR B 757 7.42 -35.46 1.06
C TYR B 757 7.43 -36.55 0.00
N ASP B 758 7.71 -37.79 0.42
CA ASP B 758 7.69 -38.92 -0.51
C ASP B 758 6.35 -39.64 -0.54
N ASP B 759 5.42 -39.30 0.36
CA ASP B 759 4.09 -39.88 0.29
C ASP B 759 3.30 -39.29 -0.87
N TYR B 760 3.60 -38.06 -1.27
CA TYR B 760 2.99 -37.43 -2.43
C TYR B 760 3.92 -37.44 -3.64
N GLY B 761 5.05 -38.12 -3.54
CA GLY B 761 5.97 -38.21 -4.66
C GLY B 761 6.52 -36.87 -5.10
N MET B 762 6.84 -36.00 -4.15
CA MET B 762 7.36 -34.69 -4.49
C MET B 762 8.77 -34.77 -5.08
N ASP B 763 9.51 -35.85 -4.82
CA ASP B 763 10.86 -35.97 -5.34
C ASP B 763 10.89 -36.06 -6.87
N ASN B 764 9.75 -36.38 -7.50
CA ASN B 764 9.68 -36.29 -8.96
C ASN B 764 9.84 -34.86 -9.44
N PHE B 765 9.55 -33.88 -8.58
CA PHE B 765 9.72 -32.45 -8.89
C PHE B 765 10.53 -31.81 -7.79
N PRO B 766 11.84 -32.01 -7.77
CA PRO B 766 12.69 -31.33 -6.79
C PRO B 766 12.63 -29.83 -6.97
N ASN B 767 12.66 -29.10 -5.87
CA ASN B 767 12.46 -27.66 -5.87
C ASN B 767 13.73 -26.86 -5.65
N GLY B 768 14.65 -27.35 -4.82
CA GLY B 768 15.84 -26.58 -4.52
C GLY B 768 17.09 -27.43 -4.43
N PHE B 769 17.93 -27.12 -3.44
CA PHE B 769 19.22 -27.78 -3.29
C PHE B 769 19.63 -27.72 -1.83
N ASN B 770 20.53 -28.62 -1.45
CA ASN B 770 21.09 -28.63 -0.11
C ASN B 770 22.35 -27.77 -0.10
N ALA B 771 22.31 -26.67 0.64
CA ALA B 771 23.41 -25.71 0.70
C ALA B 771 24.01 -25.70 2.10
N VAL B 772 25.33 -25.58 2.16
CA VAL B 772 26.03 -25.54 3.44
C VAL B 772 25.89 -24.12 3.99
N VAL B 773 24.90 -23.92 4.85
CA VAL B 773 24.64 -22.60 5.38
C VAL B 773 25.57 -22.31 6.55
N ALA B 774 25.79 -21.03 6.82
CA ALA B 774 26.64 -20.59 7.92
C ALA B 774 26.01 -19.35 8.53
N VAL B 775 25.49 -19.49 9.74
CA VAL B 775 24.88 -18.36 10.43
C VAL B 775 25.98 -17.51 11.04
N ILE B 776 26.48 -16.54 10.27
CA ILE B 776 27.64 -15.78 10.68
C ILE B 776 27.64 -14.40 10.05
N SER B 777 27.80 -13.36 10.87
CA SER B 777 27.89 -11.99 10.39
C SER B 777 29.36 -11.71 10.11
N TYR B 778 29.80 -12.03 8.90
CA TYR B 778 31.21 -11.95 8.53
C TYR B 778 31.45 -10.98 7.38
N THR B 779 30.70 -11.12 6.29
CA THR B 779 31.00 -10.34 5.09
C THR B 779 30.70 -8.86 5.27
N GLY B 780 29.61 -8.55 5.97
CA GLY B 780 29.17 -7.18 6.13
C GLY B 780 28.19 -6.71 5.06
N TYR B 781 28.00 -7.49 3.99
CA TYR B 781 27.07 -7.14 2.93
C TYR B 781 25.69 -7.75 3.13
N ASP B 782 25.49 -8.52 4.20
CA ASP B 782 24.21 -9.17 4.48
C ASP B 782 23.83 -8.82 5.91
N MET B 783 22.92 -7.85 6.07
CA MET B 783 22.51 -7.45 7.41
C MET B 783 21.02 -7.60 7.64
N ASP B 784 20.17 -7.03 6.79
CA ASP B 784 18.73 -7.02 7.09
C ASP B 784 18.09 -8.36 6.74
N ASP B 785 18.07 -8.69 5.45
CA ASP B 785 17.58 -9.98 4.99
C ASP B 785 18.46 -10.59 3.91
N ALA B 786 19.39 -9.84 3.33
CA ALA B 786 20.18 -10.32 2.22
C ALA B 786 21.08 -11.47 2.66
N MET B 787 21.79 -12.03 1.69
CA MET B 787 22.66 -13.18 1.92
C MET B 787 23.77 -13.15 0.90
N ILE B 788 24.82 -13.93 1.17
CA ILE B 788 26.00 -13.99 0.33
C ILE B 788 26.11 -15.40 -0.25
N ILE B 789 26.25 -15.47 -1.57
CA ILE B 789 26.43 -16.72 -2.29
C ILE B 789 27.92 -16.87 -2.58
N ASN B 790 28.48 -18.01 -2.22
CA ASN B 790 29.87 -18.30 -2.56
C ASN B 790 30.04 -18.25 -4.08
N LYS B 791 31.06 -17.50 -4.53
CA LYS B 791 31.28 -17.39 -5.97
C LYS B 791 31.64 -18.75 -6.58
N SER B 792 32.57 -19.46 -5.94
CA SER B 792 33.01 -20.75 -6.47
C SER B 792 31.87 -21.74 -6.55
N ALA B 793 31.02 -21.80 -5.51
CA ALA B 793 29.83 -22.63 -5.59
C ALA B 793 28.92 -22.17 -6.70
N ASP B 794 28.75 -20.85 -6.85
CA ASP B 794 27.84 -20.31 -7.86
C ASP B 794 28.23 -20.82 -9.25
N GLU B 795 29.47 -20.60 -9.65
CA GLU B 795 29.81 -20.90 -11.03
C GLU B 795 30.25 -22.35 -11.22
N ARG B 796 30.15 -23.16 -10.17
CA ARG B 796 30.19 -24.61 -10.30
C ARG B 796 28.82 -25.21 -10.58
N GLY B 797 27.78 -24.40 -10.69
CA GLY B 797 26.44 -24.86 -10.98
C GLY B 797 25.43 -24.75 -9.86
N PHE B 798 25.75 -24.05 -8.78
CA PHE B 798 24.85 -23.93 -7.64
C PHE B 798 23.70 -23.00 -8.00
N GLY B 799 22.50 -23.58 -8.14
CA GLY B 799 21.32 -22.79 -8.40
C GLY B 799 21.06 -22.43 -9.85
N TYR B 800 21.84 -22.98 -10.78
CA TYR B 800 21.65 -22.64 -12.18
C TYR B 800 20.28 -23.10 -12.67
N GLY B 801 19.72 -22.34 -13.60
CA GLY B 801 18.44 -22.66 -14.19
C GLY B 801 18.23 -21.91 -15.48
N THR B 802 17.25 -22.36 -16.25
CA THR B 802 16.94 -21.79 -17.54
C THR B 802 15.47 -21.43 -17.61
N MET B 803 15.16 -20.42 -18.41
CA MET B 803 13.78 -19.96 -18.62
C MET B 803 13.32 -20.39 -20.00
N TYR B 804 12.18 -21.07 -20.05
CA TYR B 804 11.56 -21.50 -21.31
C TYR B 804 10.48 -20.50 -21.68
N LYS B 805 10.68 -19.80 -22.80
CA LYS B 805 9.73 -18.85 -23.32
C LYS B 805 9.45 -19.18 -24.78
N THR B 806 8.18 -19.25 -25.14
CA THR B 806 7.80 -19.54 -26.52
C THR B 806 6.92 -18.44 -27.07
N GLU B 807 6.86 -18.37 -28.40
CA GLU B 807 6.01 -17.42 -29.09
C GLU B 807 5.48 -18.09 -30.35
N LYS B 808 4.35 -17.58 -30.82
CA LYS B 808 3.71 -18.07 -32.05
C LYS B 808 3.52 -16.91 -32.99
N VAL B 809 4.27 -16.90 -34.09
CA VAL B 809 4.10 -15.89 -35.12
C VAL B 809 3.07 -16.39 -36.12
N ASP B 810 2.00 -15.63 -36.31
CA ASP B 810 0.88 -16.03 -37.14
C ASP B 810 0.77 -15.08 -38.31
N LEU B 811 0.77 -15.62 -39.52
CA LEU B 811 0.55 -14.85 -40.74
C LEU B 811 -0.88 -14.93 -41.24
N ALA B 812 -1.72 -15.75 -40.62
CA ALA B 812 -3.12 -15.89 -40.98
C ALA B 812 -4.05 -15.08 -40.09
N LEU B 813 -3.50 -14.13 -39.32
CA LEU B 813 -4.34 -13.29 -38.48
C LEU B 813 -5.25 -12.42 -39.33
N ASN B 814 -4.70 -11.77 -40.35
CA ASN B 814 -5.48 -10.92 -41.25
C ASN B 814 -6.08 -11.68 -42.42
N ARG B 815 -5.75 -12.96 -42.57
CA ARG B 815 -6.32 -13.77 -43.65
C ARG B 815 -7.80 -14.00 -43.35
N ASN B 816 -8.65 -13.33 -44.12
CA ASN B 816 -10.08 -13.45 -43.91
C ASN B 816 -10.59 -14.80 -44.40
N ARG B 817 -11.79 -15.16 -43.95
CA ARG B 817 -12.41 -16.44 -44.28
C ARG B 817 -12.55 -16.62 -45.78
N GLY B 818 -11.80 -17.55 -46.36
CA GLY B 818 -11.81 -17.78 -47.79
C GLY B 818 -10.87 -16.91 -48.59
N ASP B 819 -10.22 -15.95 -47.96
CA ASP B 819 -9.28 -15.09 -48.67
C ASP B 819 -8.06 -15.89 -49.09
N PRO B 820 -7.57 -15.73 -50.32
CA PRO B 820 -6.35 -16.44 -50.72
C PRO B 820 -5.16 -16.02 -49.86
N ILE B 821 -4.23 -16.96 -49.68
CA ILE B 821 -3.11 -16.73 -48.76
C ILE B 821 -2.32 -15.51 -49.21
N THR B 822 -2.16 -14.56 -48.29
CA THR B 822 -1.49 -13.30 -48.63
C THR B 822 0.02 -13.43 -48.56
N GLN B 823 0.53 -14.00 -47.47
CA GLN B 823 1.97 -14.15 -47.26
C GLN B 823 2.31 -15.61 -47.03
N HIS B 824 3.44 -16.05 -47.59
CA HIS B 824 3.97 -17.38 -47.37
C HIS B 824 5.25 -17.28 -46.55
N PHE B 825 5.68 -18.44 -46.04
CA PHE B 825 6.94 -18.53 -45.33
C PHE B 825 8.07 -18.80 -46.32
N GLY B 826 9.19 -18.11 -46.14
CA GLY B 826 10.34 -18.33 -46.98
C GLY B 826 11.01 -17.06 -47.47
N PHE B 827 11.59 -17.13 -48.67
CA PHE B 827 12.33 -16.02 -49.24
C PHE B 827 11.82 -15.73 -50.65
N GLY B 828 11.75 -14.44 -50.99
CA GLY B 828 11.36 -14.02 -52.32
C GLY B 828 12.56 -13.82 -53.23
N ASN B 829 12.31 -13.21 -54.37
CA ASN B 829 13.34 -12.95 -55.37
C ASN B 829 13.98 -11.58 -55.24
N ASP B 830 13.61 -10.81 -54.22
CA ASP B 830 14.16 -9.47 -54.06
C ASP B 830 15.63 -9.55 -53.63
N GLU B 831 16.24 -8.38 -53.48
CA GLU B 831 17.66 -8.27 -53.15
C GLU B 831 17.87 -8.19 -51.64
N TRP B 832 17.33 -9.18 -50.94
CA TRP B 832 17.50 -9.23 -49.50
C TRP B 832 18.97 -9.47 -49.15
N PRO B 833 19.44 -8.92 -48.03
CA PRO B 833 20.85 -9.09 -47.66
C PRO B 833 21.18 -10.55 -47.35
N LYS B 834 22.41 -10.93 -47.67
CA LYS B 834 22.86 -12.29 -47.40
C LYS B 834 23.04 -12.56 -45.92
N GLU B 835 23.24 -11.52 -45.10
CA GLU B 835 23.38 -11.71 -43.66
C GLU B 835 22.11 -12.27 -43.04
N TRP B 836 20.97 -12.18 -43.74
CA TRP B 836 19.75 -12.80 -43.25
C TRP B 836 19.85 -14.32 -43.28
N LEU B 837 20.62 -14.89 -44.20
CA LEU B 837 20.75 -16.33 -44.26
C LEU B 837 21.29 -16.91 -42.96
N GLU B 838 22.07 -16.12 -42.22
CA GLU B 838 22.44 -16.52 -40.88
C GLU B 838 21.23 -16.44 -39.96
N LYS B 839 21.09 -17.45 -39.09
CA LYS B 839 19.97 -17.60 -38.15
C LYS B 839 18.62 -17.74 -38.86
N LEU B 840 18.60 -18.03 -40.15
CA LEU B 840 17.37 -18.43 -40.84
C LEU B 840 17.68 -19.51 -41.87
N ASP B 841 16.87 -20.57 -41.84
CA ASP B 841 17.08 -21.75 -42.65
C ASP B 841 16.66 -21.49 -44.09
N GLU B 842 16.66 -22.53 -44.92
CA GLU B 842 16.23 -22.40 -46.31
C GLU B 842 14.76 -22.01 -46.40
N ASP B 843 13.93 -22.57 -45.53
CA ASP B 843 12.54 -22.16 -45.44
C ASP B 843 12.45 -20.85 -44.66
N GLY B 844 11.23 -20.45 -44.29
CA GLY B 844 11.07 -19.25 -43.49
C GLY B 844 11.50 -19.40 -42.05
N LEU B 845 11.51 -20.62 -41.54
CA LEU B 845 11.83 -20.85 -40.14
C LEU B 845 13.34 -20.75 -39.90
N PRO B 846 13.75 -20.39 -38.69
CA PRO B 846 15.18 -20.32 -38.36
C PRO B 846 15.71 -21.71 -38.01
N TYR B 847 16.98 -21.74 -37.61
CA TYR B 847 17.61 -22.98 -37.18
C TYR B 847 17.19 -23.27 -35.74
N ILE B 848 17.85 -24.25 -35.12
CA ILE B 848 17.62 -24.60 -33.73
C ILE B 848 18.93 -24.35 -32.96
N GLY B 849 18.81 -23.81 -31.76
CA GLY B 849 19.97 -23.53 -30.94
C GLY B 849 20.89 -22.46 -31.50
N THR B 850 20.32 -21.36 -31.97
CA THR B 850 21.10 -20.24 -32.51
C THR B 850 20.99 -19.04 -31.57
N TYR B 851 22.01 -18.20 -31.59
CA TYR B 851 22.05 -17.03 -30.73
C TYR B 851 21.29 -15.87 -31.37
N VAL B 852 20.19 -15.45 -30.75
CA VAL B 852 19.38 -14.35 -31.25
C VAL B 852 19.25 -13.30 -30.16
N GLU B 853 19.51 -12.04 -30.51
CA GLU B 853 19.37 -10.91 -29.61
C GLU B 853 18.34 -9.94 -30.18
N GLU B 854 18.21 -8.78 -29.54
CA GLU B 854 17.40 -7.71 -30.08
C GLU B 854 17.95 -7.28 -31.43
N GLY B 855 17.04 -7.04 -32.38
CA GLY B 855 17.45 -6.69 -33.72
C GLY B 855 17.87 -7.85 -34.60
N ASP B 856 17.59 -9.09 -34.18
CA ASP B 856 17.96 -10.26 -34.96
C ASP B 856 16.71 -10.93 -35.50
N PRO B 857 16.68 -11.24 -36.80
CA PRO B 857 15.47 -11.83 -37.39
C PRO B 857 15.21 -13.24 -36.89
N ILE B 858 13.93 -13.60 -36.84
CA ILE B 858 13.49 -14.94 -36.44
C ILE B 858 12.99 -15.73 -37.64
N CYS B 859 11.94 -15.24 -38.31
CA CYS B 859 11.36 -15.92 -39.45
C CYS B 859 11.22 -14.95 -40.60
N ALA B 860 11.43 -15.46 -41.82
CA ALA B 860 11.34 -14.66 -43.03
C ALA B 860 10.12 -15.11 -43.83
N TYR B 861 9.23 -14.17 -44.12
CA TYR B 861 7.98 -14.47 -44.82
C TYR B 861 7.88 -13.61 -46.07
N PHE B 862 7.39 -14.22 -47.14
CA PHE B 862 7.26 -13.55 -48.43
C PHE B 862 5.88 -12.91 -48.53
N ASP B 863 5.86 -11.58 -48.65
CA ASP B 863 4.61 -10.83 -48.74
C ASP B 863 4.44 -10.37 -50.19
N ASP B 864 3.48 -10.99 -50.89
CA ASP B 864 3.24 -10.65 -52.28
C ASP B 864 2.51 -9.32 -52.44
N THR B 865 1.82 -8.85 -51.40
CA THR B 865 1.14 -7.56 -51.49
C THR B 865 2.13 -6.43 -51.75
N LEU B 866 3.26 -6.44 -51.05
CA LEU B 866 4.38 -5.56 -51.37
C LEU B 866 5.39 -6.22 -52.31
N ASN B 867 5.16 -7.48 -52.68
CA ASN B 867 6.06 -8.23 -53.55
C ASN B 867 7.49 -8.22 -53.01
N LYS B 868 7.61 -8.39 -51.69
CA LYS B 868 8.90 -8.38 -51.02
C LYS B 868 8.88 -9.38 -49.88
N THR B 869 10.07 -9.77 -49.44
CA THR B 869 10.24 -10.66 -48.30
C THR B 869 10.57 -9.82 -47.07
N LYS B 870 9.75 -9.92 -46.05
CA LYS B 870 9.96 -9.21 -44.79
C LYS B 870 10.38 -10.19 -43.72
N ILE B 871 11.12 -9.69 -42.73
CA ILE B 871 11.59 -10.50 -41.61
C ILE B 871 11.01 -9.92 -40.33
N LYS B 872 10.64 -10.80 -39.40
CA LYS B 872 10.28 -10.35 -38.07
C LYS B 872 11.54 -10.11 -37.26
N THR B 873 11.36 -9.69 -36.00
CA THR B 873 12.48 -9.32 -35.17
C THR B 873 12.23 -9.77 -33.74
N TYR B 874 13.31 -10.01 -33.00
CA TYR B 874 13.21 -10.38 -31.60
C TYR B 874 12.69 -9.21 -30.78
N HIS B 875 11.97 -9.53 -29.72
CA HIS B 875 11.26 -8.54 -28.90
C HIS B 875 11.58 -8.74 -27.42
N SER B 876 12.86 -8.90 -27.10
CA SER B 876 13.29 -9.04 -25.72
C SER B 876 14.79 -8.79 -25.64
N SER B 877 15.21 -8.01 -24.64
CA SER B 877 16.61 -7.62 -24.52
C SER B 877 17.50 -8.83 -24.26
N GLU B 878 17.06 -9.74 -23.40
CA GLU B 878 17.90 -10.87 -23.00
C GLU B 878 18.12 -11.83 -24.16
N PRO B 879 19.38 -12.12 -24.52
CA PRO B 879 19.62 -13.08 -25.60
C PRO B 879 19.07 -14.46 -25.23
N ALA B 880 18.57 -15.16 -26.24
CA ALA B 880 17.94 -16.45 -26.03
C ALA B 880 18.37 -17.42 -27.13
N TYR B 881 18.11 -18.70 -26.88
CA TYR B 881 18.44 -19.78 -27.79
C TYR B 881 17.16 -20.39 -28.32
N ILE B 882 17.07 -20.55 -29.64
CA ILE B 882 15.90 -21.20 -30.22
C ILE B 882 15.89 -22.66 -29.82
N GLU B 883 14.77 -23.11 -29.24
CA GLU B 883 14.63 -24.44 -28.70
C GLU B 883 13.77 -25.34 -29.58
N GLU B 884 12.57 -24.89 -29.93
CA GLU B 884 11.64 -25.67 -30.73
C GLU B 884 11.04 -24.79 -31.82
N VAL B 885 10.75 -25.41 -32.96
CA VAL B 885 10.07 -24.77 -34.07
C VAL B 885 8.97 -25.72 -34.50
N ASN B 886 7.76 -25.51 -34.00
CA ASN B 886 6.65 -26.43 -34.25
C ASN B 886 5.85 -25.97 -35.45
N LEU B 887 5.93 -26.74 -36.54
CA LEU B 887 5.08 -26.49 -37.71
C LEU B 887 3.69 -27.02 -37.39
N ILE B 888 2.79 -26.13 -36.99
CA ILE B 888 1.44 -26.51 -36.66
C ILE B 888 0.56 -26.32 -37.90
N GLY B 889 -0.19 -27.37 -38.26
CA GLY B 889 -1.02 -27.33 -39.44
C GLY B 889 -2.45 -26.88 -39.17
N ASP B 890 -3.22 -26.81 -40.24
CA ASP B 890 -4.60 -26.36 -40.19
C ASP B 890 -5.55 -27.55 -40.26
N GLU B 891 -6.69 -27.44 -39.59
CA GLU B 891 -7.67 -28.51 -39.55
C GLU B 891 -8.61 -28.53 -40.75
N SER B 892 -8.64 -27.45 -41.54
CA SER B 892 -9.59 -27.37 -42.64
C SER B 892 -9.17 -28.26 -43.80
N ASN B 893 -10.10 -28.46 -44.73
CA ASN B 893 -9.81 -29.27 -45.90
C ASN B 893 -8.78 -28.62 -46.81
N LYS B 894 -8.82 -27.30 -46.92
CA LYS B 894 -7.89 -26.58 -47.78
C LYS B 894 -6.45 -26.86 -47.34
N PHE B 895 -5.60 -27.20 -48.31
CA PHE B 895 -4.21 -27.54 -48.03
C PHE B 895 -3.33 -26.30 -48.15
N GLN B 896 -3.62 -25.33 -47.29
CA GLN B 896 -2.87 -24.08 -47.29
C GLN B 896 -1.43 -24.32 -46.82
N GLU B 897 -0.54 -23.43 -47.24
CA GLU B 897 0.85 -23.52 -46.86
C GLU B 897 1.00 -23.19 -45.38
N LEU B 898 2.25 -23.18 -44.92
CA LEU B 898 2.54 -22.82 -43.54
C LEU B 898 2.14 -21.37 -43.28
N GLN B 899 1.18 -21.18 -42.39
CA GLN B 899 0.80 -19.84 -41.93
C GLN B 899 0.84 -19.70 -40.42
N THR B 900 1.13 -20.77 -39.68
CA THR B 900 1.18 -20.75 -38.23
C THR B 900 2.37 -21.58 -37.79
N VAL B 901 3.26 -20.99 -36.98
CA VAL B 901 4.41 -21.70 -36.45
C VAL B 901 4.68 -21.21 -35.03
N SER B 902 5.29 -22.08 -34.23
CA SER B 902 5.59 -21.78 -32.84
C SER B 902 7.08 -21.87 -32.62
N ILE B 903 7.66 -20.82 -32.04
CA ILE B 903 9.09 -20.75 -31.76
C ILE B 903 9.27 -20.74 -30.25
N LYS B 904 10.19 -21.56 -29.76
CA LYS B 904 10.49 -21.66 -28.33
C LYS B 904 11.89 -21.13 -28.08
N TYR B 905 12.02 -20.27 -27.07
CA TYR B 905 13.29 -19.66 -26.73
C TYR B 905 13.75 -20.15 -25.36
N ARG B 906 15.07 -20.25 -25.19
CA ARG B 906 15.69 -20.64 -23.93
C ARG B 906 16.69 -19.57 -23.53
N ILE B 907 16.59 -19.11 -22.28
CA ILE B 907 17.45 -18.06 -21.76
C ILE B 907 18.19 -18.59 -20.55
N ARG B 908 19.52 -18.42 -20.54
CA ARG B 908 20.34 -18.87 -19.42
C ARG B 908 20.09 -17.97 -18.22
N ARG B 909 19.36 -18.48 -17.23
CA ARG B 909 19.04 -17.71 -16.03
C ARG B 909 20.02 -18.08 -14.91
N THR B 910 21.28 -17.75 -15.15
CA THR B 910 22.31 -18.00 -14.15
C THR B 910 22.05 -17.14 -12.92
N PRO B 911 22.42 -17.62 -11.73
CA PRO B 911 22.20 -16.83 -10.51
C PRO B 911 23.09 -15.60 -10.47
N GLN B 912 22.50 -14.43 -10.68
CA GLN B 912 23.19 -13.16 -10.59
C GLN B 912 22.78 -12.44 -9.31
N ILE B 913 23.58 -11.45 -8.92
CA ILE B 913 23.30 -10.73 -7.68
C ILE B 913 21.98 -9.98 -7.82
N GLY B 914 21.29 -9.84 -6.70
CA GLY B 914 19.95 -9.30 -6.69
C GLY B 914 18.85 -10.33 -6.83
N ASP B 915 19.19 -11.57 -7.16
CA ASP B 915 18.20 -12.64 -7.25
C ASP B 915 17.83 -13.08 -5.83
N LYS B 916 16.61 -13.57 -5.69
CA LYS B 916 16.05 -13.93 -4.39
C LYS B 916 16.17 -15.44 -4.18
N PHE B 917 16.86 -15.83 -3.12
CA PHE B 917 16.86 -17.20 -2.63
C PHE B 917 16.09 -17.24 -1.32
N SER B 918 15.73 -18.45 -0.90
CA SER B 918 14.99 -18.58 0.35
C SER B 918 15.11 -20.00 0.87
N SER B 919 15.02 -20.13 2.18
CA SER B 919 14.97 -21.43 2.84
C SER B 919 13.52 -21.90 2.88
N ARG B 920 13.27 -22.97 3.65
CA ARG B 920 11.91 -23.44 3.89
C ARG B 920 11.31 -22.87 5.16
N HIS B 921 11.69 -21.66 5.54
CA HIS B 921 11.10 -21.01 6.71
C HIS B 921 10.77 -19.55 6.41
N GLY B 922 10.52 -19.22 5.15
CA GLY B 922 10.16 -17.85 4.80
C GLY B 922 11.25 -16.84 5.09
N GLN B 923 12.49 -17.17 4.76
CA GLN B 923 13.62 -16.26 4.93
C GLN B 923 14.08 -15.81 3.55
N LYS B 924 13.53 -14.70 3.07
CA LYS B 924 13.97 -14.14 1.82
C LYS B 924 15.42 -13.70 1.90
N GLY B 925 15.96 -13.31 0.75
CA GLY B 925 17.29 -12.75 0.71
C GLY B 925 17.77 -12.58 -0.71
N VAL B 926 18.37 -11.43 -1.00
CA VAL B 926 18.95 -11.16 -2.30
C VAL B 926 20.45 -11.35 -2.20
N CYS B 927 21.04 -11.99 -3.19
CA CYS B 927 22.48 -12.17 -3.22
C CYS B 927 23.14 -10.80 -3.33
N SER B 928 23.76 -10.34 -2.25
CA SER B 928 24.38 -9.02 -2.26
C SER B 928 25.67 -9.02 -3.07
N ARG B 929 26.48 -10.07 -2.93
CA ARG B 929 27.75 -10.12 -3.63
C ARG B 929 28.18 -11.57 -3.80
N LYS B 930 28.92 -11.83 -4.87
CA LYS B 930 29.53 -13.14 -5.11
C LYS B 930 30.88 -13.14 -4.41
N TRP B 931 30.91 -13.62 -3.19
CA TRP B 931 32.14 -13.62 -2.41
C TRP B 931 33.12 -14.62 -2.99
N PRO B 932 34.33 -14.21 -3.36
CA PRO B 932 35.32 -15.17 -3.86
C PRO B 932 35.65 -16.20 -2.80
N THR B 933 35.97 -17.42 -3.26
CA THR B 933 36.18 -18.52 -2.34
C THR B 933 37.37 -18.28 -1.41
N ILE B 934 38.39 -17.55 -1.88
CA ILE B 934 39.54 -17.27 -1.02
C ILE B 934 39.14 -16.36 0.13
N ASP B 935 38.41 -15.28 -0.16
CA ASP B 935 37.93 -14.41 0.90
C ASP B 935 36.84 -15.07 1.73
N MET B 936 36.26 -16.14 1.23
CA MET B 936 35.24 -16.87 1.97
C MET B 936 35.85 -17.50 3.22
N PRO B 937 35.19 -17.43 4.37
CA PRO B 937 35.73 -18.07 5.57
C PRO B 937 35.73 -19.58 5.42
N PHE B 938 36.87 -20.20 5.72
CA PHE B 938 37.02 -21.64 5.62
C PHE B 938 37.02 -22.26 7.01
N SER B 939 36.66 -23.53 7.06
CA SER B 939 36.51 -24.23 8.32
C SER B 939 37.73 -25.11 8.61
N GLU B 940 37.66 -25.84 9.72
CA GLU B 940 38.75 -26.73 10.09
C GLU B 940 38.92 -27.85 9.07
N THR B 941 37.81 -28.40 8.59
CA THR B 941 37.86 -29.52 7.65
C THR B 941 38.15 -29.07 6.22
N GLY B 942 38.20 -27.77 5.95
CA GLY B 942 38.33 -27.27 4.61
C GLY B 942 37.02 -26.97 3.92
N ILE B 943 35.90 -27.01 4.63
CA ILE B 943 34.59 -26.73 4.06
C ILE B 943 34.37 -25.23 4.10
N GLN B 944 34.25 -24.62 2.92
CA GLN B 944 33.86 -23.22 2.83
C GLN B 944 32.38 -23.17 2.50
N PRO B 945 31.54 -22.60 3.36
CA PRO B 945 30.09 -22.61 3.10
C PRO B 945 29.77 -21.88 1.81
N ASP B 946 28.65 -22.27 1.20
CA ASP B 946 28.20 -21.65 -0.04
C ASP B 946 27.17 -20.55 0.17
N ILE B 947 26.57 -20.47 1.35
CA ILE B 947 25.54 -19.48 1.64
C ILE B 947 25.77 -18.93 3.05
N ILE B 948 25.79 -17.61 3.18
CA ILE B 948 25.86 -16.94 4.46
C ILE B 948 24.52 -16.29 4.75
N ILE B 949 23.97 -16.57 5.92
CA ILE B 949 22.76 -15.90 6.41
C ILE B 949 23.15 -15.10 7.64
N ASN B 950 22.80 -13.82 7.65
CA ASN B 950 23.17 -12.96 8.76
C ASN B 950 22.43 -13.38 10.02
N PRO B 951 23.14 -13.58 11.14
CA PRO B 951 22.46 -14.07 12.36
C PRO B 951 21.44 -13.10 12.93
N HIS B 952 21.53 -11.81 12.59
CA HIS B 952 20.62 -10.84 13.19
C HIS B 952 19.18 -11.02 12.72
N ALA B 953 18.96 -11.78 11.65
CA ALA B 953 17.59 -12.04 11.20
C ALA B 953 16.80 -12.81 12.25
N PHE B 954 17.42 -13.82 12.85
CA PHE B 954 16.69 -14.75 13.71
C PHE B 954 16.04 -14.12 14.94
N PRO B 955 16.69 -13.23 15.70
CA PRO B 955 16.06 -12.74 16.94
C PRO B 955 14.72 -12.06 16.72
N SER B 956 14.50 -11.42 15.58
CA SER B 956 13.19 -10.83 15.29
C SER B 956 12.25 -11.82 14.62
N ARG B 957 12.76 -12.65 13.72
CA ARG B 957 11.92 -13.61 13.00
C ARG B 957 11.52 -14.79 13.87
N MET B 958 12.39 -15.21 14.79
CA MET B 958 12.15 -16.36 15.67
C MET B 958 11.86 -17.61 14.85
N THR B 959 12.67 -17.84 13.82
CA THR B 959 12.58 -19.06 13.01
C THR B 959 13.60 -20.08 13.54
N ILE B 960 13.32 -20.58 14.74
CA ILE B 960 14.16 -21.61 15.34
C ILE B 960 14.09 -22.91 14.55
N GLY B 961 13.06 -23.06 13.72
CA GLY B 961 13.02 -24.23 12.84
C GLY B 961 14.22 -24.29 11.92
N MET B 962 14.68 -23.13 11.44
CA MET B 962 15.87 -23.11 10.61
C MET B 962 17.11 -23.54 11.39
N PHE B 963 17.22 -23.09 12.64
CA PHE B 963 18.36 -23.48 13.47
C PHE B 963 18.35 -24.98 13.71
N VAL B 964 17.19 -25.55 13.99
CA VAL B 964 17.10 -27.00 14.19
C VAL B 964 17.42 -27.73 12.89
N GLU B 965 16.89 -27.24 11.77
CA GLU B 965 17.12 -27.89 10.49
C GLU B 965 18.59 -27.89 10.11
N SER B 966 19.33 -26.85 10.50
CA SER B 966 20.74 -26.79 10.16
C SER B 966 21.50 -27.98 10.74
N LEU B 967 21.37 -28.22 12.04
CA LEU B 967 22.10 -29.33 12.65
C LEU B 967 21.47 -30.67 12.30
N ALA B 968 20.16 -30.73 12.09
CA ALA B 968 19.56 -31.98 11.64
C ALA B 968 20.10 -32.39 10.27
N GLY B 969 20.19 -31.44 9.35
CA GLY B 969 20.77 -31.72 8.04
C GLY B 969 22.24 -32.05 8.12
N LYS B 970 22.98 -31.38 9.01
CA LYS B 970 24.38 -31.74 9.18
C LYS B 970 24.54 -33.18 9.63
N ALA B 971 23.74 -33.59 10.62
CA ALA B 971 23.79 -34.98 11.08
C ALA B 971 23.39 -35.94 9.97
N GLY B 972 22.35 -35.58 9.20
CA GLY B 972 21.92 -36.45 8.11
C GLY B 972 22.98 -36.62 7.04
N ALA B 973 23.65 -35.52 6.67
CA ALA B 973 24.70 -35.61 5.65
C ALA B 973 25.90 -36.37 6.18
N LEU B 974 26.21 -36.23 7.46
CA LEU B 974 27.34 -36.96 8.03
C LEU B 974 27.08 -38.46 8.05
N HIS B 975 25.91 -38.86 8.56
CA HIS B 975 25.61 -40.28 8.74
C HIS B 975 24.94 -40.90 7.52
N GLY B 976 24.75 -40.15 6.45
CA GLY B 976 24.12 -40.70 5.25
C GLY B 976 22.71 -41.18 5.48
N ILE B 977 21.93 -40.47 6.29
CA ILE B 977 20.56 -40.82 6.58
C ILE B 977 19.67 -39.60 6.36
N ALA B 978 18.37 -39.79 6.51
CA ALA B 978 17.39 -38.72 6.39
C ALA B 978 16.55 -38.67 7.65
N GLN B 979 16.40 -37.47 8.21
CA GLN B 979 15.63 -37.27 9.43
C GLN B 979 14.29 -36.63 9.09
N ASP B 980 13.21 -37.24 9.55
CA ASP B 980 11.89 -36.68 9.31
C ASP B 980 11.69 -35.43 10.14
N SER B 981 10.89 -34.51 9.59
CA SER B 981 10.66 -33.22 10.22
C SER B 981 9.19 -32.87 10.25
N THR B 982 8.32 -33.89 10.37
CA THR B 982 6.91 -33.61 10.52
C THR B 982 6.68 -32.90 11.85
N PRO B 983 5.82 -31.89 11.89
CA PRO B 983 5.56 -31.20 13.16
C PRO B 983 4.97 -32.14 14.19
N TRP B 984 5.26 -31.88 15.46
CA TRP B 984 4.70 -32.60 16.59
C TRP B 984 5.17 -34.06 16.63
N ILE B 985 6.47 -34.26 16.46
CA ILE B 985 7.10 -35.54 16.80
C ILE B 985 7.88 -35.43 18.09
N PHE B 986 8.65 -34.36 18.26
CA PHE B 986 9.34 -34.09 19.50
C PHE B 986 8.37 -33.48 20.51
N ASN B 987 8.87 -33.24 21.72
CA ASN B 987 8.09 -32.59 22.76
C ASN B 987 9.06 -31.97 23.76
N GLU B 988 8.54 -31.60 24.93
CA GLU B 988 9.36 -30.89 25.91
C GLU B 988 10.52 -31.73 26.41
N ASP B 989 10.35 -33.05 26.50
CA ASP B 989 11.36 -33.93 27.05
C ASP B 989 12.16 -34.69 25.97
N ASP B 990 11.94 -34.36 24.70
CA ASP B 990 12.67 -34.96 23.59
C ASP B 990 13.11 -33.87 22.62
N THR B 991 13.75 -32.84 23.15
CA THR B 991 14.06 -31.65 22.38
C THR B 991 14.88 -32.00 21.14
N PRO B 992 14.50 -31.52 19.95
CA PRO B 992 15.26 -31.86 18.74
C PRO B 992 16.70 -31.42 18.80
N ALA B 993 16.98 -30.31 19.46
CA ALA B 993 18.37 -29.86 19.60
C ALA B 993 19.21 -30.94 20.27
N ASP B 994 18.74 -31.45 21.42
CA ASP B 994 19.45 -32.52 22.10
C ASP B 994 19.50 -33.78 21.26
N TYR B 995 18.38 -34.13 20.62
CA TYR B 995 18.33 -35.39 19.87
C TYR B 995 19.33 -35.39 18.72
N PHE B 996 19.42 -34.30 17.96
CA PHE B 996 20.37 -34.24 16.87
C PHE B 996 21.79 -33.94 17.35
N GLY B 997 21.93 -33.31 18.52
CA GLY B 997 23.24 -33.13 19.08
C GLY B 997 23.88 -34.44 19.48
N GLU B 998 23.08 -35.39 19.96
CA GLU B 998 23.61 -36.72 20.24
C GLU B 998 24.23 -37.33 18.98
N GLN B 999 23.52 -37.25 17.86
CA GLN B 999 24.03 -37.79 16.61
C GLN B 999 25.28 -37.04 16.15
N LEU B 1000 25.28 -35.72 16.30
CA LEU B 1000 26.44 -34.94 15.90
C LEU B 1000 27.67 -35.28 16.74
N ALA B 1001 27.47 -35.44 18.05
CA ALA B 1001 28.58 -35.82 18.92
C ALA B 1001 29.10 -37.21 18.56
N LYS B 1002 28.20 -38.15 18.28
CA LYS B 1002 28.63 -39.48 17.86
C LYS B 1002 29.40 -39.41 16.55
N ALA B 1003 28.97 -38.55 15.63
CA ALA B 1003 29.71 -38.35 14.38
C ALA B 1003 31.07 -37.71 14.63
N GLY B 1004 31.22 -36.97 15.72
CA GLY B 1004 32.48 -36.35 16.08
C GLY B 1004 32.54 -34.85 15.93
N TYR B 1005 31.42 -34.21 15.59
CA TYR B 1005 31.39 -32.76 15.50
C TYR B 1005 30.93 -32.17 16.83
N ASN B 1006 30.79 -30.85 16.87
CA ASN B 1006 30.36 -30.19 18.09
C ASN B 1006 28.90 -30.52 18.39
N TYR B 1007 28.63 -30.80 19.66
CA TYR B 1007 27.28 -31.19 20.07
C TYR B 1007 26.28 -30.07 19.85
N HIS B 1008 26.72 -28.82 19.91
CA HIS B 1008 25.84 -27.68 19.73
C HIS B 1008 25.76 -27.22 18.29
N GLY B 1009 26.40 -27.93 17.36
CA GLY B 1009 26.36 -27.58 15.95
C GLY B 1009 27.37 -26.55 15.53
N ASN B 1010 28.09 -25.94 16.47
CA ASN B 1010 29.13 -24.99 16.11
C ASN B 1010 30.28 -25.71 15.41
N GLU B 1011 31.20 -24.92 14.88
CA GLU B 1011 32.30 -25.50 14.13
C GLU B 1011 33.43 -24.48 14.02
N PRO B 1012 34.65 -24.81 14.43
CA PRO B 1012 35.74 -23.84 14.35
C PRO B 1012 35.96 -23.37 12.92
N MET B 1013 36.19 -22.07 12.78
CA MET B 1013 36.28 -21.46 11.47
C MET B 1013 37.39 -20.42 11.48
N TYR B 1014 37.99 -20.20 10.31
CA TYR B 1014 39.07 -19.24 10.16
C TYR B 1014 38.70 -18.22 9.10
N SER B 1015 38.98 -16.95 9.38
CA SER B 1015 38.70 -15.90 8.41
C SER B 1015 39.53 -16.11 7.14
N GLY B 1016 38.93 -15.80 6.00
CA GLY B 1016 39.61 -15.98 4.73
C GLY B 1016 40.55 -14.85 4.35
N ALA B 1017 40.55 -13.76 5.11
CA ALA B 1017 41.43 -12.62 4.84
C ALA B 1017 42.59 -12.55 5.83
N THR B 1018 42.28 -12.50 7.13
CA THR B 1018 43.33 -12.50 8.13
C THR B 1018 43.96 -13.88 8.31
N GLY B 1019 43.20 -14.94 8.03
CA GLY B 1019 43.68 -16.29 8.22
C GLY B 1019 43.64 -16.80 9.64
N GLU B 1020 43.28 -15.95 10.60
CA GLU B 1020 43.28 -16.31 12.00
C GLU B 1020 41.93 -16.86 12.42
N GLU B 1021 41.93 -17.72 13.42
CA GLU B 1021 40.70 -18.29 13.93
C GLU B 1021 39.80 -17.19 14.49
N LEU B 1022 38.50 -17.30 14.22
CA LEU B 1022 37.54 -16.32 14.70
C LEU B 1022 37.38 -16.44 16.21
N ARG B 1023 36.72 -15.43 16.80
CA ARG B 1023 36.62 -15.36 18.25
C ARG B 1023 35.86 -16.56 18.81
N ALA B 1024 34.77 -16.95 18.17
CA ALA B 1024 33.95 -18.06 18.63
C ALA B 1024 33.66 -19.00 17.47
N ASP B 1025 33.42 -20.27 17.80
CA ASP B 1025 33.10 -21.25 16.79
C ASP B 1025 31.80 -20.88 16.08
N ILE B 1026 31.80 -20.99 14.77
CA ILE B 1026 30.70 -20.56 13.93
C ILE B 1026 29.67 -21.67 13.83
N TYR B 1027 28.40 -21.28 13.82
CA TYR B 1027 27.29 -22.21 13.60
C TYR B 1027 27.19 -22.51 12.12
N VAL B 1028 27.47 -23.75 11.73
CA VAL B 1028 27.49 -24.16 10.33
C VAL B 1028 26.64 -25.42 10.18
N GLY B 1029 25.90 -25.49 9.08
CA GLY B 1029 25.14 -26.68 8.77
C GLY B 1029 24.69 -26.64 7.32
N VAL B 1030 23.82 -27.58 6.97
CA VAL B 1030 23.23 -27.64 5.64
C VAL B 1030 21.72 -27.55 5.78
N VAL B 1031 21.12 -26.67 4.97
CA VAL B 1031 19.68 -26.47 4.96
C VAL B 1031 19.19 -26.49 3.52
N TYR B 1032 17.91 -26.83 3.37
CA TYR B 1032 17.29 -26.88 2.06
C TYR B 1032 17.00 -25.47 1.58
N TYR B 1033 17.59 -25.08 0.46
CA TYR B 1033 17.42 -23.74 -0.09
C TYR B 1033 16.80 -23.83 -1.48
N GLN B 1034 15.79 -23.01 -1.72
CA GLN B 1034 15.05 -23.01 -2.97
C GLN B 1034 15.18 -21.65 -3.64
N ARG B 1035 15.48 -21.64 -4.92
CA ARG B 1035 15.51 -20.40 -5.67
C ARG B 1035 14.10 -19.87 -5.87
N LEU B 1036 14.01 -18.60 -6.24
CA LEU B 1036 12.72 -17.95 -6.47
C LEU B 1036 12.61 -17.50 -7.91
N ARG B 1037 11.36 -17.39 -8.39
CA ARG B 1037 11.12 -17.07 -9.78
C ARG B 1037 11.38 -15.60 -10.09
N HIS B 1038 11.12 -14.71 -9.15
CA HIS B 1038 11.21 -13.27 -9.41
C HIS B 1038 12.68 -12.89 -9.55
N MET B 1039 13.12 -12.66 -10.78
CA MET B 1039 14.51 -12.36 -11.07
C MET B 1039 14.81 -10.89 -10.79
N VAL B 1040 15.96 -10.42 -11.24
CA VAL B 1040 16.38 -9.04 -11.06
C VAL B 1040 16.29 -8.25 -12.36
N ASN B 1041 16.59 -8.89 -13.50
CA ASN B 1041 16.56 -8.18 -14.78
C ASN B 1041 15.15 -7.71 -15.12
N ASP B 1042 14.12 -8.37 -14.58
CA ASP B 1042 12.75 -7.92 -14.79
C ASP B 1042 12.45 -6.61 -14.05
N LYS B 1043 13.27 -6.25 -13.08
CA LYS B 1043 13.11 -4.99 -12.34
C LYS B 1043 14.03 -3.89 -12.86
N PHE B 1044 14.91 -4.20 -13.80
CA PHE B 1044 15.83 -3.22 -14.36
C PHE B 1044 15.08 -2.17 -15.17
N GLN B 1045 15.60 -0.95 -15.15
CA GLN B 1045 15.03 0.13 -15.97
C GLN B 1045 15.98 1.30 -16.00
N VAL B 1046 16.13 1.91 -17.17
CA VAL B 1046 16.95 3.11 -17.33
C VAL B 1046 16.46 3.86 -18.56
N ARG B 1047 16.43 5.19 -18.46
CA ARG B 1047 16.01 6.02 -19.58
C ARG B 1047 16.77 7.34 -19.55
N SER B 1048 17.41 7.68 -20.67
CA SER B 1048 17.96 9.01 -20.87
C SER B 1048 17.07 9.84 -21.79
N THR B 1049 16.82 9.36 -23.01
CA THR B 1049 15.87 9.95 -23.94
C THR B 1049 15.13 8.82 -24.64
N GLY B 1050 14.14 9.18 -25.43
CA GLY B 1050 13.42 8.20 -26.21
C GLY B 1050 12.03 8.64 -26.64
N PRO B 1051 11.13 7.68 -26.79
CA PRO B 1051 9.77 7.99 -27.27
C PRO B 1051 9.01 8.87 -26.29
N VAL B 1052 8.13 9.70 -26.83
CA VAL B 1052 7.33 10.63 -26.05
C VAL B 1052 5.87 10.50 -26.46
N ASN B 1053 4.99 10.96 -25.57
CA ASN B 1053 3.56 10.93 -25.85
C ASN B 1053 3.22 12.00 -26.89
N SER B 1054 2.06 11.81 -27.54
CA SER B 1054 1.63 12.69 -28.61
C SER B 1054 0.90 13.92 -28.09
N LEU B 1055 -0.02 13.75 -27.15
CA LEU B 1055 -0.84 14.84 -26.64
C LEU B 1055 -0.22 15.57 -25.46
N THR B 1056 0.88 15.06 -24.91
CA THR B 1056 1.53 15.71 -23.77
C THR B 1056 3.04 15.91 -23.94
N MET B 1057 3.66 15.28 -24.94
CA MET B 1057 5.11 15.39 -25.17
C MET B 1057 5.89 15.00 -23.92
N GLN B 1058 5.42 13.98 -23.23
CA GLN B 1058 6.05 13.44 -22.03
C GLN B 1058 6.51 12.02 -22.28
N PRO B 1059 7.48 11.52 -21.52
CA PRO B 1059 7.95 10.14 -21.73
C PRO B 1059 6.82 9.14 -21.56
N VAL B 1060 6.88 8.08 -22.36
CA VAL B 1060 5.86 7.03 -22.38
C VAL B 1060 5.94 6.20 -21.11
N LYS B 1061 4.94 5.35 -20.88
CA LYS B 1061 4.90 4.47 -19.72
C LYS B 1061 5.18 3.05 -20.17
N GLY B 1062 6.06 2.37 -19.43
CA GLY B 1062 6.36 0.98 -19.73
C GLY B 1062 7.84 0.66 -19.75
N ARG B 1063 8.22 -0.47 -19.15
CA ARG B 1063 9.62 -0.88 -19.14
C ARG B 1063 10.10 -1.23 -20.53
N LYS B 1064 9.32 -2.03 -21.27
CA LYS B 1064 9.72 -2.42 -22.62
C LYS B 1064 9.68 -1.26 -23.59
N ARG B 1065 8.93 -0.20 -23.28
CA ARG B 1065 8.77 0.94 -24.16
C ARG B 1065 9.84 2.01 -23.96
N HIS B 1066 10.85 1.74 -23.14
CA HIS B 1066 11.90 2.70 -22.83
C HIS B 1066 11.33 3.99 -22.25
N GLY B 1067 10.31 3.84 -21.40
CA GLY B 1067 9.66 4.99 -20.81
C GLY B 1067 10.29 5.41 -19.49
N GLY B 1068 10.03 6.65 -19.11
CA GLY B 1068 10.58 7.20 -17.90
C GLY B 1068 9.77 6.87 -16.66
N ILE B 1069 10.39 7.12 -15.51
CA ILE B 1069 9.73 6.96 -14.23
C ILE B 1069 8.95 8.24 -13.92
N ARG B 1070 8.00 8.13 -13.00
CA ARG B 1070 7.07 9.22 -12.70
C ARG B 1070 7.46 9.88 -11.38
N VAL B 1071 7.58 11.21 -11.41
CA VAL B 1071 7.79 12.00 -10.19
C VAL B 1071 6.43 12.57 -9.82
N GLY B 1072 5.71 11.82 -8.99
CA GLY B 1072 4.31 12.12 -8.73
C GLY B 1072 4.06 13.25 -7.77
N GLU B 1073 2.84 13.31 -7.21
CA GLU B 1073 2.49 14.39 -6.30
C GLU B 1073 3.32 14.33 -5.03
N MET B 1074 3.52 13.14 -4.47
CA MET B 1074 4.30 13.01 -3.24
C MET B 1074 5.74 13.43 -3.47
N GLU B 1075 6.33 13.00 -4.59
CA GLU B 1075 7.70 13.37 -4.90
C GLU B 1075 7.82 14.87 -5.13
N ARG B 1076 6.85 15.46 -5.81
CA ARG B 1076 6.86 16.91 -6.04
C ARG B 1076 6.78 17.67 -4.72
N ASP B 1077 5.87 17.25 -3.83
CA ASP B 1077 5.72 17.92 -2.55
C ASP B 1077 6.98 17.78 -1.70
N ALA B 1078 7.60 16.59 -1.71
CA ALA B 1078 8.86 16.42 -0.99
C ALA B 1078 9.95 17.30 -1.57
N LEU B 1079 10.03 17.40 -2.90
CA LEU B 1079 11.01 18.27 -3.53
C LEU B 1079 10.77 19.73 -3.16
N ILE B 1080 9.52 20.11 -2.92
CA ILE B 1080 9.26 21.46 -2.42
C ILE B 1080 9.73 21.58 -0.98
N GLY B 1081 9.45 20.57 -0.15
CA GLY B 1081 9.74 20.67 1.27
C GLY B 1081 11.20 20.88 1.60
N HIS B 1082 12.09 20.37 0.75
CA HIS B 1082 13.51 20.59 0.95
C HIS B 1082 13.90 22.05 0.77
N GLY B 1083 13.01 22.87 0.25
CA GLY B 1083 13.36 24.21 -0.16
C GLY B 1083 14.00 24.26 -1.53
N THR B 1084 14.24 23.11 -2.15
CA THR B 1084 14.83 23.04 -3.47
C THR B 1084 13.77 23.42 -4.51
N SER B 1085 14.08 24.40 -5.34
CA SER B 1085 13.19 24.84 -6.41
C SER B 1085 13.72 24.53 -7.79
N PHE B 1086 15.03 24.69 -8.02
CA PHE B 1086 15.59 24.33 -9.31
C PHE B 1086 15.53 22.83 -9.54
N LEU B 1087 15.66 22.04 -8.48
CA LEU B 1087 15.44 20.60 -8.62
C LEU B 1087 14.02 20.31 -9.07
N LEU B 1088 13.03 21.01 -8.49
CA LEU B 1088 11.65 20.82 -8.90
C LEU B 1088 11.44 21.22 -10.35
N GLN B 1089 12.04 22.33 -10.77
CA GLN B 1089 11.91 22.75 -12.16
C GLN B 1089 12.57 21.74 -13.09
N ASP B 1090 13.72 21.20 -12.70
CA ASP B 1090 14.39 20.21 -13.54
C ASP B 1090 13.59 18.91 -13.64
N ARG B 1091 12.97 18.49 -12.54
CA ARG B 1091 12.25 17.23 -12.52
C ARG B 1091 10.81 17.36 -12.99
N LEU B 1092 10.30 18.56 -13.21
CA LEU B 1092 8.94 18.70 -13.71
C LEU B 1092 8.85 19.33 -15.08
N LEU B 1093 9.64 20.38 -15.36
CA LEU B 1093 9.53 21.11 -16.60
C LEU B 1093 10.78 20.99 -17.47
N ASN B 1094 11.97 21.19 -16.89
CA ASN B 1094 13.18 21.31 -17.70
C ASN B 1094 13.45 20.05 -18.50
N SER B 1095 13.24 18.88 -17.89
CA SER B 1095 13.59 17.62 -18.52
C SER B 1095 12.39 16.74 -18.82
N SER B 1096 11.17 17.28 -18.80
CA SER B 1096 9.99 16.49 -19.10
C SER B 1096 9.28 16.94 -20.37
N ASP B 1097 8.79 18.19 -20.42
CA ASP B 1097 8.09 18.68 -21.60
C ASP B 1097 8.43 20.14 -21.86
N TYR B 1098 9.71 20.50 -21.74
CA TYR B 1098 10.12 21.89 -21.92
C TYR B 1098 9.92 22.31 -23.38
N THR B 1099 9.06 23.30 -23.60
CA THR B 1099 8.76 23.79 -24.94
C THR B 1099 8.89 25.31 -24.96
N GLN B 1100 9.56 25.82 -25.99
CA GLN B 1100 9.70 27.26 -26.18
C GLN B 1100 8.67 27.75 -27.19
N ALA B 1101 7.41 27.78 -26.75
CA ALA B 1101 6.32 28.18 -27.61
C ALA B 1101 6.35 29.70 -27.84
N SER B 1102 5.59 30.13 -28.85
CA SER B 1102 5.44 31.54 -29.17
C SER B 1102 4.11 32.06 -28.63
N VAL B 1103 4.14 33.25 -28.05
CA VAL B 1103 2.97 33.82 -27.39
C VAL B 1103 2.83 35.28 -27.80
N CYS B 1104 1.62 35.68 -28.16
CA CYS B 1104 1.32 37.09 -28.42
C CYS B 1104 1.04 37.83 -27.12
N ARG B 1105 1.56 39.05 -27.02
CA ARG B 1105 1.28 39.88 -25.86
C ARG B 1105 -0.16 40.38 -25.86
N GLU B 1106 -0.64 40.88 -27.01
CA GLU B 1106 -1.99 41.41 -27.08
C GLU B 1106 -3.03 40.29 -26.95
N CYS B 1107 -2.85 39.21 -27.71
CA CYS B 1107 -3.79 38.09 -27.65
C CYS B 1107 -3.84 37.49 -26.26
N GLY B 1108 -2.66 37.26 -25.66
CA GLY B 1108 -2.60 36.55 -24.41
C GLY B 1108 -2.81 35.06 -24.52
N SER B 1109 -2.86 34.52 -25.74
CA SER B 1109 -3.09 33.11 -25.96
C SER B 1109 -1.84 32.47 -26.56
N ILE B 1110 -1.73 31.16 -26.37
CA ILE B 1110 -0.52 30.42 -26.75
C ILE B 1110 -0.63 29.85 -28.16
N LEU B 1111 -1.74 29.17 -28.46
CA LEU B 1111 -1.88 28.47 -29.73
C LEU B 1111 -2.51 29.31 -30.83
N THR B 1112 -2.99 30.51 -30.50
CA THR B 1112 -3.60 31.35 -31.54
C THR B 1112 -2.57 31.85 -32.55
N THR B 1113 -1.28 31.68 -32.28
CA THR B 1113 -0.24 32.08 -33.22
C THR B 1113 0.14 30.92 -34.13
N GLN B 1114 0.72 31.27 -35.28
CA GLN B 1114 1.20 30.28 -36.23
C GLN B 1114 2.22 30.94 -37.14
N GLN B 1115 2.99 30.10 -37.82
CA GLN B 1115 4.09 30.57 -38.66
C GLN B 1115 3.56 31.01 -40.02
N SER B 1116 3.86 32.24 -40.40
CA SER B 1116 3.51 32.72 -41.74
C SER B 1116 4.35 32.01 -42.78
N VAL B 1117 3.77 31.82 -43.96
CA VAL B 1117 4.46 31.19 -45.09
C VAL B 1117 5.07 32.29 -45.96
N PRO B 1118 6.38 32.38 -46.07
CA PRO B 1118 6.99 33.41 -46.92
C PRO B 1118 6.67 33.18 -48.38
N ARG B 1119 6.51 34.28 -49.12
CA ARG B 1119 6.26 34.17 -50.55
C ARG B 1119 7.54 34.00 -51.34
N ILE B 1120 8.41 35.00 -51.31
CA ILE B 1120 9.69 34.96 -52.05
C ILE B 1120 10.75 35.70 -51.24
N GLY B 1121 11.75 34.97 -50.77
CA GLY B 1121 12.87 35.59 -50.06
C GLY B 1121 12.49 36.34 -48.81
N SER B 1122 11.54 35.80 -48.04
CA SER B 1122 11.09 36.41 -46.80
C SER B 1122 11.50 35.55 -45.61
N ILE B 1123 11.06 35.95 -44.42
CA ILE B 1123 11.36 35.25 -43.19
C ILE B 1123 10.04 34.80 -42.57
N SER B 1124 9.95 33.50 -42.27
CA SER B 1124 8.73 32.91 -41.72
C SER B 1124 8.67 33.23 -40.23
N THR B 1125 8.05 34.36 -39.90
CA THR B 1125 7.85 34.74 -38.52
C THR B 1125 6.58 34.07 -37.99
N VAL B 1126 6.21 34.41 -36.75
CA VAL B 1126 5.00 33.90 -36.13
C VAL B 1126 4.06 35.07 -35.88
N CYS B 1127 2.79 34.88 -36.20
CA CYS B 1127 1.79 35.94 -36.06
C CYS B 1127 0.48 35.34 -35.56
N CYS B 1128 -0.37 36.22 -35.04
CA CYS B 1128 -1.61 35.81 -34.39
C CYS B 1128 -2.67 35.47 -35.43
N ARG B 1129 -3.60 34.60 -35.04
CA ARG B 1129 -4.83 34.40 -35.78
C ARG B 1129 -6.00 35.19 -35.22
N ARG B 1130 -5.76 35.95 -34.14
CA ARG B 1130 -6.78 36.80 -33.54
C ARG B 1130 -6.46 38.28 -33.71
N CYS B 1131 -5.23 38.70 -33.44
CA CYS B 1131 -4.85 40.09 -33.63
C CYS B 1131 -5.02 40.51 -35.09
N SER B 1132 -4.58 39.66 -36.01
CA SER B 1132 -4.74 39.96 -37.42
C SER B 1132 -6.20 39.93 -37.81
N MET B 1133 -6.60 40.87 -38.66
CA MET B 1133 -7.94 40.91 -39.23
C MET B 1133 -7.85 40.60 -40.72
N ARG B 1134 -8.95 40.09 -41.27
CA ARG B 1134 -8.97 39.71 -42.68
C ARG B 1134 -8.76 40.94 -43.55
N PHE B 1135 -8.07 40.73 -44.68
CA PHE B 1135 -7.90 41.80 -45.66
C PHE B 1135 -9.25 42.27 -46.18
N GLU B 1136 -10.23 41.37 -46.26
CA GLU B 1136 -11.58 41.77 -46.64
C GLU B 1136 -12.21 42.66 -45.57
N ASP B 1137 -11.94 42.38 -44.30
CA ASP B 1137 -12.48 43.17 -43.19
C ASP B 1137 -11.63 44.39 -42.86
N ALA B 1138 -10.52 44.60 -43.56
CA ALA B 1138 -9.67 45.76 -43.32
C ALA B 1138 -10.08 46.92 -44.21
N ASP B 1155 3.73 41.68 -48.13
CA ASP B 1155 4.34 42.92 -47.65
C ASP B 1155 4.57 42.86 -46.14
N SER B 1156 5.18 43.91 -45.60
CA SER B 1156 5.50 43.93 -44.18
C SER B 1156 4.24 43.91 -43.32
N GLN B 1157 3.13 44.42 -43.84
CA GLN B 1157 1.89 44.48 -43.09
C GLN B 1157 1.01 43.25 -43.27
N ILE B 1158 1.24 42.46 -44.32
CA ILE B 1158 0.36 41.36 -44.68
C ILE B 1158 1.18 40.07 -44.77
N TRP B 1159 0.69 39.02 -44.10
CA TRP B 1159 1.28 37.69 -44.19
C TRP B 1159 0.20 36.70 -44.58
N GLU B 1160 0.59 35.69 -45.33
CA GLU B 1160 -0.35 34.69 -45.85
C GLU B 1160 -0.21 33.38 -45.09
N ASP B 1161 -1.19 32.50 -45.29
CA ASP B 1161 -1.25 31.22 -44.61
C ASP B 1161 -1.21 30.08 -45.63
N GLY B 1162 -1.40 28.86 -45.14
CA GLY B 1162 -1.34 27.70 -46.01
C GLY B 1162 -2.51 27.56 -46.96
N GLN B 1163 -3.65 28.15 -46.62
CA GLN B 1163 -4.83 28.09 -47.47
C GLN B 1163 -4.85 29.16 -48.55
N GLY B 1164 -3.82 30.00 -48.62
CA GLY B 1164 -3.77 31.07 -49.59
C GLY B 1164 -4.50 32.33 -49.17
N ASN B 1165 -5.09 32.35 -47.98
CA ASN B 1165 -5.77 33.55 -47.50
C ASN B 1165 -4.74 34.63 -47.17
N LYS B 1166 -5.23 35.87 -47.09
CA LYS B 1166 -4.39 37.03 -46.80
C LYS B 1166 -4.77 37.60 -45.44
N PHE B 1167 -3.78 37.75 -44.57
CA PHE B 1167 -3.97 38.29 -43.23
C PHE B 1167 -3.07 39.50 -43.04
N VAL B 1168 -3.60 40.55 -42.42
CA VAL B 1168 -2.88 41.80 -42.24
C VAL B 1168 -2.87 42.16 -40.76
N GLY B 1169 -1.70 42.56 -40.26
CA GLY B 1169 -1.58 43.03 -38.89
C GLY B 1169 -1.36 41.90 -37.90
N GLY B 1170 -1.16 42.30 -36.64
CA GLY B 1170 -1.02 41.36 -35.57
C GLY B 1170 0.31 40.64 -35.50
N ASN B 1171 1.37 41.24 -36.03
CA ASN B 1171 2.69 40.61 -36.02
C ASN B 1171 3.51 41.00 -34.78
N GLU B 1172 2.89 40.87 -33.61
CA GLU B 1172 3.59 41.07 -32.34
C GLU B 1172 3.42 39.82 -31.49
N THR B 1173 4.53 39.34 -30.93
CA THR B 1173 4.55 38.09 -30.19
C THR B 1173 5.93 37.92 -29.58
N THR B 1174 6.04 36.94 -28.69
CA THR B 1174 7.30 36.66 -28.01
C THR B 1174 7.32 35.19 -27.60
N THR B 1175 8.52 34.70 -27.33
CA THR B 1175 8.74 33.29 -27.01
C THR B 1175 8.88 33.12 -25.50
N VAL B 1176 8.08 32.22 -24.94
CA VAL B 1176 8.11 31.93 -23.51
C VAL B 1176 8.28 30.43 -23.32
N ALA B 1177 8.91 30.05 -22.21
CA ALA B 1177 9.20 28.65 -21.90
C ALA B 1177 8.02 28.08 -21.12
N ILE B 1178 7.31 27.13 -21.73
CA ILE B 1178 6.15 26.52 -21.09
C ILE B 1178 6.16 25.03 -21.35
N PRO B 1179 5.53 24.26 -20.46
CA PRO B 1179 5.26 22.86 -20.77
C PRO B 1179 4.23 22.72 -21.88
N PHE B 1180 4.38 21.67 -22.68
CA PHE B 1180 3.39 21.39 -23.73
C PHE B 1180 2.06 20.97 -23.14
N VAL B 1181 2.07 20.38 -21.94
CA VAL B 1181 0.85 19.99 -21.28
C VAL B 1181 -0.03 21.20 -20.98
N LEU B 1182 0.58 22.36 -20.76
CA LEU B 1182 -0.21 23.58 -20.60
C LEU B 1182 -0.95 23.92 -21.89
N LYS B 1183 -0.28 23.74 -23.03
CA LYS B 1183 -0.93 23.96 -24.32
C LYS B 1183 -2.09 22.99 -24.52
N TYR B 1184 -1.90 21.72 -24.16
CA TYR B 1184 -2.99 20.76 -24.28
C TYR B 1184 -4.16 21.13 -23.39
N LEU B 1185 -3.87 21.57 -22.15
CA LEU B 1185 -4.94 21.99 -21.25
C LEU B 1185 -5.68 23.20 -21.81
N ASP B 1186 -4.95 24.15 -22.40
CA ASP B 1186 -5.62 25.33 -22.95
C ASP B 1186 -6.50 24.95 -24.13
N SER B 1187 -6.05 24.01 -24.96
CA SER B 1187 -6.91 23.50 -26.04
C SER B 1187 -8.17 22.86 -25.47
N GLU B 1188 -8.01 22.02 -24.46
CA GLU B 1188 -9.16 21.36 -23.86
C GLU B 1188 -10.11 22.35 -23.22
N LEU B 1189 -9.57 23.43 -22.64
CA LEU B 1189 -10.41 24.49 -22.09
C LEU B 1189 -11.16 25.22 -23.19
N SER B 1190 -10.49 25.48 -24.32
CA SER B 1190 -11.17 26.08 -25.46
C SER B 1190 -12.30 25.19 -25.95
N ALA B 1191 -12.14 23.87 -25.84
CA ALA B 1191 -13.24 22.97 -26.15
C ALA B 1191 -14.43 23.22 -25.22
N MET B 1192 -14.18 23.69 -24.01
CA MET B 1192 -15.25 24.05 -23.09
C MET B 1192 -15.77 25.47 -23.30
N GLY B 1193 -15.19 26.21 -24.24
CA GLY B 1193 -15.54 27.61 -24.43
C GLY B 1193 -14.82 28.56 -23.51
N ILE B 1194 -13.93 28.06 -22.65
CA ILE B 1194 -13.19 28.90 -21.72
C ILE B 1194 -11.85 29.27 -22.34
N ARG B 1195 -11.51 30.55 -22.28
CA ARG B 1195 -10.27 31.06 -22.83
C ARG B 1195 -9.36 31.54 -21.71
N LEU B 1196 -8.06 31.24 -21.84
CA LEU B 1196 -7.05 31.68 -20.90
C LEU B 1196 -6.17 32.74 -21.57
N ARG B 1197 -5.98 33.86 -20.90
CA ARG B 1197 -5.11 34.92 -21.38
C ARG B 1197 -3.88 34.96 -20.47
N TYR B 1198 -2.70 34.83 -21.08
CA TYR B 1198 -1.45 34.80 -20.34
C TYR B 1198 -0.78 36.17 -20.42
N ASN B 1199 -0.61 36.81 -19.28
CA ASN B 1199 -0.06 38.16 -19.22
C ASN B 1199 1.47 38.08 -19.31
N VAL B 1200 2.03 38.62 -20.37
CA VAL B 1200 3.47 38.59 -20.62
C VAL B 1200 4.11 39.81 -19.98
N GLU B 1201 5.28 39.61 -19.34
CA GLU B 1201 5.87 40.68 -18.55
C GLU B 1201 6.37 41.84 -19.40
N PRO B 1202 7.24 41.65 -20.41
CA PRO B 1202 7.72 42.84 -21.12
C PRO B 1202 6.76 43.30 -22.21
N LYS B 1203 5.59 43.77 -21.77
CA LYS B 1203 4.58 44.28 -22.70
C LYS B 1203 4.95 45.65 -23.24
N ASP C 26 71.10 -8.84 8.97
CA ASP C 26 72.44 -8.28 9.17
C ASP C 26 72.57 -7.69 10.57
N ALA C 27 71.57 -6.90 10.97
CA ALA C 27 71.62 -6.21 12.25
C ALA C 27 71.13 -7.14 13.36
N GLU C 28 70.92 -6.60 14.55
CA GLU C 28 70.46 -7.35 15.72
C GLU C 28 68.97 -7.22 15.93
N ASN C 29 68.20 -7.15 14.85
CA ASN C 29 66.75 -7.04 14.97
C ASN C 29 66.17 -8.27 15.65
N GLU C 30 65.12 -8.06 16.43
CA GLU C 30 64.51 -9.17 17.17
C GLU C 30 63.89 -10.20 16.25
N TRP C 31 63.61 -9.85 15.00
CA TRP C 31 63.20 -10.80 13.98
C TRP C 31 64.05 -10.61 12.74
N ASN C 32 64.42 -11.73 12.12
CA ASN C 32 65.30 -11.68 10.95
C ASN C 32 65.12 -12.96 10.15
N VAL C 33 65.59 -12.91 8.90
CA VAL C 33 65.52 -14.08 8.03
C VAL C 33 66.30 -15.24 8.63
N GLU C 34 67.45 -14.95 9.25
CA GLU C 34 68.23 -16.00 9.88
C GLU C 34 67.48 -16.62 11.05
N LYS C 35 66.81 -15.81 11.87
CA LYS C 35 66.03 -16.35 12.97
C LYS C 35 64.87 -17.19 12.46
N PHE C 36 64.22 -16.75 11.39
CA PHE C 36 63.16 -17.53 10.79
C PHE C 36 63.69 -18.87 10.27
N LYS C 37 64.86 -18.85 9.66
CA LYS C 37 65.48 -20.10 9.21
C LYS C 37 65.75 -21.02 10.40
N LYS C 38 66.25 -20.46 11.50
CA LYS C 38 66.59 -21.27 12.66
C LYS C 38 65.35 -21.91 13.28
N ASP C 39 64.26 -21.16 13.40
CA ASP C 39 63.11 -21.67 14.16
C ASP C 39 62.03 -22.29 13.28
N PHE C 40 62.12 -22.19 11.96
CA PHE C 40 61.09 -22.67 11.06
C PHE C 40 61.43 -24.08 10.57
N GLU C 41 60.47 -24.99 10.68
CA GLU C 41 60.68 -26.37 10.25
C GLU C 41 59.40 -26.91 9.63
N VAL C 42 59.56 -27.93 8.80
CA VAL C 42 58.45 -28.62 8.14
C VAL C 42 58.42 -30.05 8.65
N ASN C 43 57.21 -30.60 8.79
CA ASN C 43 56.99 -31.88 9.44
C ASN C 43 56.06 -32.75 8.59
N ILE C 44 56.39 -32.91 7.31
CA ILE C 44 55.57 -33.66 6.35
C ILE C 44 55.15 -35.00 6.97
N SER C 45 53.83 -35.24 6.99
CA SER C 45 53.28 -36.43 7.62
C SER C 45 52.93 -37.51 6.61
N SER C 46 52.08 -37.19 5.64
CA SER C 46 51.68 -38.13 4.61
C SER C 46 51.74 -37.45 3.25
N LEU C 47 51.89 -38.26 2.20
CA LEU C 47 51.98 -37.71 0.84
C LEU C 47 51.60 -38.79 -0.15
N ASP C 48 50.54 -38.54 -0.91
CA ASP C 48 50.10 -39.41 -2.00
C ASP C 48 50.17 -38.62 -3.30
N ALA C 49 49.66 -39.23 -4.38
CA ALA C 49 49.50 -38.50 -5.63
C ALA C 49 48.24 -37.65 -5.65
N ARG C 50 47.38 -37.76 -4.63
CA ARG C 50 46.16 -36.98 -4.56
C ARG C 50 46.12 -36.06 -3.35
N GLU C 51 46.49 -36.55 -2.17
CA GLU C 51 46.40 -35.79 -0.93
C GLU C 51 47.75 -35.74 -0.23
N ALA C 52 48.16 -34.54 0.16
CA ALA C 52 49.37 -34.34 0.97
C ALA C 52 49.00 -33.56 2.21
N ASN C 53 49.48 -34.02 3.36
CA ASN C 53 49.18 -33.41 4.66
C ASN C 53 50.49 -33.16 5.39
N PHE C 54 50.94 -31.92 5.41
CA PHE C 54 52.21 -31.55 6.02
C PHE C 54 52.01 -30.38 6.97
N ASP C 55 52.97 -30.23 7.88
CA ASP C 55 52.92 -29.24 8.94
C ASP C 55 53.89 -28.10 8.66
N LEU C 56 53.48 -26.89 9.00
CA LEU C 56 54.34 -25.71 8.96
C LEU C 56 54.42 -25.13 10.37
N ILE C 57 55.63 -24.93 10.87
CA ILE C 57 55.87 -24.59 12.26
C ILE C 57 56.58 -23.24 12.34
N ASN C 58 56.21 -22.45 13.35
CA ASN C 58 56.85 -21.16 13.62
C ASN C 58 56.80 -20.23 12.41
N ILE C 59 55.63 -20.16 11.79
CA ILE C 59 55.39 -19.26 10.66
C ILE C 59 54.18 -18.40 10.98
N ASP C 60 54.14 -17.23 10.37
CA ASP C 60 53.07 -16.29 10.63
C ASP C 60 51.79 -16.68 9.89
N THR C 61 50.65 -16.42 10.56
CA THR C 61 49.36 -16.63 9.91
C THR C 61 49.27 -15.85 8.61
N SER C 62 49.84 -14.65 8.56
CA SER C 62 49.82 -13.85 7.35
C SER C 62 50.50 -14.54 6.18
N ILE C 63 51.42 -15.45 6.44
CA ILE C 63 52.11 -16.18 5.38
C ILE C 63 51.45 -17.53 5.10
N ALA C 64 51.00 -18.22 6.14
CA ALA C 64 50.29 -19.49 5.92
C ALA C 64 49.01 -19.27 5.14
N ASN C 65 48.23 -18.25 5.51
CA ASN C 65 47.00 -17.94 4.79
C ASN C 65 47.29 -17.45 3.38
N ALA C 66 48.39 -16.72 3.19
CA ALA C 66 48.78 -16.32 1.85
C ALA C 66 49.08 -17.53 0.98
N PHE C 67 49.81 -18.51 1.54
CA PHE C 67 50.07 -19.75 0.81
C PHE C 67 48.78 -20.45 0.46
N ARG C 68 47.84 -20.53 1.41
CA ARG C 68 46.58 -21.22 1.14
C ARG C 68 45.79 -20.52 0.04
N ARG C 69 45.71 -19.19 0.10
CA ARG C 69 44.95 -18.45 -0.90
C ARG C 69 45.57 -18.59 -2.29
N ILE C 70 46.90 -18.44 -2.38
CA ILE C 70 47.57 -18.59 -3.66
C ILE C 70 47.38 -20.00 -4.20
N MET C 71 47.47 -20.99 -3.32
CA MET C 71 47.32 -22.37 -3.74
C MET C 71 45.91 -22.64 -4.25
N ILE C 72 44.90 -22.05 -3.60
CA ILE C 72 43.52 -22.27 -4.03
C ILE C 72 43.26 -21.59 -5.36
N SER C 73 43.64 -20.32 -5.51
CA SER C 73 43.10 -19.54 -6.62
C SER C 73 44.18 -18.71 -7.30
N GLU C 74 45.38 -19.25 -7.44
CA GLU C 74 46.37 -18.62 -8.29
C GLU C 74 47.19 -19.57 -9.14
N VAL C 75 47.18 -20.87 -8.85
CA VAL C 75 48.00 -21.82 -9.59
C VAL C 75 47.35 -22.07 -10.95
N PRO C 76 48.07 -21.85 -12.05
CA PRO C 76 47.48 -22.09 -13.38
C PRO C 76 47.15 -23.56 -13.57
N SER C 77 46.09 -23.81 -14.34
CA SER C 77 45.67 -25.16 -14.66
C SER C 77 44.92 -25.13 -15.98
N VAL C 78 44.73 -26.30 -16.56
CA VAL C 78 44.10 -26.45 -17.87
C VAL C 78 42.69 -26.98 -17.68
N ALA C 79 41.73 -26.31 -18.30
CA ALA C 79 40.35 -26.78 -18.33
C ALA C 79 39.69 -26.29 -19.60
N ALA C 80 38.64 -26.99 -20.02
CA ALA C 80 37.93 -26.63 -21.24
C ALA C 80 37.14 -25.34 -21.01
N GLU C 81 37.32 -24.38 -21.90
CA GLU C 81 36.68 -23.07 -21.75
C GLU C 81 35.69 -22.78 -22.86
N TYR C 82 36.10 -22.86 -24.11
CA TYR C 82 35.22 -22.63 -25.25
C TYR C 82 34.94 -23.95 -25.95
N VAL C 83 33.67 -24.31 -26.07
CA VAL C 83 33.25 -25.49 -26.80
C VAL C 83 32.58 -25.03 -28.09
N TYR C 84 32.74 -25.83 -29.13
CA TYR C 84 32.15 -25.57 -30.45
C TYR C 84 31.15 -26.69 -30.72
N PHE C 85 29.88 -26.41 -30.48
CA PHE C 85 28.84 -27.42 -30.62
C PHE C 85 28.40 -27.51 -32.08
N PHE C 86 28.42 -28.73 -32.62
CA PHE C 86 27.96 -28.98 -33.97
C PHE C 86 26.58 -29.62 -34.02
N ASN C 87 26.20 -30.36 -32.99
CA ASN C 87 24.89 -30.99 -32.92
C ASN C 87 24.66 -31.50 -31.51
N ASN C 88 23.45 -31.28 -31.00
CA ASN C 88 23.07 -31.76 -29.68
C ASN C 88 21.55 -31.93 -29.66
N THR C 89 21.10 -33.17 -29.80
CA THR C 89 19.69 -33.50 -29.70
C THR C 89 19.33 -34.14 -28.37
N SER C 90 20.27 -34.18 -27.42
CA SER C 90 20.04 -34.83 -26.15
C SER C 90 19.11 -33.99 -25.27
N VAL C 91 18.66 -34.60 -24.18
CA VAL C 91 17.85 -33.87 -23.21
C VAL C 91 18.68 -32.76 -22.57
N ILE C 92 19.95 -33.04 -22.29
CA ILE C 92 20.84 -32.02 -21.74
C ILE C 92 20.91 -30.84 -22.70
N GLN C 93 20.58 -29.65 -22.20
CA GLN C 93 20.69 -28.47 -23.02
C GLN C 93 22.15 -28.16 -23.31
N ASP C 94 22.39 -27.41 -24.39
CA ASP C 94 23.74 -27.18 -24.86
C ASP C 94 24.57 -26.44 -23.82
N GLU C 95 23.98 -25.43 -23.17
CA GLU C 95 24.72 -24.67 -22.16
C GLU C 95 25.13 -25.55 -20.99
N VAL C 96 24.23 -26.42 -20.53
CA VAL C 96 24.55 -27.31 -19.42
C VAL C 96 25.61 -28.31 -19.83
N LEU C 97 25.54 -28.82 -21.06
CA LEU C 97 26.57 -29.75 -21.53
C LEU C 97 27.93 -29.08 -21.59
N ALA C 98 27.97 -27.84 -22.09
CA ALA C 98 29.23 -27.11 -22.12
C ALA C 98 29.77 -26.85 -20.72
N HIS C 99 28.86 -26.53 -19.79
CA HIS C 99 29.26 -26.32 -18.39
C HIS C 99 29.88 -27.58 -17.82
N ARG C 100 29.23 -28.73 -18.01
CA ARG C 100 29.76 -29.99 -17.48
C ARG C 100 31.09 -30.34 -18.13
N ILE C 101 31.23 -30.08 -19.43
CA ILE C 101 32.49 -30.36 -20.12
C ILE C 101 33.60 -29.50 -19.54
N GLY C 102 33.31 -28.21 -19.30
CA GLY C 102 34.31 -27.34 -18.70
C GLY C 102 34.70 -27.77 -17.31
N LEU C 103 33.74 -28.22 -16.51
CA LEU C 103 34.02 -28.65 -15.15
C LEU C 103 34.55 -30.08 -15.11
N VAL C 104 35.60 -30.36 -15.88
CA VAL C 104 36.22 -31.68 -15.91
C VAL C 104 37.73 -31.50 -15.81
N PRO C 105 38.38 -32.03 -14.78
CA PRO C 105 39.84 -31.91 -14.69
C PRO C 105 40.52 -32.66 -15.82
N LEU C 106 41.65 -32.13 -16.25
CA LEU C 106 42.44 -32.73 -17.32
C LEU C 106 43.82 -33.08 -16.80
N LYS C 107 44.24 -34.32 -17.05
CA LYS C 107 45.56 -34.79 -16.61
C LYS C 107 46.65 -34.24 -17.55
N VAL C 108 46.78 -32.92 -17.55
CA VAL C 108 47.78 -32.22 -18.33
C VAL C 108 48.59 -31.33 -17.39
N ASP C 109 49.91 -31.39 -17.52
CA ASP C 109 50.76 -30.50 -16.74
C ASP C 109 50.58 -29.07 -17.25
N PRO C 110 50.23 -28.12 -16.39
CA PRO C 110 49.96 -26.76 -16.87
C PRO C 110 51.14 -26.11 -17.58
N ASP C 111 52.38 -26.42 -17.17
CA ASP C 111 53.53 -25.76 -17.76
C ASP C 111 53.81 -26.19 -19.20
N MET C 112 53.15 -27.23 -19.69
CA MET C 112 53.39 -27.69 -21.05
C MET C 112 52.84 -26.75 -22.11
N LEU C 113 52.03 -25.76 -21.73
CA LEU C 113 51.49 -24.80 -22.68
C LEU C 113 51.45 -23.42 -22.05
N THR C 114 51.47 -22.40 -22.91
CA THR C 114 51.54 -21.01 -22.48
C THR C 114 50.14 -20.44 -22.33
N TRP C 115 50.06 -19.12 -22.17
CA TRP C 115 48.80 -18.42 -21.96
C TRP C 115 48.26 -17.88 -23.28
N VAL C 116 47.01 -17.41 -23.24
CA VAL C 116 46.34 -16.82 -24.38
C VAL C 116 46.29 -15.31 -24.20
N ASP C 117 46.60 -14.58 -25.28
CA ASP C 117 46.63 -13.12 -25.19
C ASP C 117 45.27 -12.55 -24.85
N SER C 118 44.19 -13.22 -25.26
CA SER C 118 42.80 -12.88 -24.96
C SER C 118 42.34 -11.60 -25.65
N ASN C 119 43.21 -10.90 -26.38
CA ASN C 119 42.83 -9.72 -27.13
C ASN C 119 43.05 -9.86 -28.62
N LEU C 120 43.80 -10.87 -29.06
CA LEU C 120 44.01 -11.09 -30.48
C LEU C 120 42.71 -11.55 -31.13
N PRO C 121 42.60 -11.41 -32.46
CA PRO C 121 41.39 -11.90 -33.14
C PRO C 121 41.21 -13.40 -32.93
N ASP C 122 39.95 -13.83 -32.91
CA ASP C 122 39.62 -15.21 -32.58
C ASP C 122 40.25 -16.21 -33.54
N ASP C 123 40.65 -15.77 -34.73
CA ASP C 123 41.31 -16.64 -35.70
C ASP C 123 42.82 -16.69 -35.49
N GLU C 124 43.35 -16.03 -34.45
CA GLU C 124 44.78 -16.02 -34.21
C GLU C 124 45.11 -16.44 -32.79
N LYS C 125 44.20 -16.16 -31.85
CA LYS C 125 44.51 -16.38 -30.44
C LYS C 125 44.81 -17.84 -30.14
N PHE C 126 44.03 -18.76 -30.70
CA PHE C 126 44.20 -20.17 -30.42
C PHE C 126 45.32 -20.75 -31.28
N THR C 127 46.24 -21.45 -30.64
CA THR C 127 47.37 -22.04 -31.33
C THR C 127 47.78 -23.32 -30.60
N ASP C 128 48.54 -24.16 -31.30
CA ASP C 128 48.96 -25.43 -30.72
C ASP C 128 49.83 -25.27 -29.48
N GLU C 129 50.45 -24.11 -29.31
CA GLU C 129 51.34 -23.88 -28.17
C GLU C 129 50.59 -23.53 -26.89
N ASN C 130 49.30 -23.18 -26.97
CA ASN C 130 48.57 -22.76 -25.78
C ASN C 130 47.15 -23.31 -25.72
N THR C 131 46.78 -24.25 -26.59
CA THR C 131 45.43 -24.78 -26.62
C THR C 131 45.46 -26.30 -26.72
N ILE C 132 44.46 -26.94 -26.12
CA ILE C 132 44.26 -28.38 -26.21
C ILE C 132 42.86 -28.61 -26.75
N VAL C 133 42.77 -29.33 -27.87
CA VAL C 133 41.51 -29.53 -28.58
C VAL C 133 40.97 -30.90 -28.22
N LEU C 134 39.78 -30.92 -27.62
CA LEU C 134 39.09 -32.17 -27.27
C LEU C 134 37.82 -32.26 -28.08
N SER C 135 37.62 -33.40 -28.74
CA SER C 135 36.47 -33.60 -29.63
C SER C 135 35.62 -34.75 -29.11
N LEU C 136 34.32 -34.54 -29.06
CA LEU C 136 33.36 -35.55 -28.63
C LEU C 136 32.36 -35.80 -29.74
N ASN C 137 32.18 -37.07 -30.10
CA ASN C 137 31.23 -37.47 -31.13
C ASN C 137 30.60 -38.79 -30.71
N VAL C 138 29.34 -38.75 -30.28
CA VAL C 138 28.63 -39.93 -29.83
C VAL C 138 27.23 -39.92 -30.44
N LYS C 139 26.82 -41.07 -30.98
CA LYS C 139 25.47 -41.27 -31.50
C LYS C 139 24.89 -42.53 -30.88
N CYS C 140 23.67 -42.43 -30.37
CA CYS C 140 23.03 -43.54 -29.68
C CYS C 140 22.04 -44.22 -30.61
N THR C 141 22.20 -45.54 -30.77
CA THR C 141 21.33 -46.34 -31.63
C THR C 141 20.78 -47.51 -30.82
N ARG C 142 19.56 -47.90 -31.16
CA ARG C 142 18.93 -49.04 -30.49
C ARG C 142 19.70 -50.31 -30.78
N ASN C 143 19.87 -51.15 -29.77
CA ASN C 143 20.57 -52.42 -29.95
C ASN C 143 19.57 -53.46 -30.44
N PRO C 144 19.73 -53.94 -31.69
CA PRO C 144 18.74 -54.88 -32.22
C PRO C 144 18.62 -56.17 -31.41
N ASP C 145 19.74 -56.69 -30.90
CA ASP C 145 19.73 -57.92 -30.13
C ASP C 145 19.59 -57.66 -28.65
N ALA C 146 18.58 -56.88 -28.28
CA ALA C 146 18.33 -56.57 -26.89
C ALA C 146 17.66 -57.75 -26.22
N PRO C 147 18.23 -58.30 -25.13
CA PRO C 147 17.57 -59.42 -24.45
C PRO C 147 16.19 -59.01 -23.93
N LYS C 148 15.26 -59.95 -23.98
CA LYS C 148 13.89 -59.67 -23.58
C LYS C 148 13.80 -59.38 -22.08
N GLY C 149 12.90 -58.47 -21.72
CA GLY C 149 12.71 -58.13 -20.32
C GLY C 149 13.93 -57.50 -19.68
N SER C 150 14.60 -56.61 -20.39
CA SER C 150 15.78 -55.92 -19.89
C SER C 150 15.43 -54.50 -19.48
N THR C 151 16.15 -54.00 -18.47
CA THR C 151 15.98 -52.63 -18.00
C THR C 151 17.27 -51.84 -17.99
N ASP C 152 18.42 -52.49 -18.14
CA ASP C 152 19.70 -51.78 -18.07
C ASP C 152 19.93 -51.03 -19.37
N PRO C 153 20.05 -49.70 -19.35
CA PRO C 153 20.32 -48.96 -20.59
C PRO C 153 21.64 -49.31 -21.23
N LYS C 154 22.64 -49.75 -20.45
CA LYS C 154 23.94 -50.08 -21.03
C LYS C 154 23.87 -51.27 -21.96
N GLU C 155 22.86 -52.13 -21.80
CA GLU C 155 22.67 -53.26 -22.69
C GLU C 155 21.48 -53.10 -23.63
N LEU C 156 20.48 -52.30 -23.25
CA LEU C 156 19.33 -52.09 -24.14
C LEU C 156 19.72 -51.27 -25.36
N TYR C 157 20.63 -50.31 -25.20
CA TYR C 157 21.02 -49.41 -26.29
C TYR C 157 22.54 -49.41 -26.38
N ASN C 158 23.04 -48.73 -27.41
CA ASN C 158 24.47 -48.58 -27.65
C ASN C 158 24.87 -47.14 -27.38
N ASN C 159 25.93 -46.96 -26.59
CA ASN C 159 26.39 -45.64 -26.16
C ASN C 159 25.28 -44.87 -25.43
N ALA C 160 24.52 -45.60 -24.62
CA ALA C 160 23.46 -45.00 -23.81
C ALA C 160 23.99 -44.26 -22.60
N HIS C 161 25.32 -44.10 -22.49
CA HIS C 161 25.93 -43.36 -21.39
C HIS C 161 27.22 -42.74 -21.91
N VAL C 162 27.24 -41.42 -22.02
CA VAL C 162 28.42 -40.69 -22.46
C VAL C 162 29.31 -40.44 -21.25
N TYR C 163 30.59 -40.79 -21.38
CA TYR C 163 31.55 -40.62 -20.31
C TYR C 163 32.62 -39.62 -20.73
N ALA C 164 33.26 -39.00 -19.72
CA ALA C 164 34.32 -38.04 -20.01
C ALA C 164 35.48 -38.69 -20.75
N ARG C 165 35.67 -40.00 -20.59
CA ARG C 165 36.74 -40.69 -21.31
C ARG C 165 36.51 -40.66 -22.81
N ASP C 166 35.28 -40.41 -23.26
CA ASP C 166 35.02 -40.30 -24.69
C ASP C 166 35.57 -39.03 -25.29
N LEU C 167 36.06 -38.09 -24.48
CA LEU C 167 36.63 -36.84 -24.97
C LEU C 167 37.99 -37.14 -25.58
N LYS C 168 37.96 -37.58 -26.83
CA LYS C 168 39.19 -37.92 -27.53
C LYS C 168 40.07 -36.69 -27.67
N PHE C 169 41.34 -36.85 -27.34
CA PHE C 169 42.30 -35.76 -27.51
C PHE C 169 42.85 -35.78 -28.94
N GLU C 170 42.93 -34.59 -29.53
CA GLU C 170 43.43 -34.43 -30.89
C GLU C 170 44.68 -33.54 -30.84
N PRO C 171 45.82 -34.00 -31.36
CA PRO C 171 47.00 -33.13 -31.39
C PRO C 171 47.09 -32.29 -32.65
N GLN C 172 47.18 -30.97 -32.49
CA GLN C 172 47.35 -30.04 -33.61
C GLN C 172 48.81 -29.65 -33.74
N GLY C 173 49.33 -29.70 -34.96
CA GLY C 173 50.66 -29.19 -35.22
C GLY C 173 51.73 -29.94 -34.44
N ARG C 174 52.58 -29.18 -33.74
CA ARG C 174 53.67 -29.75 -32.97
C ARG C 174 53.21 -30.55 -31.77
N GLN C 175 51.93 -30.45 -31.41
CA GLN C 175 51.42 -31.23 -30.27
C GLN C 175 51.50 -32.73 -30.51
N SER C 176 51.59 -33.15 -31.78
CA SER C 176 51.69 -34.58 -32.07
C SER C 176 52.95 -35.17 -31.45
N THR C 177 54.08 -34.47 -31.56
CA THR C 177 55.31 -34.91 -30.93
C THR C 177 55.49 -34.34 -29.53
N THR C 178 54.79 -33.26 -29.19
CA THR C 178 54.92 -32.69 -27.85
C THR C 178 54.20 -33.54 -26.81
N PHE C 179 53.02 -34.04 -27.15
CA PHE C 179 52.21 -34.83 -26.23
C PHE C 179 52.32 -36.33 -26.49
N ALA C 180 53.23 -36.75 -27.39
CA ALA C 180 53.39 -38.17 -27.64
C ALA C 180 53.85 -38.92 -26.41
N ASP C 181 54.61 -38.25 -25.54
CA ASP C 181 55.04 -38.88 -24.29
C ASP C 181 53.86 -39.14 -23.37
N CYS C 182 52.96 -38.16 -23.23
CA CYS C 182 51.81 -38.26 -22.33
C CYS C 182 50.60 -37.64 -23.00
N PRO C 183 49.74 -38.44 -23.62
CA PRO C 183 48.54 -37.90 -24.25
C PRO C 183 47.54 -37.38 -23.24
N VAL C 184 46.71 -36.43 -23.68
CA VAL C 184 45.72 -35.81 -22.81
C VAL C 184 44.63 -36.83 -22.47
N VAL C 185 44.15 -36.77 -21.23
CA VAL C 185 43.12 -37.68 -20.74
C VAL C 185 42.46 -37.04 -19.53
N PRO C 186 41.14 -37.12 -19.37
CA PRO C 186 40.50 -36.58 -18.17
C PRO C 186 41.04 -37.24 -16.91
N ALA C 187 41.16 -36.44 -15.85
CA ALA C 187 41.69 -36.96 -14.59
C ALA C 187 40.80 -38.07 -14.04
N ASP C 188 39.49 -37.87 -14.08
CA ASP C 188 38.53 -38.91 -13.70
C ASP C 188 37.77 -39.34 -14.95
N PRO C 189 38.08 -40.50 -15.54
CA PRO C 189 37.44 -40.88 -16.81
C PRO C 189 36.07 -41.50 -16.66
N ASP C 190 35.53 -41.60 -15.45
CA ASP C 190 34.24 -42.22 -15.22
C ASP C 190 33.15 -41.20 -14.93
N ILE C 191 33.38 -39.93 -15.27
CA ILE C 191 32.37 -38.90 -15.05
C ILE C 191 31.22 -39.09 -16.03
N LEU C 192 29.99 -39.10 -15.50
CA LEU C 192 28.78 -39.27 -16.29
C LEU C 192 28.43 -37.94 -16.93
N LEU C 193 29.00 -37.68 -18.11
CA LEU C 193 28.78 -36.40 -18.78
C LEU C 193 27.33 -36.24 -19.21
N ALA C 194 26.78 -37.24 -19.90
CA ALA C 194 25.43 -37.13 -20.43
C ALA C 194 24.87 -38.52 -20.67
N LYS C 195 23.54 -38.58 -20.81
CA LYS C 195 22.84 -39.81 -21.15
C LYS C 195 22.10 -39.60 -22.47
N LEU C 196 21.94 -40.68 -23.22
CA LEU C 196 21.36 -40.62 -24.55
C LEU C 196 20.25 -41.66 -24.70
N ARG C 197 19.47 -41.48 -25.76
CA ARG C 197 18.39 -42.37 -26.14
C ARG C 197 18.50 -42.63 -27.64
N PRO C 198 17.92 -43.72 -28.13
CA PRO C 198 18.11 -44.08 -29.54
C PRO C 198 17.64 -42.96 -30.46
N GLY C 199 18.41 -42.73 -31.53
CA GLY C 199 18.15 -41.65 -32.45
C GLY C 199 18.75 -40.32 -32.06
N GLN C 200 19.19 -40.17 -30.82
CA GLN C 200 19.80 -38.93 -30.36
C GLN C 200 21.31 -38.98 -30.57
N GLU C 201 21.90 -37.81 -30.79
CA GLU C 201 23.33 -37.72 -31.02
C GLU C 201 23.88 -36.47 -30.36
N ILE C 202 25.19 -36.51 -30.09
CA ILE C 202 25.94 -35.37 -29.56
C ILE C 202 27.24 -35.29 -30.32
N SER C 203 27.57 -34.09 -30.82
CA SER C 203 28.81 -33.89 -31.55
C SER C 203 29.30 -32.48 -31.29
N LEU C 204 30.55 -32.34 -30.85
CA LEU C 204 31.09 -31.05 -30.49
C LEU C 204 32.61 -31.09 -30.62
N LYS C 205 33.25 -29.98 -30.25
CA LYS C 205 34.71 -29.85 -30.29
C LYS C 205 35.10 -28.78 -29.29
N ALA C 206 35.59 -29.20 -28.13
CA ALA C 206 35.91 -28.28 -27.05
C ALA C 206 37.36 -27.82 -27.14
N HIS C 207 37.63 -26.66 -26.56
CA HIS C 207 38.97 -26.07 -26.52
C HIS C 207 39.36 -25.84 -25.06
N CYS C 208 40.63 -26.12 -24.76
CA CYS C 208 41.16 -25.98 -23.40
C CYS C 208 42.36 -25.05 -23.43
N ILE C 209 42.39 -24.10 -22.50
CA ILE C 209 43.51 -23.16 -22.36
C ILE C 209 43.81 -22.97 -20.89
N LEU C 210 44.90 -22.26 -20.62
CA LEU C 210 45.33 -22.01 -19.25
C LEU C 210 44.43 -20.98 -18.58
N GLY C 211 44.48 -20.96 -17.25
CA GLY C 211 43.73 -19.98 -16.48
C GLY C 211 43.96 -20.21 -15.01
N ILE C 212 43.48 -19.27 -14.20
CA ILE C 212 43.63 -19.31 -12.76
C ILE C 212 42.28 -19.55 -12.12
N GLY C 213 42.30 -20.09 -10.90
CA GLY C 213 41.09 -20.45 -10.20
C GLY C 213 40.25 -19.26 -9.77
N GLY C 214 40.86 -18.07 -9.70
CA GLY C 214 40.08 -16.89 -9.37
C GLY C 214 39.07 -16.53 -10.44
N ASP C 215 39.45 -16.72 -11.70
CA ASP C 215 38.52 -16.47 -12.80
C ASP C 215 37.35 -17.43 -12.78
N HIS C 216 37.61 -18.72 -12.53
CA HIS C 216 36.58 -19.74 -12.58
C HIS C 216 37.03 -20.93 -11.75
N ALA C 217 36.11 -21.51 -10.98
CA ALA C 217 36.45 -22.64 -10.13
C ALA C 217 36.80 -23.88 -10.94
N LYS C 218 36.47 -23.90 -12.23
CA LYS C 218 36.89 -25.02 -13.08
C LYS C 218 38.40 -25.04 -13.30
N PHE C 219 39.11 -23.97 -12.93
CA PHE C 219 40.55 -23.93 -13.04
C PHE C 219 41.28 -24.26 -11.75
N SER C 220 40.60 -24.17 -10.61
CA SER C 220 41.23 -24.40 -9.31
C SER C 220 41.79 -25.81 -9.23
N PRO C 221 43.11 -25.97 -9.23
CA PRO C 221 43.71 -27.31 -9.31
C PRO C 221 43.67 -28.10 -8.01
N VAL C 222 42.98 -27.63 -6.98
CA VAL C 222 42.88 -28.34 -5.71
C VAL C 222 41.41 -28.49 -5.35
N SER C 223 41.01 -29.70 -4.95
CA SER C 223 39.65 -29.90 -4.47
C SER C 223 39.40 -29.07 -3.23
N THR C 224 40.36 -29.05 -2.31
CA THR C 224 40.31 -28.18 -1.15
C THR C 224 41.73 -27.91 -0.70
N ALA C 225 41.90 -26.80 0.01
CA ALA C 225 43.23 -26.41 0.50
C ALA C 225 43.02 -25.51 1.72
N SER C 226 43.26 -26.06 2.89
CA SER C 226 43.05 -25.34 4.13
C SER C 226 44.15 -25.72 5.11
N TYR C 227 43.97 -25.35 6.37
CA TYR C 227 44.89 -25.72 7.43
C TYR C 227 44.13 -25.75 8.75
N ARG C 228 44.86 -26.00 9.83
CA ARG C 228 44.27 -25.97 11.16
C ARG C 228 45.41 -25.84 12.17
N LEU C 229 45.33 -24.84 13.03
CA LEU C 229 46.27 -24.74 14.12
C LEU C 229 46.18 -25.99 14.99
N LEU C 230 47.33 -26.54 15.34
CA LEU C 230 47.36 -27.78 16.09
C LEU C 230 46.68 -27.55 17.43
N PRO C 231 45.62 -28.30 17.76
CA PRO C 231 44.94 -28.08 19.04
C PRO C 231 45.88 -28.35 20.20
N GLN C 232 45.72 -27.55 21.25
CA GLN C 232 46.55 -27.67 22.44
C GLN C 232 45.63 -27.90 23.63
N ILE C 233 45.78 -29.05 24.28
CA ILE C 233 44.97 -29.42 25.43
C ILE C 233 45.86 -29.37 26.65
N ASN C 234 45.59 -28.42 27.55
CA ASN C 234 46.36 -28.23 28.76
C ASN C 234 45.57 -28.71 29.96
N ILE C 235 46.16 -29.58 30.75
CA ILE C 235 45.52 -30.14 31.94
C ILE C 235 46.03 -29.38 33.15
N LEU C 236 45.11 -28.86 33.95
CA LEU C 236 45.45 -28.07 35.13
C LEU C 236 45.40 -28.90 36.41
N GLN C 237 44.25 -29.51 36.69
CA GLN C 237 44.27 -30.36 37.88
C GLN C 237 44.49 -31.82 37.46
N PRO C 238 45.27 -32.57 38.24
CA PRO C 238 45.48 -33.98 37.90
C PRO C 238 44.17 -34.75 37.89
N ILE C 239 44.05 -35.67 36.93
CA ILE C 239 42.86 -36.50 36.78
C ILE C 239 43.29 -37.96 36.86
N LYS C 240 42.65 -38.72 37.75
CA LYS C 240 42.97 -40.13 37.94
C LYS C 240 41.68 -40.92 38.11
N GLY C 241 41.80 -42.24 38.06
CA GLY C 241 40.66 -43.10 38.29
C GLY C 241 39.72 -43.14 37.10
N GLU C 242 38.45 -43.44 37.40
CA GLU C 242 37.43 -43.50 36.36
C GLU C 242 37.22 -42.15 35.67
N SER C 243 37.53 -41.05 36.35
CA SER C 243 37.43 -39.74 35.72
C SER C 243 38.40 -39.64 34.54
N ALA C 244 39.61 -40.16 34.70
CA ALA C 244 40.56 -40.18 33.58
C ALA C 244 40.07 -41.11 32.48
N ARG C 245 39.40 -42.20 32.83
CA ARG C 245 38.91 -43.14 31.82
C ARG C 245 37.88 -42.48 30.91
N ARG C 246 36.99 -41.66 31.47
CA ARG C 246 36.03 -40.94 30.66
C ARG C 246 36.61 -39.68 30.03
N PHE C 247 37.77 -39.21 30.50
CA PHE C 247 38.39 -38.04 29.89
C PHE C 247 38.76 -38.31 28.44
N GLN C 248 39.36 -39.47 28.16
CA GLN C 248 39.69 -39.82 26.79
C GLN C 248 38.45 -40.15 25.97
N LYS C 249 37.34 -40.49 26.63
CA LYS C 249 36.10 -40.75 25.91
C LYS C 249 35.54 -39.48 25.30
N CYS C 250 35.85 -38.32 25.88
CA CYS C 250 35.40 -37.03 25.37
C CYS C 250 36.29 -36.50 24.25
N PHE C 251 37.33 -37.23 23.87
CA PHE C 251 38.21 -36.87 22.78
C PHE C 251 38.18 -37.97 21.73
N PRO C 252 38.77 -37.76 20.55
CA PRO C 252 39.01 -38.88 19.66
C PRO C 252 39.88 -39.92 20.35
N PRO C 253 39.70 -41.20 20.01
CA PRO C 253 40.36 -42.26 20.80
C PRO C 253 41.87 -42.16 20.85
N GLY C 254 42.51 -41.67 19.78
CA GLY C 254 43.95 -41.60 19.72
C GLY C 254 44.57 -40.34 20.28
N VAL C 255 43.78 -39.49 20.93
CA VAL C 255 44.30 -38.22 21.44
C VAL C 255 44.84 -38.36 22.85
N ILE C 256 44.08 -38.98 23.74
CA ILE C 256 44.41 -39.04 25.16
C ILE C 256 44.75 -40.48 25.53
N GLY C 257 45.87 -40.66 26.24
CA GLY C 257 46.25 -41.93 26.79
C GLY C 257 46.18 -41.94 28.31
N ILE C 258 46.52 -43.09 28.87
CA ILE C 258 46.52 -43.30 30.32
C ILE C 258 47.92 -43.66 30.76
N ASP C 259 48.44 -42.94 31.74
CA ASP C 259 49.74 -43.27 32.34
C ASP C 259 49.56 -44.50 33.20
N GLU C 260 49.90 -45.67 32.65
CA GLU C 260 49.62 -46.94 33.31
C GLU C 260 50.29 -47.04 34.68
N GLY C 261 51.42 -46.36 34.86
CA GLY C 261 52.09 -46.39 36.15
C GLY C 261 51.42 -45.56 37.22
N SER C 262 50.61 -44.57 36.82
CA SER C 262 49.95 -43.69 37.78
C SER C 262 48.47 -43.48 37.50
N ASP C 263 47.95 -44.03 36.39
CA ASP C 263 46.56 -43.83 36.00
C ASP C 263 46.22 -42.35 35.90
N GLU C 264 47.12 -41.58 35.30
CA GLU C 264 46.98 -40.13 35.17
C GLU C 264 46.76 -39.79 33.71
N ALA C 265 45.76 -38.94 33.45
CA ALA C 265 45.46 -38.54 32.08
C ALA C 265 46.60 -37.72 31.50
N TYR C 266 46.91 -37.97 30.23
CA TYR C 266 47.96 -37.24 29.53
C TYR C 266 47.68 -37.29 28.05
N VAL C 267 48.31 -36.38 27.31
CA VAL C 267 48.10 -36.23 25.87
C VAL C 267 49.21 -36.98 25.13
N LYS C 268 48.82 -37.72 24.09
CA LYS C 268 49.77 -38.44 23.25
C LYS C 268 50.03 -37.71 21.93
N ASP C 269 48.97 -37.47 21.16
CA ASP C 269 49.07 -36.83 19.86
C ASP C 269 47.86 -35.92 19.69
N ALA C 270 48.08 -34.62 19.81
CA ALA C 270 46.99 -33.66 19.70
C ALA C 270 46.53 -33.44 18.26
N ARG C 271 47.32 -33.86 17.27
CA ARG C 271 46.91 -33.71 15.88
C ARG C 271 45.65 -34.52 15.58
N LYS C 272 45.44 -35.63 16.29
CA LYS C 272 44.28 -36.47 16.07
C LYS C 272 42.99 -35.82 16.54
N ASP C 273 43.07 -34.69 17.25
CA ASP C 273 41.88 -34.07 17.81
C ASP C 273 41.23 -33.13 16.81
N THR C 274 39.90 -33.22 16.72
CA THR C 274 39.07 -32.21 16.08
C THR C 274 38.28 -31.51 17.16
N VAL C 275 38.38 -30.18 17.22
CA VAL C 275 37.91 -29.44 18.37
C VAL C 275 36.39 -29.53 18.44
N SER C 276 35.88 -30.31 19.38
CA SER C 276 34.46 -30.42 19.64
C SER C 276 34.06 -29.88 21.00
N ARG C 277 35.02 -29.58 21.88
CA ARG C 277 34.76 -29.00 23.19
C ARG C 277 33.77 -29.85 23.98
N GLU C 278 33.87 -31.16 23.81
CA GLU C 278 32.94 -32.06 24.49
C GLU C 278 33.18 -32.11 25.99
N VAL C 279 34.43 -31.87 26.42
CA VAL C 279 34.71 -31.82 27.86
C VAL C 279 33.98 -30.64 28.50
N LEU C 280 33.91 -29.52 27.79
CA LEU C 280 33.26 -28.34 28.34
C LEU C 280 31.78 -28.56 28.61
N ARG C 281 31.17 -29.57 27.99
CA ARG C 281 29.78 -29.88 28.25
C ARG C 281 29.55 -30.52 29.61
N TYR C 282 30.61 -30.93 30.29
CA TYR C 282 30.52 -31.56 31.61
C TYR C 282 31.01 -30.57 32.66
N GLU C 283 30.13 -30.24 33.62
CA GLU C 283 30.51 -29.32 34.67
C GLU C 283 31.56 -29.89 35.60
N GLU C 284 31.70 -31.23 35.65
CA GLU C 284 32.74 -31.84 36.44
C GLU C 284 34.12 -31.58 35.85
N PHE C 285 34.22 -31.50 34.52
CA PHE C 285 35.48 -31.34 33.82
C PHE C 285 35.72 -29.91 33.37
N ALA C 286 34.83 -28.98 33.73
CA ALA C 286 34.91 -27.62 33.21
C ALA C 286 36.19 -26.92 33.67
N ASP C 287 36.55 -27.08 34.94
CA ASP C 287 37.67 -26.36 35.52
C ASP C 287 38.98 -27.14 35.48
N LYS C 288 38.98 -28.38 34.99
CA LYS C 288 40.16 -29.22 34.99
C LYS C 288 40.97 -29.14 33.71
N VAL C 289 40.50 -28.41 32.69
CA VAL C 289 41.15 -28.41 31.39
C VAL C 289 40.83 -27.10 30.69
N LYS C 290 41.76 -26.66 29.83
CA LYS C 290 41.60 -25.46 29.03
C LYS C 290 42.11 -25.76 27.62
N LEU C 291 41.19 -25.84 26.66
CA LEU C 291 41.55 -26.10 25.27
C LEU C 291 41.86 -24.79 24.56
N GLY C 292 43.04 -24.72 23.95
CA GLY C 292 43.45 -23.54 23.21
C GLY C 292 43.93 -23.94 21.83
N ARG C 293 45.03 -23.31 21.41
CA ARG C 293 45.63 -23.61 20.11
C ARG C 293 47.06 -23.12 20.10
N VAL C 294 47.84 -23.69 19.21
CA VAL C 294 49.22 -23.24 18.96
C VAL C 294 49.18 -22.38 17.71
N ARG C 295 49.30 -21.06 17.90
CA ARG C 295 49.05 -20.10 16.83
C ARG C 295 50.11 -20.10 15.74
N ASN C 296 51.08 -21.02 15.76
CA ASN C 296 52.11 -21.07 14.74
C ASN C 296 52.34 -22.48 14.20
N HIS C 297 51.43 -23.40 14.50
CA HIS C 297 51.55 -24.80 14.09
C HIS C 297 50.45 -25.08 13.06
N PHE C 298 50.76 -24.86 11.79
CA PHE C 298 49.80 -25.02 10.71
C PHE C 298 49.88 -26.43 10.15
N ILE C 299 48.73 -27.09 10.02
CA ILE C 299 48.66 -28.42 9.44
C ILE C 299 47.96 -28.34 8.09
N PHE C 300 48.74 -28.22 7.03
CA PHE C 300 48.18 -28.08 5.70
C PHE C 300 47.54 -29.39 5.24
N ASN C 301 46.73 -29.29 4.19
CA ASN C 301 46.10 -30.47 3.60
C ASN C 301 45.72 -30.12 2.16
N VAL C 302 46.44 -30.67 1.20
CA VAL C 302 46.26 -30.34 -0.21
C VAL C 302 45.74 -31.58 -0.92
N GLU C 303 44.49 -31.50 -1.41
CA GLU C 303 43.89 -32.55 -2.21
C GLU C 303 43.83 -32.05 -3.65
N SER C 304 44.58 -32.71 -4.54
CA SER C 304 44.69 -32.23 -5.91
C SER C 304 43.50 -32.69 -6.75
N ALA C 305 43.38 -32.10 -7.93
CA ALA C 305 42.36 -32.47 -8.90
C ALA C 305 42.88 -33.44 -9.95
N GLY C 306 44.11 -33.96 -9.78
CA GLY C 306 44.70 -34.89 -10.70
C GLY C 306 45.64 -34.27 -11.71
N ALA C 307 45.56 -32.95 -11.92
CA ALA C 307 46.44 -32.31 -12.89
C ALA C 307 47.89 -32.30 -12.39
N MET C 308 48.10 -31.97 -11.12
CA MET C 308 49.44 -31.90 -10.56
C MET C 308 49.45 -32.58 -9.19
N THR C 309 50.63 -33.04 -8.80
CA THR C 309 50.81 -33.54 -7.45
C THR C 309 50.68 -32.40 -6.45
N PRO C 310 50.17 -32.69 -5.24
CA PRO C 310 50.04 -31.62 -4.23
C PRO C 310 51.36 -30.94 -3.89
N GLU C 311 52.47 -31.68 -3.90
CA GLU C 311 53.76 -31.05 -3.68
C GLU C 311 54.08 -30.06 -4.78
N GLU C 312 53.78 -30.42 -6.03
CA GLU C 312 54.01 -29.49 -7.14
C GLU C 312 53.10 -28.28 -7.02
N ILE C 313 51.87 -28.48 -6.54
CA ILE C 313 50.95 -27.35 -6.35
C ILE C 313 51.51 -26.39 -5.30
N PHE C 314 52.01 -26.93 -4.18
CA PHE C 314 52.59 -26.09 -3.15
C PHE C 314 53.82 -25.35 -3.65
N PHE C 315 54.66 -26.04 -4.42
CA PHE C 315 55.84 -25.39 -4.99
C PHE C 315 55.44 -24.25 -5.91
N LYS C 316 54.42 -24.47 -6.75
CA LYS C 316 53.96 -23.42 -7.65
C LYS C 316 53.40 -22.24 -6.87
N SER C 317 52.68 -22.51 -5.77
CA SER C 317 52.17 -21.42 -4.95
C SER C 317 53.30 -20.58 -4.36
N VAL C 318 54.32 -21.25 -3.81
CA VAL C 318 55.45 -20.52 -3.23
C VAL C 318 56.17 -19.71 -4.29
N ARG C 319 56.41 -20.31 -5.46
CA ARG C 319 57.07 -19.59 -6.54
C ARG C 319 56.23 -18.40 -7.01
N ILE C 320 54.90 -18.55 -7.00
CA ILE C 320 54.02 -17.46 -7.39
C ILE C 320 54.14 -16.30 -6.41
N LEU C 321 54.15 -16.59 -5.12
CA LEU C 321 54.31 -15.52 -4.13
C LEU C 321 55.66 -14.83 -4.29
N LYS C 322 56.73 -15.60 -4.47
CA LYS C 322 58.05 -15.02 -4.63
C LYS C 322 58.12 -14.15 -5.87
N ASN C 323 57.52 -14.60 -6.97
CA ASN C 323 57.53 -13.81 -8.20
C ASN C 323 56.66 -12.57 -8.07
N LYS C 324 55.57 -12.64 -7.31
CA LYS C 324 54.80 -11.45 -7.01
C LYS C 324 55.66 -10.40 -6.32
N ALA C 325 56.38 -10.83 -5.27
CA ALA C 325 57.26 -9.90 -4.57
C ALA C 325 58.34 -9.35 -5.50
N GLU C 326 58.92 -10.22 -6.33
CA GLU C 326 59.98 -9.77 -7.24
C GLU C 326 59.46 -8.75 -8.25
N TYR C 327 58.27 -8.99 -8.80
CA TYR C 327 57.69 -8.04 -9.74
C TYR C 327 57.39 -6.71 -9.07
N LEU C 328 56.86 -6.74 -7.85
CA LEU C 328 56.61 -5.50 -7.13
C LEU C 328 57.91 -4.74 -6.87
N LYS C 329 58.98 -5.47 -6.52
CA LYS C 329 60.26 -4.81 -6.26
C LYS C 329 60.84 -4.20 -7.54
N ASN C 330 60.73 -4.90 -8.67
CA ASN C 330 61.36 -4.44 -9.89
C ASN C 330 60.49 -3.46 -10.68
N CYS C 331 59.23 -3.28 -10.31
CA CYS C 331 58.44 -2.28 -11.03
C CYS C 331 58.75 -0.88 -10.50
N PRO C 332 59.18 0.05 -11.36
CA PRO C 332 59.55 1.39 -10.86
C PRO C 332 58.35 2.12 -10.29
N ILE C 333 58.55 2.75 -9.14
CA ILE C 333 57.49 3.45 -8.43
C ILE C 333 57.39 4.87 -8.95
N THR C 334 56.37 5.15 -9.75
CA THR C 334 56.23 6.45 -10.40
C THR C 334 55.28 7.34 -9.60
N GLN C 335 55.05 8.54 -10.13
CA GLN C 335 54.18 9.56 -9.55
C GLN C 335 54.58 9.83 -8.09
N THR D 12 17.49 31.05 -37.70
CA THR D 12 18.22 31.88 -36.75
C THR D 12 17.29 32.88 -36.08
N ALA D 13 17.82 34.07 -35.79
CA ALA D 13 17.06 35.16 -35.19
C ALA D 13 16.43 34.75 -33.86
N THR D 14 17.29 34.42 -32.91
CA THR D 14 16.88 34.07 -31.56
C THR D 14 17.18 35.23 -30.61
N THR D 15 16.96 35.00 -29.31
CA THR D 15 17.25 36.02 -28.31
C THR D 15 18.72 36.34 -28.20
N LEU D 16 19.61 35.50 -28.76
CA LEU D 16 21.03 35.77 -28.72
C LEU D 16 21.43 36.93 -29.62
N ASN D 17 20.59 37.31 -30.58
CA ASN D 17 20.93 38.35 -31.53
C ASN D 17 19.85 39.40 -31.73
N THR D 18 18.65 39.22 -31.20
CA THR D 18 17.58 40.18 -31.37
C THR D 18 17.02 40.58 -30.01
N PRO D 19 16.70 41.86 -29.81
CA PRO D 19 16.09 42.28 -28.55
C PRO D 19 14.71 41.67 -28.37
N VAL D 20 14.34 41.48 -27.10
CA VAL D 20 13.03 40.91 -26.79
C VAL D 20 11.92 41.84 -27.24
N VAL D 21 12.01 43.12 -26.85
CA VAL D 21 11.05 44.13 -27.25
C VAL D 21 11.81 45.34 -27.76
N ILE D 22 11.28 45.98 -28.80
CA ILE D 22 11.97 47.05 -29.50
C ILE D 22 11.09 48.31 -29.45
N HIS D 23 10.34 48.45 -28.35
CA HIS D 23 9.46 49.60 -28.21
C HIS D 23 10.23 50.91 -28.35
N ALA D 24 9.68 51.81 -29.15
CA ALA D 24 10.29 53.11 -29.40
C ALA D 24 9.64 54.15 -28.49
N THR D 25 10.47 54.81 -27.71
CA THR D 25 10.03 55.86 -26.80
C THR D 25 10.34 57.23 -27.40
N GLN D 26 9.90 58.27 -26.70
CA GLN D 26 9.70 59.61 -27.25
C GLN D 26 9.12 59.51 -28.66
N LEU D 27 9.80 60.10 -29.63
CA LEU D 27 9.28 60.27 -30.98
C LEU D 27 10.45 60.54 -31.90
N PRO D 28 10.22 60.58 -33.21
CA PRO D 28 11.23 61.18 -34.09
C PRO D 28 11.56 62.61 -33.71
N GLN D 29 12.80 62.89 -33.32
CA GLN D 29 13.20 64.24 -32.92
C GLN D 29 14.32 64.82 -33.79
N HIS D 30 14.26 64.65 -35.10
CA HIS D 30 15.23 65.27 -36.00
C HIS D 30 14.51 65.71 -37.26
N VAL D 31 14.07 66.97 -37.27
CA VAL D 31 13.44 67.58 -38.44
C VAL D 31 14.11 68.92 -38.68
N SER D 32 15.27 69.12 -38.04
CA SER D 32 16.00 70.37 -38.18
C SER D 32 16.47 70.59 -39.62
N THR D 33 16.80 69.50 -40.32
CA THR D 33 17.25 69.49 -41.72
C THR D 33 18.63 70.15 -41.88
N ASP D 34 19.22 70.66 -40.80
CA ASP D 34 20.53 71.26 -40.86
C ASP D 34 21.59 70.50 -40.07
N GLU D 35 21.21 69.79 -38.99
CA GLU D 35 22.15 68.97 -38.25
C GLU D 35 22.05 67.52 -38.71
N VAL D 36 22.38 67.26 -39.99
CA VAL D 36 22.35 65.91 -40.52
C VAL D 36 23.72 65.25 -40.49
N LEU D 37 24.78 66.00 -40.18
CA LEU D 37 26.14 65.47 -40.15
C LEU D 37 26.45 64.97 -38.74
N GLN D 38 27.72 64.68 -38.47
CA GLN D 38 28.32 64.32 -37.19
C GLN D 38 28.04 62.87 -36.77
N PHE D 39 27.27 62.11 -37.56
CA PHE D 39 27.01 60.71 -37.24
C PHE D 39 27.80 59.76 -38.12
N LEU D 40 27.65 59.88 -39.45
CA LEU D 40 28.39 58.99 -40.35
C LEU D 40 29.90 59.26 -40.27
N GLU D 41 30.29 60.50 -40.01
CA GLU D 41 31.69 60.82 -39.79
C GLU D 41 32.19 60.35 -38.43
N SER D 42 31.29 59.95 -37.53
CA SER D 42 31.66 59.50 -36.20
C SER D 42 31.30 58.06 -35.91
N PHE D 43 30.37 57.46 -36.66
CA PHE D 43 30.01 56.07 -36.42
C PHE D 43 31.19 55.13 -36.68
N ILE D 44 31.91 55.33 -37.78
CA ILE D 44 33.06 54.49 -38.08
C ILE D 44 34.18 54.72 -37.08
N ASP D 45 34.23 55.92 -36.47
CA ASP D 45 35.22 56.18 -35.44
C ASP D 45 35.03 55.27 -34.24
N GLU D 46 33.78 55.05 -33.84
CA GLU D 46 33.46 54.19 -32.72
C GLU D 46 33.27 52.73 -33.12
N LYS D 47 33.48 52.39 -34.39
CA LYS D 47 33.31 51.01 -34.85
C LYS D 47 34.62 50.24 -34.81
N GLU D 48 35.63 50.72 -35.52
CA GLU D 48 36.92 50.05 -35.58
C GLU D 48 38.00 50.73 -34.74
N ASN D 49 37.70 51.88 -34.14
CA ASN D 49 38.68 52.60 -33.34
C ASN D 49 38.12 52.92 -31.96
N THR D 80 33.80 46.05 -36.64
CA THR D 80 33.94 45.00 -37.64
C THR D 80 32.67 44.15 -37.72
N ASN D 81 31.54 44.81 -37.97
CA ASN D 81 30.25 44.13 -38.04
C ASN D 81 29.98 43.71 -39.48
N LEU D 82 29.87 42.40 -39.70
CA LEU D 82 29.59 41.87 -41.03
C LEU D 82 28.97 40.49 -40.87
N SER D 83 27.85 40.25 -41.56
CA SER D 83 27.22 38.94 -41.52
C SER D 83 27.68 38.06 -42.68
N SER D 84 27.39 38.45 -43.90
CA SER D 84 27.97 37.80 -45.06
C SER D 84 28.56 38.79 -46.06
N SER D 85 27.90 39.92 -46.30
CA SER D 85 28.38 40.94 -47.20
C SER D 85 27.59 42.23 -47.04
N ILE D 86 28.27 43.34 -46.77
CA ILE D 86 27.63 44.66 -46.68
C ILE D 86 28.43 45.64 -47.52
N SER D 87 27.74 46.39 -48.37
CA SER D 87 28.41 47.35 -49.24
C SER D 87 27.73 48.71 -49.31
N GLN D 88 26.48 48.85 -48.87
CA GLN D 88 25.80 50.13 -48.96
C GLN D 88 26.33 51.14 -47.96
N LEU D 89 26.97 50.69 -46.89
CA LEU D 89 27.58 51.61 -45.93
C LEU D 89 28.75 52.38 -46.54
N LYS D 90 29.40 51.83 -47.55
CA LYS D 90 30.54 52.48 -48.20
C LYS D 90 30.14 53.44 -49.30
N ARG D 91 28.84 53.55 -49.60
CA ARG D 91 28.39 54.45 -50.66
C ARG D 91 27.17 55.28 -50.24
N ILE D 92 26.89 55.36 -48.94
CA ILE D 92 25.72 56.09 -48.45
C ILE D 92 26.08 57.40 -47.77
N GLN D 93 27.36 57.66 -47.52
CA GLN D 93 27.77 58.88 -46.85
C GLN D 93 28.07 60.02 -47.82
N ARG D 94 28.69 59.71 -48.96
CA ARG D 94 29.10 60.75 -49.90
C ARG D 94 27.93 61.36 -50.67
N ASP D 95 26.73 60.78 -50.58
CA ASP D 95 25.60 61.34 -51.30
C ASP D 95 25.25 62.74 -50.81
N PHE D 96 25.22 62.93 -49.49
CA PHE D 96 24.89 64.24 -48.94
C PHE D 96 26.03 65.23 -49.07
N LYS D 97 27.27 64.75 -49.11
CA LYS D 97 28.44 65.62 -49.10
C LYS D 97 28.88 65.98 -50.53
N GLY D 98 29.19 64.98 -51.33
CA GLY D 98 29.69 65.23 -52.67
C GLY D 98 29.10 64.32 -53.73
N LEU D 99 29.97 63.66 -54.50
CA LEU D 99 29.55 62.79 -55.58
C LEU D 99 30.17 61.41 -55.40
N PRO D 100 29.49 60.35 -55.89
CA PRO D 100 30.03 58.99 -55.79
C PRO D 100 31.29 58.78 -56.61
N GLU E 4 -34.03 28.23 45.08
CA GLU E 4 -34.51 28.69 43.78
C GLU E 4 -34.29 30.19 43.63
N ASN E 5 -34.91 30.96 44.52
CA ASN E 5 -34.75 32.41 44.48
C ASN E 5 -33.31 32.80 44.75
N GLU E 6 -32.66 32.14 45.72
CA GLU E 6 -31.26 32.42 46.00
C GLU E 6 -30.38 32.09 44.81
N ARG E 7 -30.68 30.99 44.12
CA ARG E 7 -29.91 30.62 42.93
C ARG E 7 -30.08 31.65 41.82
N ASN E 8 -31.31 32.11 41.60
CA ASN E 8 -31.56 33.13 40.58
C ASN E 8 -30.84 34.43 40.92
N ILE E 9 -30.86 34.81 42.20
CA ILE E 9 -30.17 36.03 42.63
C ILE E 9 -28.67 35.88 42.42
N SER E 10 -28.12 34.71 42.75
CA SER E 10 -26.69 34.48 42.54
C SER E 10 -26.33 34.57 41.06
N ARG E 11 -27.17 34.00 40.18
CA ARG E 11 -26.91 34.08 38.75
C ARG E 11 -26.96 35.52 38.26
N LEU E 12 -27.96 36.29 38.71
CA LEU E 12 -28.04 37.70 38.34
C LEU E 12 -26.82 38.46 38.81
N TRP E 13 -26.38 38.20 40.05
CA TRP E 13 -25.17 38.80 40.60
C TRP E 13 -23.98 38.51 39.72
N ARG E 14 -23.78 37.23 39.36
CA ARG E 14 -22.62 36.85 38.56
C ARG E 14 -22.66 37.53 37.19
N ALA E 15 -23.86 37.65 36.61
CA ALA E 15 -23.99 38.39 35.37
C ALA E 15 -23.59 39.85 35.54
N PHE E 16 -24.00 40.46 36.66
CA PHE E 16 -23.63 41.84 36.94
C PHE E 16 -22.12 41.98 37.07
N ARG E 17 -21.48 41.05 37.77
CA ARG E 17 -20.03 41.07 37.92
C ARG E 17 -19.33 40.95 36.57
N THR E 18 -19.83 40.06 35.71
CA THR E 18 -19.26 39.93 34.37
C THR E 18 -19.44 41.21 33.57
N VAL E 19 -20.60 41.87 33.71
CA VAL E 19 -20.83 43.12 32.99
C VAL E 19 -19.86 44.21 33.46
N LYS E 20 -19.67 44.32 34.77
CA LYS E 20 -18.73 45.31 35.29
C LYS E 20 -17.31 45.02 34.82
N GLU E 21 -16.91 43.74 34.86
CA GLU E 21 -15.57 43.37 34.42
C GLU E 21 -15.38 43.64 32.93
N MET E 22 -16.41 43.36 32.12
CA MET E 22 -16.32 43.60 30.70
C MET E 22 -16.23 45.10 30.39
N VAL E 23 -16.94 45.93 31.16
CA VAL E 23 -16.83 47.38 30.99
C VAL E 23 -15.42 47.84 31.35
N LYS E 24 -14.89 47.35 32.47
CA LYS E 24 -13.55 47.72 32.89
C LYS E 24 -12.51 47.32 31.85
N ASP E 25 -12.64 46.09 31.32
CA ASP E 25 -11.73 45.63 30.27
C ASP E 25 -11.84 46.51 29.03
N ARG E 26 -13.08 46.89 28.66
CA ARG E 26 -13.26 47.80 27.54
C ARG E 26 -12.57 49.13 27.79
N GLY E 27 -12.48 49.56 29.05
CA GLY E 27 -11.65 50.71 29.37
C GLY E 27 -12.36 51.88 30.01
N TYR E 28 -13.42 51.62 30.76
CA TYR E 28 -14.12 52.66 31.49
C TYR E 28 -13.77 52.60 32.97
N PHE E 29 -13.98 53.72 33.66
CA PHE E 29 -13.58 53.84 35.05
C PHE E 29 -14.44 52.91 35.91
N ILE E 30 -13.84 51.82 36.37
CA ILE E 30 -14.50 50.89 37.28
C ILE E 30 -13.49 50.49 38.36
N THR E 31 -13.93 50.54 39.62
CA THR E 31 -13.06 50.17 40.73
C THR E 31 -13.22 48.69 41.07
N GLN E 32 -12.53 48.25 42.12
CA GLN E 32 -12.69 46.88 42.59
C GLN E 32 -14.02 46.69 43.29
N GLU E 33 -14.59 47.77 43.84
CA GLU E 33 -15.94 47.72 44.32
C GLU E 33 -16.92 47.77 43.14
N GLU E 34 -18.13 47.26 43.37
CA GLU E 34 -19.14 46.96 42.36
C GLU E 34 -18.72 45.81 41.47
N VAL E 35 -17.50 45.29 41.63
CA VAL E 35 -17.05 44.07 40.99
C VAL E 35 -16.93 42.94 41.99
N GLU E 36 -16.20 43.18 43.08
CA GLU E 36 -16.10 42.21 44.18
C GLU E 36 -17.14 42.54 45.26
N LEU E 37 -18.39 42.62 44.83
CA LEU E 37 -19.49 42.94 45.74
C LEU E 37 -19.96 41.67 46.43
N PRO E 38 -19.86 41.57 47.75
CA PRO E 38 -20.22 40.32 48.43
C PRO E 38 -21.72 40.05 48.41
N LEU E 39 -22.05 38.80 48.74
CA LEU E 39 -23.45 38.38 48.79
C LEU E 39 -24.22 39.12 49.88
N GLU E 40 -23.62 39.30 51.06
CA GLU E 40 -24.33 39.98 52.13
C GLU E 40 -24.65 41.42 51.73
N ASP E 41 -23.70 42.11 51.11
CA ASP E 41 -23.94 43.46 50.63
C ASP E 41 -24.98 43.48 49.52
N PHE E 42 -24.94 42.50 48.61
CA PHE E 42 -25.92 42.46 47.53
C PHE E 42 -27.33 42.23 48.09
N LYS E 43 -27.47 41.35 49.07
CA LYS E 43 -28.77 41.10 49.66
C LYS E 43 -29.23 42.23 50.57
N ALA E 44 -28.29 43.03 51.08
CA ALA E 44 -28.68 44.23 51.83
C ALA E 44 -29.11 45.36 50.91
N LYS E 45 -28.51 45.45 49.72
CA LYS E 45 -28.77 46.58 48.83
C LYS E 45 -29.87 46.28 47.80
N TYR E 46 -29.64 45.29 46.94
CA TYR E 46 -30.54 45.00 45.82
C TYR E 46 -31.58 43.95 46.18
N CYS E 47 -32.31 44.15 47.28
CA CYS E 47 -33.33 43.21 47.68
C CYS E 47 -34.52 43.95 48.27
N ASP E 48 -35.69 43.35 48.15
CA ASP E 48 -36.92 43.88 48.71
C ASP E 48 -37.13 43.32 50.10
N SER E 49 -38.35 43.50 50.65
CA SER E 49 -38.68 42.88 51.92
C SER E 49 -38.64 41.37 51.86
N MET E 50 -38.74 40.79 50.66
CA MET E 50 -38.61 39.35 50.47
C MET E 50 -37.40 38.95 49.65
N GLY E 51 -36.77 39.89 48.94
CA GLY E 51 -35.55 39.59 48.21
C GLY E 51 -35.73 39.52 46.71
N ARG E 52 -36.57 40.40 46.15
CA ARG E 52 -36.78 40.42 44.71
C ARG E 52 -35.59 41.07 44.01
N PRO E 53 -35.32 40.68 42.76
CA PRO E 53 -34.16 41.25 42.05
C PRO E 53 -34.20 42.76 41.88
N GLN E 54 -35.39 43.33 41.67
CA GLN E 54 -35.60 44.76 41.39
C GLN E 54 -34.51 45.32 40.49
N ARG E 55 -34.41 44.73 39.29
CA ARG E 55 -33.32 45.02 38.36
C ARG E 55 -33.41 46.40 37.73
N LYS E 56 -34.44 47.19 38.05
CA LYS E 56 -34.54 48.52 37.46
C LYS E 56 -33.38 49.41 37.88
N MET E 57 -32.97 49.33 39.14
CA MET E 57 -31.91 50.17 39.68
C MET E 57 -30.52 49.58 39.46
N MET E 58 -30.41 48.45 38.75
CA MET E 58 -29.12 47.86 38.44
C MET E 58 -28.44 48.54 37.25
N SER E 59 -29.15 49.40 36.53
CA SER E 59 -28.54 50.11 35.39
C SER E 59 -27.51 51.12 35.88
N PHE E 60 -26.55 51.41 35.01
CA PHE E 60 -25.50 52.37 35.34
C PHE E 60 -24.89 52.92 34.06
N GLN E 61 -24.06 53.94 34.23
CA GLN E 61 -23.32 54.54 33.14
C GLN E 61 -21.84 54.18 33.25
N ALA E 62 -21.12 54.35 32.14
CA ALA E 62 -19.69 54.13 32.10
C ALA E 62 -19.03 55.30 31.40
N ASN E 63 -18.07 55.92 32.07
CA ASN E 63 -17.30 57.03 31.50
C ASN E 63 -15.86 56.60 31.29
N PRO E 64 -15.20 57.09 30.24
CA PRO E 64 -13.82 56.68 29.97
C PRO E 64 -12.86 57.21 31.02
N THR E 65 -11.79 56.45 31.23
CA THR E 65 -10.70 56.91 32.08
C THR E 65 -9.82 57.88 31.31
N GLU E 66 -8.94 58.58 32.03
CA GLU E 66 -8.01 59.48 31.37
C GLU E 66 -7.06 58.73 30.44
N GLU E 67 -6.59 57.56 30.88
CA GLU E 67 -5.74 56.74 30.02
C GLU E 67 -6.51 56.27 28.79
N SER E 68 -7.76 55.88 28.96
CA SER E 68 -8.57 55.46 27.82
C SER E 68 -8.79 56.62 26.85
N ILE E 69 -8.99 57.83 27.36
CA ILE E 69 -9.14 58.99 26.49
C ILE E 69 -7.85 59.27 25.74
N SER E 70 -6.71 59.17 26.43
CA SER E 70 -5.42 59.41 25.77
C SER E 70 -5.18 58.38 24.67
N LYS E 71 -5.50 57.12 24.92
CA LYS E 71 -5.32 56.09 23.90
C LYS E 71 -6.30 56.28 22.74
N PHE E 72 -7.58 56.44 23.06
CA PHE E 72 -8.63 56.61 22.06
C PHE E 72 -9.29 57.96 22.27
N PRO E 73 -8.89 59.00 21.53
CA PRO E 73 -9.49 60.33 21.73
C PRO E 73 -10.98 60.38 21.44
N ASP E 74 -11.51 59.45 20.65
CA ASP E 74 -12.90 59.46 20.24
C ASP E 74 -13.78 58.53 21.08
N MET E 75 -13.23 57.94 22.15
CA MET E 75 -14.01 57.01 22.96
C MET E 75 -15.09 57.78 23.71
N GLY E 76 -16.33 57.30 23.61
CA GLY E 76 -17.47 57.97 24.16
C GLY E 76 -17.98 57.34 25.45
N SER E 77 -19.25 57.58 25.74
CA SER E 77 -19.88 57.09 26.96
C SER E 77 -20.66 55.81 26.67
N LEU E 78 -21.01 55.11 27.74
CA LEU E 78 -21.72 53.83 27.65
C LEU E 78 -22.90 53.82 28.60
N TRP E 79 -23.95 53.10 28.20
CA TRP E 79 -25.16 52.95 29.00
C TRP E 79 -25.59 51.49 28.98
N VAL E 80 -26.18 51.04 30.09
CA VAL E 80 -26.69 49.68 30.22
C VAL E 80 -28.08 49.74 30.84
N GLU E 81 -28.84 48.66 30.64
CA GLU E 81 -30.16 48.53 31.24
C GLU E 81 -30.54 47.05 31.27
N PHE E 82 -31.06 46.61 32.41
CA PHE E 82 -31.48 45.22 32.59
C PHE E 82 -33.00 45.18 32.61
N CYS E 83 -33.59 44.39 31.71
CA CYS E 83 -35.04 44.31 31.59
C CYS E 83 -35.63 43.55 32.77
N ASP E 84 -36.68 44.12 33.37
CA ASP E 84 -37.34 43.45 34.49
C ASP E 84 -38.21 42.29 34.01
N GLU E 85 -38.96 42.50 32.92
CA GLU E 85 -39.89 41.50 32.45
C GLU E 85 -39.15 40.29 31.86
N PRO E 86 -39.74 39.09 31.97
CA PRO E 86 -39.03 37.90 31.47
C PRO E 86 -38.73 37.93 29.98
N SER E 87 -39.65 38.48 29.19
CA SER E 87 -39.45 38.56 27.75
C SER E 87 -38.80 39.90 27.41
N VAL E 88 -38.81 40.26 26.13
CA VAL E 88 -38.38 41.58 25.68
C VAL E 88 -39.59 42.28 25.09
N GLY E 89 -39.90 43.47 25.61
CA GLY E 89 -41.01 44.26 25.13
C GLY E 89 -40.57 45.20 24.03
N VAL E 90 -41.42 45.32 23.02
CA VAL E 90 -41.14 46.22 21.90
C VAL E 90 -40.97 47.65 22.40
N LYS E 91 -41.93 48.13 23.18
CA LYS E 91 -41.83 49.48 23.74
C LYS E 91 -40.76 49.56 24.81
N THR E 92 -40.51 48.45 25.53
CA THR E 92 -39.44 48.42 26.51
C THR E 92 -38.08 48.60 25.85
N MET E 93 -37.95 48.24 24.58
CA MET E 93 -36.71 48.55 23.90
C MET E 93 -36.75 49.90 23.22
N LYS E 94 -37.93 50.36 22.80
CA LYS E 94 -38.01 51.71 22.22
C LYS E 94 -37.61 52.77 23.23
N THR E 95 -38.05 52.62 24.48
CA THR E 95 -37.67 53.62 25.47
C THR E 95 -36.16 53.66 25.66
N PHE E 96 -35.52 52.49 25.71
CA PHE E 96 -34.07 52.44 25.85
C PHE E 96 -33.37 53.04 24.62
N VAL E 97 -33.85 52.72 23.42
CA VAL E 97 -33.18 53.17 22.22
C VAL E 97 -33.32 54.67 22.04
N ILE E 98 -34.46 55.25 22.43
CA ILE E 98 -34.60 56.71 22.37
C ILE E 98 -33.78 57.36 23.47
N HIS E 99 -33.70 56.72 24.65
CA HIS E 99 -32.92 57.31 25.74
C HIS E 99 -31.43 57.34 25.41
N ILE E 100 -30.95 56.36 24.65
CA ILE E 100 -29.53 56.32 24.27
C ILE E 100 -29.15 57.60 23.54
N GLN E 101 -29.97 58.02 22.57
CA GLN E 101 -29.71 59.27 21.87
C GLN E 101 -30.11 60.49 22.70
N GLU E 102 -31.11 60.35 23.57
CA GLU E 102 -31.54 61.48 24.39
C GLU E 102 -30.43 61.95 25.32
N LYS E 103 -29.76 61.02 26.00
CA LYS E 103 -28.64 61.36 26.87
C LYS E 103 -27.32 61.45 26.12
N ASN E 104 -27.33 61.20 24.80
CA ASN E 104 -26.15 61.29 23.95
C ASN E 104 -25.04 60.36 24.45
N PHE E 105 -25.34 59.06 24.43
CA PHE E 105 -24.37 58.03 24.75
C PHE E 105 -23.81 57.45 23.46
N GLN E 106 -22.49 57.35 23.38
CA GLN E 106 -21.86 56.84 22.17
C GLN E 106 -22.11 55.35 21.99
N THR E 107 -22.09 54.59 23.08
CA THR E 107 -22.28 53.15 23.02
C THR E 107 -23.41 52.72 23.94
N GLY E 108 -24.13 51.69 23.51
CA GLY E 108 -25.23 51.16 24.29
C GLY E 108 -25.18 49.66 24.46
N ILE E 109 -25.25 49.19 25.71
CA ILE E 109 -25.23 47.76 26.02
C ILE E 109 -26.59 47.39 26.59
N PHE E 110 -27.19 46.34 26.03
CA PHE E 110 -28.51 45.89 26.45
C PHE E 110 -28.44 44.44 26.90
N VAL E 111 -29.18 44.12 27.96
CA VAL E 111 -29.25 42.77 28.51
C VAL E 111 -30.70 42.38 28.68
N TYR E 112 -31.04 41.16 28.26
CA TYR E 112 -32.38 40.62 28.39
C TYR E 112 -32.35 39.35 29.24
N GLN E 113 -33.52 38.78 29.48
CA GLN E 113 -33.63 37.62 30.36
C GLN E 113 -33.54 36.31 29.60
N ASN E 114 -34.48 36.05 28.69
CA ASN E 114 -34.52 34.79 27.97
C ASN E 114 -34.39 34.97 26.46
N ASN E 115 -35.22 35.80 25.85
CA ASN E 115 -35.24 35.96 24.40
C ASN E 115 -35.70 37.36 24.06
N ILE E 116 -35.40 37.79 22.83
CA ILE E 116 -35.67 39.14 22.36
C ILE E 116 -36.33 39.06 20.99
N THR E 117 -37.31 39.92 20.76
CA THR E 117 -38.09 39.86 19.52
C THR E 117 -37.22 40.20 18.31
N PRO E 118 -37.29 39.38 17.24
CA PRO E 118 -36.47 39.63 16.05
C PRO E 118 -36.53 41.05 15.48
N SER E 119 -37.58 41.82 15.77
CA SER E 119 -37.67 43.18 15.26
C SER E 119 -36.51 44.04 15.76
N ALA E 120 -36.07 43.80 16.99
CA ALA E 120 -34.94 44.57 17.52
C ALA E 120 -33.68 44.34 16.70
N MET E 121 -33.45 43.09 16.27
CA MET E 121 -32.32 42.81 15.39
C MET E 121 -32.34 43.73 14.18
N LYS E 122 -33.51 43.90 13.58
CA LYS E 122 -33.64 44.81 12.46
C LYS E 122 -33.53 46.27 12.88
N LEU E 123 -33.76 46.58 14.16
CA LEU E 123 -33.82 47.98 14.58
C LEU E 123 -32.58 48.45 15.35
N VAL E 124 -31.84 47.55 16.00
CA VAL E 124 -30.69 48.00 16.80
C VAL E 124 -29.64 48.77 15.98
N PRO E 125 -29.28 48.38 14.73
CA PRO E 125 -28.26 49.21 14.05
C PRO E 125 -28.90 50.33 13.23
N SER E 126 -29.54 51.28 13.92
CA SER E 126 -30.32 52.31 13.25
C SER E 126 -29.89 53.74 13.57
N ILE E 127 -29.10 53.96 14.61
CA ILE E 127 -28.76 55.32 15.00
C ILE E 127 -27.25 55.49 15.00
N PRO E 128 -26.64 55.82 13.86
CA PRO E 128 -25.21 56.11 13.85
C PRO E 128 -24.94 57.49 14.46
N PRO E 129 -23.76 57.69 15.06
CA PRO E 129 -22.66 56.74 15.21
C PRO E 129 -22.82 55.88 16.45
N ALA E 130 -23.96 55.99 17.14
CA ALA E 130 -24.18 55.19 18.34
C ALA E 130 -24.28 53.71 17.98
N THR E 131 -23.62 52.88 18.77
CA THR E 131 -23.62 51.44 18.58
C THR E 131 -24.34 50.78 19.74
N ILE E 132 -25.24 49.85 19.43
CA ILE E 132 -26.05 49.16 20.41
C ILE E 132 -25.74 47.68 20.34
N GLU E 133 -25.44 47.08 21.49
CA GLU E 133 -25.18 45.66 21.59
C GLU E 133 -26.13 45.03 22.59
N THR E 134 -26.34 43.73 22.45
CA THR E 134 -27.27 43.00 23.29
C THR E 134 -26.61 41.74 23.83
N PHE E 135 -26.86 41.45 25.10
CA PHE E 135 -26.33 40.27 25.77
C PHE E 135 -27.45 39.59 26.55
N ASN E 136 -27.15 38.42 27.10
CA ASN E 136 -28.14 37.62 27.79
C ASN E 136 -27.66 37.30 29.20
N GLU E 137 -28.60 37.28 30.15
CA GLU E 137 -28.25 37.06 31.54
C GLU E 137 -27.64 35.68 31.76
N ALA E 138 -28.26 34.65 31.19
CA ALA E 138 -27.77 33.29 31.38
C ALA E 138 -26.51 33.00 30.59
N ALA E 139 -26.16 33.85 29.63
CA ALA E 139 -24.92 33.68 28.87
C ALA E 139 -23.73 34.36 29.53
N LEU E 140 -23.95 35.11 30.60
CA LEU E 140 -22.88 35.81 31.31
C LEU E 140 -22.75 35.32 32.74
N VAL E 141 -23.16 34.08 33.01
CA VAL E 141 -23.06 33.54 34.36
C VAL E 141 -21.60 33.49 34.80
N VAL E 142 -20.70 33.15 33.88
CA VAL E 142 -19.27 33.16 34.14
C VAL E 142 -18.57 33.86 32.98
N ASN E 143 -17.59 34.69 33.30
CA ASN E 143 -16.82 35.39 32.29
C ASN E 143 -16.03 34.40 31.44
N ILE E 144 -15.82 34.76 30.18
CA ILE E 144 -15.05 33.91 29.27
C ILE E 144 -13.58 34.30 29.20
N THR E 145 -13.22 35.54 29.53
CA THR E 145 -11.82 35.94 29.48
C THR E 145 -11.01 35.35 30.62
N HIS E 146 -11.66 34.82 31.66
CA HIS E 146 -10.95 34.20 32.76
C HIS E 146 -10.55 32.76 32.49
N HIS E 147 -11.01 32.18 31.38
CA HIS E 147 -10.71 30.79 31.08
C HIS E 147 -9.24 30.63 30.68
N GLU E 148 -8.69 29.45 30.96
CA GLU E 148 -7.27 29.22 30.74
C GLU E 148 -6.92 29.20 29.25
N LEU E 149 -7.75 28.56 28.42
CA LEU E 149 -7.47 28.51 26.99
C LEU E 149 -7.57 29.89 26.35
N VAL E 150 -8.47 30.73 26.84
CA VAL E 150 -8.66 32.06 26.26
C VAL E 150 -7.47 32.93 26.64
N PRO E 151 -6.72 33.45 25.68
CA PRO E 151 -5.59 34.31 26.01
C PRO E 151 -6.04 35.70 26.43
N LYS E 152 -5.10 36.61 26.64
CA LYS E 152 -5.40 37.98 27.01
C LYS E 152 -5.64 38.78 25.73
N HIS E 153 -6.90 39.05 25.44
CA HIS E 153 -7.28 39.89 24.31
C HIS E 153 -7.28 41.35 24.76
N ILE E 154 -6.51 42.18 24.06
CA ILE E 154 -6.43 43.61 24.36
C ILE E 154 -6.59 44.38 23.07
N ARG E 155 -7.51 45.34 23.05
CA ARG E 155 -7.71 46.15 21.86
C ARG E 155 -6.47 46.99 21.57
N LEU E 156 -6.22 47.20 20.28
CA LEU E 156 -5.00 47.86 19.82
C LEU E 156 -5.39 49.15 19.09
N SER E 157 -4.71 50.24 19.45
CA SER E 157 -5.12 51.59 19.03
C SER E 157 -4.83 51.82 17.55
N SER E 158 -5.41 52.90 17.03
CA SER E 158 -5.25 53.24 15.62
C SER E 158 -3.80 53.57 15.29
N ASP E 159 -3.12 54.31 16.17
CA ASP E 159 -1.71 54.62 15.93
C ASP E 159 -0.87 53.35 15.93
N GLU E 160 -1.12 52.46 16.90
CA GLU E 160 -0.42 51.19 16.92
C GLU E 160 -0.76 50.34 15.70
N LYS E 161 -2.01 50.41 15.24
CA LYS E 161 -2.41 49.67 14.05
C LYS E 161 -1.64 50.15 12.83
N ARG E 162 -1.53 51.46 12.65
CA ARG E 162 -0.75 52.00 11.54
C ARG E 162 0.72 51.62 11.68
N GLU E 163 1.26 51.67 12.89
CA GLU E 163 2.66 51.29 13.11
C GLU E 163 2.89 49.84 12.74
N LEU E 164 2.00 48.95 13.17
CA LEU E 164 2.15 47.52 12.88
C LEU E 164 2.02 47.24 11.38
N LEU E 165 1.05 47.88 10.73
CA LEU E 165 0.88 47.68 9.29
C LEU E 165 2.10 48.20 8.53
N LYS E 166 2.66 49.33 8.94
CA LYS E 166 3.85 49.85 8.28
C LYS E 166 5.06 48.95 8.54
N ARG E 167 5.15 48.38 9.73
CA ARG E 167 6.27 47.52 10.06
C ARG E 167 6.25 46.24 9.23
N TYR E 168 5.09 45.57 9.16
CA TYR E 168 5.01 44.31 8.46
C TYR E 168 4.62 44.44 6.98
N ARG E 169 4.39 45.66 6.50
CA ARG E 169 4.01 45.91 5.11
C ARG E 169 2.78 45.09 4.72
N LEU E 170 1.68 45.35 5.42
CA LEU E 170 0.47 44.56 5.31
C LEU E 170 -0.72 45.43 4.93
N LYS E 171 -1.84 44.75 4.71
CA LYS E 171 -3.14 45.37 4.53
C LYS E 171 -4.07 44.84 5.61
N GLU E 172 -5.17 45.57 5.85
CA GLU E 172 -6.14 45.12 6.84
C GLU E 172 -6.72 43.76 6.49
N SER E 173 -6.83 43.46 5.19
CA SER E 173 -7.39 42.19 4.75
C SER E 173 -6.42 41.02 4.91
N GLN E 174 -5.11 41.27 4.89
CA GLN E 174 -4.12 40.21 4.92
C GLN E 174 -3.83 39.69 6.32
N LEU E 175 -4.29 40.37 7.37
CA LEU E 175 -4.12 39.88 8.72
C LEU E 175 -5.01 38.66 8.95
N PRO E 176 -4.65 37.81 9.90
CA PRO E 176 -5.61 36.80 10.37
C PRO E 176 -6.86 37.47 10.90
N ARG E 177 -8.01 36.94 10.50
CA ARG E 177 -9.29 37.58 10.76
C ARG E 177 -10.01 36.90 11.91
N ILE E 178 -10.64 37.70 12.77
CA ILE E 178 -11.49 37.20 13.85
C ILE E 178 -12.91 37.67 13.57
N GLN E 179 -13.86 36.75 13.70
CA GLN E 179 -15.24 37.04 13.33
C GLN E 179 -15.83 38.13 14.23
N ARG E 180 -17.02 38.60 13.85
CA ARG E 180 -17.74 39.60 14.63
C ARG E 180 -18.74 38.97 15.59
N ALA E 181 -18.79 37.65 15.68
CA ALA E 181 -19.77 36.96 16.51
C ALA E 181 -19.13 36.14 17.63
N ASP E 182 -17.81 36.16 17.78
CA ASP E 182 -17.18 35.43 18.86
C ASP E 182 -17.53 36.06 20.20
N PRO E 183 -17.61 35.26 21.26
CA PRO E 183 -17.81 35.84 22.59
C PRO E 183 -16.66 36.72 23.04
N VAL E 184 -15.50 36.61 22.41
CA VAL E 184 -14.36 37.45 22.76
C VAL E 184 -14.51 38.84 22.16
N ALA E 185 -14.81 38.91 20.86
CA ALA E 185 -14.95 40.20 20.20
C ALA E 185 -16.15 40.97 20.74
N LEU E 186 -17.25 40.27 21.02
CA LEU E 186 -18.40 40.93 21.65
C LEU E 186 -18.05 41.41 23.05
N TYR E 187 -17.27 40.62 23.79
CA TYR E 187 -16.82 41.04 25.11
C TYR E 187 -15.98 42.31 25.02
N LEU E 188 -15.11 42.39 24.02
CA LEU E 188 -14.26 43.57 23.86
C LEU E 188 -14.99 44.73 23.21
N GLY E 189 -16.17 44.50 22.65
CA GLY E 189 -16.86 45.56 21.93
C GLY E 189 -16.05 46.07 20.75
N LEU E 190 -15.46 45.15 19.99
CA LEU E 190 -14.45 45.51 19.00
C LEU E 190 -15.16 45.87 17.71
N LYS E 191 -15.16 47.16 17.37
CA LYS E 191 -15.72 47.60 16.10
C LYS E 191 -14.88 47.06 14.95
N ARG E 192 -15.55 46.60 13.90
CA ARG E 192 -14.85 45.98 12.79
C ARG E 192 -13.90 46.97 12.14
N GLY E 193 -12.75 46.46 11.69
CA GLY E 193 -11.68 47.29 11.18
C GLY E 193 -10.58 47.58 12.17
N GLU E 194 -10.78 47.27 13.45
CA GLU E 194 -9.79 47.51 14.49
C GLU E 194 -8.98 46.25 14.73
N VAL E 195 -7.66 46.39 14.69
CA VAL E 195 -6.75 45.26 14.93
C VAL E 195 -6.72 44.97 16.42
N VAL E 196 -6.77 43.67 16.76
CA VAL E 196 -6.67 43.23 18.14
C VAL E 196 -5.28 42.68 18.38
N LYS E 197 -4.93 42.56 19.66
CA LYS E 197 -3.66 42.00 20.09
C LYS E 197 -3.92 40.85 21.04
N ILE E 198 -3.26 39.71 20.80
CA ILE E 198 -3.45 38.49 21.57
C ILE E 198 -2.11 38.07 22.14
N ILE E 199 -2.08 37.76 23.44
CA ILE E 199 -0.88 37.31 24.12
C ILE E 199 -1.03 35.81 24.37
N ARG E 200 -0.49 35.01 23.47
CA ARG E 200 -0.60 33.56 23.57
C ARG E 200 0.51 33.02 24.46
N LYS E 201 0.14 32.14 25.38
CA LYS E 201 1.11 31.46 26.25
C LYS E 201 1.60 30.21 25.53
N SER E 202 2.47 30.43 24.53
CA SER E 202 2.97 29.33 23.74
C SER E 202 3.85 28.40 24.57
N GLU E 203 3.68 27.09 24.35
CA GLU E 203 4.41 26.11 25.14
C GLU E 203 5.90 26.11 24.84
N THR E 204 6.29 26.43 23.60
CA THR E 204 7.67 26.40 23.19
C THR E 204 8.33 27.78 23.16
N SER E 205 7.56 28.85 23.44
CA SER E 205 8.13 30.19 23.44
C SER E 205 7.61 31.06 24.59
N GLY E 206 6.95 30.47 25.58
CA GLY E 206 6.44 31.25 26.70
C GLY E 206 5.39 32.25 26.28
N ARG E 207 5.75 33.53 26.27
CA ARG E 207 4.86 34.60 25.85
C ARG E 207 5.26 35.08 24.46
N TYR E 208 4.29 35.09 23.54
CA TYR E 208 4.50 35.66 22.22
C TYR E 208 3.18 36.26 21.76
N ALA E 209 3.27 37.39 21.07
CA ALA E 209 2.11 38.20 20.74
C ALA E 209 1.71 38.03 19.28
N SER E 210 0.41 37.90 19.05
CA SER E 210 -0.14 37.81 17.71
C SER E 210 -1.29 38.80 17.57
N TYR E 211 -1.52 39.25 16.34
CA TYR E 211 -2.51 40.29 16.06
C TYR E 211 -3.54 39.77 15.09
N ARG E 212 -4.81 39.85 15.48
CA ARG E 212 -5.95 39.53 14.63
C ARG E 212 -6.72 40.81 14.34
N ILE E 213 -7.54 40.76 13.30
CA ILE E 213 -8.39 41.88 12.91
C ILE E 213 -9.82 41.40 12.81
N CYS E 214 -10.75 42.17 13.37
CA CYS E 214 -12.16 41.82 13.33
C CYS E 214 -12.79 42.42 12.08
N MET E 215 -13.39 41.56 11.25
CA MET E 215 -13.82 41.97 9.93
C MET E 215 -14.97 41.10 9.43
N ASP F 57 4.30 58.31 -26.36
CA ASP F 57 3.63 57.09 -26.78
C ASP F 57 4.04 55.92 -25.87
N PHE F 58 5.32 55.87 -25.51
CA PHE F 58 5.83 54.84 -24.63
C PHE F 58 6.26 55.35 -23.27
N GLN F 59 6.49 56.66 -23.12
CA GLN F 59 7.01 57.19 -21.86
C GLN F 59 6.04 56.95 -20.71
N GLN F 60 4.74 57.19 -20.94
CA GLN F 60 3.76 57.00 -19.87
C GLN F 60 3.74 55.55 -19.40
N HIS F 61 3.99 54.61 -20.31
CA HIS F 61 4.11 53.21 -19.92
C HIS F 61 5.36 52.98 -19.09
N GLU F 62 6.48 53.59 -19.47
CA GLU F 62 7.74 53.35 -18.79
C GLU F 62 7.81 54.05 -17.44
N GLN F 63 7.39 55.32 -17.38
CA GLN F 63 7.58 56.10 -16.15
C GLN F 63 6.79 55.51 -14.99
N ILE F 64 5.60 54.96 -15.27
CA ILE F 64 4.78 54.42 -14.19
C ILE F 64 5.42 53.19 -13.57
N ARG F 65 6.12 52.37 -14.38
CA ARG F 65 6.74 51.17 -13.83
C ARG F 65 7.99 51.51 -13.01
N ARG F 66 8.76 52.52 -13.44
CA ARG F 66 9.95 52.90 -12.69
C ARG F 66 9.59 53.53 -11.35
N LYS F 67 8.51 54.32 -11.31
CA LYS F 67 8.04 54.84 -10.03
C LYS F 67 7.64 53.71 -9.09
N THR F 68 6.87 52.74 -9.61
CA THR F 68 6.51 51.59 -8.79
C THR F 68 7.75 50.82 -8.36
N LEU F 69 8.70 50.62 -9.28
CA LEU F 69 9.93 49.91 -8.93
C LEU F 69 10.72 50.65 -7.86
N LYS F 70 10.83 51.97 -8.00
CA LYS F 70 11.54 52.75 -6.99
C LYS F 70 10.77 52.81 -5.68
N GLU F 71 9.45 52.65 -5.73
CA GLU F 71 8.65 52.66 -4.51
C GLU F 71 8.99 51.46 -3.63
N LYS F 72 8.98 50.26 -4.22
CA LYS F 72 9.22 49.07 -3.42
C LYS F 72 10.66 48.97 -2.92
N ALA F 73 11.59 49.63 -3.58
CA ALA F 73 13.00 49.52 -3.21
C ALA F 73 13.23 50.06 -1.80
N ILE F 74 13.58 49.18 -0.88
CA ILE F 74 13.85 49.57 0.50
C ILE F 74 15.21 50.26 0.53
N PRO F 75 15.33 51.41 1.19
CA PRO F 75 16.64 52.09 1.27
C PRO F 75 17.67 51.26 2.00
N LYS F 76 18.93 51.45 1.62
CA LYS F 76 20.02 50.69 2.22
C LYS F 76 20.11 50.92 3.72
N ASP F 77 19.74 52.13 4.18
CA ASP F 77 19.88 52.46 5.59
C ASP F 77 18.90 51.72 6.49
N GLN F 78 17.83 51.15 5.92
CA GLN F 78 16.77 50.55 6.73
C GLN F 78 16.36 49.19 6.19
N ARG F 79 17.34 48.33 5.92
CA ARG F 79 17.07 46.94 5.59
C ARG F 79 17.24 46.11 6.86
N ALA F 80 16.15 45.49 7.30
CA ALA F 80 16.10 44.79 8.58
C ALA F 80 15.94 43.28 8.40
N THR F 81 16.58 42.72 7.38
CA THR F 81 16.57 41.28 7.18
C THR F 81 17.85 40.66 7.75
N THR F 82 17.94 39.34 7.63
CA THR F 82 19.04 38.60 8.21
C THR F 82 20.35 39.00 7.55
N PRO F 83 21.37 39.42 8.31
CA PRO F 83 22.65 39.75 7.67
C PRO F 83 23.34 38.55 7.07
N TYR F 84 23.16 37.36 7.64
CA TYR F 84 23.80 36.16 7.14
C TYR F 84 23.22 35.73 5.81
N MET F 85 24.04 35.04 5.02
CA MET F 85 23.59 34.44 3.77
C MET F 85 22.98 33.09 4.07
N THR F 86 21.69 32.94 3.79
CA THR F 86 20.98 31.72 4.11
C THR F 86 21.46 30.57 3.23
N LYS F 87 21.08 29.35 3.62
CA LYS F 87 21.51 28.18 2.87
C LYS F 87 20.95 28.19 1.44
N TYR F 88 19.69 28.60 1.29
CA TYR F 88 19.11 28.71 -0.04
C TYR F 88 19.87 29.71 -0.90
N GLU F 89 20.23 30.84 -0.30
CA GLU F 89 20.95 31.86 -1.05
C GLU F 89 22.34 31.38 -1.43
N ARG F 90 23.00 30.67 -0.53
CA ARG F 90 24.31 30.08 -0.86
C ARG F 90 24.19 29.13 -2.03
N ALA F 91 23.19 28.24 -1.99
CA ALA F 91 23.02 27.27 -3.06
C ALA F 91 22.74 27.97 -4.39
N ARG F 92 21.83 28.94 -4.38
CA ARG F 92 21.46 29.63 -5.61
C ARG F 92 22.64 30.41 -6.19
N ILE F 93 23.37 31.13 -5.33
CA ILE F 93 24.50 31.91 -5.81
C ILE F 93 25.59 31.00 -6.35
N LEU F 94 25.88 29.91 -5.65
CA LEU F 94 26.89 28.97 -6.14
C LEU F 94 26.49 28.40 -7.48
N GLY F 95 25.23 27.98 -7.64
CA GLY F 95 24.78 27.43 -8.90
C GLY F 95 24.87 28.44 -10.04
N THR F 96 24.41 29.66 -9.79
CA THR F 96 24.41 30.67 -10.84
C THR F 96 25.83 31.07 -11.22
N ARG F 97 26.72 31.20 -10.23
CA ARG F 97 28.12 31.51 -10.52
C ARG F 97 28.76 30.38 -11.31
N ALA F 98 28.48 29.13 -10.94
CA ALA F 98 29.02 27.99 -11.69
C ALA F 98 28.51 28.01 -13.13
N LEU F 99 27.24 28.33 -13.32
CA LEU F 99 26.69 28.44 -14.67
C LEU F 99 27.42 29.52 -15.47
N GLN F 100 27.66 30.67 -14.85
CA GLN F 100 28.38 31.73 -15.53
C GLN F 100 29.77 31.27 -15.96
N ILE F 101 30.51 30.64 -15.04
CA ILE F 101 31.85 30.16 -15.39
C ILE F 101 31.78 29.14 -16.52
N SER F 102 30.80 28.24 -16.46
CA SER F 102 30.62 27.26 -17.53
C SER F 102 30.35 27.94 -18.86
N MET F 103 29.63 29.05 -18.85
CA MET F 103 29.37 29.82 -20.06
C MET F 103 30.51 30.80 -20.37
N ASN F 104 31.70 30.55 -19.85
CA ASN F 104 32.92 31.29 -20.18
C ASN F 104 32.93 32.69 -19.58
N ALA F 105 32.23 32.91 -18.47
CA ALA F 105 32.32 34.18 -17.78
C ALA F 105 33.73 34.34 -17.19
N PRO F 106 34.27 35.56 -17.18
CA PRO F 106 35.62 35.74 -16.65
C PRO F 106 35.69 35.42 -15.16
N VAL F 107 36.83 34.88 -14.74
CA VAL F 107 37.07 34.55 -13.34
C VAL F 107 38.39 35.19 -12.93
N PHE F 108 38.39 35.82 -11.76
CA PHE F 108 39.57 36.46 -11.21
C PHE F 108 40.24 35.64 -10.13
N VAL F 109 39.71 34.45 -9.81
CA VAL F 109 40.32 33.55 -8.85
C VAL F 109 41.13 32.52 -9.61
N ASP F 110 42.38 32.32 -9.17
CA ASP F 110 43.24 31.33 -9.82
C ASP F 110 42.66 29.92 -9.66
N LEU F 111 42.84 29.10 -10.69
CA LEU F 111 42.37 27.73 -10.70
C LEU F 111 43.58 26.80 -10.69
N GLU F 112 43.61 25.88 -9.73
CA GLU F 112 44.72 24.95 -9.57
C GLU F 112 44.46 23.65 -10.35
N GLY F 113 44.13 23.80 -11.62
CA GLY F 113 43.76 22.66 -12.43
C GLY F 113 42.37 22.11 -12.16
N GLU F 114 41.57 22.81 -11.36
CA GLU F 114 40.21 22.37 -11.08
C GLU F 114 39.38 22.41 -12.36
N THR F 115 38.47 21.44 -12.47
CA THR F 115 37.61 21.33 -13.64
C THR F 115 36.13 21.43 -13.31
N ASP F 116 35.74 21.45 -12.05
CA ASP F 116 34.34 21.51 -11.67
C ASP F 116 33.93 22.95 -11.43
N PRO F 117 33.02 23.50 -12.23
CA PRO F 117 32.57 24.89 -12.00
C PRO F 117 31.97 25.10 -10.64
N LEU F 118 31.29 24.09 -10.09
CA LEU F 118 30.72 24.23 -8.75
C LEU F 118 31.80 24.38 -7.69
N ARG F 119 32.89 23.62 -7.82
CA ARG F 119 34.01 23.78 -6.90
C ARG F 119 34.70 25.12 -7.09
N ILE F 120 34.81 25.59 -8.34
CA ILE F 120 35.37 26.91 -8.58
C ILE F 120 34.53 27.98 -7.89
N ALA F 121 33.20 27.89 -8.01
CA ALA F 121 32.31 28.85 -7.38
C ALA F 121 32.41 28.77 -5.86
N MET F 122 32.53 27.56 -5.31
CA MET F 122 32.68 27.43 -3.86
C MET F 122 33.97 28.09 -3.39
N LYS F 123 35.06 27.91 -4.14
CA LYS F 123 36.30 28.59 -3.80
C LYS F 123 36.13 30.10 -3.86
N GLU F 124 35.44 30.60 -4.88
CA GLU F 124 35.19 32.03 -4.98
C GLU F 124 34.43 32.54 -3.77
N LEU F 125 33.38 31.82 -3.35
CA LEU F 125 32.59 32.25 -2.20
C LEU F 125 33.42 32.20 -0.93
N ALA F 126 34.26 31.18 -0.78
CA ALA F 126 35.12 31.10 0.40
C ALA F 126 36.07 32.28 0.47
N GLU F 127 36.62 32.68 -0.67
CA GLU F 127 37.49 33.85 -0.72
C GLU F 127 36.71 35.16 -0.87
N LYS F 128 35.39 35.07 -1.13
CA LYS F 128 34.49 36.22 -1.15
C LYS F 128 34.86 37.23 -2.24
N LYS F 129 34.69 36.77 -3.50
CA LYS F 129 34.85 37.65 -4.65
C LYS F 129 33.72 37.47 -5.67
N ILE F 130 32.59 36.90 -5.27
CA ILE F 130 31.51 36.64 -6.22
C ILE F 130 30.93 37.97 -6.70
N PRO F 131 30.95 38.23 -8.01
CA PRO F 131 30.39 39.47 -8.56
C PRO F 131 28.89 39.42 -8.78
N LEU F 132 28.17 38.96 -7.75
CA LEU F 132 26.72 38.83 -7.82
C LEU F 132 26.08 39.64 -6.70
N VAL F 133 24.89 40.15 -6.98
CA VAL F 133 24.11 40.93 -6.02
C VAL F 133 22.78 40.22 -5.81
N ILE F 134 22.45 39.98 -4.54
CA ILE F 134 21.17 39.35 -4.23
C ILE F 134 20.06 40.39 -4.29
N ARG F 135 18.82 39.91 -4.28
CA ARG F 135 17.64 40.77 -4.25
C ARG F 135 16.59 40.09 -3.38
N ARG F 136 16.60 40.40 -2.09
CA ARG F 136 15.63 39.81 -1.17
C ARG F 136 14.26 40.42 -1.40
N TYR F 137 13.25 39.56 -1.53
CA TYR F 137 11.89 39.99 -1.84
C TYR F 137 11.03 39.90 -0.60
N LEU F 138 10.50 41.04 -0.18
CA LEU F 138 9.49 41.05 0.87
C LEU F 138 8.13 40.67 0.28
N PRO F 139 7.22 40.16 1.12
CA PRO F 139 5.96 39.64 0.58
C PRO F 139 5.14 40.66 -0.19
N ASP F 140 5.13 41.93 0.23
CA ASP F 140 4.35 42.94 -0.46
C ASP F 140 4.87 43.23 -1.86
N GLY F 141 6.14 42.90 -2.13
CA GLY F 141 6.81 43.30 -3.35
C GLY F 141 8.00 44.20 -3.13
N SER F 142 8.20 44.70 -1.91
CA SER F 142 9.39 45.48 -1.60
C SER F 142 10.63 44.59 -1.66
N PHE F 143 11.72 45.16 -2.14
CA PHE F 143 12.96 44.39 -2.29
C PHE F 143 14.13 45.17 -1.72
N GLU F 144 14.98 44.47 -0.98
CA GLU F 144 16.25 44.99 -0.49
C GLU F 144 17.39 44.36 -1.27
N ASP F 145 18.49 45.08 -1.37
CA ASP F 145 19.61 44.72 -2.23
C ASP F 145 20.86 44.58 -1.38
N TRP F 146 21.07 43.39 -0.82
CA TRP F 146 22.34 43.10 -0.16
C TRP F 146 23.35 42.63 -1.20
N SER F 147 24.61 42.62 -0.79
CA SER F 147 25.70 42.14 -1.63
C SER F 147 26.39 40.96 -0.94
N VAL F 148 26.97 40.08 -1.76
CA VAL F 148 27.64 38.90 -1.23
C VAL F 148 28.82 39.30 -0.37
N GLU F 149 29.52 40.37 -0.75
CA GLU F 149 30.71 40.81 -0.01
C GLU F 149 30.36 41.16 1.43
N GLU F 150 29.24 41.84 1.64
CA GLU F 150 28.81 42.18 2.99
C GLU F 150 28.01 41.07 3.66
N LEU F 151 27.70 40.01 2.93
CA LEU F 151 27.02 38.87 3.53
C LEU F 151 28.00 38.03 4.33
N ILE F 152 27.49 37.33 5.35
CA ILE F 152 28.29 36.48 6.22
C ILE F 152 27.89 35.04 5.96
N VAL F 153 28.89 34.20 5.68
CA VAL F 153 28.65 32.78 5.40
C VAL F 153 28.47 32.04 6.72
N ASP F 154 27.36 31.31 6.84
CA ASP F 154 27.05 30.52 8.03
C ASP F 154 27.08 31.38 9.29
N ASN G 32 17.90 65.64 -51.24
CA ASN G 32 16.58 65.24 -51.75
C ASN G 32 15.72 66.47 -52.04
N GLY G 33 14.44 66.22 -52.31
CA GLY G 33 13.51 67.30 -52.63
C GLY G 33 12.96 68.00 -51.42
N THR G 34 13.78 68.87 -50.81
CA THR G 34 13.40 69.62 -49.60
C THR G 34 12.95 68.69 -48.48
N SER G 35 13.65 67.57 -48.33
CA SER G 35 13.38 66.62 -47.26
C SER G 35 14.67 65.91 -46.91
N ASN G 36 14.90 65.74 -45.60
CA ASN G 36 16.13 65.13 -45.11
C ASN G 36 15.92 63.75 -44.51
N CYS G 37 14.90 63.59 -43.67
CA CYS G 37 14.65 62.33 -42.93
C CYS G 37 15.91 62.05 -42.10
N ILE G 38 16.39 60.81 -42.08
CA ILE G 38 17.55 60.41 -41.28
C ILE G 38 17.34 60.88 -39.85
N VAL G 39 16.16 60.60 -39.30
CA VAL G 39 15.75 61.16 -38.03
C VAL G 39 16.27 60.28 -36.89
N ARG G 40 16.95 60.90 -35.94
CA ARG G 40 17.38 60.20 -34.74
C ARG G 40 16.18 59.80 -33.90
N VAL G 41 16.22 58.59 -33.35
CA VAL G 41 15.12 58.11 -32.52
C VAL G 41 15.68 57.31 -31.35
N PRO G 42 15.69 57.86 -30.14
CA PRO G 42 16.03 57.05 -28.96
C PRO G 42 15.05 55.91 -28.79
N ILE G 43 15.58 54.76 -28.38
CA ILE G 43 14.79 53.54 -28.24
C ILE G 43 15.04 52.93 -26.87
N ALA G 44 14.07 52.15 -26.41
CA ALA G 44 14.19 51.36 -25.20
C ALA G 44 14.01 49.90 -25.57
N LEU G 45 15.06 49.12 -25.38
CA LEU G 45 15.08 47.72 -25.84
C LEU G 45 15.50 46.82 -24.70
N TYR G 46 15.01 45.58 -24.75
CA TYR G 46 15.26 44.57 -23.73
C TYR G 46 16.31 43.61 -24.26
N VAL G 47 17.55 43.84 -23.90
CA VAL G 47 18.66 43.05 -24.42
C VAL G 47 18.96 41.89 -23.47
N SER G 48 19.61 40.87 -24.00
CA SER G 48 20.10 39.74 -23.24
C SER G 48 21.62 39.75 -23.30
N LEU G 49 22.27 39.84 -22.14
CA LEU G 49 23.71 39.95 -22.06
C LEU G 49 24.31 38.60 -21.73
N ALA G 50 25.23 38.12 -22.57
CA ALA G 50 25.88 36.85 -22.34
C ALA G 50 26.85 36.96 -21.15
N PRO G 51 27.02 35.88 -20.40
CA PRO G 51 28.00 35.92 -19.30
C PRO G 51 29.43 36.10 -19.77
N MET G 52 29.71 35.84 -21.05
CA MET G 52 31.06 36.08 -21.58
C MET G 52 31.43 37.55 -21.46
N TYR G 53 30.52 38.44 -21.80
CA TYR G 53 30.73 39.88 -21.67
C TYR G 53 30.21 40.41 -20.34
N LEU G 54 30.62 39.79 -19.24
CA LEU G 54 30.21 40.26 -17.93
C LEU G 54 31.13 41.31 -17.34
N GLU G 55 32.32 41.50 -17.91
CA GLU G 55 33.23 42.57 -17.51
C GLU G 55 33.28 43.69 -18.52
N ASN G 56 32.43 43.66 -19.55
CA ASN G 56 32.36 44.71 -20.56
C ASN G 56 30.93 44.78 -21.07
N PRO G 57 29.97 45.08 -20.18
CA PRO G 57 28.55 44.91 -20.56
C PRO G 57 28.11 45.76 -21.72
N LEU G 58 28.60 46.99 -21.84
CA LEU G 58 28.12 47.84 -22.92
C LEU G 58 28.59 47.30 -24.27
N GLN G 59 29.87 46.95 -24.40
CA GLN G 59 30.37 46.41 -25.66
C GLN G 59 29.69 45.08 -25.97
N GLY G 60 29.47 44.26 -24.94
CA GLY G 60 28.71 43.05 -25.14
C GLY G 60 27.34 43.31 -25.70
N VAL G 61 26.64 44.31 -25.15
CA VAL G 61 25.28 44.60 -25.60
C VAL G 61 25.28 45.08 -27.05
N MET G 62 26.20 46.01 -27.38
CA MET G 62 26.21 46.50 -28.76
C MET G 62 26.57 45.38 -29.74
N LYS G 63 27.59 44.58 -29.44
CA LYS G 63 27.98 43.52 -30.34
C LYS G 63 26.97 42.40 -30.41
N GLN G 64 26.13 42.24 -29.39
CA GLN G 64 25.12 41.19 -29.39
C GLN G 64 23.84 41.61 -30.11
N HIS G 65 23.40 42.85 -29.92
CA HIS G 65 22.13 43.28 -30.49
C HIS G 65 22.26 44.43 -31.47
N LEU G 66 22.99 45.49 -31.10
CA LEU G 66 22.92 46.73 -31.87
C LEU G 66 23.67 46.62 -33.19
N ASN G 67 24.84 45.99 -33.19
CA ASN G 67 25.59 45.83 -34.43
C ASN G 67 24.82 45.03 -35.48
N PRO G 68 24.17 43.90 -35.16
CA PRO G 68 23.36 43.22 -36.19
C PRO G 68 22.19 44.05 -36.69
N LEU G 69 21.76 45.07 -35.95
CA LEU G 69 20.63 45.89 -36.35
C LEU G 69 20.97 46.91 -37.43
N VAL G 70 22.24 47.06 -37.78
CA VAL G 70 22.66 48.06 -38.76
C VAL G 70 22.41 47.53 -40.18
N MET G 71 22.19 48.47 -41.10
CA MET G 71 21.88 48.16 -42.50
C MET G 71 20.70 47.19 -42.61
N LYS G 72 19.70 47.39 -41.76
CA LYS G 72 18.53 46.52 -41.74
C LYS G 72 17.27 47.37 -41.61
N TYR G 73 16.22 46.97 -42.33
CA TYR G 73 14.94 47.66 -42.28
C TYR G 73 14.13 47.08 -41.12
N ASN G 74 13.98 47.87 -40.05
CA ASN G 74 13.16 47.49 -38.91
C ASN G 74 11.86 48.28 -38.98
N ASN G 75 10.74 47.56 -38.96
CA ASN G 75 9.44 48.23 -39.05
C ASN G 75 9.18 49.11 -37.84
N LYS G 76 9.59 48.67 -36.64
CA LYS G 76 9.34 49.45 -35.44
C LYS G 76 10.08 50.77 -35.48
N VAL G 77 11.34 50.77 -35.91
CA VAL G 77 12.08 52.03 -36.03
C VAL G 77 11.56 52.82 -37.22
N GLY G 78 11.01 52.15 -38.23
CA GLY G 78 10.41 52.84 -39.36
C GLY G 78 11.05 52.55 -40.70
N GLY G 79 12.38 52.42 -40.73
CA GLY G 79 13.10 52.19 -41.98
C GLY G 79 14.38 51.45 -41.73
N VAL G 80 15.42 51.79 -42.49
CA VAL G 80 16.72 51.14 -42.39
C VAL G 80 17.59 51.92 -41.41
N VAL G 81 18.36 51.19 -40.59
CA VAL G 81 19.17 51.77 -39.54
C VAL G 81 20.60 51.91 -40.04
N LEU G 82 21.20 53.09 -39.84
CA LEU G 82 22.56 53.35 -40.28
C LEU G 82 23.58 53.32 -39.14
N GLY G 83 23.15 53.03 -37.92
CA GLY G 83 24.09 52.95 -36.81
C GLY G 83 23.41 53.16 -35.49
N TYR G 84 24.22 53.49 -34.48
CA TYR G 84 23.75 53.65 -33.11
C TYR G 84 24.69 54.59 -32.38
N GLU G 85 24.24 55.07 -31.22
CA GLU G 85 25.03 55.99 -30.39
C GLU G 85 24.34 56.14 -29.05
N GLY G 86 25.12 56.37 -28.01
CA GLY G 86 24.60 56.73 -26.71
C GLY G 86 24.07 55.55 -25.92
N LEU G 87 24.94 54.60 -25.58
CA LEU G 87 24.53 53.44 -24.82
C LEU G 87 24.28 53.82 -23.37
N LYS G 88 23.14 53.39 -22.83
CA LYS G 88 22.81 53.60 -21.43
C LYS G 88 22.18 52.34 -20.89
N ILE G 89 22.50 52.01 -19.63
CA ILE G 89 22.02 50.79 -18.99
C ILE G 89 20.94 51.20 -18.00
N LEU G 90 19.70 50.79 -18.27
CA LEU G 90 18.58 51.02 -17.36
C LEU G 90 18.63 49.93 -16.30
N ASP G 91 19.57 50.09 -15.36
CA ASP G 91 19.82 49.05 -14.37
C ASP G 91 18.64 48.89 -13.44
N ALA G 92 18.59 47.74 -12.77
CA ALA G 92 17.50 47.39 -11.88
C ALA G 92 17.68 47.94 -10.47
N ASP G 93 18.69 48.78 -10.23
CA ASP G 93 18.90 49.37 -8.91
C ASP G 93 18.29 50.76 -8.91
N PRO G 94 17.20 51.00 -8.19
CA PRO G 94 16.56 52.32 -8.21
C PRO G 94 17.27 53.33 -7.32
N LEU G 95 17.91 52.85 -6.26
CA LEU G 95 18.66 53.74 -5.37
C LEU G 95 19.96 54.23 -5.99
N SER G 96 20.44 53.56 -7.04
CA SER G 96 21.72 53.91 -7.62
C SER G 96 21.65 55.26 -8.32
N LYS G 97 22.76 55.98 -8.28
CA LYS G 97 22.88 57.22 -9.04
C LYS G 97 22.83 56.92 -10.54
N GLU G 98 22.33 57.89 -11.30
CA GLU G 98 22.18 57.73 -12.73
C GLU G 98 23.48 57.92 -13.50
N ASP G 99 24.62 57.92 -12.81
CA ASP G 99 25.91 58.12 -13.45
C ASP G 99 27.00 57.20 -12.92
N THR G 100 26.69 56.28 -12.00
CA THR G 100 27.73 55.45 -11.40
C THR G 100 28.25 54.43 -12.41
N SER G 101 29.50 54.00 -12.19
CA SER G 101 30.19 53.13 -13.12
C SER G 101 29.78 51.67 -12.99
N GLU G 102 29.13 51.29 -11.91
CA GLU G 102 28.66 49.92 -11.71
C GLU G 102 27.15 49.86 -11.88
N LYS G 103 26.68 48.79 -12.50
CA LYS G 103 25.26 48.62 -12.77
C LYS G 103 24.87 47.18 -12.46
N LEU G 104 23.58 46.98 -12.22
CA LEU G 104 23.05 45.67 -11.89
C LEU G 104 22.31 45.09 -13.09
N ILE G 105 22.53 43.81 -13.34
CA ILE G 105 21.96 43.11 -14.48
C ILE G 105 21.13 41.96 -13.93
N LYS G 106 19.87 41.87 -14.34
CA LYS G 106 19.01 40.81 -13.85
C LYS G 106 19.30 39.51 -14.58
N ILE G 107 19.49 38.43 -13.82
CA ILE G 107 19.82 37.13 -14.35
C ILE G 107 18.59 36.24 -14.23
N THR G 108 18.15 35.69 -15.36
CA THR G 108 17.00 34.82 -15.37
C THR G 108 17.29 33.54 -14.57
N PRO G 109 16.27 32.96 -13.92
CA PRO G 109 16.54 31.80 -13.04
C PRO G 109 17.18 30.62 -13.76
N ASP G 110 16.68 30.25 -14.93
CA ASP G 110 17.11 29.02 -15.58
C ASP G 110 18.38 29.18 -16.41
N THR G 111 18.93 30.40 -16.51
CA THR G 111 20.06 30.65 -17.39
C THR G 111 21.01 31.64 -16.74
N PRO G 112 22.32 31.52 -16.98
CA PRO G 112 23.25 32.56 -16.54
C PRO G 112 23.20 33.83 -17.39
N PHE G 113 22.39 33.86 -18.43
CA PHE G 113 22.29 35.06 -19.26
C PHE G 113 21.59 36.18 -18.50
N GLY G 114 22.07 37.40 -18.71
CA GLY G 114 21.53 38.57 -18.03
C GLY G 114 20.65 39.39 -18.96
N PHE G 115 19.51 39.84 -18.44
CA PHE G 115 18.55 40.64 -19.18
C PHE G 115 18.46 42.03 -18.57
N THR G 116 18.35 43.04 -19.44
CA THR G 116 18.28 44.42 -18.98
C THR G 116 17.66 45.28 -20.07
N TRP G 117 17.21 46.46 -19.66
CA TRP G 117 16.79 47.49 -20.59
C TRP G 117 17.99 48.35 -20.99
N CYS G 118 17.83 49.05 -22.11
CA CYS G 118 18.91 49.90 -22.61
C CYS G 118 18.30 51.08 -23.35
N HIS G 119 19.09 52.14 -23.49
CA HIS G 119 18.71 53.33 -24.22
C HIS G 119 19.79 53.62 -25.26
N VAL G 120 19.40 53.66 -26.54
CA VAL G 120 20.33 53.93 -27.63
C VAL G 120 19.69 54.95 -28.56
N ASN G 121 20.53 55.68 -29.29
CA ASN G 121 20.09 56.62 -30.30
C ASN G 121 20.25 55.98 -31.68
N LEU G 122 19.13 55.80 -32.38
CA LEU G 122 19.10 55.13 -33.67
C LEU G 122 18.87 56.15 -34.77
N TYR G 123 19.67 56.07 -35.83
CA TYR G 123 19.59 56.97 -36.98
C TYR G 123 19.01 56.17 -38.15
N VAL G 124 17.79 56.51 -38.54
CA VAL G 124 17.03 55.72 -39.50
C VAL G 124 16.61 56.61 -40.67
N TRP G 125 16.88 56.16 -41.89
CA TRP G 125 16.39 56.84 -43.08
C TRP G 125 14.97 56.38 -43.37
N GLN G 126 14.03 57.31 -43.34
CA GLN G 126 12.60 56.99 -43.35
C GLN G 126 11.93 57.45 -44.64
N PRO G 127 11.68 56.54 -45.58
CA PRO G 127 10.85 56.90 -46.74
C PRO G 127 9.39 57.06 -46.35
N GLN G 128 8.68 57.88 -47.11
CA GLN G 128 7.27 58.14 -46.88
C GLN G 128 6.49 57.97 -48.18
N VAL G 129 5.30 57.38 -48.08
CA VAL G 129 4.47 57.14 -49.25
C VAL G 129 3.85 58.46 -49.72
N GLY G 130 3.89 58.68 -51.03
CA GLY G 130 3.32 59.88 -51.62
C GLY G 130 4.29 61.04 -51.79
N ASP G 131 5.59 60.79 -51.69
CA ASP G 131 6.61 61.81 -51.82
C ASP G 131 7.44 61.59 -53.08
N VAL G 132 8.39 62.49 -53.31
CA VAL G 132 9.31 62.41 -54.44
C VAL G 132 10.73 62.25 -53.90
N LEU G 133 11.48 61.35 -54.52
CA LEU G 133 12.83 61.03 -54.07
C LEU G 133 13.77 61.04 -55.27
N GLU G 134 15.03 61.40 -55.00
CA GLU G 134 16.07 61.47 -56.02
C GLU G 134 16.98 60.25 -55.91
N GLY G 135 17.15 59.54 -57.02
CA GLY G 135 17.95 58.35 -57.04
C GLY G 135 18.63 58.15 -58.38
N TYR G 136 19.55 57.20 -58.41
CA TYR G 136 20.34 56.89 -59.59
C TYR G 136 19.78 55.67 -60.31
N ILE G 137 20.28 55.45 -61.52
CA ILE G 137 19.88 54.32 -62.36
C ILE G 137 21.11 53.46 -62.62
N PHE G 138 21.01 52.17 -62.29
CA PHE G 138 22.13 51.24 -62.43
C PHE G 138 21.82 50.12 -63.42
N ILE G 139 20.72 49.39 -63.23
CA ILE G 139 20.38 48.24 -64.05
C ILE G 139 19.04 48.49 -64.71
N GLN G 140 18.98 48.29 -66.03
CA GLN G 140 17.76 48.50 -66.81
C GLN G 140 17.43 47.25 -67.60
N SER G 141 16.14 47.04 -67.82
CA SER G 141 15.65 45.88 -68.56
C SER G 141 14.44 46.31 -69.40
N ALA G 142 13.97 45.38 -70.24
CA ALA G 142 12.85 45.67 -71.12
C ALA G 142 11.56 45.88 -70.33
N SER G 143 11.37 45.10 -69.27
CA SER G 143 10.14 45.16 -68.48
C SER G 143 10.27 46.04 -67.23
N HIS G 144 11.27 45.79 -66.40
CA HIS G 144 11.43 46.51 -65.14
C HIS G 144 12.53 47.55 -65.26
N ILE G 145 12.32 48.69 -64.61
CA ILE G 145 13.27 49.80 -64.60
C ILE G 145 13.81 49.94 -63.19
N GLY G 146 15.13 49.83 -63.04
CA GLY G 146 15.75 49.88 -61.74
C GLY G 146 16.07 51.27 -61.24
N LEU G 147 15.62 51.58 -60.02
CA LEU G 147 15.90 52.87 -59.38
C LEU G 147 16.66 52.62 -58.09
N LEU G 148 17.72 53.38 -57.88
CA LEU G 148 18.56 53.26 -56.68
C LEU G 148 18.60 54.62 -56.00
N ILE G 149 17.80 54.79 -54.95
CA ILE G 149 17.79 56.03 -54.19
C ILE G 149 19.08 56.08 -53.37
N HIS G 150 19.96 57.04 -53.69
CA HIS G 150 21.27 57.14 -53.04
C HIS G 150 22.04 55.84 -53.13
N ASP G 151 21.94 55.18 -54.29
CA ASP G 151 22.65 53.94 -54.61
C ASP G 151 22.58 52.91 -53.47
N ALA G 152 21.50 52.94 -52.70
CA ALA G 152 21.32 52.02 -51.59
C ALA G 152 19.96 51.35 -51.54
N PHE G 153 18.98 51.85 -52.27
CA PHE G 153 17.63 51.28 -52.28
C PHE G 153 17.46 50.48 -53.58
N ASN G 154 17.70 49.18 -53.49
CA ASN G 154 17.59 48.31 -54.65
C ASN G 154 16.15 48.23 -55.13
N ALA G 155 15.97 48.29 -56.44
CA ALA G 155 14.65 48.22 -57.05
C ALA G 155 14.78 47.83 -58.50
N SER G 156 13.66 47.44 -59.10
CA SER G 156 13.63 47.04 -60.50
C SER G 156 12.27 47.35 -61.12
N GLY G 215 21.04 50.28 -72.46
CA GLY G 215 19.73 50.03 -73.01
C GLY G 215 18.87 51.27 -73.13
N HIS G 216 19.43 52.31 -73.75
CA HIS G 216 18.71 53.56 -73.93
C HIS G 216 17.55 53.38 -74.91
N TRP G 217 16.47 54.11 -74.66
CA TRP G 217 15.28 54.02 -75.50
C TRP G 217 14.73 55.43 -75.69
N VAL G 218 13.50 55.51 -76.19
CA VAL G 218 12.87 56.79 -76.52
C VAL G 218 12.08 57.27 -75.31
N ASP G 219 12.24 58.55 -74.99
CA ASP G 219 11.52 59.21 -73.92
C ASP G 219 10.54 60.23 -74.52
N SER G 220 9.87 60.97 -73.64
CA SER G 220 8.96 62.02 -74.10
C SER G 220 9.72 63.10 -74.85
N ASN G 221 10.87 63.52 -74.33
CA ASN G 221 11.69 64.54 -74.96
C ASN G 221 12.73 63.97 -75.92
N GLY G 222 12.87 62.64 -75.98
CA GLY G 222 13.86 62.02 -76.82
C GLY G 222 15.24 61.89 -76.21
N GLU G 223 15.45 62.44 -75.02
CA GLU G 223 16.74 62.32 -74.35
C GLU G 223 16.97 60.88 -73.93
N PRO G 224 18.18 60.35 -74.10
CA PRO G 224 18.46 59.00 -73.59
C PRO G 224 18.31 58.93 -72.08
N ILE G 225 17.88 57.77 -71.60
CA ILE G 225 17.63 57.60 -70.17
C ILE G 225 18.94 57.77 -69.42
N ASP G 226 18.91 58.61 -68.39
CA ASP G 226 20.07 58.90 -67.56
C ASP G 226 19.79 58.48 -66.13
N GLY G 227 20.74 58.78 -65.24
CA GLY G 227 20.60 58.40 -63.84
C GLY G 227 19.76 59.34 -62.99
N LYS G 228 19.47 60.54 -63.49
CA LYS G 228 18.74 61.54 -62.73
C LYS G 228 17.29 61.60 -63.20
N LEU G 229 16.36 61.38 -62.28
CA LEU G 229 14.94 61.48 -62.57
C LEU G 229 14.16 61.52 -61.27
N ARG G 230 12.92 61.99 -61.35
CA ARG G 230 12.02 62.04 -60.21
C ARG G 230 10.88 61.04 -60.44
N PHE G 231 10.61 60.21 -59.44
CA PHE G 231 9.63 59.14 -59.54
C PHE G 231 8.66 59.22 -58.37
N THR G 232 7.75 58.25 -58.31
CA THR G 232 6.76 58.13 -57.24
C THR G 232 7.01 56.86 -56.43
N VAL G 233 6.54 56.89 -55.19
CA VAL G 233 6.80 55.81 -54.24
C VAL G 233 5.49 55.13 -53.87
N ARG G 234 4.54 55.09 -54.81
CA ARG G 234 3.21 54.58 -54.50
C ARG G 234 3.23 53.10 -54.15
N ASN G 235 4.21 52.35 -54.64
CA ASN G 235 4.31 50.92 -54.39
C ASN G 235 5.60 50.61 -53.66
N VAL G 236 5.50 49.88 -52.55
CA VAL G 236 6.65 49.47 -51.75
C VAL G 236 6.56 47.97 -51.52
N HIS G 237 7.64 47.26 -51.83
CA HIS G 237 7.72 45.82 -51.63
C HIS G 237 8.67 45.51 -50.49
N THR G 238 8.22 44.71 -49.53
CA THR G 238 8.99 44.40 -48.33
C THR G 238 9.13 42.90 -48.10
N THR G 239 8.90 42.08 -49.12
CA THR G 239 8.96 40.63 -48.97
C THR G 239 10.33 40.04 -49.29
N GLY G 240 11.27 40.83 -49.79
CA GLY G 240 12.57 40.34 -50.18
C GLY G 240 13.60 40.47 -49.07
N ARG G 241 14.88 40.36 -49.47
CA ARG G 241 15.97 40.54 -48.51
C ARG G 241 16.16 42.00 -48.15
N VAL G 242 15.92 42.91 -49.10
CA VAL G 242 16.01 44.35 -48.87
C VAL G 242 14.76 44.99 -49.44
N VAL G 243 14.23 45.99 -48.73
CA VAL G 243 13.04 46.69 -49.20
C VAL G 243 13.31 47.36 -50.55
N SER G 244 12.25 47.52 -51.33
CA SER G 244 12.35 48.07 -52.67
C SER G 244 11.27 49.13 -52.87
N VAL G 245 11.50 50.01 -53.83
CA VAL G 245 10.59 51.11 -54.16
C VAL G 245 10.17 50.95 -55.62
N ASP G 246 8.85 50.92 -55.85
CA ASP G 246 8.29 50.79 -57.18
C ASP G 246 7.29 51.91 -57.42
N GLY G 247 7.34 52.49 -58.61
CA GLY G 247 6.43 53.59 -58.91
C GLY G 247 6.45 53.93 -60.39
N THR G 248 5.79 55.05 -60.71
CA THR G 248 5.68 55.53 -62.07
C THR G 248 5.84 57.05 -62.07
N LEU G 249 6.23 57.60 -63.22
CA LEU G 249 6.41 59.03 -63.34
C LEU G 249 5.10 59.78 -63.12
N ILE G 250 3.99 59.24 -63.63
CA ILE G 250 2.69 59.89 -63.48
C ILE G 250 2.29 59.92 -62.02
N SER G 251 1.45 60.90 -61.67
CA SER G 251 0.97 61.06 -60.31
C SER G 251 -0.10 60.02 -59.97
N ASN H 3 59.03 11.55 37.46
CA ASN H 3 59.27 11.23 38.87
C ASN H 3 58.06 10.54 39.49
N THR H 4 58.32 9.74 40.52
CA THR H 4 57.25 9.00 41.18
C THR H 4 56.32 9.96 41.91
N LEU H 5 55.02 9.78 41.74
CA LEU H 5 54.01 10.59 42.41
C LEU H 5 53.26 9.83 43.50
N PHE H 6 53.50 8.53 43.66
CA PHE H 6 52.81 7.73 44.66
C PHE H 6 53.52 6.39 44.76
N ASP H 7 53.46 5.80 45.95
CA ASP H 7 54.03 4.49 46.18
C ASP H 7 53.39 3.89 47.41
N ASP H 8 53.09 2.59 47.34
CA ASP H 8 52.49 1.89 48.47
C ASP H 8 52.59 0.39 48.23
N ILE H 9 52.33 -0.37 49.29
CA ILE H 9 52.29 -1.82 49.23
C ILE H 9 50.85 -2.25 49.53
N PHE H 10 50.24 -2.95 48.58
CA PHE H 10 48.82 -3.29 48.65
C PHE H 10 48.64 -4.80 48.77
N GLN H 11 47.83 -5.21 49.73
CA GLN H 11 47.47 -6.62 49.93
C GLN H 11 46.04 -6.79 49.45
N VAL H 12 45.88 -7.39 48.26
CA VAL H 12 44.56 -7.55 47.68
C VAL H 12 43.72 -8.47 48.55
N SER H 13 42.41 -8.24 48.54
CA SER H 13 41.49 -9.02 49.35
C SER H 13 40.52 -9.86 48.53
N GLU H 14 40.10 -9.38 47.36
CA GLU H 14 39.14 -10.11 46.55
C GLU H 14 39.43 -9.84 45.08
N VAL H 15 39.38 -10.89 44.28
CA VAL H 15 39.51 -10.80 42.83
C VAL H 15 38.23 -11.33 42.20
N ASP H 16 37.83 -10.72 41.08
CA ASP H 16 36.59 -11.10 40.42
C ASP H 16 36.69 -10.74 38.95
N PRO H 17 36.65 -11.73 38.05
CA PRO H 17 36.67 -11.40 36.62
C PRO H 17 35.29 -11.05 36.09
N GLY H 18 34.24 -11.59 36.71
CA GLY H 18 32.91 -11.38 36.17
C GLY H 18 32.78 -12.10 34.83
N ARG H 19 31.97 -11.52 33.94
CA ARG H 19 31.80 -12.07 32.61
C ARG H 19 32.95 -11.64 31.71
N TYR H 20 34.19 -11.88 32.14
CA TYR H 20 35.35 -11.37 31.44
C TYR H 20 36.37 -12.49 31.27
N ASN H 21 37.14 -12.41 30.20
CA ASN H 21 38.19 -13.40 29.93
C ASN H 21 39.56 -12.94 30.41
N LYS H 22 40.00 -11.76 29.98
CA LYS H 22 41.33 -11.27 30.34
C LYS H 22 41.30 -10.44 31.62
N VAL H 23 40.48 -9.39 31.64
CA VAL H 23 40.54 -8.41 32.71
C VAL H 23 39.79 -8.91 33.93
N CYS H 24 40.23 -8.47 35.10
CA CYS H 24 39.54 -8.75 36.36
C CYS H 24 39.70 -7.54 37.28
N ARG H 25 38.81 -7.46 38.27
CA ARG H 25 38.77 -6.34 39.20
C ARG H 25 39.30 -6.80 40.55
N ILE H 26 40.22 -6.02 41.12
CA ILE H 26 40.82 -6.33 42.41
C ILE H 26 40.35 -5.30 43.43
N GLU H 27 40.41 -5.69 44.70
CA GLU H 27 40.02 -4.84 45.82
C GLU H 27 41.17 -4.85 46.83
N ALA H 28 42.14 -3.95 46.61
CA ALA H 28 43.31 -3.90 47.46
C ALA H 28 43.00 -3.15 48.76
N ALA H 29 43.94 -3.26 49.71
CA ALA H 29 43.85 -2.55 50.98
C ALA H 29 45.27 -2.39 51.51
N SER H 30 45.75 -1.15 51.57
CA SER H 30 47.14 -0.90 51.93
C SER H 30 47.43 -1.37 53.35
N THR H 31 48.56 -2.05 53.52
CA THR H 31 48.98 -2.49 54.85
C THR H 31 49.58 -1.34 55.65
N THR H 32 50.31 -0.43 54.98
CA THR H 32 50.95 0.67 55.68
C THR H 32 49.93 1.71 56.12
N GLN H 33 49.24 2.33 55.15
CA GLN H 33 48.25 3.34 55.45
C GLN H 33 46.90 2.69 55.73
N ASP H 34 46.21 3.19 56.76
CA ASP H 34 44.97 2.56 57.20
C ASP H 34 43.85 2.81 56.20
N GLN H 35 43.69 4.05 55.75
CA GLN H 35 42.53 4.43 54.95
C GLN H 35 42.76 4.34 53.45
N CYS H 36 43.96 4.00 53.01
CA CYS H 36 44.20 3.86 51.57
C CYS H 36 43.48 2.62 51.05
N LYS H 37 42.98 2.72 49.82
CA LYS H 37 42.20 1.64 49.24
C LYS H 37 42.26 1.75 47.72
N LEU H 38 42.32 0.62 47.04
CA LEU H 38 42.47 0.57 45.60
C LEU H 38 41.41 -0.34 44.99
N THR H 39 41.04 -0.05 43.74
CA THR H 39 40.11 -0.88 42.98
C THR H 39 40.48 -0.71 41.51
N LEU H 40 41.24 -1.65 40.97
CA LEU H 40 41.88 -1.49 39.67
C LEU H 40 41.55 -2.68 38.77
N ASP H 41 41.38 -2.41 37.48
CA ASP H 41 41.10 -3.43 36.48
C ASP H 41 42.39 -3.79 35.76
N ILE H 42 42.78 -5.07 35.86
CA ILE H 42 44.00 -5.56 35.24
C ILE H 42 43.66 -6.82 34.45
N ASN H 43 44.39 -7.06 33.37
CA ASN H 43 44.20 -8.26 32.56
C ASN H 43 45.17 -9.34 33.06
N VAL H 44 44.62 -10.38 33.70
CA VAL H 44 45.45 -11.43 34.27
C VAL H 44 46.08 -12.31 33.22
N GLU H 45 45.73 -12.15 31.96
CA GLU H 45 46.40 -12.88 30.89
C GLU H 45 47.88 -12.50 30.79
N LEU H 46 48.25 -11.32 31.27
CA LEU H 46 49.64 -10.87 31.29
C LEU H 46 50.22 -10.77 32.68
N PHE H 47 49.42 -10.35 33.66
CA PHE H 47 49.87 -10.21 35.05
C PHE H 47 48.88 -10.93 35.95
N PRO H 48 48.99 -12.26 36.03
CA PRO H 48 48.04 -13.02 36.87
C PRO H 48 48.15 -12.59 38.32
N VAL H 49 46.99 -12.49 38.97
CA VAL H 49 46.89 -12.05 40.36
C VAL H 49 45.94 -12.96 41.10
N ALA H 50 46.36 -13.42 42.28
CA ALA H 50 45.53 -14.22 43.15
C ALA H 50 45.15 -13.42 44.39
N ALA H 51 44.15 -13.92 45.11
CA ALA H 51 43.71 -13.26 46.33
C ALA H 51 44.83 -13.31 47.38
N GLN H 52 44.88 -12.26 48.19
CA GLN H 52 45.90 -12.11 49.24
C GLN H 52 47.31 -12.14 48.65
N ASP H 53 47.59 -11.13 47.83
CA ASP H 53 48.90 -10.95 47.22
C ASP H 53 49.41 -9.55 47.55
N SER H 54 50.73 -9.43 47.68
CA SER H 54 51.38 -8.16 48.00
C SER H 54 51.89 -7.55 46.70
N LEU H 55 51.43 -6.34 46.40
CA LEU H 55 51.79 -5.65 45.17
C LEU H 55 52.29 -4.25 45.50
N THR H 56 53.36 -3.83 44.82
CA THR H 56 53.95 -2.52 45.01
C THR H 56 53.45 -1.61 43.89
N VAL H 57 52.51 -0.74 44.23
CA VAL H 57 51.86 0.15 43.26
C VAL H 57 52.58 1.48 43.26
N THR H 58 52.98 1.94 42.08
CA THR H 58 53.66 3.23 41.92
C THR H 58 53.03 3.97 40.76
N ILE H 59 52.77 5.26 40.95
CA ILE H 59 52.19 6.12 39.91
C ILE H 59 53.25 7.16 39.56
N ALA H 60 53.74 7.11 38.33
CA ALA H 60 54.83 7.98 37.88
C ALA H 60 54.32 8.86 36.74
N SER H 61 54.60 10.17 36.83
CA SER H 61 54.23 11.08 35.76
C SER H 61 55.02 10.81 34.48
N SER H 62 56.15 10.11 34.58
CA SER H 62 56.93 9.76 33.39
C SER H 62 57.81 8.57 33.73
N LEU H 63 58.31 7.93 32.67
CA LEU H 63 59.23 6.81 32.81
C LEU H 63 60.67 7.18 32.48
N ASN H 64 60.96 8.48 32.37
CA ASN H 64 62.31 8.92 32.04
C ASN H 64 63.23 8.78 33.25
N LEU H 65 64.53 8.72 32.97
CA LEU H 65 65.54 8.61 34.01
C LEU H 65 66.81 9.37 33.63
N SER H 78 56.24 10.53 20.72
CA SER H 78 55.75 10.27 22.07
C SER H 78 56.14 8.87 22.53
N TRP H 79 55.76 7.87 21.74
CA TRP H 79 56.06 6.48 22.05
C TRP H 79 56.73 5.81 20.86
N ARG H 80 57.51 4.78 21.15
CA ARG H 80 58.24 4.01 20.16
C ARG H 80 58.51 2.64 20.75
N PRO H 81 58.45 1.56 19.98
CA PRO H 81 58.78 0.24 20.51
C PRO H 81 60.20 0.24 21.06
N PRO H 82 60.44 -0.48 22.16
CA PRO H 82 61.72 -0.35 22.86
C PRO H 82 62.90 -0.67 21.96
N GLN H 83 63.96 0.11 22.11
CA GLN H 83 65.19 -0.06 21.35
C GLN H 83 66.29 -0.58 22.27
N ALA H 84 67.28 -1.21 21.67
CA ALA H 84 68.39 -1.77 22.44
C ALA H 84 69.09 -0.68 23.25
N GLY H 85 69.43 -1.02 24.49
CA GLY H 85 70.08 -0.05 25.36
C GLY H 85 69.21 1.11 25.77
N ASP H 86 67.94 0.86 26.09
CA ASP H 86 67.03 1.88 26.56
C ASP H 86 66.68 1.60 28.02
N ARG H 87 66.85 2.61 28.87
CA ARG H 87 66.55 2.49 30.30
C ARG H 87 65.23 3.19 30.60
N SER H 88 64.35 2.50 31.31
CA SER H 88 63.06 3.05 31.69
C SER H 88 62.78 2.74 33.15
N LEU H 89 61.95 3.57 33.77
CA LEU H 89 61.59 3.36 35.17
C LEU H 89 60.81 2.07 35.38
N ALA H 90 60.16 1.54 34.34
CA ALA H 90 59.32 0.36 34.47
C ALA H 90 60.12 -0.93 34.53
N ASP H 91 61.43 -0.88 34.31
CA ASP H 91 62.24 -2.11 34.34
C ASP H 91 62.23 -2.75 35.72
N ASP H 92 62.09 -1.95 36.78
CA ASP H 92 62.08 -2.50 38.13
C ASP H 92 60.77 -3.20 38.45
N TYR H 93 59.69 -2.83 37.76
CA TYR H 93 58.36 -3.38 38.02
C TYR H 93 57.95 -4.33 36.90
N ASP H 94 56.86 -5.06 37.14
CA ASP H 94 56.37 -6.06 36.20
C ASP H 94 55.20 -5.53 35.37
N TYR H 95 54.13 -5.09 36.03
CA TYR H 95 52.95 -4.59 35.33
C TYR H 95 52.99 -3.07 35.25
N VAL H 96 52.92 -2.54 34.04
CA VAL H 96 53.00 -1.12 33.79
C VAL H 96 51.87 -0.72 32.85
N MET H 97 51.15 0.35 33.19
CA MET H 97 49.98 0.78 32.45
C MET H 97 50.05 2.29 32.25
N TYR H 98 49.32 2.76 31.24
CA TYR H 98 49.28 4.18 30.89
C TYR H 98 47.83 4.64 30.83
N GLY H 99 47.54 5.76 31.49
CA GLY H 99 46.19 6.29 31.47
C GLY H 99 46.14 7.65 32.12
N THR H 100 45.05 8.36 31.84
CA THR H 100 44.85 9.71 32.32
C THR H 100 43.76 9.74 33.38
N ALA H 101 43.92 10.63 34.36
CA ALA H 101 42.89 10.82 35.37
C ALA H 101 41.70 11.55 34.76
N TYR H 102 40.50 11.25 35.28
CA TYR H 102 39.29 11.84 34.73
C TYR H 102 38.29 12.26 35.79
N LYS H 103 38.62 12.19 37.08
CA LYS H 103 37.70 12.63 38.12
C LYS H 103 38.50 12.94 39.38
N PHE H 104 37.82 13.61 40.32
CA PHE H 104 38.45 14.07 41.55
C PHE H 104 37.33 14.29 42.55
N GLU H 105 37.24 13.45 43.58
CA GLU H 105 36.11 13.45 44.48
C GLU H 105 36.56 13.57 45.92
N GLU H 106 35.76 14.28 46.71
CA GLU H 106 35.97 14.42 48.16
C GLU H 106 35.01 13.44 48.84
N VAL H 107 35.52 12.24 49.15
CA VAL H 107 34.68 11.26 49.85
C VAL H 107 34.27 11.80 51.21
N SER H 108 35.22 12.37 51.93
CA SER H 108 34.98 13.02 53.22
C SER H 108 36.18 13.92 53.50
N LYS H 109 36.26 14.42 54.73
CA LYS H 109 37.45 15.15 55.14
C LYS H 109 38.66 14.22 55.11
N ASP H 110 39.71 14.66 54.41
CA ASP H 110 40.95 13.89 54.27
C ASP H 110 40.68 12.52 53.63
N LEU H 111 39.79 12.49 52.64
CA LEU H 111 39.41 11.25 51.98
C LEU H 111 39.37 11.44 50.46
N ILE H 112 40.45 12.01 49.92
CA ILE H 112 40.53 12.23 48.47
C ILE H 112 40.45 10.90 47.74
N ALA H 113 39.57 10.84 46.74
CA ALA H 113 39.46 9.69 45.84
C ALA H 113 39.72 10.16 44.43
N VAL H 114 40.65 9.50 43.74
CA VAL H 114 41.09 9.88 42.40
C VAL H 114 40.81 8.73 41.46
N TYR H 115 40.14 9.02 40.35
CA TYR H 115 39.78 8.02 39.36
C TYR H 115 40.74 8.09 38.17
N TYR H 116 41.23 6.93 37.76
CA TYR H 116 42.11 6.81 36.60
C TYR H 116 41.48 5.88 35.58
N SER H 117 41.69 6.18 34.30
CA SER H 117 41.15 5.39 33.20
C SER H 117 42.28 5.04 32.25
N PHE H 118 42.67 3.77 32.23
CA PHE H 118 43.77 3.29 31.39
C PHE H 118 43.18 2.67 30.13
N GLY H 119 42.83 3.53 29.18
CA GLY H 119 42.27 3.07 27.93
C GLY H 119 41.02 2.24 28.08
N GLY H 120 40.22 2.51 29.11
CA GLY H 120 39.04 1.73 29.42
C GLY H 120 39.14 1.00 30.75
N LEU H 121 40.35 0.68 31.18
CA LEU H 121 40.56 0.04 32.47
C LEU H 121 40.62 1.10 33.56
N LEU H 122 39.82 0.92 34.61
CA LEU H 122 39.57 1.95 35.60
C LEU H 122 40.25 1.61 36.92
N MET H 123 40.73 2.65 37.61
CA MET H 123 41.23 2.52 38.97
C MET H 123 40.61 3.61 39.84
N ARG H 124 40.14 3.23 41.03
CA ARG H 124 39.66 4.18 42.03
C ARG H 124 40.59 4.11 43.24
N LEU H 125 41.38 5.16 43.43
CA LEU H 125 42.39 5.19 44.49
C LEU H 125 41.87 6.07 45.62
N GLU H 126 41.13 5.46 46.54
CA GLU H 126 40.67 6.16 47.73
C GLU H 126 41.78 6.21 48.77
N GLY H 127 41.98 7.38 49.35
CA GLY H 127 43.04 7.58 50.31
C GLY H 127 42.85 8.83 51.14
N ASN H 128 43.93 9.56 51.37
CA ASN H 128 43.88 10.83 52.08
C ASN H 128 44.75 11.84 51.35
N TYR H 129 44.44 13.13 51.54
CA TYR H 129 45.06 14.16 50.72
C TYR H 129 46.52 14.45 51.09
N ARG H 130 46.95 14.07 52.30
CA ARG H 130 48.34 14.36 52.67
C ARG H 130 49.34 13.67 51.76
N ASN H 131 49.08 12.40 51.40
CA ASN H 131 49.97 11.67 50.52
C ASN H 131 49.47 11.56 49.09
N LEU H 132 48.19 11.84 48.84
CA LEU H 132 47.64 11.83 47.49
C LEU H 132 47.70 13.19 46.82
N ASN H 133 48.29 14.19 47.48
CA ASN H 133 48.30 15.54 46.93
C ASN H 133 49.11 15.66 45.64
N ASN H 134 49.99 14.69 45.36
CA ASN H 134 50.80 14.75 44.15
C ASN H 134 50.04 14.33 42.91
N LEU H 135 48.87 13.70 43.06
CA LEU H 135 48.12 13.19 41.91
C LEU H 135 47.34 14.33 41.27
N LYS H 136 47.73 14.69 40.05
CA LYS H 136 47.08 15.76 39.30
C LYS H 136 46.46 15.19 38.04
N GLN H 137 45.39 15.83 37.57
CA GLN H 137 44.61 15.30 36.45
C GLN H 137 45.36 15.47 35.13
N GLU H 138 46.20 14.49 34.80
CA GLU H 138 46.93 14.48 33.54
C GLU H 138 47.35 13.05 33.26
N ASN H 139 48.13 12.86 32.21
CA ASN H 139 48.69 11.55 31.91
C ASN H 139 49.62 11.12 33.04
N ALA H 140 49.48 9.86 33.46
CA ALA H 140 50.27 9.35 34.58
C ALA H 140 50.36 7.84 34.47
N TYR H 141 51.57 7.33 34.26
CA TYR H 141 51.78 5.89 34.20
C TYR H 141 51.47 5.24 35.54
N LEU H 142 51.00 4.00 35.49
CA LEU H 142 50.80 3.18 36.67
C LEU H 142 51.83 2.06 36.67
N LEU H 143 52.57 1.94 37.76
CA LEU H 143 53.68 1.00 37.87
C LEU H 143 53.35 0.00 38.96
N ILE H 144 53.33 -1.29 38.62
CA ILE H 144 53.01 -2.35 39.57
C ILE H 144 54.15 -3.35 39.57
N ARG H 145 54.64 -3.67 40.77
CA ARG H 145 55.68 -4.67 40.96
C ARG H 145 55.09 -5.88 41.66
N ARG H 146 55.50 -7.07 41.23
CA ARG H 146 55.01 -8.31 41.81
C ARG H 146 55.92 -8.80 42.92
N SER I 2 -60.81 -24.63 20.45
CA SER I 2 -61.35 -23.59 19.59
C SER I 2 -60.83 -22.22 20.00
N VAL I 3 -60.49 -22.08 21.28
CA VAL I 3 -60.01 -20.82 21.83
C VAL I 3 -58.75 -21.10 22.65
N VAL I 4 -57.72 -20.29 22.44
CA VAL I 4 -56.50 -20.34 23.23
C VAL I 4 -56.18 -19.00 23.88
N GLY I 5 -56.20 -17.92 23.09
CA GLY I 5 -55.98 -16.58 23.58
C GLY I 5 -57.02 -15.64 23.02
N SER I 6 -56.58 -14.60 22.31
CA SER I 6 -57.49 -13.76 21.55
C SER I 6 -57.94 -14.44 20.25
N LEU I 7 -57.70 -15.73 20.11
CA LEU I 7 -58.07 -16.49 18.91
C LEU I 7 -59.32 -17.31 19.17
N ILE I 8 -60.19 -17.36 18.18
CA ILE I 8 -61.35 -18.26 18.18
C ILE I 8 -61.29 -19.08 16.91
N PHE I 9 -61.27 -20.40 17.06
CA PHE I 9 -61.09 -21.32 15.95
C PHE I 9 -62.38 -22.08 15.68
N CYS I 10 -62.68 -22.27 14.40
CA CYS I 10 -63.85 -23.06 14.03
C CYS I 10 -63.63 -24.52 14.41
N LEU I 11 -64.65 -25.13 15.01
CA LEU I 11 -64.54 -26.52 15.45
C LEU I 11 -64.79 -27.52 14.33
N ASP I 12 -65.20 -27.06 13.15
CA ASP I 12 -65.53 -27.95 12.04
C ASP I 12 -64.42 -28.02 11.00
N CYS I 13 -64.04 -26.88 10.43
CA CYS I 13 -63.03 -26.83 9.39
C CYS I 13 -61.69 -26.31 9.89
N GLY I 14 -61.69 -25.31 10.76
CA GLY I 14 -60.46 -24.76 11.30
C GLY I 14 -60.09 -23.37 10.83
N ASP I 15 -60.96 -22.71 10.07
CA ASP I 15 -60.65 -21.35 9.63
C ASP I 15 -60.75 -20.39 10.82
N LEU I 16 -60.12 -19.23 10.66
CA LEU I 16 -60.09 -18.22 11.72
C LEU I 16 -61.34 -17.36 11.65
N LEU I 17 -62.19 -17.48 12.66
CA LEU I 17 -63.37 -16.63 12.74
C LEU I 17 -62.95 -15.19 13.03
N GLU I 18 -63.76 -14.25 12.54
CA GLU I 18 -63.45 -12.84 12.74
C GLU I 18 -63.62 -12.45 14.21
N ASN I 19 -63.02 -11.33 14.57
CA ASN I 19 -63.11 -10.84 15.94
C ASN I 19 -64.56 -10.51 16.27
N PRO I 20 -65.02 -10.86 17.47
CA PRO I 20 -66.41 -10.52 17.84
C PRO I 20 -66.70 -9.03 17.85
N ASN I 21 -65.68 -8.18 17.92
CA ASN I 21 -65.87 -6.74 17.81
C ASN I 21 -65.91 -6.24 16.38
N ALA I 22 -65.69 -7.12 15.40
CA ALA I 22 -65.72 -6.74 13.98
C ALA I 22 -66.88 -7.38 13.23
N VAL I 23 -67.92 -7.81 13.96
CA VAL I 23 -69.09 -8.44 13.36
C VAL I 23 -70.32 -7.70 13.86
N LEU I 24 -71.39 -7.75 13.05
CA LEU I 24 -72.62 -7.04 13.38
C LEU I 24 -73.13 -7.41 14.76
N GLY I 25 -73.13 -8.71 15.08
CA GLY I 25 -73.46 -9.13 16.43
C GLY I 25 -74.36 -10.34 16.54
N SER I 26 -74.45 -10.88 17.76
CA SER I 26 -75.35 -11.95 18.16
C SER I 26 -74.94 -13.31 17.61
N ASN I 27 -73.93 -13.34 16.74
CA ASN I 27 -73.40 -14.57 16.17
C ASN I 27 -72.21 -14.22 15.29
N VAL I 28 -71.38 -15.22 15.02
CA VAL I 28 -70.27 -15.09 14.09
C VAL I 28 -70.32 -16.24 13.11
N GLU I 29 -70.14 -15.93 11.82
CA GLU I 29 -70.27 -16.90 10.75
C GLU I 29 -68.89 -17.28 10.23
N CYS I 30 -68.62 -18.58 10.16
CA CYS I 30 -67.34 -19.05 9.64
C CYS I 30 -67.23 -18.73 8.15
N SER I 31 -66.03 -18.36 7.72
CA SER I 31 -65.83 -17.92 6.35
C SER I 31 -65.69 -19.06 5.36
N GLN I 32 -65.63 -20.30 5.82
CA GLN I 32 -65.50 -21.45 4.93
C GLN I 32 -66.72 -22.36 4.94
N CYS I 33 -67.11 -22.88 6.10
CA CYS I 33 -68.24 -23.78 6.19
C CYS I 33 -69.52 -23.09 6.67
N LYS I 34 -69.44 -21.81 7.02
CA LYS I 34 -70.61 -21.01 7.39
C LYS I 34 -71.42 -21.66 8.52
N ALA I 35 -70.70 -22.12 9.53
CA ALA I 35 -71.33 -22.65 10.74
C ALA I 35 -71.58 -21.51 11.73
N ILE I 36 -72.58 -21.71 12.59
CA ILE I 36 -73.05 -20.67 13.49
C ILE I 36 -72.36 -20.83 14.84
N TYR I 37 -71.72 -19.75 15.30
CA TYR I 37 -71.12 -19.68 16.63
C TYR I 37 -71.71 -18.49 17.38
N PRO I 38 -72.38 -18.69 18.50
CA PRO I 38 -72.94 -17.55 19.24
C PRO I 38 -71.83 -16.66 19.81
N LYS I 39 -72.16 -15.39 19.99
CA LYS I 39 -71.22 -14.44 20.57
C LYS I 39 -70.92 -14.77 22.03
N SER I 40 -71.74 -15.60 22.67
CA SER I 40 -71.48 -16.02 24.04
C SER I 40 -70.40 -17.09 24.04
N GLN I 41 -70.20 -17.74 25.19
CA GLN I 41 -69.23 -18.80 25.44
C GLN I 41 -67.79 -18.30 25.42
N PHE I 42 -67.54 -17.03 25.11
CA PHE I 42 -66.20 -16.46 25.19
C PHE I 42 -66.34 -14.95 25.31
N SER I 43 -65.92 -14.41 26.46
CA SER I 43 -66.04 -12.98 26.71
C SER I 43 -64.78 -12.34 27.28
N ASN I 44 -63.89 -13.09 27.92
CA ASN I 44 -62.66 -12.55 28.50
C ASN I 44 -61.47 -13.16 27.75
N LEU I 45 -61.06 -12.48 26.68
CA LEU I 45 -59.93 -12.95 25.86
C LEU I 45 -58.64 -12.35 26.41
N LYS I 46 -58.38 -12.68 27.66
CA LYS I 46 -57.26 -12.10 28.40
C LYS I 46 -55.95 -12.72 27.95
N VAL I 47 -54.95 -11.87 27.72
CA VAL I 47 -53.59 -12.32 27.45
C VAL I 47 -52.66 -11.57 28.40
N VAL I 48 -51.51 -12.15 28.67
CA VAL I 48 -50.50 -11.54 29.52
C VAL I 48 -49.15 -11.66 28.81
N THR I 49 -48.52 -10.52 28.53
CA THR I 49 -47.24 -10.49 27.85
C THR I 49 -46.25 -9.67 28.67
N THR I 50 -45.02 -10.17 28.75
CA THR I 50 -43.95 -9.51 29.48
C THR I 50 -42.78 -9.25 28.54
N THR I 51 -42.18 -8.07 28.67
CA THR I 51 -41.06 -7.71 27.82
C THR I 51 -39.85 -8.59 28.11
N ALA I 52 -39.02 -8.78 27.10
CA ALA I 52 -37.84 -9.63 27.24
C ALA I 52 -36.83 -9.01 28.20
N ASP I 53 -35.98 -9.87 28.77
CA ASP I 53 -34.95 -9.40 29.68
C ASP I 53 -33.90 -8.56 28.97
N ASP I 54 -33.84 -8.60 27.64
CA ASP I 54 -32.94 -7.77 26.86
C ASP I 54 -33.64 -6.54 26.30
N ALA I 55 -34.58 -5.98 27.05
CA ALA I 55 -35.37 -4.84 26.61
C ALA I 55 -34.98 -3.54 27.29
N PHE I 56 -34.62 -3.59 28.56
CA PHE I 56 -34.28 -2.39 29.35
C PHE I 56 -32.90 -2.61 29.96
N PRO I 57 -31.84 -2.46 29.15
CA PRO I 57 -30.48 -2.59 29.71
C PRO I 57 -30.13 -1.47 30.65
N SER I 58 -30.02 -1.78 31.94
CA SER I 58 -29.74 -0.78 32.96
C SER I 58 -28.54 -1.22 33.78
N SER I 59 -27.87 -0.23 34.38
CA SER I 59 -26.73 -0.53 35.23
C SER I 59 -27.15 -1.35 36.45
N LEU I 60 -28.34 -1.06 37.00
CA LEU I 60 -28.82 -1.83 38.13
C LEU I 60 -29.05 -3.30 37.75
N ARG I 61 -29.60 -3.53 36.56
CA ARG I 61 -29.84 -4.90 36.11
C ARG I 61 -28.53 -5.69 36.05
N ALA I 62 -27.45 -5.04 35.62
CA ALA I 62 -26.14 -5.69 35.64
C ALA I 62 -25.70 -6.04 37.05
N LYS I 63 -26.20 -5.33 38.06
CA LYS I 63 -25.92 -5.67 39.45
C LYS I 63 -26.77 -6.82 39.94
N LYS I 64 -27.76 -7.27 39.16
CA LYS I 64 -28.59 -8.41 39.51
C LYS I 64 -28.17 -9.68 38.79
N SER I 65 -27.00 -9.66 38.14
CA SER I 65 -26.52 -10.79 37.37
C SER I 65 -25.10 -11.13 37.80
N VAL I 66 -24.71 -12.38 37.58
CA VAL I 66 -23.39 -12.89 37.93
C VAL I 66 -23.09 -12.65 39.41
N MET J 1 18.47 -33.18 -12.25
CA MET J 1 18.76 -33.94 -13.46
C MET J 1 19.99 -34.83 -13.28
N ILE J 2 21.03 -34.56 -14.06
CA ILE J 2 22.20 -35.42 -14.07
C ILE J 2 23.11 -35.05 -12.89
N VAL J 3 23.93 -36.02 -12.49
CA VAL J 3 24.76 -35.85 -11.29
C VAL J 3 25.74 -34.70 -11.48
N PRO J 4 25.94 -33.83 -10.50
CA PRO J 4 26.93 -32.75 -10.67
C PRO J 4 28.33 -33.32 -10.75
N VAL J 5 29.16 -32.67 -11.57
CA VAL J 5 30.53 -33.17 -11.77
C VAL J 5 31.40 -32.84 -10.58
N ARG J 6 31.56 -31.56 -10.29
CA ARG J 6 32.39 -31.10 -9.19
C ARG J 6 31.53 -30.86 -7.94
N CYS J 7 32.22 -30.68 -6.82
CA CYS J 7 31.53 -30.39 -5.57
C CYS J 7 31.28 -28.90 -5.45
N PHE J 8 30.03 -28.54 -5.13
CA PHE J 8 29.66 -27.13 -5.05
C PHE J 8 30.51 -26.39 -4.01
N SER J 9 30.60 -26.94 -2.81
CA SER J 9 31.28 -26.24 -1.73
C SER J 9 32.80 -26.29 -1.91
N CYS J 10 33.37 -27.49 -1.92
CA CYS J 10 34.82 -27.62 -1.96
C CYS J 10 35.36 -27.71 -3.39
N GLY J 11 34.93 -28.72 -4.14
CA GLY J 11 35.37 -28.85 -5.51
C GLY J 11 35.77 -30.25 -5.92
N LYS J 12 35.62 -31.20 -5.01
CA LYS J 12 35.95 -32.59 -5.31
C LYS J 12 35.04 -33.13 -6.39
N VAL J 13 35.61 -33.93 -7.30
CA VAL J 13 34.86 -34.49 -8.41
C VAL J 13 34.01 -35.64 -7.89
N VAL J 14 32.70 -35.44 -7.85
CA VAL J 14 31.75 -36.47 -7.45
C VAL J 14 30.91 -36.95 -8.63
N GLY J 15 31.23 -36.51 -9.84
CA GLY J 15 30.46 -36.92 -11.01
C GLY J 15 30.68 -38.35 -11.43
N ASP J 16 31.83 -38.93 -11.08
CA ASP J 16 32.13 -40.31 -11.44
C ASP J 16 31.62 -41.32 -10.41
N LYS J 17 31.01 -40.85 -9.32
CA LYS J 17 30.67 -41.72 -8.20
C LYS J 17 29.20 -42.10 -8.16
N TRP J 18 28.36 -41.52 -9.00
CA TRP J 18 26.93 -41.83 -8.92
C TRP J 18 26.65 -43.29 -9.30
N GLU J 19 27.23 -43.74 -10.41
CA GLU J 19 27.02 -45.12 -10.83
C GLU J 19 27.58 -46.11 -9.81
N SER J 20 28.76 -45.81 -9.27
CA SER J 20 29.35 -46.68 -8.26
C SER J 20 28.50 -46.71 -7.00
N TYR J 21 27.95 -45.56 -6.60
CA TYR J 21 27.06 -45.52 -5.44
C TYR J 21 25.81 -46.35 -5.68
N LEU J 22 25.23 -46.24 -6.87
CA LEU J 22 24.03 -47.03 -7.17
C LEU J 22 24.34 -48.51 -7.17
N ASN J 23 25.48 -48.91 -7.75
CA ASN J 23 25.87 -50.32 -7.75
C ASN J 23 26.12 -50.83 -6.35
N LEU J 24 26.81 -50.04 -5.52
CA LEU J 24 27.07 -50.44 -4.14
C LEU J 24 25.78 -50.55 -3.35
N LEU J 25 24.78 -49.74 -3.68
CA LEU J 25 23.49 -49.85 -3.02
C LEU J 25 22.74 -51.09 -3.49
N GLN J 26 22.79 -51.40 -4.78
CA GLN J 26 21.96 -52.46 -5.32
C GLN J 26 22.58 -53.84 -5.09
N GLU J 27 23.75 -54.09 -5.70
CA GLU J 27 24.31 -55.44 -5.67
C GLU J 27 24.83 -55.82 -4.29
N ASP J 28 25.10 -54.84 -3.42
CA ASP J 28 25.55 -55.09 -2.06
C ASP J 28 24.58 -54.45 -1.08
N GLU J 29 24.41 -55.08 0.08
CA GLU J 29 23.59 -54.52 1.14
C GLU J 29 24.42 -53.53 1.96
N LEU J 30 24.73 -52.40 1.32
CA LEU J 30 25.49 -51.33 1.93
C LEU J 30 24.57 -50.15 2.20
N ASP J 31 24.57 -49.67 3.44
CA ASP J 31 23.79 -48.48 3.77
C ASP J 31 24.38 -47.27 3.06
N GLU J 32 23.61 -46.17 3.05
CA GLU J 32 24.05 -44.98 2.34
C GLU J 32 25.33 -44.41 2.95
N GLY J 33 25.40 -44.34 4.27
CA GLY J 33 26.58 -43.80 4.90
C GLY J 33 27.82 -44.64 4.66
N THR J 34 27.69 -45.96 4.80
CA THR J 34 28.82 -46.85 4.58
C THR J 34 29.26 -46.82 3.11
N ALA J 35 28.29 -46.77 2.18
CA ALA J 35 28.63 -46.70 0.77
C ALA J 35 29.35 -45.40 0.45
N LEU J 36 28.91 -44.29 1.02
CA LEU J 36 29.60 -43.02 0.79
C LEU J 36 31.00 -43.03 1.40
N SER J 37 31.15 -43.63 2.57
CA SER J 37 32.48 -43.76 3.16
C SER J 37 33.40 -44.60 2.28
N ARG J 38 32.87 -45.71 1.75
CA ARG J 38 33.67 -46.56 0.87
C ARG J 38 34.03 -45.84 -0.42
N LEU J 39 33.13 -45.00 -0.92
CA LEU J 39 33.38 -44.26 -2.16
C LEU J 39 34.52 -43.26 -2.02
N GLY J 40 34.77 -42.78 -0.80
CA GLY J 40 35.79 -41.78 -0.58
C GLY J 40 35.28 -40.38 -0.35
N LEU J 41 34.10 -40.22 0.24
CA LEU J 41 33.51 -38.91 0.52
C LEU J 41 33.43 -38.76 2.03
N LYS J 42 34.38 -37.99 2.59
CA LYS J 42 34.48 -37.84 4.04
C LYS J 42 33.71 -36.63 4.55
N ARG J 43 33.87 -35.48 3.90
CA ARG J 43 33.17 -34.29 4.33
C ARG J 43 31.69 -34.36 3.94
N TYR J 44 30.84 -33.77 4.79
CA TYR J 44 29.42 -33.74 4.45
C TYR J 44 29.17 -32.89 3.21
N CYS J 45 30.06 -31.94 2.92
CA CYS J 45 29.91 -31.14 1.71
C CYS J 45 29.92 -32.02 0.46
N CYS J 46 30.83 -32.98 0.41
CA CYS J 46 30.83 -33.94 -0.69
C CYS J 46 29.75 -35.00 -0.53
N ARG J 47 29.44 -35.39 0.70
CA ARG J 47 28.50 -36.48 0.92
C ARG J 47 27.09 -36.12 0.49
N ARG J 48 26.67 -34.88 0.72
CA ARG J 48 25.26 -34.52 0.62
C ARG J 48 24.72 -34.69 -0.79
N MET J 49 25.53 -34.42 -1.82
CA MET J 49 25.00 -34.49 -3.17
C MET J 49 24.78 -35.92 -3.64
N ILE J 50 25.81 -36.77 -3.52
CA ILE J 50 25.63 -38.17 -3.90
C ILE J 50 24.59 -38.83 -3.00
N LEU J 51 24.41 -38.32 -1.78
CA LEU J 51 23.37 -38.86 -0.92
C LEU J 51 21.98 -38.40 -1.35
N THR J 52 21.85 -37.20 -1.91
CA THR J 52 20.56 -36.60 -2.17
C THR J 52 20.32 -36.27 -3.64
N HIS J 53 21.17 -36.74 -4.55
CA HIS J 53 20.89 -36.54 -5.97
C HIS J 53 19.64 -37.31 -6.36
N VAL J 54 18.89 -36.76 -7.32
CA VAL J 54 17.59 -37.30 -7.68
C VAL J 54 17.59 -38.00 -9.03
N ASP J 55 18.48 -37.64 -9.95
CA ASP J 55 18.60 -38.27 -11.26
C ASP J 55 17.29 -38.18 -12.05
N LEU J 56 16.88 -36.94 -12.35
CA LEU J 56 15.72 -36.71 -13.18
C LEU J 56 15.99 -36.94 -14.66
N ILE J 57 17.26 -37.11 -15.05
CA ILE J 57 17.58 -37.27 -16.47
C ILE J 57 16.90 -38.51 -17.02
N GLU J 58 16.80 -39.57 -16.21
CA GLU J 58 16.18 -40.80 -16.69
C GLU J 58 14.68 -40.60 -16.92
N LYS J 59 14.00 -39.89 -16.02
CA LYS J 59 12.61 -39.57 -16.24
C LYS J 59 12.42 -38.65 -17.45
N PHE J 60 13.37 -37.74 -17.67
CA PHE J 60 13.31 -36.87 -18.85
C PHE J 60 13.47 -37.65 -20.15
N LEU J 61 14.28 -38.71 -20.13
CA LEU J 61 14.62 -39.42 -21.35
C LEU J 61 13.48 -40.28 -21.89
N ARG J 62 12.45 -40.53 -21.11
CA ARG J 62 11.34 -41.37 -21.58
C ARG J 62 10.54 -40.72 -22.70
N TYR J 63 10.70 -39.42 -22.92
CA TYR J 63 9.98 -38.70 -23.96
C TYR J 63 10.99 -38.38 -25.07
N ASN J 64 11.08 -39.29 -26.04
CA ASN J 64 11.99 -39.13 -27.17
C ASN J 64 11.17 -38.77 -28.41
N PRO J 65 11.38 -37.58 -29.00
CA PRO J 65 10.67 -37.24 -30.23
C PRO J 65 11.29 -37.84 -31.48
N LEU J 66 12.46 -38.44 -31.40
CA LEU J 66 13.17 -38.97 -32.56
C LEU J 66 13.01 -40.47 -32.75
N GLU J 67 12.25 -41.14 -31.87
CA GLU J 67 12.05 -42.57 -31.98
C GLU J 67 10.56 -42.89 -31.82
N LYS J 68 10.15 -43.98 -32.47
CA LYS J 68 8.75 -44.40 -32.42
C LYS J 68 8.37 -44.82 -31.01
N ARG J 69 7.16 -44.43 -30.60
CA ARG J 69 6.66 -44.73 -29.27
C ARG J 69 6.28 -46.21 -29.14
N GLU K 45 50.73 1.23 -15.29
CA GLU K 45 51.73 0.67 -14.38
C GLU K 45 51.05 -0.13 -13.28
N LYS K 46 51.86 -0.90 -12.52
CA LYS K 46 51.34 -1.69 -11.42
C LYS K 46 51.44 -0.93 -10.10
N ILE K 47 52.66 -0.58 -9.69
CA ILE K 47 52.88 0.17 -8.47
C ILE K 47 52.62 1.64 -8.74
N LYS K 48 52.10 2.34 -7.73
CA LYS K 48 51.77 3.75 -7.88
C LYS K 48 51.89 4.44 -6.52
N LEU K 49 52.38 5.68 -6.53
CA LEU K 49 52.55 6.49 -5.33
C LEU K 49 51.56 7.63 -5.37
N LEU K 50 50.59 7.64 -4.47
CA LEU K 50 49.58 8.69 -4.46
C LEU K 50 50.14 9.91 -3.73
N THR K 51 50.41 10.98 -4.47
CA THR K 51 50.99 12.19 -3.89
C THR K 51 49.89 13.05 -3.26
N GLN K 52 49.09 12.48 -2.38
CA GLN K 52 48.06 13.19 -1.66
C GLN K 52 48.20 13.09 -0.15
N ALA K 53 48.74 11.99 0.37
CA ALA K 53 48.89 11.80 1.81
C ALA K 53 50.33 11.50 2.21
N THR K 54 51.29 11.86 1.37
CA THR K 54 52.70 11.62 1.65
C THR K 54 53.29 12.81 2.40
N SER K 55 54.62 12.82 2.52
CA SER K 55 55.34 13.91 3.15
C SER K 55 56.29 14.55 2.15
N GLU K 56 56.65 15.81 2.41
CA GLU K 56 57.55 16.52 1.51
C GLU K 56 58.93 15.87 1.48
N ASP K 57 59.44 15.45 2.65
CA ASP K 57 60.73 14.79 2.71
C ASP K 57 60.67 13.32 2.30
N GLY K 58 59.47 12.74 2.25
CA GLY K 58 59.31 11.35 1.87
C GLY K 58 59.34 10.35 3.02
N THR K 59 59.34 10.83 4.26
CA THR K 59 59.35 9.90 5.40
C THR K 59 58.09 9.05 5.43
N SER K 60 56.94 9.67 5.19
CA SER K 60 55.67 8.96 5.14
C SER K 60 55.10 9.04 3.73
N ALA K 61 54.53 7.93 3.27
CA ALA K 61 53.99 7.87 1.92
C ALA K 61 52.94 6.78 1.85
N SER K 62 52.17 6.80 0.76
CA SER K 62 51.13 5.82 0.51
C SER K 62 51.28 5.28 -0.90
N PHE K 63 51.27 3.96 -1.03
CA PHE K 63 51.43 3.31 -2.31
C PHE K 63 50.13 2.62 -2.72
N GLN K 64 49.88 2.61 -4.02
CA GLN K 64 48.71 1.98 -4.59
C GLN K 64 49.13 0.77 -5.42
N ILE K 65 48.57 -0.39 -5.11
CA ILE K 65 48.90 -1.63 -5.78
C ILE K 65 47.63 -2.18 -6.44
N VAL K 66 47.74 -2.54 -7.71
CA VAL K 66 46.62 -3.07 -8.47
C VAL K 66 46.83 -4.57 -8.66
N GLU K 67 45.73 -5.32 -8.63
CA GLU K 67 45.63 -6.76 -8.87
C GLU K 67 45.96 -7.62 -7.66
N GLU K 68 46.09 -7.05 -6.47
CA GLU K 68 46.27 -7.83 -5.25
C GLU K 68 45.23 -7.38 -4.22
N ASP K 69 44.67 -8.35 -3.49
CA ASP K 69 43.61 -8.06 -2.54
C ASP K 69 44.02 -8.32 -1.10
N HIS K 70 44.38 -9.53 -0.76
CA HIS K 70 44.70 -9.82 0.64
C HIS K 70 46.02 -10.55 0.82
N THR K 71 46.37 -11.45 -0.08
CA THR K 71 47.59 -12.25 0.09
C THR K 71 48.82 -11.35 0.20
N LEU K 72 49.12 -10.62 -0.89
CA LEU K 72 50.28 -9.75 -0.89
C LEU K 72 50.14 -8.65 0.16
N GLY K 73 48.92 -8.16 0.37
CA GLY K 73 48.73 -7.10 1.35
C GLY K 73 49.14 -7.53 2.75
N ASN K 74 48.59 -8.64 3.22
CA ASN K 74 48.91 -9.13 4.55
C ASN K 74 50.38 -9.54 4.66
N ALA K 75 50.90 -10.24 3.65
CA ALA K 75 52.29 -10.68 3.72
C ALA K 75 53.24 -9.48 3.76
N LEU K 76 53.01 -8.51 2.89
CA LEU K 76 53.86 -7.32 2.85
C LEU K 76 53.75 -6.54 4.16
N ARG K 77 52.54 -6.38 4.68
CA ARG K 77 52.38 -5.64 5.93
C ARG K 77 53.14 -6.31 7.06
N TYR K 78 52.95 -7.62 7.23
CA TYR K 78 53.62 -8.34 8.31
C TYR K 78 55.13 -8.29 8.17
N VAL K 79 55.65 -8.48 6.95
CA VAL K 79 57.10 -8.50 6.78
C VAL K 79 57.68 -7.11 6.94
N ILE K 80 57.01 -6.08 6.40
CA ILE K 80 57.52 -4.72 6.49
C ILE K 80 57.58 -4.26 7.93
N MET K 81 56.51 -4.52 8.70
CA MET K 81 56.44 -3.94 10.03
C MET K 81 57.45 -4.56 10.99
N LYS K 82 58.07 -5.68 10.63
CA LYS K 82 59.15 -6.21 11.46
C LYS K 82 60.38 -5.33 11.43
N ASN K 83 60.46 -4.40 10.48
CA ASN K 83 61.53 -3.41 10.49
C ASN K 83 61.36 -2.50 11.71
N PRO K 84 62.38 -2.36 12.56
CA PRO K 84 62.25 -1.42 13.69
C PRO K 84 62.10 0.02 13.24
N ASP K 85 62.48 0.34 12.02
CA ASP K 85 62.39 1.72 11.55
C ASP K 85 60.93 2.14 11.37
N VAL K 86 60.13 1.31 10.72
CA VAL K 86 58.77 1.72 10.38
C VAL K 86 57.94 1.88 11.65
N GLU K 87 57.04 2.86 11.63
CA GLU K 87 56.14 3.13 12.74
C GLU K 87 54.69 2.76 12.44
N PHE K 88 54.23 3.00 11.22
CA PHE K 88 52.85 2.73 10.84
C PHE K 88 52.85 2.00 9.50
N CYS K 89 52.36 0.76 9.51
CA CYS K 89 52.22 -0.04 8.30
C CYS K 89 50.87 -0.72 8.30
N GLY K 90 50.14 -0.57 7.20
CA GLY K 90 48.85 -1.21 7.07
C GLY K 90 48.40 -1.21 5.62
N TYR K 91 47.50 -2.14 5.33
CA TYR K 91 46.93 -2.28 4.00
C TYR K 91 45.44 -2.02 4.05
N SER K 92 44.89 -1.51 2.95
CA SER K 92 43.47 -1.22 2.88
C SER K 92 42.99 -1.43 1.45
N ILE K 93 41.84 -2.09 1.31
CA ILE K 93 41.19 -2.29 0.02
C ILE K 93 40.07 -1.27 -0.09
N PRO K 94 40.13 -0.32 -1.04
CA PRO K 94 39.04 0.66 -1.14
C PRO K 94 37.69 0.03 -1.39
N HIS K 95 37.63 -1.02 -2.21
CA HIS K 95 36.38 -1.69 -2.53
C HIS K 95 36.64 -3.13 -2.93
N PRO K 96 35.92 -4.09 -2.36
CA PRO K 96 36.12 -5.49 -2.75
C PRO K 96 35.90 -5.73 -4.24
N SER K 97 34.98 -5.00 -4.86
CA SER K 97 34.70 -5.18 -6.28
C SER K 97 35.82 -4.65 -7.17
N GLU K 98 36.77 -3.91 -6.61
CA GLU K 98 37.91 -3.38 -7.37
C GLU K 98 39.18 -4.10 -6.95
N ASN K 99 39.99 -4.49 -7.93
CA ASN K 99 41.22 -5.23 -7.68
C ASN K 99 42.37 -4.30 -7.30
N LEU K 100 42.13 -3.42 -6.34
CA LEU K 100 43.10 -2.42 -5.95
C LEU K 100 43.52 -2.62 -4.50
N LEU K 101 44.77 -2.26 -4.21
CA LEU K 101 45.30 -2.36 -2.86
C LEU K 101 46.14 -1.13 -2.55
N ASN K 102 45.97 -0.60 -1.35
CA ASN K 102 46.71 0.57 -0.91
C ASN K 102 47.51 0.22 0.34
N ILE K 103 48.80 0.52 0.32
CA ILE K 103 49.68 0.27 1.45
C ILE K 103 50.17 1.60 1.99
N ARG K 104 50.44 1.62 3.30
CA ARG K 104 50.80 2.85 4.01
C ARG K 104 52.05 2.61 4.83
N ILE K 105 53.10 3.37 4.55
CA ILE K 105 54.37 3.25 5.25
C ILE K 105 54.70 4.58 5.90
N GLN K 106 54.92 4.57 7.21
CA GLN K 106 55.29 5.76 7.97
C GLN K 106 56.53 5.44 8.78
N THR K 107 57.70 5.68 8.20
CA THR K 107 58.95 5.42 8.89
C THR K 107 59.15 6.42 10.02
N TYR K 108 60.11 6.13 10.89
CA TYR K 108 60.43 7.02 12.00
C TYR K 108 61.38 8.13 11.60
N GLY K 109 61.84 8.16 10.35
CA GLY K 109 62.72 9.20 9.86
C GLY K 109 64.08 8.72 9.43
N GLU K 110 64.48 7.49 9.77
CA GLU K 110 65.81 7.00 9.41
C GLU K 110 65.94 6.79 7.91
N THR K 111 64.92 6.21 7.27
CA THR K 111 64.91 6.07 5.82
C THR K 111 63.51 6.35 5.32
N THR K 112 63.35 6.25 4.00
CA THR K 112 62.10 6.63 3.35
C THR K 112 61.14 5.45 3.27
N ALA K 113 59.88 5.78 2.98
CA ALA K 113 58.85 4.75 2.82
C ALA K 113 59.17 3.83 1.65
N VAL K 114 59.74 4.38 0.57
CA VAL K 114 60.13 3.56 -0.57
C VAL K 114 61.17 2.53 -0.14
N ASP K 115 62.17 2.96 0.63
CA ASP K 115 63.19 2.03 1.11
C ASP K 115 62.59 0.99 2.04
N ALA K 116 61.65 1.40 2.90
CA ALA K 116 60.99 0.42 3.78
C ALA K 116 60.24 -0.63 2.97
N LEU K 117 59.52 -0.19 1.93
CA LEU K 117 58.79 -1.13 1.09
C LEU K 117 59.74 -2.06 0.34
N GLN K 118 60.86 -1.53 -0.15
CA GLN K 118 61.83 -2.37 -0.83
C GLN K 118 62.41 -3.42 0.10
N LYS K 119 62.75 -3.02 1.33
CA LYS K 119 63.25 -3.98 2.31
C LYS K 119 62.19 -5.04 2.62
N GLY K 120 60.94 -4.63 2.74
CA GLY K 120 59.88 -5.60 2.98
C GLY K 120 59.73 -6.59 1.84
N LEU K 121 59.79 -6.11 0.60
CA LEU K 121 59.69 -7.00 -0.55
C LEU K 121 60.86 -7.97 -0.60
N LYS K 122 62.08 -7.48 -0.35
CA LYS K 122 63.24 -8.37 -0.35
C LYS K 122 63.14 -9.41 0.76
N ASP K 123 62.68 -9.01 1.94
CA ASP K 123 62.53 -9.95 3.04
C ASP K 123 61.45 -10.98 2.73
N LEU K 124 60.37 -10.57 2.05
CA LEU K 124 59.34 -11.53 1.66
C LEU K 124 59.89 -12.53 0.64
N MET K 125 60.70 -12.05 -0.30
CA MET K 125 61.34 -12.97 -1.24
C MET K 125 62.22 -13.98 -0.51
N ASP K 126 62.99 -13.51 0.48
CA ASP K 126 63.84 -14.41 1.25
C ASP K 126 62.99 -15.41 2.06
N LEU K 127 61.85 -14.96 2.57
CA LEU K 127 60.95 -15.86 3.29
C LEU K 127 60.42 -16.96 2.38
N CYS K 128 60.01 -16.60 1.17
CA CYS K 128 59.58 -17.61 0.20
C CYS K 128 60.72 -18.56 -0.10
N ASP K 129 61.94 -18.02 -0.25
CA ASP K 129 63.10 -18.86 -0.52
C ASP K 129 63.29 -19.89 0.57
N VAL K 130 63.27 -19.47 1.84
CA VAL K 130 63.57 -20.41 2.92
C VAL K 130 62.46 -21.45 3.05
N VAL K 131 61.20 -21.03 2.90
CA VAL K 131 60.11 -22.00 3.00
C VAL K 131 60.24 -23.05 1.90
N GLU K 132 60.51 -22.61 0.66
CA GLU K 132 60.65 -23.55 -0.43
C GLU K 132 61.83 -24.49 -0.22
N SER K 133 62.96 -23.96 0.25
CA SER K 133 64.13 -24.80 0.45
C SER K 133 63.90 -25.83 1.53
N LYS K 134 63.26 -25.44 2.64
CA LYS K 134 62.97 -26.40 3.70
C LYS K 134 61.99 -27.47 3.22
N PHE K 135 60.97 -27.07 2.46
CA PHE K 135 60.04 -28.06 1.94
C PHE K 135 60.72 -29.03 0.98
N THR K 136 61.61 -28.52 0.13
CA THR K 136 62.36 -29.39 -0.78
C THR K 136 63.23 -30.36 -0.02
N GLU K 137 63.92 -29.87 1.03
CA GLU K 137 64.75 -30.76 1.83
C GLU K 137 63.92 -31.85 2.48
N LYS K 138 62.75 -31.50 3.02
CA LYS K 138 61.91 -32.50 3.67
C LYS K 138 61.37 -33.50 2.67
N ILE K 139 61.04 -33.03 1.46
CA ILE K 139 60.56 -33.95 0.41
C ILE K 139 61.66 -34.93 0.04
N LYS K 140 62.89 -34.44 -0.14
CA LYS K 140 63.99 -35.33 -0.48
C LYS K 140 64.27 -36.31 0.65
N SER K 141 64.20 -35.85 1.90
CA SER K 141 64.42 -36.75 3.04
C SER K 141 63.35 -37.84 3.08
N MET K 142 62.09 -37.46 2.85
CA MET K 142 61.00 -38.44 2.85
C MET K 142 60.99 -39.22 1.54
N LEU L 27 14.54 -32.42 -45.98
CA LEU L 27 14.94 -33.33 -44.91
C LEU L 27 15.10 -32.57 -43.59
N LYS L 28 14.25 -31.57 -43.38
CA LYS L 28 14.41 -30.65 -42.26
C LYS L 28 13.35 -30.77 -41.19
N TYR L 29 12.37 -31.66 -41.34
CA TYR L 29 11.28 -31.76 -40.39
C TYR L 29 11.11 -33.19 -39.90
N ILE L 30 10.54 -33.33 -38.71
CA ILE L 30 10.31 -34.62 -38.09
C ILE L 30 8.89 -34.61 -37.51
N CYS L 31 8.15 -35.70 -37.75
CA CYS L 31 6.78 -35.79 -37.29
C CYS L 31 6.70 -35.83 -35.77
N ALA L 32 5.48 -35.78 -35.25
CA ALA L 32 5.25 -35.66 -33.82
C ALA L 32 4.54 -36.85 -33.20
N GLU L 33 3.94 -37.74 -33.99
CA GLU L 33 3.25 -38.91 -33.45
C GLU L 33 4.01 -40.20 -33.72
N CYS L 34 4.30 -40.49 -34.99
CA CYS L 34 5.08 -41.66 -35.34
C CYS L 34 6.57 -41.38 -35.43
N SER L 35 7.00 -40.16 -35.12
CA SER L 35 8.39 -39.74 -35.26
C SER L 35 8.91 -40.08 -36.65
N SER L 36 8.15 -39.65 -37.65
CA SER L 36 8.40 -39.99 -39.04
C SER L 36 9.19 -38.89 -39.72
N LYS L 37 10.35 -39.24 -40.24
CA LYS L 37 11.16 -38.31 -41.02
C LYS L 37 10.44 -37.97 -42.33
N LEU L 38 10.36 -36.68 -42.65
CA LEU L 38 9.67 -36.22 -43.83
C LEU L 38 10.27 -34.90 -44.28
N SER L 39 9.66 -34.31 -45.31
CA SER L 39 10.09 -33.02 -45.83
C SER L 39 8.90 -32.36 -46.51
N LEU L 40 8.91 -31.03 -46.51
CA LEU L 40 7.85 -30.24 -47.11
C LEU L 40 8.41 -29.38 -48.23
N SER L 41 7.53 -29.03 -49.18
CA SER L 41 7.95 -28.21 -50.31
C SER L 41 6.98 -27.06 -50.54
N ARG L 42 7.14 -26.35 -51.65
CA ARG L 42 6.27 -25.23 -51.98
C ARG L 42 4.84 -25.72 -52.24
N THR L 43 3.87 -25.06 -51.63
CA THR L 43 2.45 -25.39 -51.78
C THR L 43 2.19 -26.85 -51.44
N ASP L 44 2.84 -27.33 -50.38
CA ASP L 44 2.71 -28.71 -49.94
C ASP L 44 1.87 -28.76 -48.67
N ALA L 45 0.91 -29.68 -48.63
CA ALA L 45 0.05 -29.81 -47.47
C ALA L 45 0.87 -30.25 -46.26
N VAL L 46 0.76 -29.50 -45.18
CA VAL L 46 1.52 -29.82 -43.96
C VAL L 46 0.87 -31.01 -43.27
N ARG L 47 1.57 -32.14 -43.26
CA ARG L 47 1.06 -33.38 -42.69
C ARG L 47 2.16 -34.44 -42.69
N CYS L 48 1.87 -35.63 -42.18
CA CYS L 48 2.80 -36.74 -42.21
C CYS L 48 2.38 -37.74 -43.26
N LYS L 49 3.35 -38.24 -44.03
CA LYS L 49 3.07 -39.20 -45.08
C LYS L 49 2.71 -40.58 -44.55
N ASP L 50 2.94 -40.85 -43.26
CA ASP L 50 2.62 -42.12 -42.64
C ASP L 50 1.35 -42.05 -41.79
N CYS L 51 1.30 -41.12 -40.84
CA CYS L 51 0.17 -40.96 -39.94
C CYS L 51 -0.61 -39.70 -40.32
N GLY L 52 -1.75 -39.51 -39.67
CA GLY L 52 -2.63 -38.41 -39.98
C GLY L 52 -2.33 -37.09 -39.31
N HIS L 53 -1.23 -37.00 -38.57
CA HIS L 53 -0.90 -35.76 -37.86
C HIS L 53 -0.52 -34.65 -38.82
N ARG L 54 -0.78 -33.41 -38.39
CA ARG L 54 -0.36 -32.21 -39.09
C ARG L 54 0.54 -31.34 -38.24
N ILE L 55 1.30 -31.94 -37.32
CA ILE L 55 2.27 -31.23 -36.49
C ILE L 55 3.63 -31.82 -36.82
N LEU L 56 4.56 -30.95 -37.23
CA LEU L 56 5.91 -31.36 -37.57
C LEU L 56 6.90 -30.49 -36.82
N LEU L 57 7.82 -31.12 -36.10
CA LEU L 57 8.90 -30.41 -35.44
C LEU L 57 10.08 -30.26 -36.39
N LYS L 58 10.89 -29.25 -36.15
CA LYS L 58 12.09 -29.08 -36.95
C LYS L 58 13.19 -30.01 -36.45
N ALA L 59 14.23 -30.15 -37.26
CA ALA L 59 15.38 -30.99 -36.95
C ALA L 59 16.64 -30.14 -36.84
N ARG L 60 17.47 -30.46 -35.86
CA ARG L 60 18.71 -29.72 -35.66
C ARG L 60 19.67 -29.94 -36.82
N THR L 61 20.38 -28.89 -37.21
CA THR L 61 21.30 -28.92 -38.32
C THR L 61 22.72 -28.66 -37.82
N LYS L 62 23.69 -29.22 -38.53
CA LYS L 62 25.10 -29.15 -38.12
C LYS L 62 25.65 -27.77 -38.43
N ARG L 63 25.56 -26.87 -37.44
CA ARG L 63 26.16 -25.55 -37.52
C ARG L 63 26.94 -25.28 -36.25
N LEU L 64 28.11 -24.69 -36.39
CA LEU L 64 28.94 -24.38 -35.24
C LEU L 64 28.28 -23.31 -34.38
N VAL L 65 28.34 -23.50 -33.06
CA VAL L 65 27.73 -22.60 -32.09
C VAL L 65 28.78 -22.35 -31.01
N GLN L 66 29.52 -21.25 -31.14
CA GLN L 66 30.55 -20.93 -30.15
C GLN L 66 29.92 -20.72 -28.78
N PHE L 67 30.57 -21.27 -27.76
CA PHE L 67 30.06 -21.22 -26.40
C PHE L 67 31.20 -20.95 -25.44
N GLU L 68 30.86 -20.78 -24.16
CA GLU L 68 31.82 -20.66 -23.08
C GLU L 68 31.39 -21.57 -21.95
N ALA L 69 32.34 -22.33 -21.41
CA ALA L 69 32.03 -23.35 -20.41
C ALA L 69 31.61 -22.78 -19.07
N ARG L 70 31.50 -21.46 -18.94
CA ARG L 70 31.12 -20.86 -17.66
C ARG L 70 29.67 -21.20 -17.32
N GLU M 13 -53.58 -60.53 23.60
CA GLU M 13 -53.60 -61.98 23.47
C GLU M 13 -53.85 -62.40 22.03
N SER M 14 -54.43 -61.49 21.24
CA SER M 14 -54.74 -61.76 19.84
C SER M 14 -54.32 -60.57 18.99
N VAL M 15 -53.96 -60.86 17.74
CA VAL M 15 -53.54 -59.86 16.77
C VAL M 15 -54.49 -59.95 15.58
N GLN M 16 -55.02 -58.80 15.15
CA GLN M 16 -56.04 -58.74 14.11
C GLN M 16 -55.42 -58.14 12.85
N ASP M 17 -55.10 -59.00 11.89
CA ASP M 17 -54.63 -58.52 10.58
C ASP M 17 -55.75 -57.75 9.87
N GLN M 18 -56.97 -58.23 9.98
CA GLN M 18 -58.10 -57.50 9.43
C GLN M 18 -58.24 -56.16 10.15
N PRO M 19 -58.46 -55.06 9.44
CA PRO M 19 -58.61 -53.76 10.11
C PRO M 19 -59.79 -53.78 11.07
N SER M 20 -59.59 -53.20 12.25
CA SER M 20 -60.63 -53.10 13.26
C SER M 20 -60.69 -51.75 13.95
N VAL M 21 -59.79 -50.83 13.63
CA VAL M 21 -59.76 -49.51 14.27
C VAL M 21 -58.90 -48.60 13.39
N ALA M 22 -59.29 -47.33 13.34
CA ALA M 22 -58.56 -46.33 12.57
C ALA M 22 -58.33 -45.10 13.44
N VAL M 23 -57.21 -44.41 13.19
CA VAL M 23 -56.88 -43.17 13.86
C VAL M 23 -56.48 -42.14 12.80
N GLY M 24 -57.08 -40.96 12.87
CA GLY M 24 -56.77 -39.87 11.98
C GLY M 24 -56.11 -38.72 12.72
N SER M 25 -55.69 -37.73 11.94
CA SER M 25 -55.01 -36.54 12.49
C SER M 25 -55.47 -35.33 11.71
N PHE M 26 -56.51 -34.67 12.20
CA PHE M 26 -56.98 -33.42 11.61
C PHE M 26 -56.35 -32.22 12.30
N PHE M 27 -56.65 -32.04 13.60
CA PHE M 27 -56.00 -31.06 14.46
C PHE M 27 -56.52 -31.21 15.89
N LYS M 28 -56.00 -30.40 16.81
CA LYS M 28 -56.40 -30.49 18.21
C LYS M 28 -57.86 -30.08 18.39
N GLY M 29 -58.54 -30.77 19.29
CA GLY M 29 -59.91 -30.43 19.61
C GLY M 29 -60.92 -30.75 18.52
N PHE M 30 -60.61 -31.68 17.63
CA PHE M 30 -61.52 -32.02 16.55
C PHE M 30 -62.80 -32.64 17.08
N ARG M 31 -63.94 -32.15 16.62
CA ARG M 31 -65.24 -32.67 16.98
C ARG M 31 -66.16 -32.59 15.77
N ALA M 32 -67.06 -33.56 15.66
CA ALA M 32 -68.04 -33.60 14.59
C ALA M 32 -69.36 -34.13 15.12
N PRO M 33 -70.48 -33.78 14.50
CA PRO M 33 -71.76 -34.37 14.91
C PRO M 33 -71.76 -35.88 14.71
N SER M 34 -72.56 -36.56 15.54
CA SER M 34 -72.63 -38.01 15.48
C SER M 34 -73.07 -38.51 14.10
N ASP M 35 -73.85 -37.69 13.37
CA ASP M 35 -74.27 -38.08 12.03
C ASP M 35 -73.12 -38.14 11.04
N THR M 36 -72.00 -37.47 11.33
CA THR M 36 -70.85 -37.53 10.44
C THR M 36 -70.30 -38.96 10.39
N THR M 37 -70.01 -39.43 9.18
CA THR M 37 -69.56 -40.79 8.96
C THR M 37 -68.41 -40.77 7.96
N PHE M 38 -67.57 -41.81 8.05
CA PHE M 38 -66.44 -41.97 7.16
C PHE M 38 -66.50 -43.33 6.49
N ASP M 39 -65.77 -43.45 5.38
CA ASP M 39 -65.65 -44.70 4.63
C ASP M 39 -64.18 -45.11 4.58
N LEU M 40 -63.92 -46.25 3.92
CA LEU M 40 -62.57 -46.78 3.80
C LEU M 40 -62.24 -47.05 2.34
N TYR M 41 -60.95 -47.02 2.04
CA TYR M 41 -60.43 -47.34 0.70
C TYR M 41 -59.14 -48.12 0.91
N LYS M 42 -59.16 -49.41 0.59
CA LYS M 42 -58.04 -50.29 0.84
C LYS M 42 -57.40 -50.74 -0.46
N LYS M 43 -56.07 -50.71 -0.50
CA LYS M 43 -55.33 -51.15 -1.67
C LYS M 43 -55.21 -52.66 -1.71
N LYS M 44 -55.06 -53.20 -2.92
CA LYS M 44 -54.87 -54.64 -3.10
C LYS M 44 -53.40 -55.00 -2.90
N LYS M 45 -52.84 -54.60 -1.78
CA LYS M 45 -51.41 -54.79 -1.51
C LYS M 45 -51.19 -56.00 -0.62
N SER M 46 -49.98 -56.55 -0.70
CA SER M 46 -49.60 -57.72 0.07
C SER M 46 -49.02 -57.34 1.43
N GLU M 47 -48.10 -56.38 1.46
CA GLU M 47 -47.47 -55.93 2.69
C GLU M 47 -47.50 -54.41 2.74
N LYS M 48 -47.55 -53.88 3.97
CA LYS M 48 -47.59 -52.43 4.21
C LYS M 48 -48.77 -51.78 3.48
N ASP M 49 -49.96 -52.31 3.73
CA ASP M 49 -51.16 -51.82 3.06
C ASP M 49 -51.50 -50.42 3.54
N GLU M 50 -51.99 -49.59 2.62
CA GLU M 50 -52.35 -48.21 2.91
C GLU M 50 -53.87 -48.09 3.01
N PHE M 51 -54.33 -47.38 4.03
CA PHE M 51 -55.76 -47.18 4.27
C PHE M 51 -56.12 -45.72 4.01
N VAL M 52 -57.22 -45.51 3.31
CA VAL M 52 -57.69 -44.17 2.94
C VAL M 52 -59.10 -43.99 3.49
N LEU M 53 -59.33 -42.86 4.15
CA LEU M 53 -60.60 -42.56 4.80
C LEU M 53 -61.34 -41.48 4.01
N HIS M 54 -62.63 -41.71 3.77
CA HIS M 54 -63.49 -40.76 3.07
C HIS M 54 -64.73 -40.52 3.91
N GLY M 55 -64.93 -39.26 4.33
CA GLY M 55 -66.03 -38.91 5.20
C GLY M 55 -67.21 -38.29 4.48
N GLU M 56 -68.37 -38.34 5.14
CA GLU M 56 -69.61 -37.79 4.60
C GLU M 56 -70.19 -36.79 5.59
N ASN M 57 -70.55 -35.61 5.09
CA ASN M 57 -71.14 -34.58 5.93
C ASN M 57 -71.99 -33.67 5.06
N GLU M 58 -72.88 -32.92 5.73
CA GLU M 58 -73.85 -32.11 5.01
C GLU M 58 -73.18 -30.95 4.27
N ARG M 59 -72.10 -30.37 4.83
CA ARG M 59 -71.50 -29.18 4.24
C ARG M 59 -69.99 -29.20 4.20
N LEU M 60 -69.32 -30.28 4.59
CA LEU M 60 -67.88 -30.35 4.57
C LEU M 60 -67.41 -31.64 3.90
N GLU M 61 -66.40 -31.51 3.05
CA GLU M 61 -65.84 -32.64 2.30
C GLU M 61 -64.67 -33.21 3.11
N TYR M 62 -64.90 -34.36 3.74
CA TYR M 62 -63.86 -35.03 4.52
C TYR M 62 -63.12 -36.01 3.63
N GLU M 63 -61.80 -35.89 3.60
CA GLU M 63 -60.96 -36.78 2.81
C GLU M 63 -59.72 -37.15 3.63
N GLY M 64 -59.12 -38.28 3.26
CA GLY M 64 -57.95 -38.76 3.97
C GLY M 64 -56.89 -39.26 3.01
N TYR M 65 -55.67 -39.38 3.54
CA TYR M 65 -54.54 -39.84 2.76
C TYR M 65 -53.52 -40.47 3.69
N THR M 66 -52.62 -41.27 3.12
CA THR M 66 -51.49 -41.83 3.84
C THR M 66 -50.23 -41.64 3.01
N ASP M 67 -49.15 -41.26 3.68
CA ASP M 67 -47.86 -41.07 3.03
C ASP M 67 -47.08 -42.38 3.08
N SER M 68 -46.72 -42.90 1.91
CA SER M 68 -46.00 -44.17 1.84
C SER M 68 -44.56 -44.06 2.33
N SER M 69 -44.06 -42.85 2.55
CA SER M 69 -42.68 -42.66 2.97
C SER M 69 -42.46 -43.00 4.44
N SER M 70 -43.50 -42.99 5.25
CA SER M 70 -43.36 -43.18 6.69
C SER M 70 -44.15 -44.36 7.25
N GLN M 71 -45.38 -44.57 6.79
CA GLN M 71 -46.24 -45.59 7.36
C GLN M 71 -45.71 -47.00 7.14
N ALA M 72 -44.81 -47.19 6.16
CA ALA M 72 -44.30 -48.51 5.85
C ALA M 72 -43.23 -48.99 6.81
N SER M 73 -42.53 -48.09 7.51
CA SER M 73 -41.40 -48.45 8.34
C SER M 73 -41.74 -48.49 9.82
N ASN M 74 -42.97 -48.19 10.22
CA ASN M 74 -43.37 -48.24 11.62
C ASN M 74 -44.80 -48.74 11.71
N GLN M 75 -45.11 -49.35 12.85
CA GLN M 75 -46.43 -49.92 13.07
C GLN M 75 -46.98 -49.43 14.40
N TYR M 76 -48.29 -49.17 14.42
CA TYR M 76 -48.97 -48.67 15.61
C TYR M 76 -49.87 -49.74 16.19
N VAL M 77 -49.91 -49.81 17.51
CA VAL M 77 -50.64 -50.84 18.24
C VAL M 77 -51.67 -50.17 19.13
N VAL M 78 -52.93 -50.57 18.99
CA VAL M 78 -54.02 -50.06 19.79
C VAL M 78 -54.68 -51.24 20.50
N GLY M 79 -54.80 -51.14 21.82
CA GLY M 79 -55.38 -52.22 22.60
C GLY M 79 -55.79 -51.77 23.97
N LEU M 80 -56.80 -52.44 24.52
CA LEU M 80 -57.27 -52.19 25.87
C LEU M 80 -56.45 -53.02 26.86
N PHE M 81 -56.66 -52.78 28.14
CA PHE M 81 -55.92 -53.49 29.19
C PHE M 81 -56.70 -53.40 30.48
N ASN M 82 -57.10 -54.55 31.02
CA ASN M 82 -57.82 -54.57 32.28
C ASN M 82 -56.93 -54.01 33.40
N PRO M 83 -57.47 -53.21 34.32
CA PRO M 83 -56.63 -52.65 35.39
C PRO M 83 -55.94 -53.69 36.24
N GLU M 84 -56.56 -54.85 36.44
CA GLU M 84 -56.01 -55.89 37.29
C GLU M 84 -55.69 -57.18 36.55
N LYS M 85 -55.95 -57.24 35.24
CA LYS M 85 -55.63 -58.41 34.43
C LYS M 85 -54.76 -57.96 33.26
N LYS M 86 -53.69 -58.70 32.99
CA LYS M 86 -52.73 -58.33 31.96
C LYS M 86 -53.16 -58.72 30.56
N SER M 87 -54.45 -59.01 30.34
CA SER M 87 -54.95 -59.36 29.02
C SER M 87 -55.13 -58.10 28.19
N ILE M 88 -54.47 -58.05 27.03
CA ILE M 88 -54.65 -56.96 26.09
C ILE M 88 -55.01 -57.55 24.73
N GLN M 89 -55.66 -56.73 23.91
CA GLN M 89 -56.11 -57.15 22.58
C GLN M 89 -55.53 -56.17 21.56
N LEU M 90 -54.46 -56.58 20.89
CA LEU M 90 -53.80 -55.75 19.91
C LEU M 90 -54.68 -55.55 18.68
N TYR M 91 -54.45 -54.44 17.98
CA TYR M 91 -55.22 -54.14 16.78
C TYR M 91 -54.39 -53.32 15.81
N LYS M 92 -54.77 -53.37 14.55
CA LYS M 92 -54.09 -52.63 13.48
C LYS M 92 -54.83 -51.32 13.26
N ALA M 93 -54.17 -50.19 13.56
CA ALA M 93 -54.73 -48.87 13.32
C ALA M 93 -53.91 -48.16 12.24
N PRO M 94 -54.38 -47.99 11.02
CA PRO M 94 -53.68 -47.11 10.15
C PRO M 94 -53.80 -45.66 10.61
N VAL M 95 -52.66 -44.96 10.66
CA VAL M 95 -52.62 -43.53 10.96
C VAL M 95 -52.85 -42.78 9.66
N LEU M 96 -53.67 -41.74 9.70
CA LEU M 96 -53.98 -40.98 8.49
C LEU M 96 -53.72 -39.50 8.72
N VAL M 97 -53.18 -38.85 7.69
CA VAL M 97 -53.12 -37.40 7.64
C VAL M 97 -54.39 -36.93 6.95
N SER M 98 -55.37 -36.52 7.75
CA SER M 98 -56.72 -36.27 7.27
C SER M 98 -57.04 -34.78 7.37
N LYS M 99 -57.62 -34.24 6.31
CA LYS M 99 -58.00 -32.84 6.24
C LYS M 99 -59.51 -32.75 6.02
N VAL M 100 -60.03 -31.52 6.14
CA VAL M 100 -61.45 -31.24 5.98
C VAL M 100 -61.59 -30.07 5.03
N VAL M 101 -62.47 -30.21 4.02
CA VAL M 101 -62.67 -29.18 3.01
C VAL M 101 -64.15 -28.84 2.94
N SER M 102 -64.43 -27.62 2.48
CA SER M 102 -65.79 -27.16 2.26
C SER M 102 -66.23 -27.52 0.84
N LYS M 103 -67.45 -28.06 0.74
CA LYS M 103 -67.96 -28.47 -0.57
C LYS M 103 -68.13 -27.27 -1.50
N SER M 104 -68.67 -26.17 -0.98
CA SER M 104 -68.94 -25.01 -1.83
C SER M 104 -67.65 -24.40 -2.37
N SER M 105 -66.66 -24.21 -1.50
CA SER M 105 -65.42 -23.55 -1.91
C SER M 105 -64.45 -24.49 -2.62
N LYS M 106 -64.67 -25.80 -2.53
CA LYS M 106 -63.78 -26.74 -3.22
C LYS M 106 -63.84 -26.55 -4.72
N ASN M 107 -65.05 -26.43 -5.27
CA ASN M 107 -65.24 -26.27 -6.70
C ASN M 107 -65.11 -24.81 -7.16
N LEU M 108 -64.93 -23.88 -6.22
CA LEU M 108 -64.82 -22.47 -6.58
C LEU M 108 -63.53 -22.23 -7.37
N ARG M 109 -63.66 -21.50 -8.48
CA ARG M 109 -62.52 -21.17 -9.32
C ARG M 109 -62.80 -19.82 -9.97
N GLY M 110 -62.06 -19.50 -11.03
CA GLY M 110 -62.24 -18.26 -11.73
C GLY M 110 -61.85 -18.35 -13.19
N PRO M 111 -61.96 -17.24 -13.92
CA PRO M 111 -61.52 -17.22 -15.32
C PRO M 111 -60.04 -17.52 -15.42
N LYS M 112 -59.67 -18.19 -16.53
CA LYS M 112 -58.31 -18.72 -16.64
C LYS M 112 -57.31 -17.61 -16.92
N ILE M 113 -57.44 -16.93 -18.06
CA ILE M 113 -56.50 -15.90 -18.47
C ILE M 113 -57.24 -14.57 -18.52
N LYS M 114 -56.77 -13.60 -17.73
CA LYS M 114 -57.39 -12.29 -17.70
C LYS M 114 -57.05 -11.51 -18.97
N SER M 115 -57.84 -10.47 -19.21
CA SER M 115 -57.61 -9.60 -20.36
C SER M 115 -56.54 -8.56 -20.07
N SER N 24 -62.90 -38.43 -5.60
CA SER N 24 -61.75 -38.82 -6.42
C SER N 24 -61.15 -40.14 -5.94
N ILE N 25 -61.08 -41.12 -6.85
CA ILE N 25 -60.52 -42.42 -6.54
C ILE N 25 -59.56 -42.82 -7.65
N PRO N 26 -58.33 -43.24 -7.32
CA PRO N 26 -57.36 -43.60 -8.36
C PRO N 26 -57.57 -45.02 -8.86
N ASP N 27 -56.90 -45.32 -9.97
CA ASP N 27 -56.95 -46.64 -10.56
C ASP N 27 -56.02 -47.60 -9.83
N GLY N 28 -56.35 -48.88 -9.86
CA GLY N 28 -55.61 -49.87 -9.10
C GLY N 28 -55.84 -49.77 -7.61
N PHE N 29 -56.98 -49.21 -7.20
CA PHE N 29 -57.29 -48.97 -5.79
C PHE N 29 -58.64 -49.60 -5.48
N LYS N 30 -58.67 -50.53 -4.53
CA LYS N 30 -59.89 -51.24 -4.18
C LYS N 30 -60.57 -50.53 -3.01
N LYS N 31 -61.57 -51.18 -2.43
CA LYS N 31 -62.34 -50.64 -1.32
C LYS N 31 -62.39 -51.67 -0.20
N CYS N 32 -63.06 -51.31 0.89
CA CYS N 32 -63.24 -52.21 2.03
C CYS N 32 -64.57 -52.93 1.93
N LYS N 33 -64.60 -54.16 2.43
CA LYS N 33 -65.79 -55.00 2.38
C LYS N 33 -66.42 -55.25 3.74
N HIS N 34 -65.61 -55.54 4.76
CA HIS N 34 -66.11 -55.72 6.11
C HIS N 34 -64.97 -55.50 7.09
N LEU N 35 -65.31 -55.40 8.37
CA LEU N 35 -64.34 -55.12 9.42
C LEU N 35 -64.66 -56.00 10.62
N LYS N 36 -64.03 -55.69 11.75
CA LYS N 36 -64.16 -56.47 12.98
C LYS N 36 -64.69 -55.58 14.09
N ASN N 37 -65.57 -56.14 14.92
CA ASN N 37 -66.14 -55.41 16.04
C ASN N 37 -65.08 -55.13 17.09
N PHE N 38 -64.84 -53.84 17.34
CA PHE N 38 -63.88 -53.43 18.37
C PHE N 38 -64.64 -53.18 19.66
N PRO N 39 -64.43 -53.96 20.71
CA PRO N 39 -65.08 -53.70 22.00
C PRO N 39 -64.32 -52.66 22.83
N LEU N 40 -64.43 -51.39 22.42
CA LEU N 40 -63.77 -50.32 23.15
C LEU N 40 -64.30 -50.20 24.57
N ASN N 41 -65.57 -50.54 24.79
CA ASN N 41 -66.12 -50.56 26.13
C ASN N 41 -65.42 -51.62 26.98
N GLY N 42 -65.14 -52.78 26.38
CA GLY N 42 -64.45 -53.85 27.09
C GLY N 42 -64.06 -54.99 26.17
N GLN N 51 -59.66 -51.51 30.01
CA GLN N 51 -60.67 -50.85 29.21
C GLN N 51 -60.13 -49.57 28.57
N GLN N 52 -59.08 -49.01 29.17
CA GLN N 52 -58.46 -47.81 28.64
C GLN N 52 -57.74 -48.12 27.34
N VAL N 53 -57.92 -47.24 26.35
CA VAL N 53 -57.31 -47.44 25.04
C VAL N 53 -55.86 -46.99 25.07
N TRP N 54 -54.97 -47.85 24.59
CA TRP N 54 -53.53 -47.60 24.59
C TRP N 54 -53.03 -47.43 23.17
N LEU N 55 -51.83 -46.86 23.04
CA LEU N 55 -51.15 -46.77 21.76
C LEU N 55 -49.70 -47.15 21.96
N ILE N 56 -49.19 -48.01 21.06
CA ILE N 56 -47.80 -48.44 21.07
C ILE N 56 -47.25 -48.33 19.66
N LYS N 57 -46.08 -47.72 19.52
CA LYS N 57 -45.44 -47.49 18.22
C LYS N 57 -44.35 -48.54 18.04
N PHE N 58 -44.75 -49.71 17.51
CA PHE N 58 -43.80 -50.78 17.29
C PHE N 58 -43.06 -50.59 15.97
N PRO N 59 -41.81 -51.05 15.88
CA PRO N 59 -41.09 -50.97 14.61
C PRO N 59 -41.50 -52.09 13.65
N SER N 60 -41.21 -51.86 12.37
CA SER N 60 -41.54 -52.85 11.35
C SER N 60 -40.75 -54.14 11.52
N ASN N 61 -39.51 -54.05 11.99
CA ASN N 61 -38.69 -55.24 12.18
C ASN N 61 -39.30 -56.17 13.23
N VAL N 62 -39.89 -55.59 14.28
CA VAL N 62 -40.50 -56.39 15.34
C VAL N 62 -41.81 -56.98 14.85
N ASP N 63 -41.99 -58.27 15.05
CA ASP N 63 -43.24 -58.95 14.74
C ASP N 63 -43.93 -59.34 16.04
N ILE N 64 -45.24 -59.11 16.10
CA ILE N 64 -45.99 -59.34 17.33
C ILE N 64 -46.12 -60.84 17.55
N SER N 65 -45.37 -61.36 18.52
CA SER N 65 -45.43 -62.78 18.85
C SER N 65 -44.85 -62.95 20.26
N LYS N 66 -45.69 -63.41 21.19
CA LYS N 66 -45.28 -63.64 22.58
C LYS N 66 -44.72 -62.36 23.21
N LEU N 67 -45.60 -61.37 23.32
CA LEU N 67 -45.23 -60.09 23.92
C LEU N 67 -45.09 -60.23 25.44
N THR N 78 -38.14 -49.14 30.95
CA THR N 78 -38.42 -50.51 30.54
C THR N 78 -37.38 -50.99 29.52
N THR N 79 -36.99 -52.26 29.65
CA THR N 79 -35.97 -52.85 28.78
C THR N 79 -36.39 -54.26 28.35
N MET N 80 -37.66 -54.41 27.97
CA MET N 80 -38.14 -55.73 27.56
C MET N 80 -37.51 -56.15 26.24
N THR N 81 -37.28 -57.46 26.11
CA THR N 81 -36.59 -58.04 24.96
C THR N 81 -37.58 -58.87 24.15
N ILE N 82 -37.68 -58.58 22.86
CA ILE N 82 -38.49 -59.35 21.93
C ILE N 82 -37.65 -59.66 20.71
N ASP N 83 -37.83 -60.85 20.15
CA ASP N 83 -37.05 -61.36 19.01
C ASP N 83 -35.58 -61.43 19.47
N LYS N 84 -34.64 -60.92 18.69
CA LYS N 84 -33.23 -61.00 19.05
C LYS N 84 -32.60 -59.65 19.39
N HIS N 85 -33.32 -58.55 19.17
CA HIS N 85 -32.83 -57.23 19.55
C HIS N 85 -33.38 -56.85 20.93
N ASP N 86 -33.00 -55.67 21.39
CA ASP N 86 -33.52 -55.11 22.62
C ASP N 86 -33.92 -53.65 22.39
N TYR N 87 -34.95 -53.21 23.11
CA TYR N 87 -35.57 -51.93 22.85
C TYR N 87 -35.89 -51.22 24.16
N LYS N 88 -36.00 -49.90 24.08
CA LYS N 88 -36.40 -49.06 25.21
C LYS N 88 -37.76 -48.46 24.91
N ILE N 89 -38.71 -48.68 25.81
CA ILE N 89 -40.09 -48.22 25.62
C ILE N 89 -40.52 -47.48 26.89
N MET N 90 -41.11 -46.30 26.71
CA MET N 90 -41.55 -45.49 27.84
C MET N 90 -42.72 -44.60 27.45
N SER N 105 -54.96 -34.01 22.13
CA SER N 105 -55.28 -35.06 21.17
C SER N 105 -54.42 -34.94 19.92
N ASN N 106 -53.24 -35.55 19.95
CA ASN N 106 -52.35 -35.48 18.80
C ASN N 106 -52.99 -36.08 17.56
N MET N 107 -53.66 -37.22 17.72
CA MET N 107 -54.37 -37.87 16.63
C MET N 107 -55.77 -38.26 17.08
N THR N 108 -56.74 -38.14 16.18
CA THR N 108 -58.11 -38.50 16.51
C THR N 108 -58.31 -40.01 16.42
N LEU N 109 -59.46 -40.47 16.90
CA LEU N 109 -59.78 -41.89 16.98
C LEU N 109 -61.03 -42.18 16.16
N LEU N 110 -61.00 -43.28 15.42
CA LEU N 110 -62.12 -43.73 14.61
C LEU N 110 -62.44 -45.18 14.94
N VAL N 111 -63.65 -45.59 14.60
CA VAL N 111 -64.11 -46.95 14.87
C VAL N 111 -65.26 -47.28 13.91
N PRO N 112 -65.42 -48.54 13.50
CA PRO N 112 -66.60 -48.90 12.70
C PRO N 112 -67.90 -48.65 13.44
N SER N 113 -68.92 -48.25 12.68
CA SER N 113 -70.23 -47.94 13.23
C SER N 113 -71.03 -49.23 13.43
N GLU N 114 -72.34 -49.08 13.68
CA GLU N 114 -73.20 -50.24 13.91
C GLU N 114 -73.26 -51.15 12.68
N SER N 115 -73.37 -50.56 11.50
CA SER N 115 -73.46 -51.36 10.28
C SER N 115 -72.14 -52.02 9.89
N LYS N 116 -71.05 -51.70 10.58
CA LYS N 116 -69.71 -52.20 10.28
C LYS N 116 -69.23 -51.78 8.90
N GLU N 117 -69.84 -50.75 8.33
CA GLU N 117 -69.46 -50.23 7.01
C GLU N 117 -69.39 -48.72 7.03
N SER N 118 -69.15 -48.13 8.20
CA SER N 118 -69.00 -46.69 8.34
C SER N 118 -68.15 -46.41 9.57
N LEU N 119 -67.58 -45.22 9.60
CA LEU N 119 -66.70 -44.81 10.70
C LEU N 119 -67.33 -43.66 11.47
N LYS N 120 -66.69 -43.33 12.58
CA LYS N 120 -67.18 -42.30 13.50
C LYS N 120 -66.00 -41.87 14.37
N ILE N 121 -66.29 -41.15 15.45
CA ILE N 121 -65.30 -40.78 16.45
C ILE N 121 -65.66 -41.50 17.74
N ALA N 122 -64.76 -42.37 18.20
CA ALA N 122 -65.00 -43.09 19.45
C ALA N 122 -64.94 -42.11 20.62
N SER N 123 -65.90 -42.25 21.53
CA SER N 123 -66.03 -41.32 22.65
C SER N 123 -66.78 -42.02 23.77
N THR N 124 -67.15 -41.24 24.79
CA THR N 124 -67.93 -41.73 25.92
C THR N 124 -69.03 -40.73 26.24
N ALA N 125 -70.11 -41.23 26.84
CA ALA N 125 -71.26 -40.40 27.19
C ALA N 125 -70.89 -39.36 28.25
N PRO N 130 -64.90 -36.09 22.71
CA PRO N 130 -64.33 -37.30 22.12
C PRO N 130 -63.62 -38.18 23.15
N LEU N 131 -62.61 -38.92 22.71
CA LEU N 131 -61.83 -39.77 23.58
C LEU N 131 -60.41 -39.87 23.04
N GLN N 132 -59.43 -39.84 23.95
CA GLN N 132 -58.03 -39.90 23.58
C GLN N 132 -57.36 -41.07 24.30
N PHE N 133 -56.32 -41.61 23.67
CA PHE N 133 -55.61 -42.75 24.22
C PHE N 133 -54.93 -42.37 25.53
N ASP N 134 -55.04 -43.26 26.53
CA ASP N 134 -54.52 -42.96 27.86
C ASP N 134 -52.99 -42.93 27.86
N LYS N 135 -52.35 -43.94 27.29
CA LYS N 135 -50.91 -44.06 27.31
C LYS N 135 -50.40 -44.32 25.90
N VAL N 136 -49.42 -43.52 25.47
CA VAL N 136 -48.80 -43.66 24.16
C VAL N 136 -47.36 -44.10 24.36
N PHE N 137 -47.02 -45.27 23.84
CA PHE N 137 -45.68 -45.82 23.94
C PHE N 137 -45.02 -45.80 22.56
N SER N 138 -43.75 -45.41 22.53
CA SER N 138 -42.96 -45.38 21.30
C SER N 138 -41.80 -46.34 21.47
N VAL N 139 -41.88 -47.50 20.83
CA VAL N 139 -40.85 -48.52 20.95
C VAL N 139 -39.60 -48.01 20.24
N SER N 140 -38.53 -47.81 21.00
CA SER N 140 -37.27 -47.29 20.48
C SER N 140 -36.24 -48.41 20.47
N GLU N 141 -35.77 -48.78 19.29
CA GLU N 141 -34.68 -49.73 19.19
C GLU N 141 -33.42 -49.11 19.80
N THR N 142 -32.62 -49.95 20.45
CA THR N 142 -31.36 -49.50 21.03
C THR N 142 -30.28 -50.54 20.77
N ALA N 143 -29.04 -50.07 20.76
CA ALA N 143 -27.88 -50.94 20.54
C ALA N 143 -27.01 -50.96 21.79
N LYS N 144 -26.28 -52.05 21.96
CA LYS N 144 -25.35 -52.21 23.07
C LYS N 144 -24.11 -51.39 22.74
N ILE N 145 -23.99 -50.22 23.35
CA ILE N 145 -22.92 -49.27 23.03
C ILE N 145 -21.72 -49.61 23.91
N PRO N 146 -20.56 -49.86 23.34
CA PRO N 146 -19.43 -50.37 24.13
C PRO N 146 -18.74 -49.26 24.92
N ALA N 147 -18.10 -49.68 26.01
CA ALA N 147 -17.29 -48.78 26.80
C ALA N 147 -15.95 -48.53 26.09
N ILE N 148 -15.21 -47.56 26.60
CA ILE N 148 -13.92 -47.18 26.01
C ILE N 148 -12.80 -47.87 26.80
N ASP N 149 -11.90 -48.53 26.07
CA ASP N 149 -10.74 -49.18 26.68
C ASP N 149 -9.60 -48.17 26.71
N TYR N 150 -9.58 -47.35 27.77
CA TYR N 150 -8.57 -46.30 27.88
C TYR N 150 -7.17 -46.89 27.91
N SER N 151 -6.98 -48.01 28.62
CA SER N 151 -5.68 -48.65 28.68
C SER N 151 -5.18 -49.07 27.29
N LYS N 152 -6.08 -49.22 26.32
CA LYS N 152 -5.70 -49.58 24.96
C LYS N 152 -5.57 -48.39 24.03
N VAL N 153 -6.42 -47.37 24.17
CA VAL N 153 -6.37 -46.24 23.25
C VAL N 153 -5.36 -45.19 23.69
N ARG N 154 -5.27 -44.92 24.99
CA ARG N 154 -4.38 -43.87 25.51
C ARG N 154 -2.99 -44.44 25.77
N VAL N 155 -2.32 -44.77 24.67
CA VAL N 155 -0.94 -45.26 24.77
C VAL N 155 -0.01 -44.10 25.10
N PRO N 156 1.00 -44.28 25.96
CA PRO N 156 1.95 -43.21 26.21
C PRO N 156 2.81 -42.91 24.99
N ARG N 157 3.35 -41.70 24.96
CA ARG N 157 4.15 -41.25 23.84
C ARG N 157 5.45 -42.03 23.74
N LYS N 158 5.97 -42.13 22.52
CA LYS N 158 7.23 -42.79 22.25
C LYS N 158 8.26 -41.77 21.78
N ASP N 159 9.50 -41.98 22.20
CA ASP N 159 10.58 -41.10 21.78
C ASP N 159 10.83 -41.27 20.28
N VAL N 160 11.42 -40.23 19.69
CA VAL N 160 11.78 -40.32 18.26
C VAL N 160 12.80 -41.44 18.10
N PRO N 161 12.60 -42.37 17.15
CA PRO N 161 13.51 -43.52 17.04
C PRO N 161 14.92 -43.13 16.64
N LYS N 162 15.86 -43.25 17.57
CA LYS N 162 17.25 -42.95 17.27
C LYS N 162 17.82 -43.99 16.32
N VAL N 163 18.60 -43.53 15.34
CA VAL N 163 19.24 -44.46 14.42
C VAL N 163 20.35 -45.20 15.15
N GLU N 164 20.32 -46.53 15.07
CA GLU N 164 21.30 -47.36 15.74
C GLU N 164 22.54 -47.53 14.87
N GLY N 165 23.61 -48.03 15.48
CA GLY N 165 24.86 -48.23 14.77
C GLY N 165 25.50 -46.96 14.26
N LEU N 166 25.48 -45.90 15.06
CA LEU N 166 26.07 -44.62 14.68
C LEU N 166 27.53 -44.61 15.09
N LYS N 167 28.42 -44.73 14.12
CA LYS N 167 29.85 -44.80 14.36
C LYS N 167 30.52 -43.47 14.02
N LEU N 168 31.66 -43.23 14.66
CA LEU N 168 32.40 -42.00 14.46
C LEU N 168 32.84 -41.86 13.00
N GLU N 169 32.62 -40.68 12.43
CA GLU N 169 32.98 -40.40 11.04
C GLU N 169 33.96 -39.26 10.89
N HIS N 170 33.90 -38.25 11.74
CA HIS N 170 34.76 -37.08 11.60
C HIS N 170 36.21 -37.45 11.92
N PHE N 171 37.11 -37.05 11.04
CA PHE N 171 38.54 -37.31 11.20
C PHE N 171 39.32 -36.05 10.88
N ALA N 172 40.45 -35.87 11.57
CA ALA N 172 41.33 -34.76 11.30
C ALA N 172 41.94 -34.89 9.91
N THR N 173 42.23 -33.75 9.29
CA THR N 173 42.79 -33.75 7.95
C THR N 173 44.12 -34.48 7.92
N GLY N 174 44.27 -35.37 6.95
CA GLY N 174 45.47 -36.18 6.84
C GLY N 174 45.50 -37.41 7.71
N TYR N 175 44.46 -37.66 8.49
CA TYR N 175 44.41 -38.82 9.37
C TYR N 175 43.43 -39.86 8.83
O5' 3DR Q 17 -7.52 6.40 -0.25
P 3DR Q 17 -8.01 5.02 0.51
OP1 3DR Q 17 -8.56 4.02 -0.46
OP2 3DR Q 17 -6.89 4.43 1.33
C2' 3DR Q 17 -2.96 6.04 -1.25
C5' 3DR Q 17 -6.59 6.30 -1.29
C4' 3DR Q 17 -5.23 6.83 -0.81
O4' 3DR Q 17 -4.83 6.14 0.36
C1' 3DR Q 17 -3.44 5.68 0.20
C3' 3DR Q 17 -4.20 6.61 -1.88
O3' 3DR Q 17 -3.90 7.85 -2.51
ZN ZN R . -0.51 23.60 -39.00
ZN ZN S . -42.05 42.31 -13.15
PG APC T . 9.83 -8.20 9.76
O1G APC T . 8.84 -7.98 8.64
O2G APC T . 11.00 -9.01 9.24
O3G APC T . 9.15 -8.95 10.89
PB APC T . 10.13 -5.31 9.47
O1B APC T . 8.68 -4.92 9.54
O2B APC T . 10.52 -5.53 8.00
O3B APC T . 10.36 -6.74 10.30
PA APC T . 10.54 -3.08 11.75
O1A APC T . 9.06 -3.25 11.84
O2A APC T . 10.86 -1.58 11.67
C3A APC T . 11.21 -3.97 10.19
O5' APC T . 11.25 -3.70 13.11
C5' APC T . 10.93 -5.03 13.50
C4' APC T . 11.82 -5.39 14.69
O4' APC T . 13.04 -5.02 14.47
C3' APC T . 11.35 -4.59 15.98
O3' APC T . 11.16 -5.45 17.01
C2' APC T . 12.48 -3.65 16.28
O2' APC T . 12.59 -3.46 17.76
C1' APC T . 13.55 -4.33 15.81
N9 APC T . 14.67 -3.44 15.59
C8 APC T . 15.29 -2.75 16.52
N7 APC T . 16.27 -2.05 15.98
C5 APC T . 16.29 -2.30 14.67
C6 APC T . 17.09 -1.85 13.61
N6 APC T . 18.17 -0.92 13.86
N1 APC T . 16.84 -2.29 12.38
C2 APC T . 15.86 -3.14 12.16
N3 APC T . 15.09 -3.57 13.14
C4 APC T . 15.27 -3.19 14.41
MG MG U . 11.26 -2.09 1.70
ZN ZN V . -2.24 38.67 -30.90
ZN ZN W . -65.36 -23.51 9.63
ZN ZN X . 33.27 -31.24 -1.33
ZN ZN Y . 4.17 -39.29 -38.49
#